data_7LY9
#
_entry.id   7LY9
#
_cell.length_a   1.00
_cell.length_b   1.00
_cell.length_c   1.00
_cell.angle_alpha   90.00
_cell.angle_beta   90.00
_cell.angle_gamma   90.00
#
_symmetry.space_group_name_H-M   'P 1'
#
loop_
_entity.id
_entity.type
_entity.pdbx_description
1 polymer '2909 Light Chain'
2 polymer '2909 Heavy Chain'
3 polymer 'Envelope glycoprotein gp120'
4 polymer '3BNC117 Heavy Chain'
5 polymer '3BNC117 Light Chain'
6 polymer 'Envelope glycoprotein gp41'
7 branched 2-acetamido-2-deoxy-beta-D-glucopyranose-(1-4)-2-acetamido-2-deoxy-beta-D-glucopyranose
8 branched alpha-D-mannopyranose-(1-3)-[alpha-D-mannopyranose-(1-6)]alpha-D-mannopyranose-(1-6)-[alpha-D-mannopyranose-(1-3)]beta-D-mannopyranose-(1-4)-2-acetamido-2-deoxy-beta-D-glucopyranose-(1-4)-2-acetamido-2-deoxy-beta-D-glucopyranose
9 branched alpha-D-mannopyranose-(1-3)-beta-D-mannopyranose-(1-4)-2-acetamido-2-deoxy-beta-D-glucopyranose-(1-4)-2-acetamido-2-deoxy-beta-D-glucopyranose
10 branched beta-D-mannopyranose-(1-4)-2-acetamido-2-deoxy-beta-D-glucopyranose-(1-4)-2-acetamido-2-deoxy-beta-D-glucopyranose
11 non-polymer 2-acetamido-2-deoxy-beta-D-glucopyranose
#
loop_
_entity_poly.entity_id
_entity_poly.type
_entity_poly.pdbx_seq_one_letter_code
_entity_poly.pdbx_strand_id
1 'polypeptide(L)'
;SYVLTQPPSVSVAPGKTARITCGGNNIANKNVHWYQQKPGQAPVLVIYYDDDRPSGIPDRFSGSNSGNTATLTISRVEAG
DEADYYCQVWDSNSDHVVFGGGTQLTVLGQPKAAPSVTLFPPSSEELQANKATLVCLISDFYPGAVTVAWKADSSPVKAG
VETTTPSKQSNNKYAASSYLSLTPEQWKSHRSYSCQVTHEGSTVEKTVAPT
;
L
2 'polypeptide(L)'
;EVQLVESGGNVVQPGGSLRLSCTASGFSFDDSTMHWVRQAPGKGLQWVSLISWNGGRTYYADSVKGRFTISRDNSKNSLY
LQMNSLKTEDTAFYFCAKDKGDSD(TYS)D(TYS)NLGYSYFYYMDGWGKGTTVTVSSASTKGPSVFPLAPSSKSTSGGT
AALGCLVKDYFPEPVTVSWNSGALTSGVHTFPAVLQSSGLYSLSSVVTVPSSSLGTQTYICNVNHKPSNTKVDKRVEPK
;
H
3 'polypeptide(L)'
;GLWVTVYYGVPVWREAKTTLFCASDAKSYEKEVHNVWATHACVPTDPNPQELVLENVTENFNMWKNDMVDQMHEDIISLW
DQSLKPCVKLTPLCVTLNCSDAKVNATYKGTREEIKNCSFKATTELRDKKRREYALFYRLDIVPLSGEGNNNSEYRLINC
NTSVITQICPKVTFDPIPIHYCAPAGYAILKCNNKTFNGTGPCNNVSTVQCTHGIKPVVSTQLLLNGSLAEEEIIIRSEN
LTDNVKTIIVHLNESVEITCTRPNNMTRKSVRIGPGQTFYALGDIIGDIRQPHCNISEIKWEKTLQRVSEKLREHFNKTI
IFNQSSGGDLEITTHSFNCGGEFFYCNTSDLFFNKTFNETYSTGSNSTNSTITLPCRIKQIINMWQEVGRAMYAPPIAGN
ITCKSNITGLLLTRDGGGNNSTKETFRPGGGNMRDNWRSELYKYKVVEVKPLGIAPTECNRTVVQRRRRRR
;
G,D,K
4 'polypeptide(L)'
;QVQLLQSGAAVTKPGASVRVSCEASGYNIRDYFIHWWRQAPGQGLQWVGWINPKTGQPNNPRQFQGRVSLTRHASWDFDT
YSFYMDLKALRSDDTAVYFCARQRSDYWDFDVWGSGTQVTVSSASTKGPSVFPLAPSSKSTSGGTAALGCLVKDYFPEPV
TVSWNSGALTSGVHTFPAVLQSSGLYSLSSVVTVPSSSLGTQTYICNVNHKPSNTKVDKKVEPKSC
;
B,E,A
5 'polypeptide(L)'
;DIQMTQSPSSLSASVGDTVTITCQANGYLNWYQQRRGKAPKLLIYDGSKLERGVPSRFSGRRWGQEYNLTINNLQPEDIA
TYFCQVYEFVVPGTRLDLKRTVAAPSVFIFPPSDEQLKSGTASVVCLLNNFYPREAKVQWKVDNALQSGNSQESVTEQDS
KDSTYSLSSTLTLSKADYEKHKVYACEVTHQGLSSPVTKSFNRGEC
;
C,I,M
6 'polypeptide(L)'
;AVVGLGAVFLGFLGAAGSTMGAASNTLTVQARQLLSGIVQQQSNLLRAPEAQQHMLQLGVWGFKQLQARVLAIERYLEVQ
QLLGMWGCSGKLICCTNVPWNSSWSNKTYNEIWDNMTWMQWDREIGNYTDTIYKLLEVSQFQQEINEKDNLTLD
;
F,J,N
#
loop_
_chem_comp.id
_chem_comp.type
_chem_comp.name
_chem_comp.formula
BMA D-saccharide, beta linking beta-D-mannopyranose 'C6 H12 O6'
MAN D-saccharide, alpha linking alpha-D-mannopyranose 'C6 H12 O6'
NAG D-saccharide, beta linking 2-acetamido-2-deoxy-beta-D-glucopyranose 'C8 H15 N O6'
#
# COMPACT_ATOMS: atom_id res chain seq x y z
N TYR A 2 18.44 -29.07 34.95
CA TYR A 2 19.54 -28.17 34.66
C TYR A 2 20.36 -27.87 35.92
N VAL A 3 21.64 -28.24 35.89
CA VAL A 3 22.51 -28.09 37.05
C VAL A 3 23.86 -27.55 36.61
N LEU A 4 24.61 -27.01 37.56
CA LEU A 4 25.96 -26.51 37.35
C LEU A 4 26.98 -27.52 37.84
N THR A 5 28.23 -27.30 37.44
CA THR A 5 29.34 -28.23 37.71
C THR A 5 30.56 -27.47 38.20
N GLN A 6 30.37 -26.63 39.22
CA GLN A 6 31.49 -25.85 39.73
C GLN A 6 32.56 -26.76 40.32
N PRO A 7 33.82 -26.34 40.34
CA PRO A 7 34.86 -27.12 41.00
C PRO A 7 34.61 -27.20 42.51
N PRO A 8 35.11 -28.25 43.17
CA PRO A 8 34.86 -28.37 44.61
C PRO A 8 35.72 -27.45 45.45
N SER A 9 36.96 -27.22 45.01
CA SER A 9 37.89 -26.37 45.75
C SER A 9 38.95 -25.84 44.80
N VAL A 10 39.62 -24.78 45.24
CA VAL A 10 40.69 -24.16 44.46
C VAL A 10 41.68 -23.56 45.43
N SER A 11 42.96 -23.58 45.07
CA SER A 11 44.03 -23.02 45.89
C SER A 11 44.81 -22.03 45.04
N VAL A 12 44.86 -20.77 45.50
CA VAL A 12 45.59 -19.70 44.82
C VAL A 12 46.36 -18.94 45.88
N ALA A 13 47.69 -19.03 45.85
CA ALA A 13 48.51 -18.34 46.82
C ALA A 13 48.49 -16.84 46.55
N PRO A 14 48.87 -16.02 47.54
CA PRO A 14 48.88 -14.57 47.34
C PRO A 14 49.79 -14.18 46.19
N GLY A 15 49.37 -13.16 45.43
CA GLY A 15 50.13 -12.66 44.32
C GLY A 15 49.84 -13.33 42.98
N LYS A 16 49.04 -14.40 42.97
CA LYS A 16 48.71 -15.12 41.75
C LYS A 16 47.32 -14.71 41.28
N THR A 17 46.85 -15.38 40.23
CA THR A 17 45.55 -15.13 39.64
C THR A 17 44.68 -16.38 39.77
N ALA A 18 43.41 -16.17 40.09
CA ALA A 18 42.46 -17.25 40.29
C ALA A 18 41.63 -17.45 39.02
N ARG A 19 41.43 -18.72 38.65
CA ARG A 19 40.74 -19.08 37.41
C ARG A 19 39.44 -19.80 37.71
N ILE A 20 38.65 -19.28 38.64
CA ILE A 20 37.40 -19.94 39.02
C ILE A 20 36.52 -20.09 37.79
N THR A 21 35.89 -21.26 37.66
CA THR A 21 35.02 -21.58 36.54
C THR A 21 33.66 -22.02 37.06
N CYS A 22 32.61 -21.60 36.36
CA CYS A 22 31.24 -21.97 36.67
C CYS A 22 30.75 -22.85 35.51
N GLY A 23 31.02 -24.15 35.62
CA GLY A 23 30.70 -25.06 34.54
C GLY A 23 29.20 -25.16 34.31
N GLY A 24 28.82 -25.37 33.06
CA GLY A 24 27.43 -25.50 32.70
C GLY A 24 27.25 -25.87 31.23
N ASN A 25 26.38 -26.82 30.94
CA ASN A 25 26.15 -27.26 29.58
C ASN A 25 25.53 -26.13 28.78
N ASN A 26 26.17 -25.77 27.67
CA ASN A 26 25.67 -24.71 26.78
C ASN A 26 25.42 -23.42 27.57
N ILE A 27 26.33 -23.12 28.50
CA ILE A 27 26.17 -21.93 29.33
C ILE A 27 26.39 -20.65 28.55
N ALA A 28 26.99 -20.73 27.35
CA ALA A 28 27.18 -19.53 26.55
C ALA A 28 25.86 -18.91 26.13
N ASN A 29 24.78 -19.67 26.09
CA ASN A 29 23.46 -19.16 25.73
C ASN A 29 22.73 -18.55 26.92
N LYS A 30 23.32 -18.56 28.12
CA LYS A 30 22.69 -18.02 29.31
C LYS A 30 23.66 -17.10 30.04
N ASN A 31 23.12 -16.07 30.66
CA ASN A 31 23.94 -15.16 31.45
C ASN A 31 24.34 -15.82 32.77
N VAL A 32 25.48 -15.41 33.30
CA VAL A 32 26.00 -15.93 34.55
C VAL A 32 26.34 -14.75 35.46
N HIS A 33 25.88 -14.82 36.70
CA HIS A 33 26.10 -13.77 37.69
C HIS A 33 26.83 -14.38 38.88
N TRP A 34 28.01 -13.86 39.19
CA TRP A 34 28.84 -14.39 40.26
C TRP A 34 28.57 -13.63 41.57
N TYR A 35 28.76 -14.35 42.68
CA TYR A 35 28.54 -13.80 44.01
C TYR A 35 29.68 -14.21 44.93
N GLN A 36 29.91 -13.40 45.96
CA GLN A 36 30.85 -13.71 47.03
C GLN A 36 30.06 -14.04 48.28
N GLN A 37 30.27 -15.25 48.81
CA GLN A 37 29.55 -15.73 49.98
C GLN A 37 30.55 -15.78 51.15
N LYS A 38 30.65 -14.66 51.86
CA LYS A 38 31.52 -14.61 53.03
C LYS A 38 30.82 -15.25 54.23
N PRO A 39 31.59 -15.75 55.21
CA PRO A 39 30.98 -16.37 56.38
C PRO A 39 30.61 -15.32 57.42
N GLY A 40 29.34 -15.33 57.84
CA GLY A 40 28.84 -14.43 58.85
C GLY A 40 28.06 -13.25 58.33
N GLN A 41 28.11 -12.97 57.02
CA GLN A 41 27.35 -11.89 56.43
C GLN A 41 26.80 -12.34 55.08
N ALA A 42 25.76 -11.64 54.62
CA ALA A 42 25.07 -12.04 53.42
C ALA A 42 25.95 -11.82 52.18
N PRO A 43 25.70 -12.54 51.10
CA PRO A 43 26.52 -12.36 49.89
C PRO A 43 26.23 -11.03 49.22
N VAL A 44 27.17 -10.62 48.38
CA VAL A 44 27.07 -9.38 47.61
C VAL A 44 27.38 -9.69 46.16
N LEU A 45 26.53 -9.21 45.25
CA LEU A 45 26.77 -9.40 43.83
C LEU A 45 28.02 -8.64 43.40
N VAL A 46 28.81 -9.25 42.51
CA VAL A 46 30.05 -8.63 42.04
C VAL A 46 30.08 -8.56 40.52
N ILE A 47 29.38 -9.47 39.85
CA ILE A 47 29.37 -9.53 38.39
C ILE A 47 27.96 -9.86 37.93
N TYR A 48 27.52 -9.20 36.86
CA TYR A 48 26.23 -9.50 36.25
C TYR A 48 26.35 -9.26 34.75
N TYR A 49 25.73 -10.16 33.98
CA TYR A 49 25.80 -10.19 32.52
C TYR A 49 27.21 -10.49 32.01
N ASP A 50 28.11 -10.95 32.87
CA ASP A 50 29.42 -11.48 32.50
C ASP A 50 30.40 -10.41 32.03
N ASP A 51 29.97 -9.16 31.91
CA ASP A 51 30.86 -8.06 31.55
C ASP A 51 30.68 -6.84 32.43
N ASP A 52 29.46 -6.54 32.85
CA ASP A 52 29.20 -5.35 33.65
C ASP A 52 29.80 -5.49 35.04
N ARG A 53 29.61 -4.45 35.85
CA ARG A 53 30.21 -4.41 37.18
C ARG A 53 29.47 -3.40 38.05
N PRO A 54 29.06 -3.75 39.26
CA PRO A 54 28.32 -2.79 40.10
C PRO A 54 29.26 -1.82 40.81
N SER A 55 28.67 -0.85 41.49
CA SER A 55 29.42 0.14 42.23
C SER A 55 29.85 -0.41 43.60
N GLY A 56 30.80 0.28 44.22
CA GLY A 56 31.30 -0.13 45.52
C GLY A 56 31.94 -1.50 45.48
N ILE A 57 32.80 -1.72 44.49
CA ILE A 57 33.42 -3.03 44.27
C ILE A 57 34.92 -2.84 44.07
N PRO A 58 35.77 -3.77 44.50
CA PRO A 58 37.18 -3.69 44.10
C PRO A 58 37.34 -3.75 42.60
N ASP A 59 38.34 -3.03 42.10
CA ASP A 59 38.58 -2.91 40.67
C ASP A 59 39.21 -4.20 40.14
N ARG A 60 39.21 -4.34 38.81
CA ARG A 60 39.83 -5.47 38.13
C ARG A 60 39.12 -6.78 38.46
N PHE A 61 37.79 -6.72 38.52
CA PHE A 61 36.94 -7.91 38.67
C PHE A 61 36.22 -8.11 37.35
N SER A 62 36.64 -9.12 36.60
CA SER A 62 36.10 -9.40 35.27
C SER A 62 35.79 -10.88 35.13
N GLY A 63 34.87 -11.19 34.23
CA GLY A 63 34.50 -12.57 33.97
C GLY A 63 34.30 -12.80 32.48
N SER A 64 34.46 -14.06 32.10
CA SER A 64 34.30 -14.48 30.71
C SER A 64 33.31 -15.64 30.67
N ASN A 65 32.43 -15.62 29.67
CA ASN A 65 31.38 -16.63 29.52
C ASN A 65 31.27 -16.97 28.04
N SER A 66 31.87 -18.09 27.66
CA SER A 66 31.82 -18.55 26.27
C SER A 66 31.99 -20.07 26.25
N GLY A 67 31.53 -20.68 25.17
CA GLY A 67 31.64 -22.12 25.04
C GLY A 67 30.88 -22.84 26.15
N ASN A 68 31.49 -23.90 26.66
CA ASN A 68 30.87 -24.75 27.67
C ASN A 68 31.26 -24.36 29.10
N THR A 69 32.10 -23.35 29.28
CA THR A 69 32.60 -22.96 30.59
C THR A 69 32.45 -21.46 30.78
N ALA A 70 32.07 -21.07 31.99
CA ALA A 70 31.96 -19.66 32.37
C ALA A 70 33.03 -19.40 33.42
N THR A 71 34.03 -18.59 33.06
CA THR A 71 35.22 -18.38 33.88
C THR A 71 35.21 -16.98 34.48
N LEU A 72 35.60 -16.90 35.75
CA LEU A 72 35.76 -15.64 36.45
C LEU A 72 37.25 -15.35 36.64
N THR A 73 37.63 -14.10 36.40
CA THR A 73 39.04 -13.68 36.42
C THR A 73 39.28 -12.83 37.65
N ILE A 74 40.38 -13.12 38.35
CA ILE A 74 40.81 -12.36 39.52
C ILE A 74 42.28 -12.03 39.36
N SER A 75 42.69 -10.90 39.95
CA SER A 75 44.08 -10.47 39.91
C SER A 75 44.48 -9.98 41.29
N ARG A 76 45.80 -10.01 41.54
CA ARG A 76 46.40 -9.66 42.83
C ARG A 76 45.55 -10.17 43.99
N VAL A 77 45.34 -11.49 43.99
CA VAL A 77 44.50 -12.11 45.01
C VAL A 77 45.01 -11.77 46.40
N GLU A 78 44.08 -11.46 47.30
CA GLU A 78 44.39 -11.01 48.64
C GLU A 78 43.47 -11.71 49.64
N ALA A 79 43.97 -11.83 50.89
CA ALA A 79 43.31 -12.66 51.89
C ALA A 79 41.90 -12.20 52.23
N GLY A 80 41.58 -10.93 51.98
CA GLY A 80 40.23 -10.45 52.24
C GLY A 80 39.17 -11.18 51.46
N ASP A 81 39.52 -11.79 50.33
CA ASP A 81 38.58 -12.54 49.50
C ASP A 81 38.64 -14.04 49.78
N GLU A 82 38.96 -14.42 51.02
CA GLU A 82 39.04 -15.83 51.41
C GLU A 82 37.64 -16.32 51.74
N ALA A 83 36.86 -16.57 50.69
CA ALA A 83 35.48 -17.02 50.84
C ALA A 83 35.12 -17.88 49.63
N ASP A 84 33.85 -18.29 49.58
CA ASP A 84 33.34 -19.13 48.50
C ASP A 84 32.65 -18.27 47.45
N TYR A 85 32.79 -18.67 46.19
CA TYR A 85 32.19 -17.98 45.06
C TYR A 85 31.05 -18.80 44.49
N TYR A 86 29.94 -18.14 44.19
CA TYR A 86 28.75 -18.79 43.64
C TYR A 86 28.30 -18.06 42.40
N CYS A 87 27.77 -18.82 41.44
CA CYS A 87 27.30 -18.30 40.16
C CYS A 87 25.84 -18.62 39.98
N GLN A 88 25.06 -17.64 39.54
CA GLN A 88 23.62 -17.77 39.38
C GLN A 88 23.26 -17.67 37.90
N VAL A 89 22.31 -18.51 37.48
CA VAL A 89 21.84 -18.56 36.11
C VAL A 89 20.33 -18.77 36.11
N TRP A 90 19.63 -18.06 35.23
CA TRP A 90 18.18 -18.15 35.12
C TRP A 90 17.84 -19.02 33.91
N ASP A 91 17.04 -20.06 34.14
CA ASP A 91 16.60 -20.97 33.10
C ASP A 91 15.09 -20.94 32.99
N SER A 92 14.59 -20.76 31.77
CA SER A 92 13.15 -20.76 31.52
C SER A 92 12.63 -22.08 30.98
N ASN A 93 13.44 -22.80 30.21
CA ASN A 93 13.01 -24.11 29.69
C ASN A 93 12.70 -25.06 30.83
N SER A 94 13.65 -25.23 31.76
CA SER A 94 13.41 -26.01 32.96
C SER A 94 12.62 -25.22 34.00
N ASP A 95 12.57 -23.90 33.87
CA ASP A 95 11.72 -23.05 34.72
C ASP A 95 12.16 -23.12 36.18
N HIS A 96 13.43 -22.86 36.42
CA HIS A 96 13.93 -22.75 37.79
C HIS A 96 15.32 -22.11 37.78
N VAL A 97 15.71 -21.59 38.93
CA VAL A 97 17.02 -20.98 39.13
C VAL A 97 17.89 -21.97 39.90
N VAL A 98 19.10 -22.21 39.41
CA VAL A 98 20.02 -23.17 40.00
C VAL A 98 21.31 -22.45 40.37
N PHE A 99 21.81 -22.74 41.56
CA PHE A 99 23.09 -22.22 42.04
C PHE A 99 24.09 -23.36 42.12
N GLY A 100 25.35 -23.07 41.79
CA GLY A 100 26.38 -24.07 41.87
C GLY A 100 26.73 -24.40 43.32
N GLY A 101 27.54 -25.45 43.46
CA GLY A 101 27.96 -25.89 44.77
C GLY A 101 29.06 -25.08 45.40
N GLY A 102 29.56 -24.07 44.70
CA GLY A 102 30.64 -23.25 45.23
C GLY A 102 31.99 -23.90 45.02
N THR A 103 33.02 -23.19 45.47
CA THR A 103 34.39 -23.67 45.36
C THR A 103 35.21 -23.06 46.49
N GLN A 104 35.75 -23.91 47.36
CA GLN A 104 36.55 -23.43 48.48
C GLN A 104 37.83 -22.77 47.99
N LEU A 105 38.23 -21.70 48.67
CA LEU A 105 39.45 -20.97 48.35
C LEU A 105 40.43 -21.07 49.51
N THR A 106 41.72 -21.11 49.19
CA THR A 106 42.76 -21.23 50.20
C THR A 106 42.70 -20.06 51.18
N GLU B 1 21.89 3.03 48.45
CA GLU B 1 21.97 2.34 49.77
C GLU B 1 20.59 1.90 50.23
N VAL B 2 20.41 0.59 50.41
CA VAL B 2 19.14 0.02 50.85
C VAL B 2 19.42 -0.97 51.96
N GLN B 3 18.40 -1.22 52.78
CA GLN B 3 18.50 -2.11 53.93
C GLN B 3 17.33 -3.09 53.92
N LEU B 4 17.61 -4.33 54.30
CA LEU B 4 16.59 -5.37 54.44
C LEU B 4 16.73 -5.99 55.81
N VAL B 5 15.60 -6.12 56.52
CA VAL B 5 15.58 -6.66 57.87
C VAL B 5 14.55 -7.78 57.92
N GLU B 6 14.89 -8.87 58.62
CA GLU B 6 14.02 -10.02 58.78
C GLU B 6 13.98 -10.43 60.25
N SER B 7 12.82 -10.93 60.67
CA SER B 7 12.63 -11.35 62.05
C SER B 7 11.48 -12.34 62.10
N GLY B 8 11.41 -13.07 63.22
CA GLY B 8 10.36 -14.06 63.45
C GLY B 8 10.85 -15.49 63.53
N GLY B 9 12.12 -15.77 63.31
CA GLY B 9 12.61 -17.14 63.39
C GLY B 9 12.81 -17.57 64.84
N ASN B 10 12.53 -18.84 65.09
CA ASN B 10 12.69 -19.44 66.41
C ASN B 10 12.61 -20.95 66.25
N VAL B 11 12.56 -21.67 67.38
CA VAL B 11 12.46 -23.12 67.32
C VAL B 11 11.18 -23.54 66.64
N VAL B 12 11.28 -24.56 65.79
CA VAL B 12 10.14 -25.07 65.03
C VAL B 12 10.13 -26.59 65.13
N GLN B 13 8.96 -27.16 64.81
CA GLN B 13 8.74 -28.60 64.87
C GLN B 13 8.18 -29.07 63.54
N PRO B 14 8.53 -30.28 63.08
CA PRO B 14 7.95 -30.78 61.84
C PRO B 14 6.43 -30.84 61.92
N GLY B 15 5.78 -30.47 60.83
CA GLY B 15 4.33 -30.40 60.78
C GLY B 15 3.73 -29.13 61.34
N GLY B 16 4.54 -28.23 61.88
CA GLY B 16 4.07 -26.98 62.43
C GLY B 16 4.11 -25.86 61.41
N SER B 17 3.83 -24.65 61.90
CA SER B 17 3.83 -23.47 61.07
C SER B 17 4.54 -22.33 61.79
N LEU B 18 5.18 -21.46 61.01
CA LEU B 18 5.88 -20.29 61.54
C LEU B 18 5.59 -19.10 60.65
N ARG B 19 5.39 -17.94 61.28
CA ARG B 19 5.15 -16.69 60.57
C ARG B 19 6.44 -15.88 60.56
N LEU B 20 6.90 -15.53 59.37
CA LEU B 20 8.15 -14.80 59.19
C LEU B 20 7.84 -13.42 58.61
N SER B 21 8.35 -12.38 59.26
CA SER B 21 8.17 -11.01 58.82
C SER B 21 9.49 -10.48 58.27
N CYS B 22 9.43 -9.88 57.07
CA CYS B 22 10.62 -9.39 56.39
C CYS B 22 10.29 -8.01 55.80
N THR B 23 10.53 -6.96 56.58
CA THR B 23 10.33 -5.60 56.12
C THR B 23 11.61 -5.05 55.51
N ALA B 24 11.45 -4.05 54.64
CA ALA B 24 12.58 -3.43 53.97
C ALA B 24 12.21 -2.01 53.58
N SER B 25 13.24 -1.22 53.29
CA SER B 25 13.05 0.18 52.90
C SER B 25 14.22 0.60 52.03
N GLY B 26 14.04 1.73 51.35
CA GLY B 26 15.04 2.27 50.45
C GLY B 26 14.76 2.04 48.98
N PHE B 27 13.86 1.10 48.66
CA PHE B 27 13.47 0.85 47.28
C PHE B 27 11.99 0.49 47.26
N SER B 28 11.24 1.10 46.34
CA SER B 28 9.82 0.84 46.25
C SER B 28 9.56 -0.59 45.77
N PHE B 29 8.54 -1.21 46.35
CA PHE B 29 8.13 -2.55 45.94
C PHE B 29 7.23 -2.54 44.70
N ASP B 30 6.82 -1.36 44.22
CA ASP B 30 5.92 -1.31 43.07
C ASP B 30 6.57 -1.91 41.83
N ASP B 31 7.88 -1.73 41.67
CA ASP B 31 8.62 -2.26 40.52
C ASP B 31 9.85 -3.03 41.00
N SER B 32 9.65 -3.87 42.02
CA SER B 32 10.72 -4.70 42.56
C SER B 32 10.19 -6.10 42.81
N THR B 33 10.99 -7.09 42.45
CA THR B 33 10.65 -8.50 42.66
C THR B 33 11.58 -9.08 43.72
N MET B 34 11.00 -9.76 44.70
CA MET B 34 11.75 -10.31 45.82
C MET B 34 11.99 -11.81 45.60
N HIS B 35 13.19 -12.26 45.95
CA HIS B 35 13.57 -13.66 45.85
C HIS B 35 13.67 -14.28 47.24
N TRP B 36 13.97 -15.57 47.27
CA TRP B 36 14.11 -16.31 48.52
C TRP B 36 15.04 -17.49 48.29
N VAL B 37 16.10 -17.57 49.09
CA VAL B 37 17.07 -18.67 49.01
C VAL B 37 17.42 -19.09 50.42
N ARG B 38 18.02 -20.27 50.54
CA ARG B 38 18.46 -20.81 51.82
C ARG B 38 19.88 -21.33 51.72
N GLN B 39 20.61 -21.20 52.83
CA GLN B 39 22.04 -21.53 52.89
C GLN B 39 22.26 -22.51 54.04
N ALA B 40 22.16 -23.80 53.75
CA ALA B 40 22.46 -24.80 54.75
C ALA B 40 23.98 -24.89 54.96
N PRO B 41 24.43 -25.22 56.17
CA PRO B 41 25.88 -25.34 56.40
C PRO B 41 26.50 -26.38 55.48
N GLY B 42 27.66 -26.05 54.93
CA GLY B 42 28.41 -26.98 54.10
C GLY B 42 27.83 -27.22 52.72
N LYS B 43 26.74 -26.56 52.36
CA LYS B 43 26.05 -26.75 51.09
C LYS B 43 26.01 -25.44 50.32
N GLY B 44 25.63 -25.53 49.06
CA GLY B 44 25.48 -24.36 48.21
C GLY B 44 24.14 -23.67 48.41
N LEU B 45 23.90 -22.67 47.57
CA LEU B 45 22.62 -21.97 47.60
C LEU B 45 21.52 -22.81 46.98
N GLN B 46 20.30 -22.59 47.45
CA GLN B 46 19.11 -23.26 46.91
C GLN B 46 18.01 -22.23 46.74
N TRP B 47 17.38 -22.23 45.57
CA TRP B 47 16.25 -21.34 45.33
C TRP B 47 15.02 -21.85 46.06
N VAL B 48 14.23 -20.92 46.59
CA VAL B 48 13.02 -21.25 47.36
C VAL B 48 11.76 -20.81 46.61
N SER B 49 11.63 -19.50 46.34
CA SER B 49 10.41 -18.99 45.75
C SER B 49 10.71 -17.67 45.04
N LEU B 50 9.75 -17.27 44.20
CA LEU B 50 9.81 -16.01 43.47
C LEU B 50 8.43 -15.38 43.49
N ILE B 51 8.39 -14.05 43.40
CA ILE B 51 7.13 -13.31 43.44
C ILE B 51 7.27 -12.04 42.60
N SER B 52 6.18 -11.67 41.93
CA SER B 52 6.11 -10.47 41.12
C SER B 52 5.42 -9.35 41.89
N TRP B 53 5.13 -8.24 41.22
CA TRP B 53 4.55 -7.09 41.90
C TRP B 53 3.13 -7.39 42.40
N ASN B 54 2.30 -8.01 41.57
CA ASN B 54 0.97 -8.46 41.99
C ASN B 54 0.79 -9.96 41.85
N GLY B 55 1.04 -10.50 40.67
CA GLY B 55 0.80 -11.91 40.42
C GLY B 55 1.44 -12.32 39.11
N GLY B 56 1.45 -13.63 38.87
CA GLY B 56 2.14 -14.17 37.73
C GLY B 56 3.64 -14.07 37.92
N ARG B 57 4.40 -14.95 37.28
CA ARG B 57 5.85 -15.00 37.47
C ARG B 57 6.18 -15.20 38.95
N THR B 58 5.34 -15.98 39.63
CA THR B 58 5.54 -16.35 41.04
C THR B 58 6.05 -17.77 41.16
N TYR B 59 6.92 -18.16 40.23
CA TYR B 59 7.31 -19.55 40.08
C TYR B 59 8.07 -20.05 41.30
N TYR B 60 7.90 -21.33 41.60
CA TYR B 60 8.52 -21.99 42.74
C TYR B 60 9.50 -23.04 42.25
N ALA B 61 10.49 -23.35 43.10
CA ALA B 61 11.44 -24.39 42.78
C ALA B 61 10.77 -25.76 42.81
N ASP B 62 11.40 -26.73 42.15
CA ASP B 62 10.79 -28.05 42.00
C ASP B 62 10.59 -28.73 43.35
N SER B 63 11.58 -28.65 44.24
CA SER B 63 11.55 -29.43 45.47
C SER B 63 10.75 -28.77 46.58
N VAL B 64 10.26 -27.53 46.40
CA VAL B 64 9.60 -26.81 47.47
C VAL B 64 8.25 -26.28 46.98
N LYS B 65 7.64 -26.99 46.04
CA LYS B 65 6.36 -26.56 45.48
C LYS B 65 5.16 -27.13 46.23
N GLY B 66 5.38 -27.87 47.31
CA GLY B 66 4.30 -28.62 47.93
C GLY B 66 3.12 -27.80 48.39
N ARG B 67 3.30 -27.02 49.46
CA ARG B 67 2.22 -26.17 49.98
C ARG B 67 2.78 -24.84 50.48
N PHE B 68 3.77 -24.30 49.78
CA PHE B 68 4.41 -23.06 50.16
C PHE B 68 3.82 -21.90 49.37
N THR B 69 3.44 -20.83 50.07
CA THR B 69 2.81 -19.67 49.47
C THR B 69 3.53 -18.41 49.91
N ILE B 70 3.65 -17.46 48.97
CA ILE B 70 4.29 -16.18 49.22
C ILE B 70 3.32 -15.08 48.77
N SER B 71 3.14 -14.07 49.62
CA SER B 71 2.19 -13.00 49.38
C SER B 71 2.86 -11.65 49.60
N ARG B 72 2.38 -10.63 48.89
CA ARG B 72 2.94 -9.29 48.94
C ARG B 72 1.80 -8.26 49.03
N ASP B 73 2.10 -7.12 49.61
CA ASP B 73 1.15 -6.02 49.69
C ASP B 73 1.90 -4.69 49.54
N ASN B 74 1.18 -3.67 49.07
CA ASN B 74 1.73 -2.35 48.86
C ASN B 74 1.41 -1.38 50.00
N SER B 75 0.44 -1.70 50.85
CA SER B 75 0.01 -0.74 51.87
C SER B 75 1.13 -0.41 52.84
N LYS B 76 1.89 -1.42 53.28
CA LYS B 76 2.93 -1.25 54.28
C LYS B 76 4.31 -1.70 53.80
N ASN B 77 4.45 -2.16 52.57
CA ASN B 77 5.74 -2.43 51.95
C ASN B 77 6.54 -3.45 52.76
N SER B 78 6.00 -4.67 52.84
CA SER B 78 6.68 -5.77 53.50
C SER B 78 6.35 -7.07 52.78
N LEU B 79 7.02 -8.14 53.18
CA LEU B 79 6.82 -9.46 52.59
C LEU B 79 6.75 -10.51 53.68
N TYR B 80 6.10 -11.63 53.35
CA TYR B 80 5.99 -12.78 54.24
C TYR B 80 6.32 -14.05 53.48
N LEU B 81 6.80 -15.06 54.21
CA LEU B 81 6.96 -16.40 53.66
C LEU B 81 6.72 -17.37 54.83
N GLN B 82 5.49 -17.84 54.95
CA GLN B 82 5.11 -18.70 56.05
C GLN B 82 5.61 -20.12 55.81
N MET B 83 6.31 -20.68 56.79
CA MET B 83 6.77 -22.05 56.72
C MET B 83 5.66 -23.00 57.12
N ASN B 84 5.48 -24.06 56.35
CA ASN B 84 4.42 -25.04 56.60
C ASN B 84 4.94 -26.45 56.32
N SER B 85 4.48 -27.39 57.14
CA SER B 85 4.83 -28.81 56.97
C SER B 85 6.33 -28.98 56.84
N LEU B 86 7.06 -28.47 57.82
CA LEU B 86 8.52 -28.51 57.78
C LEU B 86 9.01 -29.94 57.76
N LYS B 87 9.95 -30.23 56.86
CA LYS B 87 10.55 -31.55 56.76
C LYS B 87 11.76 -31.64 57.70
N THR B 88 12.46 -32.77 57.64
CA THR B 88 13.64 -33.01 58.46
C THR B 88 14.95 -32.74 57.71
N GLU B 89 14.87 -32.20 56.49
CA GLU B 89 16.07 -31.89 55.71
C GLU B 89 15.95 -30.53 55.03
N ASP B 90 15.15 -29.63 55.59
CA ASP B 90 14.93 -28.30 55.03
C ASP B 90 15.30 -27.21 56.02
N THR B 91 16.24 -27.49 56.91
CA THR B 91 16.69 -26.53 57.91
C THR B 91 17.92 -25.79 57.40
N ALA B 92 17.84 -24.48 57.36
CA ALA B 92 18.93 -23.65 56.86
C ALA B 92 18.58 -22.18 57.15
N PHE B 93 19.48 -21.29 56.77
CA PHE B 93 19.29 -19.85 56.95
C PHE B 93 18.63 -19.32 55.68
N TYR B 94 17.36 -18.95 55.77
CA TYR B 94 16.63 -18.44 54.62
C TYR B 94 16.96 -16.97 54.41
N PHE B 95 17.27 -16.61 53.17
CA PHE B 95 17.71 -15.27 52.82
C PHE B 95 16.76 -14.68 51.78
N CYS B 96 16.35 -13.43 52.00
CA CYS B 96 15.55 -12.67 51.06
C CYS B 96 16.42 -11.62 50.41
N ALA B 97 16.37 -11.53 49.07
CA ALA B 97 17.26 -10.68 48.31
C ALA B 97 16.49 -9.86 47.29
N LYS B 98 16.85 -8.58 47.18
CA LYS B 98 16.21 -7.69 46.22
C LYS B 98 16.68 -8.01 44.81
N ASP B 99 15.85 -7.68 43.83
CA ASP B 99 16.14 -7.87 42.42
C ASP B 99 15.98 -6.56 41.67
N LYS B 100 16.85 -6.32 40.70
CA LYS B 100 16.77 -5.08 39.92
C LYS B 100 15.49 -5.03 39.11
N GLY B 101 15.07 -6.17 38.54
CA GLY B 101 13.85 -6.22 37.77
C GLY B 101 13.96 -5.72 36.35
N ASP B 102 15.16 -5.81 35.75
CA ASP B 102 15.33 -5.37 34.38
C ASP B 102 14.51 -6.25 33.44
N SER B 103 14.09 -5.65 32.31
CA SER B 103 13.23 -6.34 31.35
C SER B 103 13.68 -5.95 29.95
N ASP B 104 12.85 -6.28 28.97
CA ASP B 104 13.12 -5.97 27.57
C ASP B 104 11.86 -6.25 26.77
N TYS B 105 11.66 -5.54 25.65
CA TYS B 105 10.40 -5.68 24.88
CB TYS B 105 9.47 -4.51 25.17
CG TYS B 105 8.08 -4.72 24.68
CD1 TYS B 105 7.48 -3.82 23.81
CD2 TYS B 105 7.33 -5.81 25.07
CE1 TYS B 105 6.18 -3.98 23.38
CE2 TYS B 105 6.03 -5.99 24.64
CZ TYS B 105 5.49 -5.06 23.83
OH TYS B 105 4.16 -5.25 23.33
S TYS B 105 4.11 -5.70 21.83
O1 TYS B 105 4.56 -4.53 21.14
O2 TYS B 105 5.05 -6.79 21.88
O3 TYS B 105 2.78 -6.09 21.53
C TYS B 105 10.67 -5.67 23.40
O TYS B 105 11.22 -4.65 22.97
N ASP B 106 10.35 -6.74 22.66
CA ASP B 106 10.39 -6.79 21.21
C ASP B 106 8.98 -7.11 20.71
N TYS B 107 8.50 -6.35 19.69
CA TYS B 107 7.11 -6.49 19.17
CB TYS B 107 6.83 -5.67 17.91
CG TYS B 107 5.37 -5.70 17.55
CD1 TYS B 107 4.80 -6.81 16.95
CD2 TYS B 107 4.52 -4.66 17.89
CE1 TYS B 107 3.45 -6.86 16.66
CE2 TYS B 107 3.17 -4.69 17.61
CZ TYS B 107 2.66 -5.79 17.00
OH TYS B 107 1.26 -5.83 16.69
S TYS B 107 0.42 -7.19 16.88
O1 TYS B 107 1.04 -7.85 18.00
O2 TYS B 107 0.60 -7.88 15.61
O3 TYS B 107 -0.92 -6.74 17.12
C TYS B 107 6.80 -7.95 18.89
O TYS B 107 5.64 -8.32 19.20
N ASN B 108 7.77 -8.74 18.36
CA ASN B 108 7.50 -10.12 17.99
C ASN B 108 7.54 -11.05 19.21
N LEU B 109 8.59 -10.93 20.03
CA LEU B 109 8.79 -11.85 21.13
C LEU B 109 7.97 -11.48 22.36
N GLY B 110 7.99 -10.22 22.75
CA GLY B 110 7.22 -9.75 23.89
C GLY B 110 8.11 -9.53 25.11
N TYR B 111 7.45 -9.24 26.23
CA TYR B 111 8.14 -8.96 27.47
C TYR B 111 9.00 -10.16 27.88
N SER B 112 10.25 -9.88 28.25
CA SER B 112 11.16 -10.88 28.79
C SER B 112 11.74 -10.33 30.09
N TYR B 113 11.59 -11.09 31.16
CA TYR B 113 12.01 -10.66 32.49
C TYR B 113 13.28 -11.42 32.89
N PHE B 114 14.30 -10.66 33.30
CA PHE B 114 15.55 -11.22 33.79
C PHE B 114 15.55 -11.18 35.32
N TYR B 115 16.26 -12.12 35.92
CA TYR B 115 16.29 -12.28 37.38
C TYR B 115 17.72 -12.43 37.85
N TYR B 116 18.13 -11.55 38.77
CA TYR B 116 19.41 -11.70 39.46
C TYR B 116 19.43 -10.79 40.68
N MET B 117 19.76 -11.36 41.84
CA MET B 117 19.66 -10.64 43.10
C MET B 117 20.64 -9.47 43.14
N ASP B 118 20.22 -8.37 43.74
CA ASP B 118 21.03 -7.17 43.90
C ASP B 118 21.36 -6.89 45.36
N GLY B 119 20.35 -6.77 46.21
CA GLY B 119 20.54 -6.55 47.64
C GLY B 119 20.15 -7.79 48.42
N TRP B 120 20.74 -7.94 49.59
CA TRP B 120 20.51 -9.10 50.44
C TRP B 120 20.26 -8.67 51.88
N GLY B 121 19.43 -9.43 52.58
CA GLY B 121 19.11 -9.16 53.96
C GLY B 121 20.10 -9.81 54.92
N LYS B 122 19.90 -9.53 56.21
CA LYS B 122 20.80 -10.06 57.23
C LYS B 122 20.73 -11.58 57.28
N GLY B 123 19.52 -12.15 57.21
CA GLY B 123 19.35 -13.58 57.25
C GLY B 123 18.53 -14.05 58.43
N THR B 124 17.78 -15.13 58.24
CA THR B 124 16.92 -15.69 59.27
C THR B 124 17.50 -17.02 59.76
N THR B 125 16.78 -17.65 60.69
CA THR B 125 17.22 -18.89 61.30
C THR B 125 16.07 -19.89 61.34
N VAL B 126 16.42 -21.17 61.20
CA VAL B 126 15.47 -22.28 61.26
C VAL B 126 16.13 -23.42 62.02
N THR B 127 15.33 -24.13 62.83
CA THR B 127 15.83 -25.29 63.57
C THR B 127 14.69 -26.29 63.69
N VAL B 128 14.75 -27.36 62.90
CA VAL B 128 13.71 -28.37 62.93
C VAL B 128 13.69 -29.06 64.29
N SER B 129 12.50 -29.24 64.85
CA SER B 129 12.35 -29.88 66.15
C SER B 129 13.10 -29.11 67.23
N GLY C 1 -0.63 8.70 -63.84
CA GLY C 1 -0.83 9.72 -62.83
C GLY C 1 0.10 9.56 -61.65
N LEU C 2 0.12 8.35 -61.07
CA LEU C 2 0.95 8.03 -59.91
C LEU C 2 0.68 9.00 -58.77
N TRP C 3 -0.57 8.98 -58.29
CA TRP C 3 -1.02 9.85 -57.22
C TRP C 3 -1.05 9.08 -55.91
N VAL C 4 -0.48 9.62 -54.83
CA VAL C 4 -0.36 8.87 -53.53
C VAL C 4 -1.77 8.56 -53.02
N THR C 5 -1.95 7.46 -52.29
CA THR C 5 -3.27 7.23 -51.68
C THR C 5 -3.16 6.45 -50.38
N VAL C 6 -3.97 6.78 -49.38
CA VAL C 6 -3.86 6.14 -48.03
C VAL C 6 -4.91 5.06 -47.85
N TYR C 7 -4.48 3.84 -47.56
CA TYR C 7 -5.34 2.69 -47.33
C TYR C 7 -5.38 2.40 -45.83
N TYR C 8 -6.58 2.29 -45.28
CA TYR C 8 -6.77 2.03 -43.86
C TYR C 8 -7.17 0.57 -43.66
N GLY C 9 -6.49 -0.10 -42.73
CA GLY C 9 -6.77 -1.49 -42.47
C GLY C 9 -5.99 -2.43 -43.37
N VAL C 10 -4.66 -2.32 -43.34
CA VAL C 10 -3.80 -3.15 -44.17
C VAL C 10 -3.03 -4.11 -43.27
N PRO C 11 -2.63 -5.29 -43.76
CA PRO C 11 -1.91 -6.27 -42.90
C PRO C 11 -0.41 -6.02 -42.81
N VAL C 12 -0.03 -5.14 -41.89
CA VAL C 12 1.37 -4.82 -41.62
C VAL C 12 1.58 -4.89 -40.12
N TRP C 13 2.63 -5.62 -39.70
CA TRP C 13 2.95 -5.74 -38.29
C TRP C 13 4.47 -5.72 -38.11
N ARG C 14 4.89 -5.39 -36.89
CA ARG C 14 6.30 -5.42 -36.53
C ARG C 14 6.42 -5.87 -35.08
N GLU C 15 7.61 -6.37 -34.73
CA GLU C 15 7.85 -6.84 -33.37
C GLU C 15 7.57 -5.73 -32.37
N ALA C 16 6.83 -6.05 -31.32
CA ALA C 16 6.42 -5.05 -30.34
C ALA C 16 6.24 -5.71 -28.99
N LYS C 17 6.23 -4.89 -27.95
CA LYS C 17 6.12 -5.33 -26.57
C LYS C 17 5.02 -4.55 -25.88
N THR C 18 4.28 -5.22 -25.00
CA THR C 18 3.18 -4.59 -24.27
C THR C 18 2.85 -5.46 -23.06
N THR C 19 1.82 -5.06 -22.33
CA THR C 19 1.36 -5.76 -21.14
C THR C 19 0.06 -6.50 -21.47
N LEU C 20 0.00 -7.76 -21.07
CA LEU C 20 -1.15 -8.62 -21.33
C LEU C 20 -1.93 -8.83 -20.03
N PHE C 21 -3.25 -8.78 -20.12
CA PHE C 21 -4.12 -8.92 -18.96
C PHE C 21 -4.66 -10.34 -18.87
N CYS C 22 -5.12 -10.69 -17.67
CA CYS C 22 -5.57 -12.05 -17.38
C CYS C 22 -7.02 -12.26 -17.79
N ALA C 23 -7.33 -13.49 -18.19
CA ALA C 23 -8.69 -13.90 -18.49
C ALA C 23 -8.88 -15.32 -17.98
N SER C 24 -10.11 -15.65 -17.61
CA SER C 24 -10.43 -16.93 -16.99
C SER C 24 -11.74 -17.46 -17.55
N ASP C 25 -11.94 -18.76 -17.38
CA ASP C 25 -13.14 -19.46 -17.84
C ASP C 25 -13.93 -19.96 -16.63
N ALA C 26 -15.21 -19.64 -16.60
CA ALA C 26 -16.09 -20.07 -15.50
C ALA C 26 -15.56 -19.58 -14.16
N GLU C 32 -16.58 -18.14 -5.49
CA GLU C 32 -17.18 -18.39 -4.18
C GLU C 32 -16.10 -18.45 -3.11
N VAL C 33 -14.94 -18.98 -3.47
CA VAL C 33 -13.80 -19.12 -2.57
C VAL C 33 -12.63 -18.34 -3.15
N HIS C 34 -11.99 -17.54 -2.32
CA HIS C 34 -10.86 -16.74 -2.78
C HIS C 34 -9.74 -17.63 -3.30
N ASN C 35 -9.14 -17.23 -4.41
CA ASN C 35 -8.06 -17.97 -5.05
C ASN C 35 -6.79 -17.12 -5.06
N VAL C 36 -5.64 -17.79 -4.96
CA VAL C 36 -4.37 -17.07 -4.97
C VAL C 36 -4.19 -16.34 -6.29
N TRP C 37 -4.63 -16.94 -7.39
CA TRP C 37 -4.50 -16.30 -8.70
C TRP C 37 -5.49 -15.16 -8.89
N ALA C 38 -6.47 -15.01 -7.99
CA ALA C 38 -7.46 -13.94 -8.08
C ALA C 38 -8.18 -13.98 -9.43
N THR C 39 -8.58 -15.19 -9.83
CA THR C 39 -9.26 -15.36 -11.12
C THR C 39 -10.57 -14.59 -11.18
N HIS C 40 -11.16 -14.23 -10.04
CA HIS C 40 -12.35 -13.40 -10.06
C HIS C 40 -12.08 -12.06 -10.74
N ALA C 41 -10.88 -11.51 -10.58
CA ALA C 41 -10.54 -10.25 -11.24
C ALA C 41 -10.43 -10.44 -12.75
N CYS C 42 -9.90 -11.58 -13.19
CA CYS C 42 -9.75 -11.82 -14.62
C CYS C 42 -11.12 -11.84 -15.29
N VAL C 43 -11.21 -11.16 -16.44
CA VAL C 43 -12.46 -11.07 -17.18
C VAL C 43 -12.78 -12.44 -17.78
N PRO C 44 -14.05 -12.77 -17.99
CA PRO C 44 -14.38 -14.08 -18.56
C PRO C 44 -13.88 -14.21 -19.99
N THR C 45 -13.54 -15.43 -20.37
CA THR C 45 -13.10 -15.72 -21.72
C THR C 45 -14.29 -15.85 -22.66
N ASP C 46 -14.03 -15.66 -23.95
CA ASP C 46 -15.09 -15.78 -24.93
C ASP C 46 -15.49 -17.25 -25.10
N PRO C 47 -16.76 -17.52 -25.43
CA PRO C 47 -17.17 -18.92 -25.61
C PRO C 47 -16.44 -19.63 -26.73
N ASN C 48 -16.07 -18.91 -27.79
CA ASN C 48 -15.39 -19.52 -28.94
C ASN C 48 -14.38 -18.51 -29.47
N PRO C 49 -13.14 -18.56 -28.96
CA PRO C 49 -12.14 -17.59 -29.43
C PRO C 49 -11.85 -17.75 -30.91
N GLN C 50 -11.63 -16.62 -31.58
CA GLN C 50 -11.35 -16.64 -33.01
C GLN C 50 -9.95 -17.19 -33.27
N GLU C 51 -9.85 -18.07 -34.26
CA GLU C 51 -8.61 -18.75 -34.61
C GLU C 51 -8.31 -18.60 -36.10
N LEU C 52 -8.42 -17.37 -36.60
CA LEU C 52 -8.15 -17.10 -38.00
C LEU C 52 -6.72 -17.52 -38.35
N VAL C 53 -6.57 -18.16 -39.50
CA VAL C 53 -5.29 -18.70 -39.95
C VAL C 53 -4.89 -17.99 -41.24
N LEU C 54 -3.65 -17.50 -41.28
CA LEU C 54 -3.14 -16.86 -42.47
C LEU C 54 -2.84 -17.90 -43.55
N GLU C 55 -2.98 -17.48 -44.81
CA GLU C 55 -2.94 -18.44 -45.91
C GLU C 55 -1.52 -18.82 -46.29
N ASN C 56 -0.72 -17.85 -46.75
CA ASN C 56 0.62 -18.12 -47.28
C ASN C 56 1.56 -17.03 -46.78
N VAL C 57 2.19 -17.26 -45.63
CA VAL C 57 3.12 -16.31 -45.04
C VAL C 57 4.09 -17.09 -44.16
N THR C 58 5.30 -16.57 -44.03
CA THR C 58 6.35 -17.20 -43.22
C THR C 58 6.90 -16.19 -42.23
N GLU C 59 7.14 -16.64 -41.00
CA GLU C 59 7.70 -15.79 -39.96
C GLU C 59 8.58 -16.65 -39.05
N ASN C 60 9.53 -15.99 -38.40
CA ASN C 60 10.47 -16.66 -37.51
C ASN C 60 10.52 -15.91 -36.19
N PHE C 61 10.77 -16.66 -35.11
CA PHE C 61 10.88 -16.08 -33.78
C PHE C 61 11.71 -17.00 -32.90
N ASN C 62 12.31 -16.41 -31.87
CA ASN C 62 13.12 -17.14 -30.90
C ASN C 62 12.41 -17.05 -29.54
N MET C 63 11.93 -18.19 -29.05
CA MET C 63 11.19 -18.19 -27.81
C MET C 63 12.06 -17.82 -26.62
N TRP C 64 13.37 -18.07 -26.71
CA TRP C 64 14.26 -17.75 -25.59
C TRP C 64 14.32 -16.25 -25.34
N LYS C 65 14.10 -15.44 -26.38
CA LYS C 65 14.03 -13.99 -26.25
C LYS C 65 12.61 -13.50 -26.03
N ASN C 66 11.64 -14.40 -25.93
CA ASN C 66 10.25 -13.99 -25.74
C ASN C 66 10.08 -13.34 -24.37
N ASP C 67 9.25 -12.29 -24.34
CA ASP C 67 8.98 -11.56 -23.11
C ASP C 67 7.65 -11.96 -22.48
N MET C 68 6.80 -12.70 -23.19
CA MET C 68 5.58 -13.21 -22.58
C MET C 68 5.91 -14.04 -21.35
N VAL C 69 6.95 -14.87 -21.43
CA VAL C 69 7.36 -15.67 -20.28
C VAL C 69 7.93 -14.79 -19.18
N ASP C 70 8.72 -13.77 -19.56
CA ASP C 70 9.30 -12.89 -18.56
C ASP C 70 8.21 -12.14 -17.79
N GLN C 71 7.21 -11.63 -18.49
CA GLN C 71 6.09 -10.97 -17.82
C GLN C 71 5.33 -11.95 -16.94
N MET C 72 5.13 -13.18 -17.42
CA MET C 72 4.41 -14.16 -16.64
C MET C 72 5.10 -14.44 -15.32
N HIS C 73 6.43 -14.55 -15.35
CA HIS C 73 7.18 -14.74 -14.10
C HIS C 73 7.02 -13.53 -13.18
N GLU C 74 7.02 -12.32 -13.75
CA GLU C 74 6.96 -11.12 -12.92
C GLU C 74 5.62 -11.02 -12.19
N ASP C 75 4.52 -11.16 -12.91
CA ASP C 75 3.21 -10.96 -12.29
C ASP C 75 2.83 -12.14 -11.39
N ILE C 76 3.24 -13.36 -11.74
CA ILE C 76 2.99 -14.50 -10.88
C ILE C 76 3.69 -14.31 -9.54
N ILE C 77 4.93 -13.79 -9.58
CA ILE C 77 5.65 -13.52 -8.34
C ILE C 77 4.91 -12.47 -7.52
N SER C 78 4.42 -11.41 -8.17
CA SER C 78 3.70 -10.36 -7.46
C SER C 78 2.39 -10.88 -6.89
N LEU C 79 1.70 -11.75 -7.63
CA LEU C 79 0.41 -12.27 -7.16
C LEU C 79 0.58 -13.03 -5.86
N TRP C 80 1.62 -13.86 -5.76
CA TRP C 80 1.85 -14.62 -4.53
C TRP C 80 2.13 -13.69 -3.36
N ASP C 81 2.93 -12.64 -3.60
CA ASP C 81 3.22 -11.70 -2.53
C ASP C 81 1.96 -10.99 -2.04
N GLN C 82 1.10 -10.59 -2.98
CA GLN C 82 -0.11 -9.87 -2.59
C GLN C 82 -1.02 -10.73 -1.72
N SER C 83 -1.17 -12.00 -2.07
CA SER C 83 -2.08 -12.86 -1.32
C SER C 83 -1.64 -13.04 0.13
N LEU C 84 -0.34 -12.94 0.40
CA LEU C 84 0.20 -13.16 1.73
C LEU C 84 0.27 -11.88 2.57
N LYS C 85 -0.07 -10.72 2.00
CA LYS C 85 0.00 -9.48 2.76
C LYS C 85 -0.88 -9.48 4.00
N PRO C 86 -2.17 -9.84 3.93
CA PRO C 86 -3.06 -9.58 5.07
C PRO C 86 -2.93 -10.54 6.24
N CYS C 87 -2.73 -11.83 5.98
CA CYS C 87 -2.79 -12.81 7.05
C CYS C 87 -1.46 -12.92 7.79
N VAL C 88 -1.50 -13.65 8.91
CA VAL C 88 -0.48 -13.52 9.95
C VAL C 88 0.90 -13.93 9.46
N LYS C 89 1.92 -13.40 10.16
CA LYS C 89 3.31 -13.78 9.95
C LYS C 89 3.79 -14.58 11.16
N LEU C 90 4.50 -15.68 10.89
CA LEU C 90 4.99 -16.57 11.94
C LEU C 90 6.40 -16.20 12.38
N THR C 91 6.60 -14.94 12.77
CA THR C 91 7.91 -14.50 13.23
C THR C 91 8.17 -14.93 14.67
N PRO C 92 7.23 -14.70 15.61
CA PRO C 92 7.52 -15.02 17.01
C PRO C 92 7.76 -16.50 17.29
N LEU C 93 7.31 -17.40 16.41
CA LEU C 93 7.31 -18.82 16.76
C LEU C 93 8.71 -19.34 17.03
N CYS C 94 9.67 -18.96 16.20
CA CYS C 94 11.01 -19.55 16.30
C CYS C 94 11.74 -18.96 17.50
N VAL C 95 11.74 -19.71 18.59
CA VAL C 95 12.45 -19.39 19.82
C VAL C 95 13.27 -20.62 20.17
N THR C 96 13.91 -20.63 21.33
CA THR C 96 14.59 -21.85 21.76
C THR C 96 13.57 -22.97 21.92
N LEU C 97 13.59 -23.94 21.00
CA LEU C 97 12.71 -25.10 21.06
C LEU C 97 13.44 -26.28 21.67
N ASN C 98 12.79 -26.94 22.62
CA ASN C 98 13.35 -28.11 23.31
C ASN C 98 12.63 -29.34 22.77
N CYS C 99 13.26 -30.01 21.80
CA CYS C 99 12.67 -31.18 21.14
C CYS C 99 13.58 -32.38 21.33
N SER C 100 12.98 -33.53 21.67
CA SER C 100 13.71 -34.78 21.85
C SER C 100 13.31 -35.81 20.82
N ASP C 101 12.02 -36.14 20.72
CA ASP C 101 11.53 -37.13 19.76
C ASP C 101 10.01 -37.11 19.82
N ALA C 102 9.39 -37.88 18.93
CA ALA C 102 7.94 -38.01 18.85
C ALA C 102 7.51 -39.41 19.25
N LYS C 103 6.45 -39.50 20.05
CA LYS C 103 5.97 -40.80 20.50
C LYS C 103 5.51 -41.67 19.34
N VAL C 104 4.95 -41.06 18.31
CA VAL C 104 4.45 -41.79 17.16
C VAL C 104 5.61 -42.20 16.26
N GLU C 113 13.41 -40.48 11.97
CA GLU C 113 13.13 -39.11 12.40
C GLU C 113 12.23 -38.40 11.39
N GLU C 114 11.08 -39.01 11.08
CA GLU C 114 10.17 -38.40 10.12
C GLU C 114 9.47 -37.18 10.72
N ILE C 115 9.00 -37.29 11.96
CA ILE C 115 8.26 -36.23 12.62
C ILE C 115 8.77 -36.10 14.05
N LYS C 116 8.91 -34.87 14.51
CA LYS C 116 9.38 -34.56 15.86
C LYS C 116 8.30 -33.81 16.63
N ASN C 117 8.09 -34.20 17.89
CA ASN C 117 7.10 -33.59 18.76
C ASN C 117 7.82 -32.80 19.84
N CYS C 118 7.40 -31.55 20.05
CA CYS C 118 7.99 -30.71 21.08
C CYS C 118 7.15 -29.44 21.22
N SER C 119 7.53 -28.61 22.18
CA SER C 119 6.75 -27.46 22.60
C SER C 119 7.65 -26.23 22.67
N PHE C 120 7.01 -25.09 22.95
CA PHE C 120 7.70 -23.81 23.02
C PHE C 120 6.85 -22.86 23.86
N LYS C 121 7.46 -21.76 24.28
CA LYS C 121 6.78 -20.73 25.05
C LYS C 121 6.31 -19.63 24.11
N ALA C 122 5.03 -19.28 24.20
CA ALA C 122 4.43 -18.31 23.30
C ALA C 122 3.57 -17.34 24.09
N THR C 123 3.38 -16.16 23.52
CA THR C 123 2.59 -15.12 24.15
C THR C 123 1.11 -15.49 24.14
N THR C 124 0.35 -14.93 25.07
CA THR C 124 -1.07 -15.20 25.22
C THR C 124 -1.86 -13.89 25.15
N GLU C 125 -3.15 -13.95 25.50
CA GLU C 125 -3.98 -12.74 25.47
C GLU C 125 -3.33 -11.60 26.26
N LEU C 126 -2.80 -11.91 27.43
CA LEU C 126 -2.01 -10.94 28.18
C LEU C 126 -0.57 -10.98 27.66
N ARG C 127 -0.05 -9.83 27.23
CA ARG C 127 1.27 -9.80 26.63
C ARG C 127 2.35 -10.23 27.62
N ASP C 128 2.24 -9.78 28.87
CA ASP C 128 3.26 -10.13 29.86
C ASP C 128 3.26 -11.62 30.15
N LYS C 129 2.09 -12.25 30.25
CA LYS C 129 2.02 -13.67 30.53
C LYS C 129 2.40 -14.49 29.31
N LYS C 130 2.81 -15.73 29.55
CA LYS C 130 3.21 -16.65 28.49
C LYS C 130 2.72 -18.04 28.84
N ARG C 131 2.52 -18.87 27.81
CA ARG C 131 2.03 -20.23 27.96
C ARG C 131 2.93 -21.18 27.20
N ARG C 132 2.90 -22.45 27.61
CA ARG C 132 3.62 -23.53 26.95
C ARG C 132 2.63 -24.35 26.13
N GLU C 133 2.93 -24.51 24.83
CA GLU C 133 2.08 -25.25 23.92
C GLU C 133 2.93 -26.19 23.08
N TYR C 134 2.39 -27.37 22.80
CA TYR C 134 3.08 -28.39 22.04
C TYR C 134 2.64 -28.37 20.57
N ALA C 135 3.55 -28.75 19.69
CA ALA C 135 3.27 -28.79 18.26
C ALA C 135 4.16 -29.83 17.61
N LEU C 136 3.79 -30.24 16.41
CA LEU C 136 4.51 -31.25 15.65
C LEU C 136 5.13 -30.60 14.41
N PHE C 137 6.42 -30.87 14.18
CA PHE C 137 7.13 -30.37 13.02
C PHE C 137 7.94 -31.50 12.41
N TYR C 138 8.12 -31.43 11.09
CA TYR C 138 8.98 -32.39 10.42
C TYR C 138 10.45 -32.13 10.77
N ARG C 139 11.26 -33.17 10.65
CA ARG C 139 12.67 -33.05 11.06
C ARG C 139 13.39 -32.02 10.19
N LEU C 140 13.17 -32.05 8.88
CA LEU C 140 13.84 -31.11 7.99
C LEU C 140 13.30 -29.69 8.10
N ASP C 141 12.13 -29.52 8.72
CA ASP C 141 11.58 -28.17 8.89
C ASP C 141 12.45 -27.35 9.84
N ILE C 142 12.96 -27.97 10.90
CA ILE C 142 13.74 -27.29 11.91
C ILE C 142 15.20 -27.75 11.81
N VAL C 143 16.08 -27.01 12.47
CA VAL C 143 17.51 -27.31 12.46
C VAL C 143 18.02 -27.30 13.89
N PRO C 144 19.10 -28.01 14.20
CA PRO C 144 19.61 -28.03 15.58
C PRO C 144 20.47 -26.82 15.89
N LEU C 145 20.23 -26.22 17.06
CA LEU C 145 21.03 -25.09 17.48
C LEU C 145 22.48 -25.49 17.72
N SER C 146 22.70 -26.65 18.33
CA SER C 146 24.04 -27.14 18.60
C SER C 146 24.63 -27.83 17.38
N ASN C 152 22.34 -29.96 22.50
CA ASN C 152 21.58 -31.20 22.38
C ASN C 152 20.12 -30.97 22.73
N SER C 153 19.23 -31.59 21.95
CA SER C 153 17.78 -31.49 22.15
C SER C 153 17.27 -30.06 21.97
N GLU C 154 17.97 -29.15 21.30
CA GLU C 154 17.36 -27.80 21.09
C GLU C 154 17.40 -27.40 19.61
N TYR C 155 16.30 -26.87 19.06
CA TYR C 155 16.21 -26.56 17.61
C TYR C 155 15.53 -25.22 17.35
N ARG C 156 15.60 -24.68 16.13
CA ARG C 156 14.92 -23.41 15.75
C ARG C 156 14.33 -23.62 14.35
N LEU C 157 13.40 -22.79 13.87
CA LEU C 157 12.88 -22.93 12.48
C LEU C 157 13.96 -22.67 11.41
N ILE C 158 14.06 -23.46 10.33
CA ILE C 158 15.14 -23.47 9.36
C ILE C 158 15.53 -22.06 8.94
N ASN C 159 14.59 -21.10 9.00
CA ASN C 159 14.83 -19.76 8.47
C ASN C 159 14.26 -18.71 9.43
N CYS C 160 15.09 -18.25 10.36
CA CYS C 160 14.80 -17.03 11.11
C CYS C 160 16.00 -16.11 11.29
N ASN C 161 17.22 -16.56 11.02
CA ASN C 161 18.38 -15.69 11.09
C ASN C 161 18.74 -15.08 9.74
N THR C 162 17.96 -15.36 8.69
CA THR C 162 18.19 -14.76 7.39
C THR C 162 16.91 -14.37 6.65
N SER C 163 15.74 -14.54 7.25
CA SER C 163 14.49 -14.21 6.57
C SER C 163 13.37 -14.21 7.61
N VAL C 164 12.19 -13.83 7.16
CA VAL C 164 10.99 -13.80 7.99
C VAL C 164 9.95 -14.72 7.35
N ILE C 165 9.43 -15.64 8.16
CA ILE C 165 8.45 -16.63 7.68
C ILE C 165 7.06 -16.06 7.84
N THR C 166 6.23 -16.25 6.81
CA THR C 166 4.85 -15.81 6.82
C THR C 166 3.93 -16.98 6.50
N GLN C 167 2.92 -17.19 7.35
CA GLN C 167 1.95 -18.24 7.09
C GLN C 167 1.13 -17.90 5.86
N ILE C 168 0.80 -18.93 5.08
CA ILE C 168 -0.09 -18.74 3.95
C ILE C 168 -1.53 -18.71 4.45
N CYS C 169 -2.32 -17.80 3.89
CA CYS C 169 -3.69 -17.62 4.36
C CYS C 169 -4.44 -18.95 4.24
N PRO C 170 -5.06 -19.45 5.30
CA PRO C 170 -5.72 -20.78 5.20
C PRO C 170 -6.83 -20.83 4.16
N LYS C 171 -7.55 -19.72 3.95
CA LYS C 171 -8.72 -19.76 3.07
C LYS C 171 -8.33 -19.99 1.62
N VAL C 172 -7.27 -19.34 1.14
CA VAL C 172 -6.92 -19.44 -0.27
C VAL C 172 -6.46 -20.85 -0.61
N THR C 173 -6.67 -21.18 -1.88
CA THR C 173 -6.31 -22.51 -2.39
C THR C 173 -5.21 -22.26 -3.41
N PHE C 174 -4.10 -23.00 -3.34
CA PHE C 174 -2.98 -22.71 -4.24
C PHE C 174 -3.09 -23.56 -5.51
N ASP C 175 -4.14 -24.36 -5.65
CA ASP C 175 -4.22 -25.29 -6.81
C ASP C 175 -4.22 -24.48 -8.10
N PRO C 176 -3.53 -24.95 -9.13
CA PRO C 176 -3.42 -24.20 -10.35
C PRO C 176 -4.77 -24.22 -11.07
N ILE C 177 -5.16 -23.14 -11.74
CA ILE C 177 -6.42 -23.15 -12.54
C ILE C 177 -6.04 -22.60 -13.91
N PRO C 178 -6.46 -23.17 -15.05
CA PRO C 178 -6.03 -22.66 -16.33
C PRO C 178 -6.29 -21.15 -16.48
N ILE C 179 -5.37 -20.36 -17.07
CA ILE C 179 -5.60 -18.94 -17.28
C ILE C 179 -5.15 -18.57 -18.68
N HIS C 180 -5.72 -17.47 -19.19
CA HIS C 180 -5.47 -17.00 -20.55
C HIS C 180 -4.74 -15.67 -20.49
N TYR C 181 -3.54 -15.61 -21.05
CA TYR C 181 -2.83 -14.36 -21.23
C TYR C 181 -3.27 -13.74 -22.55
N CYS C 182 -4.15 -12.75 -22.46
CA CYS C 182 -4.99 -12.34 -23.58
C CYS C 182 -4.62 -10.90 -23.94
N ALA C 183 -4.26 -10.68 -25.20
CA ALA C 183 -3.72 -9.40 -25.62
C ALA C 183 -4.82 -8.33 -25.64
N PRO C 184 -4.43 -7.05 -25.60
CA PRO C 184 -5.42 -5.97 -25.66
C PRO C 184 -5.81 -5.67 -27.10
N ALA C 185 -6.67 -4.66 -27.26
CA ALA C 185 -7.07 -4.23 -28.58
C ALA C 185 -5.91 -3.56 -29.30
N GLY C 186 -5.88 -3.71 -30.63
CA GLY C 186 -4.82 -3.17 -31.44
C GLY C 186 -3.57 -4.01 -31.52
N TYR C 187 -3.54 -5.16 -30.84
CA TYR C 187 -2.41 -6.07 -30.85
C TYR C 187 -2.90 -7.47 -31.18
N ALA C 188 -2.00 -8.29 -31.72
CA ALA C 188 -2.30 -9.65 -32.10
C ALA C 188 -1.20 -10.57 -31.61
N ILE C 189 -1.55 -11.85 -31.47
CA ILE C 189 -0.61 -12.89 -31.05
C ILE C 189 -0.53 -13.93 -32.14
N LEU C 190 0.68 -14.23 -32.59
CA LEU C 190 0.92 -15.18 -33.67
C LEU C 190 1.42 -16.49 -33.10
N LYS C 191 0.74 -17.59 -33.44
CA LYS C 191 1.16 -18.93 -33.10
C LYS C 191 1.11 -19.79 -34.35
N CYS C 192 2.15 -20.58 -34.56
CA CYS C 192 2.24 -21.47 -35.71
C CYS C 192 2.29 -22.92 -35.25
N ASN C 193 1.55 -23.77 -35.94
CA ASN C 193 1.30 -25.14 -35.51
C ASN C 193 2.14 -26.13 -36.30
N ASN C 194 3.38 -25.77 -36.61
CA ASN C 194 4.32 -26.73 -37.19
C ASN C 194 4.41 -27.95 -36.29
N LYS C 195 4.14 -29.13 -36.87
CA LYS C 195 4.04 -30.33 -36.05
C LYS C 195 5.35 -30.64 -35.34
N THR C 196 6.47 -30.50 -36.04
CA THR C 196 7.80 -30.65 -35.46
C THR C 196 8.56 -29.35 -35.67
N PHE C 197 8.85 -28.66 -34.56
CA PHE C 197 9.54 -27.37 -34.63
C PHE C 197 10.05 -26.97 -33.25
N ASN C 198 11.34 -26.74 -33.12
CA ASN C 198 11.93 -26.37 -31.85
C ASN C 198 11.70 -24.88 -31.62
N GLY C 199 12.37 -24.31 -30.61
CA GLY C 199 12.12 -22.93 -30.25
C GLY C 199 12.46 -21.94 -31.34
N THR C 200 13.59 -22.14 -32.00
CA THR C 200 14.09 -21.18 -32.98
C THR C 200 13.88 -21.71 -34.40
N GLY C 201 13.68 -20.77 -35.33
CA GLY C 201 13.57 -21.09 -36.74
C GLY C 201 12.25 -20.65 -37.33
N PRO C 202 12.21 -20.45 -38.65
CA PRO C 202 10.97 -20.03 -39.29
C PRO C 202 9.94 -21.15 -39.31
N CYS C 203 8.67 -20.75 -39.29
CA CYS C 203 7.54 -21.68 -39.38
C CYS C 203 6.51 -21.10 -40.34
N ASN C 204 6.08 -21.91 -41.31
CA ASN C 204 5.32 -21.43 -42.46
C ASN C 204 3.81 -21.53 -42.29
N ASN C 205 3.32 -22.08 -41.19
CA ASN C 205 1.88 -22.21 -40.93
C ASN C 205 1.56 -21.46 -39.65
N VAL C 206 1.34 -20.15 -39.77
CA VAL C 206 1.13 -19.27 -38.63
C VAL C 206 -0.31 -18.77 -38.66
N SER C 207 -0.97 -18.82 -37.51
CA SER C 207 -2.34 -18.35 -37.36
C SER C 207 -2.40 -17.28 -36.30
N THR C 208 -3.28 -16.30 -36.50
CA THR C 208 -3.45 -15.17 -35.59
C THR C 208 -4.57 -15.48 -34.62
N VAL C 209 -4.24 -15.47 -33.32
CA VAL C 209 -5.21 -15.71 -32.26
C VAL C 209 -5.20 -14.48 -31.35
N GLN C 210 -6.36 -13.86 -31.19
CA GLN C 210 -6.46 -12.69 -30.33
C GLN C 210 -6.18 -13.05 -28.87
N CYS C 211 -6.68 -14.20 -28.42
CA CYS C 211 -6.73 -14.53 -27.01
C CYS C 211 -6.20 -15.94 -26.84
N THR C 212 -5.13 -16.09 -26.04
CA THR C 212 -4.43 -17.35 -25.95
C THR C 212 -5.29 -18.42 -25.31
N HIS C 213 -4.80 -19.66 -25.38
CA HIS C 213 -5.50 -20.81 -24.81
C HIS C 213 -5.02 -21.07 -23.39
N GLY C 214 -5.53 -22.14 -22.78
CA GLY C 214 -5.23 -22.45 -21.41
C GLY C 214 -3.76 -22.65 -21.13
N ILE C 215 -3.25 -22.01 -20.08
CA ILE C 215 -1.87 -22.13 -19.65
C ILE C 215 -1.91 -22.32 -18.13
N LYS C 216 -1.85 -23.56 -17.69
CA LYS C 216 -1.93 -23.84 -16.26
C LYS C 216 -0.60 -23.50 -15.59
N PRO C 217 -0.59 -22.68 -14.54
CA PRO C 217 0.69 -22.32 -13.90
C PRO C 217 1.18 -23.39 -12.93
N VAL C 218 1.46 -24.59 -13.47
CA VAL C 218 1.99 -25.67 -12.66
C VAL C 218 3.40 -25.32 -12.21
N VAL C 219 3.76 -25.82 -11.02
CA VAL C 219 5.08 -25.60 -10.44
C VAL C 219 5.74 -26.95 -10.22
N SER C 220 6.96 -27.08 -10.73
CA SER C 220 7.73 -28.31 -10.58
C SER C 220 9.19 -27.99 -10.86
N THR C 221 10.07 -28.96 -10.58
CA THR C 221 11.50 -28.72 -10.66
C THR C 221 12.20 -29.74 -11.55
N GLN C 222 11.75 -31.00 -11.52
CA GLN C 222 12.38 -32.07 -12.27
C GLN C 222 11.50 -32.65 -13.36
N LEU C 223 10.23 -32.91 -13.08
CA LEU C 223 9.29 -33.46 -14.04
C LEU C 223 8.17 -32.47 -14.27
N LEU C 224 7.95 -32.10 -15.53
CA LEU C 224 6.83 -31.23 -15.88
C LEU C 224 5.54 -32.05 -15.92
N LEU C 225 4.50 -31.52 -15.25
CA LEU C 225 3.25 -32.24 -15.09
C LEU C 225 2.09 -31.35 -15.52
N ASN C 226 0.99 -32.00 -15.92
CA ASN C 226 -0.24 -31.30 -16.29
C ASN C 226 0.02 -30.28 -17.40
N GLY C 227 0.80 -30.70 -18.41
CA GLY C 227 1.14 -29.87 -19.53
C GLY C 227 0.58 -30.42 -20.83
N SER C 228 0.58 -29.58 -21.85
CA SER C 228 0.11 -29.98 -23.16
C SER C 228 1.06 -31.00 -23.78
N LEU C 229 0.50 -32.03 -24.40
CA LEU C 229 1.30 -33.08 -25.01
C LEU C 229 1.82 -32.63 -26.37
N ALA C 230 2.86 -33.31 -26.84
CA ALA C 230 3.45 -33.03 -28.14
C ALA C 230 2.59 -33.65 -29.23
N GLU C 231 3.08 -33.64 -30.47
CA GLU C 231 2.34 -34.24 -31.58
C GLU C 231 3.32 -34.55 -32.70
N GLU C 232 3.36 -35.82 -33.11
CA GLU C 232 4.10 -36.36 -34.25
C GLU C 232 5.59 -36.48 -33.95
N GLU C 233 6.10 -35.95 -32.84
CA GLU C 233 7.52 -36.02 -32.55
C GLU C 233 7.74 -35.83 -31.05
N ILE C 234 8.93 -36.19 -30.60
CA ILE C 234 9.38 -35.89 -29.24
C ILE C 234 10.20 -34.61 -29.35
N ILE C 235 9.52 -33.47 -29.19
CA ILE C 235 10.16 -32.18 -29.39
C ILE C 235 11.22 -31.97 -28.31
N ILE C 236 12.41 -31.55 -28.73
CA ILE C 236 13.51 -31.24 -27.82
C ILE C 236 13.94 -29.81 -28.09
N ARG C 237 14.00 -29.01 -27.02
CA ARG C 237 14.28 -27.58 -27.13
C ARG C 237 15.35 -27.19 -26.11
N SER C 238 16.30 -26.37 -26.56
CA SER C 238 17.33 -25.83 -25.69
C SER C 238 17.95 -24.62 -26.39
N GLU C 239 18.48 -23.69 -25.59
CA GLU C 239 19.05 -22.49 -26.15
C GLU C 239 20.22 -22.82 -27.07
N ASN C 240 21.08 -23.73 -26.65
CA ASN C 240 22.21 -24.17 -27.48
C ASN C 240 22.63 -25.56 -27.04
N LEU C 241 22.59 -26.51 -27.97
CA LEU C 241 22.92 -27.89 -27.63
C LEU C 241 24.38 -28.01 -27.18
N THR C 242 25.29 -27.31 -27.87
CA THR C 242 26.70 -27.42 -27.54
C THR C 242 26.98 -26.92 -26.12
N ASP C 243 26.38 -25.80 -25.74
CA ASP C 243 26.60 -25.26 -24.41
C ASP C 243 26.04 -26.20 -23.35
N ASN C 244 26.74 -26.26 -22.21
CA ASN C 244 26.37 -27.15 -21.11
C ASN C 244 25.54 -26.46 -20.04
N VAL C 245 25.75 -25.16 -19.83
CA VAL C 245 25.02 -24.45 -18.79
C VAL C 245 23.53 -24.46 -19.07
N LYS C 246 23.15 -24.23 -20.32
CA LYS C 246 21.74 -24.15 -20.68
C LYS C 246 21.07 -25.51 -20.51
N THR C 247 19.83 -25.49 -20.02
CA THR C 247 19.07 -26.71 -19.80
C THR C 247 18.49 -27.23 -21.11
N ILE C 248 18.03 -28.47 -21.08
CA ILE C 248 17.39 -29.12 -22.21
C ILE C 248 15.99 -29.52 -21.78
N ILE C 249 14.99 -29.13 -22.56
CA ILE C 249 13.58 -29.39 -22.26
C ILE C 249 13.09 -30.48 -23.19
N VAL C 250 12.54 -31.54 -22.62
CA VAL C 250 11.93 -32.62 -23.39
C VAL C 250 10.43 -32.37 -23.45
N HIS C 251 9.80 -32.93 -24.47
CA HIS C 251 8.35 -32.75 -24.66
C HIS C 251 7.82 -34.06 -25.24
N LEU C 252 7.07 -34.80 -24.44
CA LEU C 252 6.65 -36.16 -24.80
C LEU C 252 5.28 -36.12 -25.47
N ASN C 253 5.16 -36.83 -26.59
CA ASN C 253 3.88 -36.93 -27.29
C ASN C 253 2.92 -37.86 -26.57
N GLU C 254 3.43 -38.85 -25.84
CA GLU C 254 2.62 -39.77 -25.06
C GLU C 254 2.92 -39.53 -23.58
N SER C 255 1.92 -39.01 -22.87
CA SER C 255 2.11 -38.70 -21.46
C SER C 255 2.17 -39.98 -20.63
N VAL C 256 2.80 -39.87 -19.46
CA VAL C 256 2.93 -40.96 -18.51
C VAL C 256 2.15 -40.60 -17.26
N GLU C 257 1.23 -41.46 -16.86
CA GLU C 257 0.35 -41.20 -15.73
C GLU C 257 1.09 -41.46 -14.43
N ILE C 258 1.21 -40.45 -13.59
CA ILE C 258 1.81 -40.57 -12.26
C ILE C 258 0.77 -40.09 -11.25
N THR C 259 0.41 -40.97 -10.32
CA THR C 259 -0.56 -40.65 -9.28
C THR C 259 -0.10 -41.29 -7.98
N CYS C 260 -0.22 -40.54 -6.88
CA CYS C 260 0.19 -41.08 -5.60
C CYS C 260 -0.49 -40.31 -4.49
N THR C 261 -0.62 -40.98 -3.34
CA THR C 261 -1.29 -40.44 -2.17
C THR C 261 -0.45 -40.73 -0.93
N ARG C 262 -0.59 -39.88 0.07
CA ARG C 262 0.03 -40.10 1.37
C ARG C 262 -0.98 -40.79 2.27
N PRO C 263 -0.70 -41.98 2.80
CA PRO C 263 -1.74 -42.71 3.55
C PRO C 263 -1.96 -42.19 4.96
N ASN C 264 -1.04 -41.41 5.52
CA ASN C 264 -1.18 -40.96 6.89
C ASN C 264 -2.37 -40.00 7.02
N ASN C 265 -2.95 -39.98 8.22
CA ASN C 265 -4.06 -39.11 8.55
C ASN C 265 -3.59 -38.10 9.60
N MET C 266 -3.79 -36.82 9.30
CA MET C 266 -3.28 -35.74 10.14
C MET C 266 -4.39 -35.21 11.04
N THR C 267 -4.05 -34.18 11.83
CA THR C 267 -5.01 -33.52 12.70
C THR C 267 -4.65 -32.05 12.78
N ARG C 268 -5.67 -31.22 13.00
CA ARG C 268 -5.53 -29.77 13.00
C ARG C 268 -5.52 -29.26 14.43
N LYS C 269 -4.55 -28.38 14.73
CA LYS C 269 -4.45 -27.74 16.04
C LYS C 269 -4.16 -26.26 15.84
N SER C 270 -4.67 -25.44 16.76
CA SER C 270 -4.55 -24.00 16.69
C SER C 270 -3.72 -23.51 17.88
N VAL C 271 -2.65 -22.77 17.59
CA VAL C 271 -1.81 -22.13 18.59
C VAL C 271 -1.71 -20.66 18.24
N ARG C 272 -1.68 -19.81 19.27
CA ARG C 272 -2.02 -18.40 19.12
C ARG C 272 -0.97 -17.54 19.81
N ILE C 273 -0.64 -16.41 19.17
CA ILE C 273 0.51 -15.61 19.59
C ILE C 273 0.18 -14.14 19.78
N GLY C 274 -0.91 -13.61 19.21
CA GLY C 274 -1.21 -12.21 19.31
C GLY C 274 -2.70 -11.95 19.29
N PRO C 275 -3.10 -10.67 19.29
CA PRO C 275 -4.52 -10.34 19.31
C PRO C 275 -5.20 -10.65 17.98
N GLY C 276 -6.05 -11.68 17.96
CA GLY C 276 -6.74 -12.06 16.75
C GLY C 276 -5.89 -12.76 15.72
N GLN C 277 -4.65 -13.10 16.06
CA GLN C 277 -3.73 -13.78 15.15
C GLN C 277 -3.58 -15.22 15.58
N THR C 278 -3.93 -16.14 14.67
CA THR C 278 -3.85 -17.57 14.93
C THR C 278 -3.17 -18.26 13.77
N PHE C 279 -2.43 -19.33 14.07
CA PHE C 279 -1.79 -20.15 13.06
C PHE C 279 -2.06 -21.61 13.37
N TYR C 280 -1.96 -22.43 12.33
CA TYR C 280 -2.29 -23.86 12.41
C TYR C 280 -1.01 -24.66 12.32
N ALA C 281 -0.80 -25.54 13.30
CA ALA C 281 0.35 -26.43 13.34
C ALA C 281 -0.14 -27.87 13.42
N LEU C 282 0.72 -28.79 12.96
CA LEU C 282 0.38 -30.19 12.98
C LEU C 282 0.10 -30.65 14.41
N GLY C 283 -1.10 -31.15 14.66
CA GLY C 283 -1.54 -31.45 16.01
C GLY C 283 -1.25 -32.86 16.48
N ASP C 284 -1.69 -33.85 15.70
CA ASP C 284 -1.57 -35.23 16.13
C ASP C 284 -1.62 -36.14 14.90
N ILE C 285 -1.18 -37.38 15.10
CA ILE C 285 -1.19 -38.41 14.06
C ILE C 285 -2.23 -39.45 14.45
N ILE C 286 -3.09 -39.80 13.50
CA ILE C 286 -4.16 -40.77 13.72
C ILE C 286 -3.79 -42.06 13.02
N GLY C 287 -3.87 -43.17 13.75
CA GLY C 287 -3.56 -44.46 13.19
C GLY C 287 -2.06 -44.74 13.17
N ASP C 288 -1.71 -45.89 12.60
CA ASP C 288 -0.31 -46.26 12.49
C ASP C 288 0.42 -45.34 11.54
N ILE C 289 1.64 -44.96 11.92
CA ILE C 289 2.44 -44.09 11.07
C ILE C 289 2.94 -44.89 9.87
N ARG C 290 2.74 -44.33 8.67
CA ARG C 290 3.14 -44.97 7.43
C ARG C 290 3.87 -43.97 6.56
N GLN C 291 4.97 -44.41 5.97
CA GLN C 291 5.83 -43.51 5.21
C GLN C 291 5.22 -43.25 3.84
N PRO C 292 4.96 -42.00 3.46
CA PRO C 292 4.37 -41.74 2.14
C PRO C 292 5.34 -42.08 1.01
N HIS C 293 4.77 -42.36 -0.15
CA HIS C 293 5.53 -42.79 -1.31
C HIS C 293 4.77 -42.39 -2.57
N CYS C 294 5.35 -42.69 -3.73
CA CYS C 294 4.66 -42.47 -5.00
C CYS C 294 4.95 -43.63 -5.95
N ASN C 295 4.02 -43.86 -6.86
CA ASN C 295 4.03 -45.03 -7.73
C ASN C 295 4.06 -44.62 -9.20
N ILE C 296 4.94 -45.25 -9.96
CA ILE C 296 5.05 -45.06 -11.40
C ILE C 296 5.16 -46.44 -12.05
N SER C 297 4.71 -46.55 -13.30
CA SER C 297 4.78 -47.82 -14.01
C SER C 297 6.21 -48.14 -14.42
N GLU C 298 6.55 -49.43 -14.36
CA GLU C 298 7.85 -49.92 -14.82
C GLU C 298 7.95 -49.92 -16.35
N ILE C 299 7.11 -50.71 -17.01
CA ILE C 299 7.28 -50.95 -18.44
C ILE C 299 6.99 -49.68 -19.23
N LYS C 300 5.98 -48.91 -18.81
CA LYS C 300 5.60 -47.72 -19.56
C LYS C 300 6.71 -46.66 -19.51
N TRP C 301 7.25 -46.42 -18.31
CA TRP C 301 8.27 -45.38 -18.16
C TRP C 301 9.54 -45.74 -18.92
N GLU C 302 9.95 -47.02 -18.89
CA GLU C 302 11.18 -47.40 -19.54
C GLU C 302 11.12 -47.14 -21.04
N LYS C 303 9.98 -47.45 -21.68
CA LYS C 303 9.84 -47.15 -23.09
C LYS C 303 9.83 -45.65 -23.35
N THR C 304 9.34 -44.86 -22.38
CA THR C 304 9.35 -43.40 -22.56
C THR C 304 10.77 -42.87 -22.64
N LEU C 305 11.66 -43.37 -21.79
CA LEU C 305 13.05 -42.92 -21.84
C LEU C 305 13.77 -43.45 -23.08
N GLN C 306 13.42 -44.65 -23.55
CA GLN C 306 14.03 -45.18 -24.76
C GLN C 306 13.75 -44.28 -25.95
N ARG C 307 12.50 -43.83 -26.08
CA ARG C 307 12.17 -42.90 -27.16
C ARG C 307 12.93 -41.58 -27.00
N VAL C 308 13.04 -41.09 -25.76
CA VAL C 308 13.79 -39.86 -25.52
C VAL C 308 15.26 -40.06 -25.88
N SER C 309 15.83 -41.21 -25.50
CA SER C 309 17.23 -41.46 -25.80
C SER C 309 17.48 -41.47 -27.31
N GLU C 310 16.57 -42.08 -28.07
CA GLU C 310 16.73 -42.10 -29.52
C GLU C 310 16.73 -40.69 -30.09
N LYS C 311 15.82 -39.84 -29.62
CA LYS C 311 15.75 -38.47 -30.13
C LYS C 311 17.01 -37.69 -29.77
N LEU C 312 17.55 -37.92 -28.58
CA LEU C 312 18.77 -37.22 -28.19
C LEU C 312 19.97 -37.67 -29.00
N ARG C 313 19.97 -38.92 -29.47
CA ARG C 313 21.16 -39.48 -30.11
C ARG C 313 21.48 -38.73 -31.40
N GLU C 314 20.47 -38.43 -32.22
CA GLU C 314 20.73 -37.81 -33.52
C GLU C 314 21.30 -36.41 -33.40
N HIS C 315 21.09 -35.73 -32.26
CA HIS C 315 21.65 -34.41 -32.07
C HIS C 315 23.09 -34.43 -31.56
N PHE C 316 23.59 -35.60 -31.15
CA PHE C 316 24.96 -35.72 -30.62
C PHE C 316 25.78 -36.80 -31.31
N ASN C 317 25.17 -37.81 -31.91
CA ASN C 317 25.89 -38.90 -32.58
C ASN C 317 26.74 -39.69 -31.59
N LYS C 318 26.30 -39.75 -30.34
CA LYS C 318 26.99 -40.52 -29.31
C LYS C 318 25.95 -41.23 -28.46
N THR C 319 26.39 -42.32 -27.80
CA THR C 319 25.49 -43.06 -26.95
C THR C 319 25.01 -42.20 -25.79
N ILE C 320 23.73 -42.31 -25.48
CA ILE C 320 23.09 -41.50 -24.45
C ILE C 320 22.97 -42.33 -23.18
N ILE C 321 23.36 -41.76 -22.04
CA ILE C 321 23.29 -42.41 -20.75
C ILE C 321 22.66 -41.43 -19.76
N PHE C 322 22.01 -41.98 -18.74
CA PHE C 322 21.35 -41.21 -17.71
C PHE C 322 21.94 -41.52 -16.34
N ASN C 323 21.93 -40.52 -15.46
CA ASN C 323 22.40 -40.70 -14.09
C ASN C 323 21.70 -39.70 -13.19
N GLN C 324 21.72 -39.98 -11.89
CA GLN C 324 21.02 -39.17 -10.92
C GLN C 324 21.63 -37.76 -10.87
N SER C 325 20.95 -36.89 -10.11
CA SER C 325 21.41 -35.52 -9.95
C SER C 325 22.72 -35.46 -9.18
N SER C 326 23.58 -34.51 -9.56
CA SER C 326 24.87 -34.38 -8.90
C SER C 326 24.72 -34.04 -7.42
N GLY C 327 23.84 -33.12 -7.11
CA GLY C 327 23.62 -32.73 -5.73
C GLY C 327 23.16 -31.29 -5.64
N GLY C 328 22.97 -30.83 -4.41
CA GLY C 328 22.57 -29.48 -4.13
C GLY C 328 21.48 -29.46 -3.08
N ASP C 329 20.81 -28.31 -2.96
CA ASP C 329 19.73 -28.18 -2.01
C ASP C 329 18.57 -29.10 -2.40
N LEU C 330 17.67 -29.33 -1.44
CA LEU C 330 16.59 -30.28 -1.64
C LEU C 330 15.60 -29.84 -2.73
N GLU C 331 15.64 -28.57 -3.14
CA GLU C 331 14.66 -28.07 -4.11
C GLU C 331 14.81 -28.76 -5.46
N ILE C 332 16.05 -28.95 -5.91
CA ILE C 332 16.31 -29.47 -7.25
C ILE C 332 16.66 -30.96 -7.24
N THR C 333 17.43 -31.40 -6.24
CA THR C 333 17.85 -32.79 -6.20
C THR C 333 16.69 -33.76 -6.02
N THR C 334 15.52 -33.28 -5.63
CA THR C 334 14.34 -34.11 -5.44
C THR C 334 13.17 -33.51 -6.20
N HIS C 335 12.36 -34.39 -6.80
CA HIS C 335 11.18 -33.93 -7.53
C HIS C 335 10.22 -33.24 -6.58
N SER C 336 9.70 -32.09 -7.00
CA SER C 336 8.82 -31.27 -6.19
C SER C 336 7.60 -30.84 -7.00
N PHE C 337 6.48 -30.64 -6.30
CA PHE C 337 5.24 -30.27 -6.96
C PHE C 337 4.22 -29.91 -5.89
N ASN C 338 3.03 -29.51 -6.32
CA ASN C 338 1.91 -29.21 -5.44
C ASN C 338 0.86 -30.30 -5.59
N CYS C 339 0.40 -30.82 -4.45
CA CYS C 339 -0.62 -31.88 -4.45
C CYS C 339 -1.58 -31.59 -3.30
N GLY C 340 -2.76 -31.08 -3.64
CA GLY C 340 -3.80 -30.87 -2.63
C GLY C 340 -3.37 -29.98 -1.48
N GLY C 341 -2.64 -28.92 -1.78
CA GLY C 341 -2.19 -28.01 -0.75
C GLY C 341 -0.97 -28.45 0.02
N GLU C 342 -0.33 -29.55 -0.39
CA GLU C 342 0.86 -30.06 0.27
C GLU C 342 2.05 -30.01 -0.68
N PHE C 343 3.23 -29.79 -0.13
CA PHE C 343 4.46 -29.69 -0.90
C PHE C 343 5.30 -30.95 -0.68
N PHE C 344 5.79 -31.52 -1.77
CA PHE C 344 6.55 -32.76 -1.75
C PHE C 344 7.96 -32.52 -2.25
N TYR C 345 8.88 -33.39 -1.81
CA TYR C 345 10.26 -33.39 -2.27
C TYR C 345 10.68 -34.85 -2.35
N CYS C 346 10.61 -35.43 -3.56
CA CYS C 346 10.78 -36.86 -3.72
C CYS C 346 12.02 -37.21 -4.53
N ASN C 347 12.55 -38.40 -4.24
CA ASN C 347 13.88 -38.78 -4.70
C ASN C 347 13.97 -38.82 -6.21
N THR C 348 12.97 -39.42 -6.87
CA THR C 348 12.96 -39.65 -8.32
C THR C 348 14.32 -40.08 -8.84
N SER C 349 15.00 -40.97 -8.09
CA SER C 349 16.32 -41.46 -8.48
C SER C 349 16.26 -42.81 -9.18
N ASP C 350 15.26 -43.64 -8.88
CA ASP C 350 15.14 -44.93 -9.57
C ASP C 350 14.94 -44.75 -11.08
N LEU C 351 14.42 -43.59 -11.50
CA LEU C 351 14.16 -43.35 -12.92
C LEU C 351 15.41 -42.97 -13.69
N PHE C 352 16.48 -42.52 -13.01
CA PHE C 352 17.69 -42.04 -13.68
C PHE C 352 18.93 -42.60 -12.99
N PHE C 353 18.96 -43.90 -12.76
CA PHE C 353 20.09 -44.57 -12.13
C PHE C 353 20.46 -45.80 -12.93
N ASN C 354 21.70 -45.84 -13.43
CA ASN C 354 22.19 -46.94 -14.26
C ASN C 354 21.31 -47.15 -15.50
N LYS C 355 20.65 -46.09 -15.95
CA LYS C 355 19.68 -46.21 -17.05
C LYS C 355 20.33 -46.00 -18.41
N THR C 356 21.42 -46.73 -18.67
CA THR C 356 22.02 -46.75 -20.00
C THR C 356 21.19 -47.65 -20.90
N PHE C 357 20.88 -47.17 -22.10
CA PHE C 357 19.97 -47.85 -23.01
C PHE C 357 20.75 -48.63 -24.06
N ASN C 358 20.25 -49.83 -24.37
CA ASN C 358 20.95 -50.75 -25.26
C ASN C 358 20.74 -50.32 -26.70
N GLU C 359 21.80 -49.83 -27.33
CA GLU C 359 21.77 -49.44 -28.74
C GLU C 359 20.68 -48.39 -29.00
N THR C 368 4.86 -56.63 -17.82
CA THR C 368 4.75 -56.97 -16.40
C THR C 368 3.77 -56.06 -15.70
N ASN C 369 3.54 -56.31 -14.41
CA ASN C 369 2.61 -55.54 -13.58
C ASN C 369 3.30 -55.06 -12.32
N SER C 370 4.50 -54.49 -12.48
CA SER C 370 5.28 -53.96 -11.38
C SER C 370 5.39 -52.44 -11.54
N THR C 371 5.55 -51.75 -10.41
CA THR C 371 5.60 -50.30 -10.36
C THR C 371 6.92 -49.83 -9.76
N ILE C 372 7.12 -48.52 -9.80
CA ILE C 372 8.31 -47.88 -9.24
C ILE C 372 7.90 -47.20 -7.93
N THR C 373 8.56 -47.56 -6.85
CA THR C 373 8.32 -46.94 -5.55
C THR C 373 9.33 -45.82 -5.33
N LEU C 374 8.83 -44.64 -4.98
CA LEU C 374 9.64 -43.44 -4.80
C LEU C 374 9.35 -42.86 -3.43
N PRO C 375 9.91 -43.44 -2.37
CA PRO C 375 9.63 -42.92 -1.02
C PRO C 375 10.08 -41.49 -0.86
N CYS C 376 9.30 -40.71 -0.13
CA CYS C 376 9.63 -39.31 0.10
C CYS C 376 8.76 -38.78 1.24
N ARG C 377 8.98 -37.50 1.58
CA ARG C 377 8.32 -36.89 2.73
C ARG C 377 7.87 -35.48 2.33
N ILE C 378 7.40 -34.72 3.32
CA ILE C 378 6.75 -33.43 3.10
C ILE C 378 7.45 -32.39 3.96
N LYS C 379 7.58 -31.18 3.44
CA LYS C 379 8.19 -30.05 4.13
C LYS C 379 7.16 -28.95 4.34
N GLN C 380 7.20 -28.30 5.50
CA GLN C 380 6.27 -27.23 5.82
C GLN C 380 6.82 -25.87 5.40
N ILE C 381 7.99 -25.50 5.92
CA ILE C 381 8.62 -24.23 5.56
C ILE C 381 9.28 -24.39 4.20
N ILE C 382 8.87 -23.57 3.24
CA ILE C 382 9.26 -23.70 1.84
C ILE C 382 9.87 -22.39 1.36
N ASN C 383 11.03 -22.48 0.72
CA ASN C 383 11.68 -21.31 0.11
C ASN C 383 11.35 -21.21 -1.37
N MET C 384 10.06 -21.25 -1.71
CA MET C 384 9.67 -21.11 -3.10
C MET C 384 9.89 -19.68 -3.59
N TRP C 385 9.98 -19.52 -4.91
CA TRP C 385 10.33 -18.24 -5.52
C TRP C 385 11.65 -17.73 -4.95
N GLN C 386 12.72 -18.43 -5.33
CA GLN C 386 13.99 -18.34 -4.62
C GLN C 386 14.62 -16.96 -4.82
N GLU C 387 13.99 -15.95 -4.23
CA GLU C 387 14.53 -14.60 -4.14
C GLU C 387 14.77 -14.28 -2.68
N VAL C 388 15.90 -13.62 -2.39
CA VAL C 388 16.29 -13.36 -1.01
C VAL C 388 15.24 -12.50 -0.32
N GLY C 389 15.00 -12.79 0.96
CA GLY C 389 14.18 -11.92 1.79
C GLY C 389 13.10 -12.59 2.61
N ARG C 390 12.44 -13.63 2.09
CA ARG C 390 11.28 -14.18 2.76
C ARG C 390 11.11 -15.64 2.42
N ALA C 391 10.28 -16.32 3.23
CA ALA C 391 9.93 -17.71 3.04
C ALA C 391 8.42 -17.88 3.20
N MET C 392 7.94 -19.12 3.24
CA MET C 392 6.52 -19.41 3.42
C MET C 392 6.34 -20.60 4.33
N TYR C 393 5.13 -20.73 4.86
CA TYR C 393 4.72 -21.85 5.71
C TYR C 393 3.38 -22.38 5.22
N ALA C 394 3.31 -23.69 5.00
CA ALA C 394 2.09 -24.32 4.50
C ALA C 394 1.34 -24.96 5.66
N PRO C 395 0.15 -24.48 6.02
CA PRO C 395 -0.56 -25.10 7.15
C PRO C 395 -0.93 -26.53 6.82
N PRO C 396 -1.01 -27.40 7.82
CA PRO C 396 -1.42 -28.78 7.57
C PRO C 396 -2.93 -28.89 7.39
N ILE C 397 -3.34 -30.00 6.79
CA ILE C 397 -4.75 -30.29 6.53
C ILE C 397 -5.04 -31.72 6.96
N ALA C 398 -6.17 -31.89 7.66
CA ALA C 398 -6.58 -33.22 8.09
C ALA C 398 -7.08 -34.03 6.91
N GLY C 399 -6.88 -35.33 6.97
CA GLY C 399 -7.31 -36.21 5.91
C GLY C 399 -6.25 -36.39 4.84
N ASN C 400 -6.28 -37.55 4.20
CA ASN C 400 -5.29 -37.85 3.18
C ASN C 400 -5.61 -37.08 1.89
N ILE C 401 -4.60 -36.98 1.02
CA ILE C 401 -4.70 -36.26 -0.23
C ILE C 401 -4.39 -37.20 -1.38
N THR C 402 -5.18 -37.11 -2.45
CA THR C 402 -5.01 -37.90 -3.65
C THR C 402 -4.89 -36.96 -4.84
N CYS C 403 -3.87 -37.17 -5.68
CA CYS C 403 -3.68 -36.35 -6.86
C CYS C 403 -3.09 -37.21 -7.96
N LYS C 404 -3.74 -37.22 -9.11
CA LYS C 404 -3.28 -37.94 -10.29
C LYS C 404 -2.86 -36.93 -11.34
N SER C 405 -1.62 -37.04 -11.82
CA SER C 405 -1.06 -36.11 -12.78
C SER C 405 -0.39 -36.89 -13.91
N ASN C 406 -0.23 -36.21 -15.04
CA ASN C 406 0.34 -36.79 -16.25
C ASN C 406 1.66 -36.10 -16.56
N ILE C 407 2.71 -36.89 -16.76
CA ILE C 407 4.04 -36.35 -17.01
C ILE C 407 4.13 -35.97 -18.48
N THR C 408 4.47 -34.71 -18.74
CA THR C 408 4.61 -34.18 -20.10
C THR C 408 5.86 -33.32 -20.15
N GLY C 409 6.98 -33.93 -20.50
CA GLY C 409 8.24 -33.22 -20.63
C GLY C 409 9.15 -33.42 -19.42
N LEU C 410 10.44 -33.27 -19.67
CA LEU C 410 11.47 -33.43 -18.64
C LEU C 410 12.50 -32.33 -18.79
N LEU C 411 13.19 -32.04 -17.68
CA LEU C 411 14.29 -31.09 -17.66
C LEU C 411 15.59 -31.85 -17.42
N LEU C 412 16.57 -31.63 -18.30
CA LEU C 412 17.83 -32.36 -18.26
C LEU C 412 18.99 -31.40 -18.44
N THR C 413 20.15 -31.81 -17.95
CA THR C 413 21.37 -31.02 -18.04
C THR C 413 22.52 -31.94 -18.42
N ARG C 414 23.14 -31.68 -19.57
CA ARG C 414 24.26 -32.49 -20.03
C ARG C 414 25.45 -32.32 -19.10
N ASP C 415 26.18 -33.42 -18.88
CA ASP C 415 27.37 -33.35 -18.04
C ASP C 415 28.43 -32.46 -18.67
N GLY C 416 28.66 -32.59 -19.98
CA GLY C 416 29.68 -31.81 -20.65
C GLY C 416 31.07 -32.11 -20.12
N GLY C 417 31.53 -33.34 -20.35
CA GLY C 417 32.83 -33.77 -19.85
C GLY C 417 33.91 -33.78 -20.91
N GLY C 418 33.92 -32.76 -21.75
CA GLY C 418 34.94 -32.66 -22.78
C GLY C 418 34.67 -33.60 -23.94
N ASN C 419 35.73 -33.86 -24.72
CA ASN C 419 35.65 -34.69 -25.91
C ASN C 419 35.58 -36.16 -25.50
N ASN C 420 34.43 -36.54 -24.95
CA ASN C 420 34.23 -37.91 -24.49
C ASN C 420 34.26 -38.86 -25.67
N SER C 421 34.69 -40.09 -25.41
CA SER C 421 34.82 -41.09 -26.47
C SER C 421 33.49 -41.36 -27.14
N THR C 422 32.53 -41.94 -26.39
CA THR C 422 31.23 -42.27 -26.94
C THR C 422 30.09 -42.01 -25.96
N LYS C 423 30.34 -41.49 -24.77
CA LYS C 423 29.34 -41.37 -23.73
C LYS C 423 29.06 -39.90 -23.43
N GLU C 424 27.77 -39.59 -23.26
CA GLU C 424 27.29 -38.23 -23.02
C GLU C 424 26.27 -38.23 -21.88
N THR C 425 26.67 -38.82 -20.75
CA THR C 425 25.80 -39.02 -19.59
C THR C 425 24.95 -37.78 -19.30
N PHE C 426 23.67 -38.00 -19.07
CA PHE C 426 22.70 -36.95 -18.79
C PHE C 426 22.20 -37.06 -17.36
N ARG C 427 21.84 -35.91 -16.78
CA ARG C 427 21.31 -35.85 -15.42
C ARG C 427 20.09 -34.93 -15.39
N PRO C 428 19.18 -35.15 -14.44
CA PRO C 428 18.03 -34.24 -14.33
C PRO C 428 18.34 -33.02 -13.48
N GLY C 429 17.37 -32.12 -13.35
CA GLY C 429 17.54 -30.93 -12.54
C GLY C 429 17.04 -29.68 -13.22
N GLY C 430 16.21 -28.91 -12.54
CA GLY C 430 15.67 -27.69 -13.09
C GLY C 430 16.64 -26.52 -12.96
N GLY C 431 17.24 -26.12 -14.09
CA GLY C 431 18.21 -25.04 -14.03
C GLY C 431 17.59 -23.73 -13.60
N ASN C 432 16.38 -23.44 -14.07
CA ASN C 432 15.70 -22.19 -13.72
C ASN C 432 14.21 -22.49 -13.69
N MET C 433 13.49 -21.77 -12.83
CA MET C 433 12.05 -21.98 -12.71
C MET C 433 11.31 -21.50 -13.95
N ARG C 434 11.86 -20.53 -14.66
CA ARG C 434 11.18 -19.96 -15.83
C ARG C 434 10.95 -21.01 -16.91
N ASP C 435 11.77 -22.05 -16.95
CA ASP C 435 11.62 -23.09 -17.96
C ASP C 435 10.33 -23.90 -17.78
N ASN C 436 9.67 -23.79 -16.63
CA ASN C 436 8.42 -24.51 -16.43
C ASN C 436 7.35 -24.02 -17.41
N TRP C 437 7.28 -22.70 -17.63
CA TRP C 437 6.28 -22.13 -18.52
C TRP C 437 6.75 -21.98 -19.95
N ARG C 438 8.06 -22.05 -20.20
CA ARG C 438 8.55 -21.96 -21.57
C ARG C 438 8.10 -23.16 -22.41
N SER C 439 7.83 -24.29 -21.75
CA SER C 439 7.37 -25.47 -22.49
C SER C 439 6.04 -25.22 -23.17
N GLU C 440 5.12 -24.54 -22.48
CA GLU C 440 3.78 -24.29 -23.01
C GLU C 440 3.68 -23.01 -23.83
N LEU C 441 4.73 -22.20 -23.89
CA LEU C 441 4.72 -20.94 -24.62
C LEU C 441 5.70 -20.95 -25.79
N TYR C 442 6.16 -22.13 -26.21
CA TYR C 442 7.14 -22.21 -27.29
C TYR C 442 6.58 -21.75 -28.63
N LYS C 443 5.25 -21.68 -28.78
CA LYS C 443 4.61 -21.21 -30.01
C LYS C 443 3.66 -20.08 -29.64
N TYR C 444 4.20 -18.86 -29.55
CA TYR C 444 3.44 -17.66 -29.23
C TYR C 444 4.34 -16.46 -29.43
N LYS C 445 3.75 -15.35 -29.84
CA LYS C 445 4.50 -14.11 -30.02
C LYS C 445 3.53 -12.95 -30.12
N VAL C 446 3.67 -11.98 -29.23
CA VAL C 446 2.88 -10.75 -29.30
C VAL C 446 3.44 -9.88 -30.41
N VAL C 447 2.57 -9.11 -31.07
CA VAL C 447 2.99 -8.26 -32.17
C VAL C 447 1.95 -7.16 -32.36
N GLU C 448 2.43 -5.98 -32.77
CA GLU C 448 1.58 -4.82 -33.02
C GLU C 448 1.26 -4.72 -34.51
N VAL C 449 0.04 -4.30 -34.82
CA VAL C 449 -0.45 -4.21 -36.19
C VAL C 449 -0.69 -2.74 -36.51
N LYS C 450 -0.16 -2.30 -37.65
CA LYS C 450 -0.34 -0.93 -38.13
C LYS C 450 -1.33 -0.93 -39.29
N PRO C 451 -2.53 -0.34 -39.17
CA PRO C 451 -3.50 -0.45 -40.26
C PRO C 451 -3.37 0.63 -41.32
N LEU C 452 -2.24 1.33 -41.34
CA LEU C 452 -2.03 2.44 -42.27
C LEU C 452 -1.01 2.05 -43.34
N GLY C 453 -1.22 2.57 -44.55
CA GLY C 453 -0.31 2.33 -45.65
C GLY C 453 -0.49 3.38 -46.73
N ILE C 454 0.51 3.48 -47.59
CA ILE C 454 0.52 4.47 -48.66
C ILE C 454 0.87 3.73 -49.96
N ALA C 455 -0.16 3.31 -50.69
CA ALA C 455 -0.01 2.49 -51.88
C ALA C 455 -0.04 3.35 -53.14
N PRO C 456 0.35 2.78 -54.29
CA PRO C 456 0.22 3.54 -55.55
C PRO C 456 -1.12 3.33 -56.23
N THR C 457 -1.79 4.43 -56.58
CA THR C 457 -3.03 4.37 -57.33
C THR C 457 -3.11 5.60 -58.23
N GLU C 458 -3.92 5.50 -59.27
CA GLU C 458 -4.13 6.59 -60.21
C GLU C 458 -5.24 7.54 -59.77
N CYS C 459 -5.96 7.22 -58.69
CA CYS C 459 -7.02 8.09 -58.21
C CYS C 459 -6.45 9.41 -57.73
N ASN C 460 -7.12 10.50 -58.07
CA ASN C 460 -6.70 11.84 -57.67
C ASN C 460 -7.94 12.67 -57.36
N ARG C 461 -7.95 13.30 -56.18
CA ARG C 461 -9.12 14.02 -55.73
C ARG C 461 -9.37 15.25 -56.60
N THR C 462 -10.65 15.55 -56.80
CA THR C 462 -11.06 16.69 -57.61
C THR C 462 -10.57 17.99 -56.99
N GLN D 1 36.91 -2.91 -7.33
CA GLN D 1 36.23 -3.36 -6.09
C GLN D 1 35.92 -4.85 -6.16
N VAL D 2 35.73 -5.36 -7.37
CA VAL D 2 35.43 -6.78 -7.56
C VAL D 2 36.71 -7.58 -7.44
N GLN D 3 36.73 -8.54 -6.51
CA GLN D 3 37.90 -9.37 -6.28
C GLN D 3 37.47 -10.66 -5.60
N LEU D 4 38.34 -11.65 -5.66
CA LEU D 4 38.07 -12.97 -5.08
C LEU D 4 39.21 -13.35 -4.15
N LEU D 5 38.87 -13.74 -2.93
CA LEU D 5 39.85 -14.28 -2.01
C LEU D 5 40.13 -15.75 -2.34
N GLN D 6 41.18 -16.28 -1.73
CA GLN D 6 41.58 -17.66 -1.99
C GLN D 6 42.27 -18.22 -0.74
N SER D 7 42.15 -19.53 -0.56
CA SER D 7 42.77 -20.18 0.57
C SER D 7 44.26 -20.36 0.35
N GLY D 8 44.98 -20.63 1.44
CA GLY D 8 46.41 -20.83 1.33
C GLY D 8 46.76 -22.21 0.80
N ALA D 9 47.97 -22.31 0.27
CA ALA D 9 48.45 -23.58 -0.27
C ALA D 9 48.63 -24.60 0.86
N ALA D 10 48.23 -25.85 0.58
CA ALA D 10 48.37 -26.92 1.55
C ALA D 10 48.80 -28.19 0.82
N VAL D 11 49.46 -29.08 1.56
CA VAL D 11 49.96 -30.34 1.04
C VAL D 11 49.42 -31.47 1.91
N THR D 12 48.95 -32.54 1.29
CA THR D 12 48.36 -33.68 1.99
C THR D 12 48.90 -34.97 1.41
N LYS D 13 48.93 -36.00 2.25
CA LYS D 13 49.39 -37.32 1.83
C LYS D 13 48.37 -37.96 0.88
N PRO D 14 48.81 -38.91 0.06
CA PRO D 14 47.87 -39.57 -0.86
C PRO D 14 46.75 -40.27 -0.10
N GLY D 15 45.56 -40.24 -0.68
CA GLY D 15 44.39 -40.83 -0.07
C GLY D 15 43.64 -39.93 0.89
N ALA D 16 44.18 -38.75 1.19
CA ALA D 16 43.55 -37.81 2.09
C ALA D 16 42.56 -36.94 1.30
N SER D 17 42.08 -35.87 1.90
CA SER D 17 41.20 -34.92 1.25
C SER D 17 41.71 -33.50 1.51
N VAL D 18 41.42 -32.60 0.58
CA VAL D 18 41.85 -31.21 0.67
C VAL D 18 40.63 -30.31 0.45
N ARG D 19 40.71 -29.11 1.01
CA ARG D 19 39.64 -28.13 0.94
C ARG D 19 40.19 -26.82 0.39
N VAL D 20 39.53 -26.27 -0.61
CA VAL D 20 39.93 -25.02 -1.24
C VAL D 20 38.72 -24.07 -1.21
N SER D 21 38.94 -22.85 -0.72
CA SER D 21 37.87 -21.89 -0.48
C SER D 21 38.03 -20.69 -1.40
N CYS D 22 36.94 -20.31 -2.06
CA CYS D 22 36.88 -19.12 -2.90
C CYS D 22 35.73 -18.25 -2.42
N GLU D 23 35.98 -16.93 -2.34
CA GLU D 23 34.98 -15.98 -1.88
C GLU D 23 34.76 -14.90 -2.92
N ALA D 24 33.51 -14.47 -3.07
CA ALA D 24 33.14 -13.39 -3.97
C ALA D 24 32.24 -12.42 -3.22
N SER D 25 32.60 -11.13 -3.24
CA SER D 25 31.88 -10.12 -2.48
C SER D 25 31.60 -8.82 -3.22
N GLY D 26 32.21 -8.58 -4.38
CA GLY D 26 32.12 -7.30 -5.04
C GLY D 26 31.00 -7.14 -6.04
N TYR D 27 30.07 -8.09 -6.11
CA TYR D 27 29.00 -8.03 -7.12
C TYR D 27 27.84 -8.89 -6.64
N ASN D 28 26.78 -8.93 -7.46
CA ASN D 28 25.62 -9.77 -7.19
C ASN D 28 25.97 -11.19 -7.60
N ILE D 29 26.31 -12.01 -6.60
CA ILE D 29 26.80 -13.36 -6.89
C ILE D 29 25.73 -14.22 -7.54
N ARG D 30 24.47 -14.03 -7.16
CA ARG D 30 23.42 -14.93 -7.63
C ARG D 30 23.18 -14.85 -9.13
N ASP D 31 23.63 -13.78 -9.78
CA ASP D 31 23.37 -13.57 -11.19
C ASP D 31 24.48 -14.07 -12.11
N TYR D 32 25.57 -14.62 -11.56
CA TYR D 32 26.70 -15.08 -12.34
C TYR D 32 27.15 -16.45 -11.86
N PHE D 33 27.53 -17.31 -12.80
CA PHE D 33 28.02 -18.63 -12.47
C PHE D 33 29.47 -18.56 -11.99
N ILE D 34 29.92 -19.66 -11.38
CA ILE D 34 31.30 -19.80 -10.92
C ILE D 34 31.84 -21.10 -11.49
N HIS D 35 33.06 -21.05 -12.03
CA HIS D 35 33.70 -22.20 -12.65
C HIS D 35 35.05 -22.44 -11.99
N TRP D 36 35.51 -23.69 -12.05
CA TRP D 36 36.77 -24.10 -11.46
C TRP D 36 37.68 -24.69 -12.53
N TRP D 37 38.96 -24.35 -12.46
CA TRP D 37 39.94 -24.82 -13.43
C TRP D 37 41.17 -25.33 -12.70
N ARG D 38 41.86 -26.28 -13.32
CA ARG D 38 43.07 -26.89 -12.77
C ARG D 38 44.23 -26.66 -13.73
N GLN D 39 45.39 -26.30 -13.17
CA GLN D 39 46.58 -26.00 -13.95
C GLN D 39 47.72 -26.87 -13.43
N ALA D 40 47.84 -28.08 -13.96
CA ALA D 40 48.94 -28.94 -13.58
C ALA D 40 50.21 -28.53 -14.33
N PRO D 41 51.39 -28.79 -13.77
CA PRO D 41 52.63 -28.44 -14.49
C PRO D 41 52.75 -29.22 -15.79
N GLY D 42 53.33 -28.57 -16.79
CA GLY D 42 53.67 -29.22 -18.03
C GLY D 42 52.55 -29.31 -19.06
N GLN D 43 51.37 -28.79 -18.75
CA GLN D 43 50.25 -28.84 -19.69
C GLN D 43 49.29 -27.70 -19.39
N GLY D 44 48.36 -27.48 -20.32
CA GLY D 44 47.44 -26.37 -20.22
C GLY D 44 46.34 -26.59 -19.19
N LEU D 45 45.41 -25.64 -19.17
CA LEU D 45 44.33 -25.69 -18.20
C LEU D 45 43.44 -26.90 -18.43
N GLN D 46 42.87 -27.40 -17.34
CA GLN D 46 41.93 -28.51 -17.38
C GLN D 46 40.66 -28.11 -16.65
N TRP D 47 39.51 -28.37 -17.27
CA TRP D 47 38.24 -27.98 -16.69
C TRP D 47 37.90 -28.87 -15.50
N VAL D 48 37.12 -28.32 -14.56
CA VAL D 48 36.69 -29.02 -13.36
C VAL D 48 35.16 -29.03 -13.23
N GLY D 49 34.54 -27.89 -13.45
CA GLY D 49 33.08 -27.82 -13.37
C GLY D 49 32.65 -26.43 -12.93
N TRP D 50 31.33 -26.29 -12.76
CA TRP D 50 30.74 -25.05 -12.29
C TRP D 50 29.68 -25.35 -11.24
N ILE D 51 29.42 -24.36 -10.40
CA ILE D 51 28.39 -24.42 -9.37
C ILE D 51 27.50 -23.19 -9.50
N ASN D 52 26.20 -23.40 -9.55
CA ASN D 52 25.26 -22.29 -9.70
C ASN D 52 24.99 -21.68 -8.33
N PRO D 53 25.31 -20.39 -8.11
CA PRO D 53 25.05 -19.81 -6.78
C PRO D 53 23.60 -19.83 -6.37
N LYS D 54 22.67 -19.69 -7.32
CA LYS D 54 21.25 -19.68 -6.96
C LYS D 54 20.85 -20.98 -6.29
N THR D 55 21.31 -22.11 -6.84
CA THR D 55 21.07 -23.42 -6.26
C THR D 55 22.32 -24.27 -6.51
N GLY D 56 22.81 -24.91 -5.45
CA GLY D 56 24.10 -25.57 -5.54
C GLY D 56 24.07 -26.83 -6.38
N GLN D 57 23.86 -26.67 -7.68
CA GLN D 57 23.83 -27.81 -8.61
C GLN D 57 25.18 -27.88 -9.32
N PRO D 58 26.04 -28.84 -9.00
CA PRO D 58 27.33 -28.93 -9.70
C PRO D 58 27.18 -29.56 -11.07
N ASN D 59 28.28 -29.53 -11.82
CA ASN D 59 28.35 -30.19 -13.12
C ASN D 59 29.82 -30.42 -13.43
N ASN D 60 30.23 -31.67 -13.53
CA ASN D 60 31.64 -32.03 -13.56
C ASN D 60 31.90 -33.02 -14.69
N PRO D 61 33.12 -33.05 -15.23
CA PRO D 61 33.46 -34.09 -16.22
C PRO D 61 33.50 -35.47 -15.59
N ARG D 62 33.60 -36.48 -16.45
CA ARG D 62 33.69 -37.85 -15.95
C ARG D 62 35.02 -38.15 -15.29
N GLN D 63 36.08 -37.42 -15.63
CA GLN D 63 37.39 -37.72 -15.05
C GLN D 63 37.37 -37.56 -13.54
N PHE D 64 36.74 -36.49 -13.05
CA PHE D 64 36.59 -36.25 -11.62
C PHE D 64 35.21 -36.63 -11.09
N GLN D 65 34.34 -37.20 -11.92
CA GLN D 65 32.99 -37.49 -11.47
C GLN D 65 32.99 -38.48 -10.32
N GLY D 66 32.15 -38.22 -9.34
CA GLY D 66 32.03 -39.08 -8.17
C GLY D 66 32.97 -38.73 -7.03
N ARG D 67 33.96 -37.89 -7.26
CA ARG D 67 34.91 -37.49 -6.22
C ARG D 67 34.81 -36.01 -5.89
N VAL D 68 34.96 -35.12 -6.87
CA VAL D 68 34.86 -33.69 -6.60
C VAL D 68 33.42 -33.31 -6.32
N SER D 69 33.22 -32.53 -5.26
CA SER D 69 31.88 -32.05 -4.88
C SER D 69 31.99 -30.55 -4.61
N LEU D 70 31.17 -29.77 -5.30
CA LEU D 70 31.17 -28.33 -5.16
C LEU D 70 29.99 -27.91 -4.29
N THR D 71 30.26 -27.05 -3.30
CA THR D 71 29.25 -26.61 -2.35
C THR D 71 29.38 -25.11 -2.15
N ARG D 72 28.23 -24.46 -1.91
CA ARG D 72 28.17 -23.04 -1.64
C ARG D 72 27.60 -22.82 -0.24
N HIS D 73 28.02 -21.73 0.39
CA HIS D 73 27.54 -21.39 1.73
C HIS D 73 27.55 -19.87 1.86
N ALA D 74 26.36 -19.26 1.80
CA ALA D 74 26.26 -17.83 1.95
C ALA D 74 26.55 -17.41 3.40
N SER D 75 26.95 -16.16 3.56
CA SER D 75 27.24 -15.61 4.88
C SER D 75 25.91 -15.29 5.57
N TRP D 76 25.98 -14.62 6.72
CA TRP D 76 24.76 -14.21 7.41
C TRP D 76 23.88 -13.35 6.50
N ASP D 77 24.46 -12.31 5.92
CA ASP D 77 23.81 -11.56 4.87
C ASP D 77 24.09 -12.22 3.52
N PHE D 78 23.26 -11.89 2.54
CA PHE D 78 23.41 -12.48 1.21
C PHE D 78 24.54 -11.79 0.44
N ASP D 79 25.74 -11.81 1.02
CA ASP D 79 26.92 -11.23 0.41
C ASP D 79 28.13 -12.03 0.87
N THR D 80 29.23 -11.92 0.11
CA THR D 80 30.47 -12.62 0.43
C THR D 80 30.26 -14.13 0.42
N TYR D 81 29.64 -14.63 -0.65
CA TYR D 81 29.43 -16.06 -0.77
C TYR D 81 30.77 -16.79 -0.84
N SER D 82 30.83 -17.95 -0.20
CA SER D 82 32.03 -18.78 -0.18
C SER D 82 31.77 -20.06 -0.97
N PHE D 83 32.64 -20.33 -1.94
CA PHE D 83 32.53 -21.52 -2.79
C PHE D 83 33.65 -22.48 -2.43
N TYR D 84 33.31 -23.72 -2.14
CA TYR D 84 34.26 -24.73 -1.69
C TYR D 84 34.46 -25.78 -2.77
N MET D 85 35.43 -26.66 -2.53
CA MET D 85 35.71 -27.74 -3.48
C MET D 85 36.43 -28.86 -2.73
N ASP D 86 35.78 -30.01 -2.60
CA ASP D 86 36.34 -31.16 -1.89
C ASP D 86 36.38 -32.37 -2.83
N LEU D 87 37.49 -33.11 -2.77
CA LEU D 87 37.64 -34.34 -3.53
C LEU D 87 38.17 -35.43 -2.60
N LYS D 88 37.71 -36.66 -2.81
CA LYS D 88 37.98 -37.74 -1.86
C LYS D 88 39.36 -38.34 -2.06
N ALA D 89 39.60 -38.93 -3.23
CA ALA D 89 40.82 -39.67 -3.50
C ALA D 89 41.77 -38.82 -4.34
N LEU D 90 43.03 -38.75 -3.91
CA LEU D 90 44.08 -38.02 -4.61
C LEU D 90 45.07 -39.02 -5.20
N ARG D 91 45.32 -38.89 -6.50
CA ARG D 91 46.26 -39.75 -7.20
C ARG D 91 47.67 -39.13 -7.12
N SER D 92 48.65 -39.86 -7.64
CA SER D 92 50.02 -39.36 -7.69
C SER D 92 50.18 -38.23 -8.70
N ASP D 93 49.23 -38.04 -9.61
CA ASP D 93 49.32 -37.03 -10.66
C ASP D 93 48.33 -35.89 -10.48
N ASP D 94 47.77 -35.73 -9.28
CA ASP D 94 46.81 -34.68 -9.01
C ASP D 94 47.46 -33.36 -8.61
N THR D 95 48.80 -33.32 -8.53
CA THR D 95 49.48 -32.07 -8.18
C THR D 95 49.19 -31.01 -9.25
N ALA D 96 48.61 -29.90 -8.83
CA ALA D 96 48.25 -28.83 -9.76
C ALA D 96 47.82 -27.62 -8.93
N VAL D 97 47.43 -26.56 -9.63
CA VAL D 97 46.95 -25.33 -9.02
C VAL D 97 45.51 -25.11 -9.47
N TYR D 98 44.62 -24.88 -8.52
CA TYR D 98 43.19 -24.76 -8.79
C TYR D 98 42.77 -23.30 -8.74
N PHE D 99 42.05 -22.85 -9.76
CA PHE D 99 41.61 -21.47 -9.90
C PHE D 99 40.11 -21.37 -9.66
N CYS D 100 39.65 -20.13 -9.51
CA CYS D 100 38.25 -19.81 -9.26
C CYS D 100 37.86 -18.65 -10.15
N ALA D 101 36.93 -18.89 -11.07
CA ALA D 101 36.58 -17.94 -12.12
C ALA D 101 35.10 -17.57 -12.04
N ARG D 102 34.64 -16.82 -13.04
CA ARG D 102 33.25 -16.38 -13.11
C ARG D 102 32.84 -16.28 -14.57
N GLN D 103 31.60 -16.68 -14.85
CA GLN D 103 31.02 -16.64 -16.19
C GLN D 103 29.95 -15.55 -16.23
N ARG D 104 29.78 -14.95 -17.42
CA ARG D 104 28.83 -13.86 -17.56
C ARG D 104 28.42 -13.70 -19.02
N SER D 105 27.27 -13.05 -19.21
CA SER D 105 26.83 -12.56 -20.51
C SER D 105 26.74 -13.67 -21.55
N ASP D 106 26.40 -14.89 -21.13
CA ASP D 106 26.19 -16.04 -22.01
C ASP D 106 27.48 -16.51 -22.67
N TYR D 107 28.61 -15.86 -22.41
CA TYR D 107 29.88 -16.19 -23.04
C TYR D 107 30.82 -16.74 -21.98
N TRP D 108 31.55 -17.81 -22.34
CA TRP D 108 32.50 -18.39 -21.40
C TRP D 108 33.73 -17.51 -21.31
N ASP D 109 33.57 -16.31 -20.77
CA ASP D 109 34.64 -15.36 -20.55
C ASP D 109 34.83 -15.13 -19.05
N PHE D 110 36.07 -15.17 -18.61
CA PHE D 110 36.42 -15.15 -17.18
C PHE D 110 37.25 -13.90 -16.90
N ASP D 111 36.58 -12.81 -16.53
CA ASP D 111 37.27 -11.56 -16.26
C ASP D 111 37.85 -11.49 -14.85
N VAL D 112 37.43 -12.37 -13.95
CA VAL D 112 37.91 -12.39 -12.57
C VAL D 112 38.42 -13.79 -12.26
N TRP D 113 39.60 -13.86 -11.66
CA TRP D 113 40.23 -15.14 -11.33
C TRP D 113 40.81 -15.06 -9.93
N GLY D 114 40.91 -16.23 -9.29
CA GLY D 114 41.51 -16.32 -7.98
C GLY D 114 43.03 -16.44 -8.05
N SER D 115 43.67 -16.21 -6.90
CA SER D 115 45.12 -16.30 -6.83
C SER D 115 45.63 -17.72 -7.05
N GLY D 116 44.82 -18.72 -6.75
CA GLY D 116 45.22 -20.11 -6.93
C GLY D 116 45.80 -20.71 -5.66
N THR D 117 45.69 -22.04 -5.57
CA THR D 117 46.19 -22.81 -4.44
C THR D 117 47.00 -23.98 -4.97
N GLN D 118 48.24 -24.10 -4.52
CA GLN D 118 49.14 -25.15 -4.97
C GLN D 118 49.10 -26.32 -3.99
N VAL D 119 48.79 -27.51 -4.51
CA VAL D 119 48.61 -28.69 -3.68
C VAL D 119 49.40 -29.85 -4.28
N THR D 120 50.05 -30.61 -3.42
CA THR D 120 50.83 -31.79 -3.81
C THR D 120 50.07 -33.05 -3.41
N VAL D 121 50.73 -34.19 -3.59
CA VAL D 121 50.17 -35.48 -3.21
C VAL D 121 51.26 -36.36 -2.64
N ASP E 1 31.30 -32.10 -32.90
CA ASP E 1 31.77 -31.72 -31.53
C ASP E 1 32.82 -30.62 -31.63
N ILE E 2 33.19 -30.06 -30.47
CA ILE E 2 34.16 -28.97 -30.44
C ILE E 2 35.53 -29.48 -30.89
N GLN E 3 36.20 -28.70 -31.72
CA GLN E 3 37.53 -29.02 -32.22
C GLN E 3 38.47 -27.87 -31.92
N MET E 4 39.71 -28.21 -31.57
CA MET E 4 40.71 -27.22 -31.18
C MET E 4 42.02 -27.50 -31.92
N THR E 5 42.75 -26.43 -32.21
CA THR E 5 44.03 -26.55 -32.89
C THR E 5 44.86 -25.29 -32.62
N GLN E 6 46.12 -25.49 -32.23
CA GLN E 6 47.09 -24.41 -32.04
C GLN E 6 48.35 -24.83 -32.79
N SER E 7 48.41 -24.47 -34.08
CA SER E 7 49.48 -24.98 -34.94
C SER E 7 50.87 -24.55 -34.49
N PRO E 8 51.16 -23.27 -34.20
CA PRO E 8 52.57 -22.89 -33.97
C PRO E 8 53.17 -23.54 -32.74
N SER E 9 52.54 -23.33 -31.58
CA SER E 9 52.98 -23.90 -30.31
C SER E 9 54.24 -23.21 -29.77
N SER E 10 54.84 -22.32 -30.55
CA SER E 10 56.04 -21.61 -30.13
C SER E 10 56.35 -20.50 -31.14
N LEU E 11 56.62 -19.29 -30.66
CA LEU E 11 56.92 -18.17 -31.54
C LEU E 11 57.89 -17.22 -30.85
N SER E 12 58.98 -16.90 -31.54
CA SER E 12 60.00 -15.99 -31.03
C SER E 12 60.19 -14.87 -32.04
N ALA E 13 59.85 -13.64 -31.64
CA ALA E 13 59.92 -12.49 -32.52
C ALA E 13 60.56 -11.32 -31.79
N SER E 14 61.15 -10.41 -32.57
CA SER E 14 61.82 -9.25 -32.00
C SER E 14 60.80 -8.31 -31.34
N VAL E 15 61.31 -7.23 -30.77
CA VAL E 15 60.50 -6.25 -30.05
C VAL E 15 60.24 -5.07 -30.98
N GLY E 16 58.98 -4.62 -31.03
CA GLY E 16 58.59 -3.49 -31.84
C GLY E 16 58.05 -3.84 -33.21
N ASP E 17 58.19 -5.10 -33.64
CA ASP E 17 57.68 -5.53 -34.93
C ASP E 17 56.22 -5.98 -34.78
N THR E 18 55.67 -6.56 -35.83
CA THR E 18 54.30 -7.07 -35.82
C THR E 18 54.35 -8.59 -35.65
N VAL E 19 53.62 -9.09 -34.65
CA VAL E 19 53.62 -10.50 -34.31
C VAL E 19 52.18 -10.94 -34.07
N THR E 20 51.88 -12.19 -34.42
CA THR E 20 50.55 -12.74 -34.26
C THR E 20 50.65 -14.24 -34.04
N ILE E 21 49.58 -14.81 -33.50
CA ILE E 21 49.49 -16.24 -33.22
C ILE E 21 48.19 -16.77 -33.82
N THR E 22 48.20 -18.06 -34.15
CA THR E 22 47.13 -18.70 -34.90
C THR E 22 46.42 -19.74 -34.04
N CYS E 23 45.10 -19.64 -33.96
CA CYS E 23 44.27 -20.64 -33.30
C CYS E 23 43.07 -20.93 -34.17
N GLN E 24 42.78 -22.21 -34.38
CA GLN E 24 41.65 -22.65 -35.20
C GLN E 24 40.71 -23.48 -34.33
N ALA E 25 39.42 -23.15 -34.36
CA ALA E 25 38.42 -23.86 -33.58
C ALA E 25 37.04 -23.39 -34.03
N ASN E 26 36.01 -24.10 -33.57
CA ASN E 26 34.63 -23.78 -33.85
C ASN E 26 33.92 -23.40 -32.56
N GLY E 27 33.06 -22.38 -32.64
CA GLY E 27 32.36 -21.87 -31.49
C GLY E 27 33.00 -20.60 -30.96
N TYR E 28 32.37 -20.04 -29.93
CA TYR E 28 32.88 -18.81 -29.34
C TYR E 28 34.28 -19.02 -28.78
N LEU E 29 35.13 -18.02 -28.96
CA LEU E 29 36.53 -18.09 -28.62
C LEU E 29 36.95 -16.87 -27.81
N ASN E 30 37.83 -17.08 -26.84
CA ASN E 30 38.35 -16.00 -26.01
C ASN E 30 39.86 -16.19 -25.86
N TRP E 31 40.56 -15.08 -25.64
CA TRP E 31 42.00 -15.07 -25.46
C TRP E 31 42.35 -14.64 -24.05
N TYR E 32 43.42 -15.23 -23.51
CA TYR E 32 43.83 -14.97 -22.14
C TYR E 32 45.33 -14.76 -22.07
N GLN E 33 45.75 -14.00 -21.05
CA GLN E 33 47.15 -13.68 -20.80
C GLN E 33 47.56 -14.32 -19.49
N GLN E 34 48.38 -15.37 -19.56
CA GLN E 34 48.83 -16.10 -18.39
C GLN E 34 50.33 -15.87 -18.19
N ARG E 35 50.69 -15.41 -17.00
CA ARG E 35 52.09 -15.21 -16.63
C ARG E 35 52.60 -16.48 -15.95
N ARG E 36 53.78 -16.38 -15.34
CA ARG E 36 54.38 -17.52 -14.64
C ARG E 36 53.82 -17.58 -13.23
N GLY E 37 52.88 -18.49 -13.00
CA GLY E 37 52.29 -18.68 -11.69
C GLY E 37 51.19 -17.70 -11.33
N LYS E 38 50.82 -16.80 -12.23
CA LYS E 38 49.77 -15.82 -11.99
C LYS E 38 48.49 -16.21 -12.73
N ALA E 39 47.37 -15.68 -12.26
CA ALA E 39 46.09 -16.01 -12.84
C ALA E 39 46.00 -15.47 -14.27
N PRO E 40 45.33 -16.18 -15.17
CA PRO E 40 45.14 -15.64 -16.53
C PRO E 40 44.31 -14.37 -16.52
N LYS E 41 44.57 -13.50 -17.49
CA LYS E 41 43.84 -12.26 -17.66
C LYS E 41 43.18 -12.24 -19.04
N LEU E 42 41.92 -11.80 -19.08
CA LEU E 42 41.16 -11.77 -20.32
C LEU E 42 41.57 -10.57 -21.15
N LEU E 43 41.90 -10.81 -22.43
CA LEU E 43 42.29 -9.75 -23.35
C LEU E 43 41.13 -9.34 -24.27
N ILE E 44 40.59 -10.29 -25.03
CA ILE E 44 39.49 -10.03 -25.94
C ILE E 44 38.55 -11.21 -25.94
N TYR E 45 37.25 -10.92 -25.98
CA TYR E 45 36.20 -11.93 -25.96
C TYR E 45 35.34 -11.80 -27.22
N ASP E 46 34.49 -12.80 -27.43
CA ASP E 46 33.62 -12.85 -28.60
C ASP E 46 34.42 -12.80 -29.90
N GLY E 47 35.66 -13.27 -29.87
CA GLY E 47 36.51 -13.29 -31.05
C GLY E 47 37.28 -12.01 -31.30
N SER E 48 36.59 -10.87 -31.31
CA SER E 48 37.21 -9.59 -31.63
C SER E 48 36.89 -8.47 -30.66
N LYS E 49 35.85 -8.59 -29.84
CA LYS E 49 35.50 -7.49 -28.94
C LYS E 49 36.59 -7.27 -27.91
N LEU E 50 36.82 -6.01 -27.57
CA LEU E 50 37.86 -5.63 -26.63
C LEU E 50 37.29 -5.53 -25.22
N GLU E 51 38.17 -5.72 -24.24
CA GLU E 51 37.84 -5.64 -22.83
C GLU E 51 38.22 -4.28 -22.28
N ARG E 52 37.54 -3.87 -21.21
CA ARG E 52 37.85 -2.60 -20.55
C ARG E 52 39.06 -2.76 -19.66
N GLY E 53 40.09 -1.96 -19.93
CA GLY E 53 41.31 -1.99 -19.14
C GLY E 53 42.54 -2.43 -19.92
N VAL E 54 42.38 -3.45 -20.76
CA VAL E 54 43.49 -3.91 -21.59
C VAL E 54 43.83 -2.83 -22.61
N PRO E 55 45.10 -2.58 -22.93
CA PRO E 55 45.42 -1.54 -23.92
C PRO E 55 44.84 -1.90 -25.29
N SER E 56 44.56 -0.85 -26.06
CA SER E 56 43.94 -1.01 -27.38
C SER E 56 44.87 -1.69 -28.37
N ARG E 57 46.16 -1.84 -28.05
CA ARG E 57 47.08 -2.49 -28.97
C ARG E 57 46.63 -3.91 -29.30
N PHE E 58 46.21 -4.66 -28.28
CA PHE E 58 45.70 -6.01 -28.50
C PHE E 58 44.47 -5.97 -29.39
N SER E 59 44.43 -6.82 -30.41
CA SER E 59 43.30 -6.87 -31.32
C SER E 59 43.29 -8.22 -32.03
N GLY E 60 42.12 -8.56 -32.57
CA GLY E 60 41.96 -9.80 -33.29
C GLY E 60 40.96 -9.63 -34.42
N ARG E 61 40.83 -10.71 -35.17
CA ARG E 61 39.99 -10.64 -36.38
C ARG E 61 39.23 -11.95 -36.48
N ARG E 62 37.92 -11.86 -36.72
CA ARG E 62 37.12 -13.09 -36.89
C ARG E 62 37.02 -13.40 -38.38
N TRP E 63 37.64 -14.49 -38.84
CA TRP E 63 37.44 -14.87 -40.25
C TRP E 63 36.95 -16.32 -40.35
N GLY E 64 35.66 -16.52 -40.58
CA GLY E 64 35.15 -17.89 -40.77
C GLY E 64 35.51 -18.79 -39.61
N GLN E 65 36.28 -19.86 -39.85
CA GLN E 65 36.71 -20.69 -38.73
C GLN E 65 38.14 -20.38 -38.32
N GLU E 66 38.76 -19.33 -38.87
CA GLU E 66 40.13 -18.95 -38.56
C GLU E 66 40.10 -17.72 -37.65
N TYR E 67 40.86 -17.79 -36.56
CA TYR E 67 40.92 -16.72 -35.57
C TYR E 67 42.34 -16.17 -35.50
N ASN E 68 42.46 -14.86 -35.65
CA ASN E 68 43.74 -14.16 -35.56
C ASN E 68 43.92 -13.57 -34.16
N LEU E 69 45.13 -13.07 -33.92
CA LEU E 69 45.41 -12.27 -32.72
C LEU E 69 46.56 -11.34 -33.09
N THR E 70 46.23 -10.10 -33.42
CA THR E 70 47.22 -9.13 -33.87
C THR E 70 47.87 -8.46 -32.66
N ILE E 71 49.20 -8.50 -32.61
CA ILE E 71 49.98 -7.85 -31.55
C ILE E 71 50.95 -6.90 -32.23
N ASN E 72 50.85 -5.62 -31.88
CA ASN E 72 51.70 -4.59 -32.46
C ASN E 72 52.16 -3.65 -31.34
N ASN E 73 53.31 -3.00 -31.57
CA ASN E 73 53.88 -2.06 -30.62
C ASN E 73 54.11 -2.74 -29.26
N LEU E 74 55.03 -3.70 -29.27
CA LEU E 74 55.33 -4.46 -28.07
C LEU E 74 56.03 -3.59 -27.03
N GLN E 75 55.68 -3.81 -25.77
CA GLN E 75 56.30 -3.20 -24.61
C GLN E 75 56.61 -4.29 -23.61
N PRO E 76 57.53 -4.06 -22.67
CA PRO E 76 57.79 -5.07 -21.65
C PRO E 76 56.58 -5.25 -20.75
N GLU E 77 56.49 -6.45 -20.15
CA GLU E 77 55.35 -6.96 -19.39
C GLU E 77 54.26 -7.49 -20.32
N ASP E 78 54.42 -7.38 -21.64
CA ASP E 78 53.49 -7.99 -22.60
C ASP E 78 53.94 -9.37 -23.04
N ILE E 79 55.08 -9.86 -22.54
CA ILE E 79 55.60 -11.17 -22.92
C ILE E 79 55.09 -12.18 -21.89
N ALA E 80 54.12 -12.99 -22.30
CA ALA E 80 53.55 -14.03 -21.45
C ALA E 80 52.87 -15.06 -22.35
N THR E 81 52.22 -16.03 -21.75
CA THR E 81 51.60 -17.12 -22.49
C THR E 81 50.24 -16.71 -23.03
N TYR E 82 49.94 -17.15 -24.25
CA TYR E 82 48.67 -16.89 -24.91
C TYR E 82 48.01 -18.21 -25.24
N PHE E 83 46.70 -18.31 -24.97
CA PHE E 83 45.94 -19.48 -25.38
C PHE E 83 44.50 -19.08 -25.67
N CYS E 84 43.90 -19.79 -26.62
CA CYS E 84 42.51 -19.58 -27.01
C CYS E 84 41.61 -20.55 -26.28
N GLN E 85 40.50 -20.04 -25.73
CA GLN E 85 39.66 -20.79 -24.81
C GLN E 85 38.24 -20.92 -25.37
N VAL E 86 37.84 -22.10 -25.83
CA VAL E 86 36.42 -22.27 -26.22
C VAL E 86 35.72 -22.65 -24.90
N TYR E 87 34.40 -22.82 -24.80
CA TYR E 87 33.69 -23.25 -23.55
C TYR E 87 34.57 -24.26 -22.69
N GLU E 88 35.02 -25.43 -23.10
CA GLU E 88 35.57 -26.43 -22.18
C GLU E 88 36.98 -26.89 -22.52
N PHE E 89 37.49 -26.56 -23.71
CA PHE E 89 38.78 -27.06 -24.18
C PHE E 89 39.78 -25.92 -24.22
N VAL E 90 40.94 -26.14 -23.62
CA VAL E 90 42.00 -25.14 -23.60
C VAL E 90 43.33 -25.84 -23.85
N VAL E 91 43.83 -25.76 -25.08
CA VAL E 91 45.09 -26.39 -25.46
C VAL E 91 46.24 -25.57 -24.86
N PRO E 92 47.43 -26.14 -24.73
CA PRO E 92 48.55 -25.37 -24.15
C PRO E 92 48.85 -24.13 -24.98
N GLY E 93 49.23 -23.06 -24.29
CA GLY E 93 49.48 -21.79 -24.94
C GLY E 93 50.83 -21.73 -25.61
N THR E 94 51.05 -20.61 -26.31
CA THR E 94 52.28 -20.35 -27.03
C THR E 94 53.02 -19.18 -26.39
N ARG E 95 54.34 -19.26 -26.37
CA ARG E 95 55.19 -18.28 -25.72
C ARG E 95 55.71 -17.25 -26.71
N LEU E 96 55.91 -16.03 -26.21
CA LEU E 96 56.39 -14.90 -26.99
C LEU E 96 57.70 -14.38 -26.39
N ASP E 97 58.63 -15.29 -26.10
CA ASP E 97 59.84 -14.94 -25.38
C ASP E 97 60.60 -13.81 -26.06
N LEU E 98 61.10 -14.05 -27.26
CA LEU E 98 61.84 -13.04 -28.01
C LEU E 98 62.08 -13.50 -29.44
N GLY F 4 -11.63 0.77 -30.39
CA GLY F 4 -11.80 0.05 -29.14
C GLY F 4 -11.86 -1.45 -29.33
N LEU F 5 -12.92 -1.91 -29.99
CA LEU F 5 -13.07 -3.34 -30.24
C LEU F 5 -11.91 -3.85 -31.08
N GLY F 6 -11.33 -4.97 -30.67
CA GLY F 6 -10.19 -5.53 -31.37
C GLY F 6 -10.52 -6.38 -32.57
N ALA F 7 -11.80 -6.74 -32.74
CA ALA F 7 -12.18 -7.57 -33.88
C ALA F 7 -11.91 -6.85 -35.20
N VAL F 8 -12.19 -5.54 -35.26
CA VAL F 8 -11.96 -4.78 -36.48
C VAL F 8 -10.47 -4.80 -36.83
N PHE F 9 -9.60 -4.74 -35.81
CA PHE F 9 -8.17 -4.85 -36.06
C PHE F 9 -7.80 -6.24 -36.58
N LEU F 10 -8.47 -7.28 -36.08
CA LEU F 10 -8.18 -8.64 -36.52
C LEU F 10 -8.43 -8.81 -38.01
N GLY F 11 -9.56 -8.27 -38.50
CA GLY F 11 -9.93 -8.51 -39.89
C GLY F 11 -8.89 -8.01 -40.87
N PHE F 12 -8.15 -6.96 -40.51
CA PHE F 12 -7.09 -6.48 -41.39
C PHE F 12 -5.99 -7.52 -41.54
N LEU F 13 -5.67 -8.23 -40.45
CA LEU F 13 -4.65 -9.27 -40.51
C LEU F 13 -5.05 -10.42 -41.43
N GLY F 14 -6.35 -10.62 -41.66
CA GLY F 14 -6.77 -11.65 -42.58
C GLY F 14 -6.20 -11.42 -43.97
N ALA F 15 -5.81 -12.51 -44.61
CA ALA F 15 -5.21 -12.45 -45.94
C ALA F 15 -3.96 -11.59 -45.95
N ALA F 16 -3.19 -11.66 -44.85
CA ALA F 16 -1.93 -10.91 -44.78
C ALA F 16 -0.95 -11.40 -45.84
N GLY F 17 -0.87 -12.71 -46.03
CA GLY F 17 0.02 -13.27 -47.04
C GLY F 17 -0.50 -13.18 -48.46
N SER F 18 -1.76 -12.79 -48.64
CA SER F 18 -2.32 -12.67 -49.98
C SER F 18 -1.62 -11.56 -50.75
N THR F 19 -1.62 -11.69 -52.08
CA THR F 19 -0.96 -10.72 -52.93
C THR F 19 -1.59 -9.33 -52.73
N MET F 20 -0.89 -8.32 -53.27
CA MET F 20 -1.36 -6.95 -53.13
C MET F 20 -2.77 -6.77 -53.67
N GLY F 21 -3.00 -7.21 -54.91
CA GLY F 21 -4.32 -7.08 -55.51
C GLY F 21 -5.35 -7.95 -54.82
N ALA F 22 -4.96 -9.15 -54.41
CA ALA F 22 -5.91 -10.08 -53.80
C ALA F 22 -6.48 -9.53 -52.50
N ALA F 23 -5.71 -8.70 -51.78
CA ALA F 23 -6.18 -8.17 -50.52
C ALA F 23 -7.44 -7.32 -50.70
N SER F 24 -7.44 -6.45 -51.73
CA SER F 24 -8.62 -5.63 -51.98
C SER F 24 -9.81 -6.48 -52.38
N ASN F 25 -9.59 -7.48 -53.24
CA ASN F 25 -10.69 -8.31 -53.71
C ASN F 25 -11.33 -9.08 -52.56
N THR F 26 -10.51 -9.66 -51.68
CA THR F 26 -11.02 -10.44 -50.56
C THR F 26 -11.46 -9.53 -49.42
N LEU F 58 -6.10 -1.72 -7.62
CA LEU F 58 -6.13 -2.29 -6.28
C LEU F 58 -5.27 -3.54 -6.19
N GLY F 59 -5.05 -4.20 -7.34
CA GLY F 59 -4.27 -5.41 -7.39
C GLY F 59 -3.58 -5.55 -8.74
N VAL F 60 -2.91 -6.68 -8.91
CA VAL F 60 -2.19 -6.94 -10.16
C VAL F 60 -3.17 -6.97 -11.33
N TRP F 61 -4.29 -7.67 -11.16
CA TRP F 61 -5.36 -7.69 -12.15
C TRP F 61 -6.30 -6.54 -11.84
N GLY F 62 -6.24 -5.49 -12.64
CA GLY F 62 -7.00 -4.27 -12.40
C GLY F 62 -6.15 -3.04 -12.63
N PHE F 63 -4.86 -3.13 -12.31
CA PHE F 63 -3.90 -2.09 -12.66
C PHE F 63 -3.27 -2.35 -14.02
N LYS F 64 -2.83 -3.60 -14.26
CA LYS F 64 -2.39 -3.97 -15.59
C LYS F 64 -3.53 -3.86 -16.59
N GLN F 65 -4.72 -4.29 -16.20
CA GLN F 65 -5.89 -4.15 -17.07
C GLN F 65 -6.17 -2.67 -17.36
N LEU F 66 -6.07 -1.83 -16.34
CA LEU F 66 -6.25 -0.40 -16.56
C LEU F 66 -5.16 0.15 -17.47
N GLN F 67 -3.91 -0.25 -17.24
CA GLN F 67 -2.82 0.21 -18.08
C GLN F 67 -3.00 -0.25 -19.52
N ALA F 68 -3.39 -1.51 -19.72
CA ALA F 68 -3.65 -2.01 -21.06
C ALA F 68 -4.83 -1.28 -21.69
N ARG F 69 -5.89 -1.04 -20.91
CA ARG F 69 -7.05 -0.34 -21.43
C ARG F 69 -6.70 1.06 -21.87
N VAL F 70 -5.88 1.78 -21.10
CA VAL F 70 -5.46 3.12 -21.48
C VAL F 70 -4.59 3.06 -22.73
N LEU F 71 -3.76 2.02 -22.85
CA LEU F 71 -2.96 1.86 -24.05
C LEU F 71 -3.84 1.55 -25.25
N ALA F 72 -4.87 0.72 -25.05
CA ALA F 72 -5.74 0.33 -26.15
C ALA F 72 -6.48 1.54 -26.72
N ILE F 73 -7.03 2.39 -25.85
CA ILE F 73 -7.78 3.54 -26.32
C ILE F 73 -6.85 4.56 -26.98
N GLU F 74 -5.64 4.71 -26.45
CA GLU F 74 -4.70 5.67 -27.02
C GLU F 74 -4.32 5.27 -28.44
N ARG F 75 -4.19 3.96 -28.69
CA ARG F 75 -3.78 3.49 -30.01
C ARG F 75 -4.79 3.89 -31.08
N TYR F 76 -6.09 3.78 -30.77
CA TYR F 76 -7.11 4.05 -31.78
C TYR F 76 -7.06 5.49 -32.25
N LEU F 77 -6.88 6.44 -31.34
CA LEU F 77 -6.87 7.85 -31.72
C LEU F 77 -5.65 8.20 -32.57
N GLU F 78 -4.57 7.44 -32.46
CA GLU F 78 -3.40 7.73 -33.29
C GLU F 78 -3.72 7.57 -34.76
N VAL F 79 -4.45 6.52 -35.12
CA VAL F 79 -4.87 6.34 -36.51
C VAL F 79 -5.88 7.41 -36.90
N GLN F 80 -6.84 7.68 -36.03
CA GLN F 80 -7.85 8.70 -36.34
C GLN F 80 -7.21 10.08 -36.45
N GLN F 81 -6.27 10.40 -35.56
CA GLN F 81 -5.65 11.71 -35.59
C GLN F 81 -4.92 11.94 -36.91
N LEU F 82 -4.14 10.95 -37.36
CA LEU F 82 -3.44 11.08 -38.64
C LEU F 82 -4.43 11.17 -39.80
N LEU F 83 -5.47 10.33 -39.79
CA LEU F 83 -6.45 10.37 -40.87
C LEU F 83 -7.22 11.69 -40.88
N GLY F 84 -7.58 12.20 -39.70
CA GLY F 84 -8.37 13.41 -39.64
C GLY F 84 -7.63 14.61 -40.22
N MET F 85 -6.32 14.69 -40.01
CA MET F 85 -5.54 15.82 -40.49
C MET F 85 -5.13 15.69 -41.95
N TRP F 86 -5.31 14.52 -42.55
CA TRP F 86 -5.03 14.32 -43.97
C TRP F 86 -6.26 14.48 -44.84
N GLY F 87 -7.39 14.89 -44.26
CA GLY F 87 -8.64 14.96 -44.99
C GLY F 87 -9.44 13.68 -45.01
N CYS F 88 -8.97 12.63 -44.33
CA CYS F 88 -9.67 11.36 -44.26
C CYS F 88 -10.60 11.39 -43.05
N SER F 89 -11.90 11.42 -43.29
CA SER F 89 -12.92 11.46 -42.24
C SER F 89 -13.79 10.21 -42.39
N GLY F 90 -13.42 9.15 -41.70
CA GLY F 90 -14.17 7.91 -41.77
C GLY F 90 -14.22 7.32 -43.16
N LYS F 91 -13.09 7.32 -43.87
CA LYS F 91 -12.99 6.79 -45.21
C LYS F 91 -12.04 5.60 -45.21
N LEU F 92 -12.51 4.46 -45.72
CA LEU F 92 -11.66 3.28 -45.80
C LEU F 92 -10.49 3.51 -46.77
N ILE F 93 -10.76 4.16 -47.90
CA ILE F 93 -9.74 4.47 -48.90
C ILE F 93 -9.84 5.95 -49.23
N CYS F 94 -8.70 6.64 -49.26
CA CYS F 94 -8.63 8.06 -49.52
C CYS F 94 -7.90 8.31 -50.84
N CYS F 95 -7.90 9.58 -51.25
CA CYS F 95 -7.18 10.02 -52.43
C CYS F 95 -6.70 11.45 -52.19
N THR F 96 -5.39 11.66 -52.25
CA THR F 96 -4.77 12.95 -52.04
C THR F 96 -4.29 13.53 -53.37
N ASN F 97 -3.62 14.67 -53.29
CA ASN F 97 -3.17 15.43 -54.46
C ASN F 97 -1.69 15.73 -54.37
N VAL F 98 -0.89 14.71 -54.05
CA VAL F 98 0.56 14.84 -53.98
C VAL F 98 1.20 13.75 -54.84
N PRO F 99 2.09 14.08 -55.78
CA PRO F 99 2.71 13.03 -56.60
C PRO F 99 3.92 12.40 -55.94
N TRP F 100 4.53 11.42 -56.59
CA TRP F 100 5.68 10.72 -56.05
C TRP F 100 6.98 11.43 -56.42
N ASN F 101 7.96 11.31 -55.53
CA ASN F 101 9.32 11.73 -55.80
C ASN F 101 10.10 10.56 -56.39
N SER F 102 10.89 10.84 -57.42
CA SER F 102 11.60 9.78 -58.13
C SER F 102 12.55 9.03 -57.20
N SER F 103 13.03 9.68 -56.14
CA SER F 103 13.98 9.03 -55.25
C SER F 103 13.33 7.91 -54.43
N TRP F 104 12.03 8.01 -54.17
CA TRP F 104 11.37 7.01 -53.34
C TRP F 104 11.41 5.64 -53.99
N SER F 105 11.03 5.55 -55.26
CA SER F 105 11.02 4.28 -55.97
C SER F 105 10.67 4.54 -57.43
N ASN F 106 11.10 3.62 -58.30
CA ASN F 106 10.83 3.69 -59.74
C ASN F 106 10.28 2.33 -60.18
N LYS F 107 8.98 2.16 -60.03
CA LYS F 107 8.30 0.94 -60.47
C LYS F 107 6.90 1.32 -60.93
N THR F 108 6.33 0.48 -61.79
CA THR F 108 5.01 0.72 -62.35
C THR F 108 3.96 -0.12 -61.62
N TYR F 109 2.73 -0.05 -62.14
CA TYR F 109 1.58 -0.59 -61.40
C TYR F 109 1.62 -2.11 -61.33
N ASN F 110 1.88 -2.78 -62.46
CA ASN F 110 1.64 -4.21 -62.54
C ASN F 110 2.54 -4.99 -61.57
N GLU F 111 3.82 -4.64 -61.48
CA GLU F 111 4.71 -5.36 -60.57
C GLU F 111 4.29 -5.15 -59.12
N ILE F 112 3.95 -3.91 -58.75
CA ILE F 112 3.65 -3.60 -57.35
C ILE F 112 2.39 -4.34 -56.90
N TRP F 113 1.36 -4.33 -57.73
CA TRP F 113 0.03 -4.77 -57.32
C TRP F 113 -0.25 -6.23 -57.64
N ASP F 114 0.70 -6.96 -58.22
CA ASP F 114 0.49 -8.37 -58.54
C ASP F 114 1.71 -9.24 -58.28
N ASN F 115 2.79 -8.71 -57.73
CA ASN F 115 4.00 -9.48 -57.47
C ASN F 115 4.45 -9.42 -56.02
N MET F 116 4.32 -8.26 -55.37
CA MET F 116 4.78 -8.07 -54.01
C MET F 116 3.60 -8.15 -53.03
N THR F 117 3.94 -8.18 -51.75
CA THR F 117 2.96 -8.24 -50.66
C THR F 117 3.21 -7.06 -49.73
N TRP F 118 2.20 -6.77 -48.89
CA TRP F 118 2.28 -5.61 -48.02
C TRP F 118 3.51 -5.65 -47.11
N MET F 119 4.02 -6.84 -46.83
CA MET F 119 5.12 -6.96 -45.88
C MET F 119 6.42 -6.43 -46.46
N GLN F 120 6.93 -7.07 -47.51
CA GLN F 120 8.19 -6.63 -48.11
C GLN F 120 8.02 -5.31 -48.83
N TRP F 121 6.82 -5.03 -49.34
CA TRP F 121 6.58 -3.76 -50.03
C TRP F 121 6.71 -2.59 -49.06
N ASP F 122 6.23 -2.75 -47.83
CA ASP F 122 6.24 -1.65 -46.87
C ASP F 122 7.67 -1.21 -46.55
N ARG F 123 8.58 -2.17 -46.39
CA ARG F 123 9.95 -1.82 -46.06
C ARG F 123 10.60 -1.00 -47.17
N GLU F 124 10.17 -1.19 -48.42
CA GLU F 124 10.72 -0.40 -49.52
C GLU F 124 10.41 1.08 -49.34
N ILE F 125 9.18 1.40 -48.94
CA ILE F 125 8.78 2.79 -48.73
C ILE F 125 8.89 3.20 -47.27
N GLY F 126 9.15 2.27 -46.35
CA GLY F 126 9.16 2.60 -44.94
C GLY F 126 10.16 3.66 -44.59
N ASN F 127 11.31 3.67 -45.25
CA ASN F 127 12.33 4.67 -44.97
C ASN F 127 11.82 6.09 -45.25
N TYR F 128 10.88 6.23 -46.18
CA TYR F 128 10.32 7.52 -46.55
C TYR F 128 8.96 7.78 -45.92
N THR F 129 8.56 6.97 -44.93
CA THR F 129 7.25 7.15 -44.33
C THR F 129 7.13 8.50 -43.65
N ASP F 130 8.16 8.90 -42.89
CA ASP F 130 8.09 10.18 -42.18
C ASP F 130 8.03 11.36 -43.15
N THR F 131 8.80 11.30 -44.24
CA THR F 131 8.79 12.38 -45.21
C THR F 131 7.42 12.53 -45.86
N ILE F 132 6.78 11.41 -46.20
CA ILE F 132 5.48 11.48 -46.86
C ILE F 132 4.44 12.07 -45.93
N TYR F 133 4.54 11.79 -44.63
CA TYR F 133 3.56 12.33 -43.68
C TYR F 133 3.58 13.85 -43.67
N LYS F 134 4.79 14.44 -43.68
CA LYS F 134 4.89 15.89 -43.58
C LYS F 134 4.24 16.56 -44.79
N LEU F 135 4.51 16.06 -46.00
CA LEU F 135 3.96 16.66 -47.19
C LEU F 135 2.48 16.34 -47.39
N LEU F 136 1.98 15.29 -46.73
CA LEU F 136 0.57 14.94 -46.86
C LEU F 136 -0.31 15.88 -46.03
N GLU F 137 0.15 16.27 -44.84
CA GLU F 137 -0.66 17.14 -43.99
C GLU F 137 -0.83 18.51 -44.63
N VAL F 138 0.24 19.07 -45.19
CA VAL F 138 0.13 20.40 -45.80
C VAL F 138 -0.78 20.37 -47.01
N SER F 139 -0.86 19.23 -47.70
CA SER F 139 -1.74 19.13 -48.87
C SER F 139 -3.19 19.34 -48.47
N GLN F 140 -3.61 18.75 -47.35
CA GLN F 140 -4.97 18.96 -46.88
C GLN F 140 -5.16 20.37 -46.33
N PHE F 141 -4.15 20.90 -45.63
CA PHE F 141 -4.28 22.23 -45.06
C PHE F 141 -4.44 23.28 -46.15
N GLN F 142 -3.65 23.20 -47.21
CA GLN F 142 -3.74 24.20 -48.27
C GLN F 142 -5.03 24.08 -49.07
N GLN F 143 -5.72 22.93 -49.00
CA GLN F 143 -7.01 22.81 -49.66
C GLN F 143 -8.08 23.64 -48.94
N GLU F 144 -8.02 23.69 -47.61
CA GLU F 144 -9.05 24.37 -46.84
C GLU F 144 -8.95 25.89 -46.96
N ILE F 145 -7.73 26.43 -47.06
CA ILE F 145 -7.57 27.88 -47.15
C ILE F 145 -8.08 28.42 -48.48
N ASN F 146 -8.23 27.58 -49.49
CA ASN F 146 -8.63 28.06 -50.80
C ASN F 146 -10.01 28.71 -50.76
N GLU F 147 -10.96 28.09 -50.07
CA GLU F 147 -12.32 28.61 -50.00
C GLU F 147 -12.36 29.88 -49.16
N GLY G 1 -20.41 41.11 -41.17
CA GLY G 1 -20.42 39.70 -40.79
C GLY G 1 -21.77 39.05 -41.03
N LEU G 2 -22.59 39.00 -39.99
CA LEU G 2 -23.94 38.44 -40.01
C LEU G 2 -23.95 36.93 -40.24
N TRP G 3 -22.79 36.27 -40.20
CA TRP G 3 -22.72 34.82 -40.35
C TRP G 3 -21.53 34.32 -39.55
N VAL G 4 -21.74 33.25 -38.80
CA VAL G 4 -20.73 32.73 -37.88
C VAL G 4 -19.90 31.68 -38.58
N THR G 5 -18.62 31.61 -38.21
CA THR G 5 -17.72 30.53 -38.63
C THR G 5 -16.85 30.14 -37.46
N VAL G 6 -16.46 28.86 -37.43
CA VAL G 6 -15.70 28.30 -36.33
C VAL G 6 -14.32 27.90 -36.85
N TYR G 7 -13.27 28.31 -36.14
CA TYR G 7 -11.90 28.01 -36.49
C TYR G 7 -11.32 27.05 -35.46
N TYR G 8 -10.63 26.02 -35.94
CA TYR G 8 -9.98 25.03 -35.08
C TYR G 8 -8.48 25.20 -35.16
N GLY G 9 -7.83 25.25 -34.00
CA GLY G 9 -6.40 25.43 -33.95
C GLY G 9 -5.98 26.88 -33.98
N VAL G 10 -6.46 27.67 -33.02
CA VAL G 10 -6.14 29.10 -32.93
C VAL G 10 -5.25 29.32 -31.71
N PRO G 11 -4.42 30.36 -31.68
CA PRO G 11 -3.54 30.60 -30.52
C PRO G 11 -4.22 31.33 -29.37
N VAL G 12 -4.92 30.56 -28.53
CA VAL G 12 -5.59 31.07 -27.34
C VAL G 12 -5.21 30.20 -26.17
N TRP G 13 -4.92 30.83 -25.03
CA TRP G 13 -4.57 30.10 -23.82
C TRP G 13 -5.09 30.85 -22.60
N ARG G 14 -5.32 30.11 -21.53
CA ARG G 14 -5.73 30.70 -20.26
C ARG G 14 -5.09 29.91 -19.13
N GLU G 15 -4.85 30.59 -18.01
CA GLU G 15 -4.12 30.00 -16.90
C GLU G 15 -4.88 28.80 -16.33
N ALA G 16 -4.12 27.76 -15.97
CA ALA G 16 -4.71 26.57 -15.37
C ALA G 16 -3.60 25.77 -14.70
N LYS G 17 -4.00 24.82 -13.87
CA LYS G 17 -3.08 23.93 -13.16
C LYS G 17 -3.37 22.49 -13.55
N THR G 18 -2.32 21.72 -13.78
CA THR G 18 -2.47 20.35 -14.24
C THR G 18 -1.24 19.54 -13.80
N THR G 19 -1.46 18.26 -13.55
CA THR G 19 -0.38 17.37 -13.17
C THR G 19 0.63 17.24 -14.30
N LEU G 20 1.90 17.11 -13.93
CA LEU G 20 3.01 16.96 -14.86
C LEU G 20 3.80 15.71 -14.53
N PHE G 21 4.40 15.11 -15.55
CA PHE G 21 5.15 13.87 -15.41
C PHE G 21 6.64 14.14 -15.63
N CYS G 22 7.44 13.19 -15.17
CA CYS G 22 8.90 13.29 -15.20
C CYS G 22 9.46 12.82 -16.54
N ALA G 23 10.75 13.08 -16.73
CA ALA G 23 11.48 12.61 -17.89
C ALA G 23 12.97 12.65 -17.55
N SER G 24 13.68 11.59 -17.95
CA SER G 24 15.10 11.45 -17.61
C SER G 24 15.91 11.23 -18.87
N ASP G 25 17.17 11.67 -18.82
CA ASP G 25 18.10 11.54 -19.93
C ASP G 25 19.12 10.46 -19.61
N ALA G 26 19.30 9.52 -20.54
CA ALA G 26 20.26 8.43 -20.35
C ALA G 26 19.94 7.64 -19.09
N GLU G 32 20.64 0.61 -13.65
CA GLU G 32 21.40 -0.48 -13.04
C GLU G 32 21.35 -0.40 -11.53
N VAL G 33 21.35 0.82 -11.00
CA VAL G 33 21.29 1.08 -9.57
C VAL G 33 20.08 1.95 -9.28
N HIS G 34 19.31 1.57 -8.27
CA HIS G 34 18.10 2.30 -7.93
C HIS G 34 18.45 3.70 -7.42
N ASN G 35 17.55 4.64 -7.68
CA ASN G 35 17.71 6.03 -7.29
C ASN G 35 16.59 6.42 -6.34
N VAL G 36 16.91 7.30 -5.38
CA VAL G 36 15.90 7.80 -4.46
C VAL G 36 14.83 8.55 -5.24
N TRP G 37 15.23 9.27 -6.30
CA TRP G 37 14.27 9.96 -7.15
C TRP G 37 13.45 9.00 -8.01
N ALA G 38 13.84 7.73 -8.07
CA ALA G 38 13.11 6.73 -8.86
C ALA G 38 13.01 7.17 -10.33
N THR G 39 14.13 7.62 -10.87
CA THR G 39 14.17 8.08 -12.26
C THR G 39 14.00 6.97 -13.27
N HIS G 40 14.10 5.70 -12.84
CA HIS G 40 13.94 4.60 -13.79
C HIS G 40 12.55 4.60 -14.42
N ALA G 41 11.55 5.14 -13.71
CA ALA G 41 10.20 5.22 -14.27
C ALA G 41 10.02 6.44 -15.18
N CYS G 42 10.94 7.40 -15.14
CA CYS G 42 10.82 8.58 -15.98
C CYS G 42 11.04 8.20 -17.45
N VAL G 43 10.19 8.74 -18.31
CA VAL G 43 10.25 8.44 -19.75
C VAL G 43 11.51 9.09 -20.33
N PRO G 44 12.11 8.52 -21.38
CA PRO G 44 13.30 9.14 -21.96
C PRO G 44 13.00 10.53 -22.52
N THR G 45 13.97 11.42 -22.39
CA THR G 45 13.82 12.77 -22.91
C THR G 45 13.94 12.78 -24.43
N ASP G 46 13.32 13.79 -25.05
CA ASP G 46 13.38 13.91 -26.49
C ASP G 46 14.80 14.30 -26.93
N PRO G 47 15.23 13.83 -28.10
CA PRO G 47 16.59 14.18 -28.56
C PRO G 47 16.80 15.67 -28.75
N ASN G 48 15.76 16.40 -29.16
CA ASN G 48 15.89 17.84 -29.42
C ASN G 48 14.55 18.49 -29.11
N PRO G 49 14.36 18.99 -27.88
CA PRO G 49 13.06 19.56 -27.53
C PRO G 49 12.74 20.80 -28.36
N GLN G 50 11.46 20.98 -28.65
CA GLN G 50 11.02 22.14 -29.41
C GLN G 50 11.15 23.41 -28.59
N GLU G 51 11.49 24.51 -29.26
CA GLU G 51 11.69 25.81 -28.63
C GLU G 51 10.99 26.91 -29.42
N LEU G 52 9.72 26.67 -29.75
CA LEU G 52 8.96 27.66 -30.52
C LEU G 52 8.93 28.99 -29.78
N VAL G 53 9.04 30.08 -30.54
CA VAL G 53 9.17 31.42 -30.00
C VAL G 53 8.02 32.27 -30.52
N LEU G 54 7.36 33.00 -29.63
CA LEU G 54 6.32 33.95 -29.98
C LEU G 54 6.90 35.36 -29.98
N GLU G 55 6.55 36.14 -30.99
CA GLU G 55 7.26 37.39 -31.29
C GLU G 55 6.50 38.63 -30.82
N ASN G 56 5.21 38.74 -31.15
CA ASN G 56 4.42 39.93 -30.86
C ASN G 56 3.37 39.68 -29.79
N VAL G 57 3.71 38.91 -28.76
CA VAL G 57 2.81 38.65 -27.65
C VAL G 57 3.56 38.87 -26.34
N THR G 58 2.91 39.53 -25.39
CA THR G 58 3.47 39.80 -24.08
C THR G 58 2.56 39.20 -23.02
N GLU G 59 3.17 38.56 -22.02
CA GLU G 59 2.45 37.90 -20.94
C GLU G 59 3.13 38.22 -19.62
N ASN G 60 2.35 38.18 -18.55
CA ASN G 60 2.83 38.43 -17.20
C ASN G 60 2.50 37.24 -16.31
N PHE G 61 3.44 36.87 -15.45
CA PHE G 61 3.21 35.78 -14.51
C PHE G 61 4.11 35.97 -13.31
N ASN G 62 3.72 35.34 -12.20
CA ASN G 62 4.42 35.44 -10.93
C ASN G 62 4.78 34.05 -10.44
N MET G 63 6.03 33.89 -10.02
CA MET G 63 6.47 32.58 -9.52
C MET G 63 5.93 32.30 -8.12
N TRP G 64 5.68 33.33 -7.32
CA TRP G 64 5.24 33.12 -5.95
C TRP G 64 3.87 32.43 -5.92
N LYS G 65 2.98 32.80 -6.83
CA LYS G 65 1.69 32.14 -6.96
C LYS G 65 1.72 30.98 -7.94
N ASN G 66 2.87 30.67 -8.52
CA ASN G 66 2.97 29.57 -9.46
C ASN G 66 2.74 28.24 -8.75
N ASP G 67 1.97 27.36 -9.39
CA ASP G 67 1.65 26.06 -8.84
C ASP G 67 2.69 25.00 -9.19
N MET G 68 3.60 25.29 -10.12
CA MET G 68 4.62 24.31 -10.48
C MET G 68 5.52 23.97 -9.31
N VAL G 69 5.93 24.99 -8.55
CA VAL G 69 6.80 24.74 -7.39
C VAL G 69 6.04 23.96 -6.33
N ASP G 70 4.75 24.24 -6.15
CA ASP G 70 3.98 23.52 -5.15
C ASP G 70 3.89 22.03 -5.47
N GLN G 71 3.68 21.69 -6.75
CA GLN G 71 3.60 20.29 -7.12
C GLN G 71 4.93 19.57 -6.90
N MET G 72 6.04 20.24 -7.20
CA MET G 72 7.35 19.62 -7.01
C MET G 72 7.60 19.30 -5.55
N HIS G 73 7.24 20.22 -4.66
CA HIS G 73 7.47 19.99 -3.23
C HIS G 73 6.68 18.80 -2.72
N GLU G 74 5.47 18.58 -3.24
CA GLU G 74 4.64 17.48 -2.75
C GLU G 74 5.19 16.12 -3.20
N ASP G 75 5.58 16.02 -4.47
CA ASP G 75 6.00 14.72 -4.99
C ASP G 75 7.37 14.31 -4.45
N ILE G 76 8.27 15.28 -4.26
CA ILE G 76 9.60 14.96 -3.72
C ILE G 76 9.46 14.31 -2.36
N ILE G 77 8.52 14.79 -1.53
CA ILE G 77 8.28 14.17 -0.24
C ILE G 77 7.83 12.73 -0.42
N SER G 78 6.93 12.49 -1.39
CA SER G 78 6.43 11.14 -1.61
C SER G 78 7.54 10.20 -2.05
N LEU G 79 8.47 10.68 -2.88
CA LEU G 79 9.56 9.82 -3.35
C LEU G 79 10.38 9.30 -2.18
N TRP G 80 10.72 10.19 -1.24
CA TRP G 80 11.47 9.73 -0.07
C TRP G 80 10.63 8.80 0.79
N ASP G 81 9.32 9.07 0.90
CA ASP G 81 8.44 8.16 1.62
C ASP G 81 8.44 6.78 0.97
N GLN G 82 8.36 6.74 -0.36
CA GLN G 82 8.42 5.46 -1.06
C GLN G 82 9.78 4.79 -0.89
N SER G 83 10.86 5.57 -0.92
CA SER G 83 12.19 4.99 -0.87
C SER G 83 12.45 4.29 0.45
N LEU G 84 12.00 4.87 1.56
CA LEU G 84 12.27 4.32 2.88
C LEU G 84 11.31 3.21 3.28
N LYS G 85 10.23 2.99 2.52
CA LYS G 85 9.28 1.95 2.89
C LYS G 85 9.89 0.56 2.91
N PRO G 86 10.58 0.08 1.86
CA PRO G 86 11.03 -1.31 1.86
C PRO G 86 12.04 -1.65 2.95
N CYS G 87 13.15 -0.91 3.01
CA CYS G 87 14.21 -1.28 3.92
C CYS G 87 13.80 -1.05 5.38
N VAL G 88 14.53 -1.68 6.28
CA VAL G 88 14.12 -1.86 7.68
C VAL G 88 14.13 -0.54 8.42
N LYS G 89 13.51 -0.52 9.60
CA LYS G 89 13.43 0.65 10.46
C LYS G 89 14.13 0.33 11.78
N LEU G 90 14.97 1.27 12.25
CA LEU G 90 15.81 1.04 13.42
C LEU G 90 15.06 1.44 14.69
N THR G 91 14.08 0.63 15.04
CA THR G 91 13.35 0.80 16.30
C THR G 91 14.14 0.24 17.47
N PRO G 92 14.67 -1.00 17.40
CA PRO G 92 15.32 -1.59 18.58
C PRO G 92 16.79 -1.19 18.73
N LEU G 93 17.02 0.10 18.95
CA LEU G 93 18.35 0.59 19.31
C LEU G 93 18.36 1.61 20.43
N CYS G 94 17.21 2.07 20.92
CA CYS G 94 17.17 3.04 22.01
C CYS G 94 17.17 2.31 23.34
N VAL G 95 18.35 2.22 23.95
CA VAL G 95 18.54 1.67 25.28
C VAL G 95 19.49 2.59 26.03
N THR G 96 19.84 2.19 27.25
CA THR G 96 20.80 2.95 28.04
C THR G 96 22.17 2.78 27.39
N LEU G 97 22.57 3.77 26.58
CA LEU G 97 23.82 3.70 25.83
C LEU G 97 24.96 4.13 26.74
N ASN G 98 25.70 3.14 27.27
CA ASN G 98 26.81 3.40 28.17
C ASN G 98 28.02 3.81 27.35
N CYS G 99 28.14 5.11 27.09
CA CYS G 99 29.23 5.66 26.30
C CYS G 99 30.04 6.63 27.14
N SER G 100 31.35 6.44 27.16
CA SER G 100 32.26 7.28 27.93
C SER G 100 33.07 8.22 27.04
N ASP G 101 33.79 7.69 26.06
CA ASP G 101 34.61 8.50 25.16
C ASP G 101 35.10 7.62 24.04
N ALA G 102 35.69 8.26 23.03
CA ALA G 102 36.26 7.57 21.87
C ALA G 102 37.77 7.61 21.97
N LYS G 103 38.41 6.45 21.75
CA LYS G 103 39.86 6.38 21.86
C LYS G 103 40.54 7.22 20.79
N VAL G 104 39.98 7.25 19.59
CA VAL G 104 40.57 8.02 18.50
C VAL G 104 40.16 9.49 18.63
N GLU G 113 35.47 15.55 21.62
CA GLU G 113 34.05 15.75 21.86
C GLU G 113 33.28 15.76 20.55
N GLU G 114 33.74 14.95 19.59
CA GLU G 114 33.12 14.85 18.28
C GLU G 114 32.70 13.43 17.92
N ILE G 115 33.51 12.43 18.28
CA ILE G 115 33.21 11.03 18.02
C ILE G 115 33.14 10.30 19.35
N LYS G 116 32.14 9.44 19.50
CA LYS G 116 31.95 8.64 20.71
C LYS G 116 31.88 7.17 20.32
N ASN G 117 32.70 6.35 20.98
CA ASN G 117 32.70 4.91 20.79
C ASN G 117 32.13 4.23 22.03
N CYS G 118 31.21 3.30 21.82
CA CYS G 118 30.56 2.61 22.93
C CYS G 118 29.74 1.45 22.38
N SER G 119 29.05 0.76 23.29
CA SER G 119 28.26 -0.41 22.95
C SER G 119 26.91 -0.31 23.66
N PHE G 120 25.91 -0.95 23.05
CA PHE G 120 24.55 -0.99 23.58
C PHE G 120 24.13 -2.42 23.79
N LYS G 121 23.49 -2.68 24.94
CA LYS G 121 23.08 -4.03 25.31
C LYS G 121 21.74 -4.33 24.65
N ALA G 122 21.77 -5.11 23.57
CA ALA G 122 20.56 -5.47 22.84
C ALA G 122 20.63 -6.95 22.49
N THR G 123 19.44 -7.54 22.31
CA THR G 123 19.29 -8.96 22.03
C THR G 123 18.72 -9.17 20.63
N THR G 124 19.24 -10.17 19.94
CA THR G 124 18.74 -10.58 18.63
C THR G 124 17.84 -11.80 18.71
N GLU G 125 18.34 -12.88 19.32
CA GLU G 125 17.55 -14.06 19.59
C GLU G 125 17.89 -14.51 21.02
N LEU G 126 17.45 -15.70 21.40
CA LEU G 126 17.66 -16.21 22.76
C LEU G 126 17.08 -15.24 23.78
N ARG G 127 15.74 -15.16 23.75
CA ARG G 127 14.98 -14.15 24.48
C ARG G 127 15.57 -13.82 25.86
N ASP G 128 15.89 -14.85 26.63
CA ASP G 128 16.45 -14.66 27.97
C ASP G 128 17.99 -14.64 27.91
N LYS G 129 18.50 -13.76 27.05
CA LYS G 129 19.94 -13.59 26.91
C LYS G 129 20.22 -12.17 26.43
N LYS G 130 21.35 -11.62 26.86
CA LYS G 130 21.73 -10.24 26.54
C LYS G 130 23.19 -10.22 26.11
N ARG G 131 23.45 -9.63 24.95
CA ARG G 131 24.81 -9.54 24.41
C ARG G 131 25.03 -8.15 23.85
N ARG G 132 26.21 -7.59 24.11
CA ARG G 132 26.51 -6.23 23.70
C ARG G 132 27.21 -6.20 22.34
N GLU G 133 27.03 -5.08 21.64
CA GLU G 133 27.72 -4.82 20.38
C GLU G 133 28.18 -3.37 20.37
N TYR G 134 29.39 -3.14 19.86
CA TYR G 134 30.00 -1.82 19.89
C TYR G 134 29.78 -1.09 18.58
N ALA G 135 29.41 0.18 18.68
CA ALA G 135 29.19 1.03 17.52
C ALA G 135 29.69 2.43 17.85
N LEU G 136 30.01 3.19 16.80
CA LEU G 136 30.54 4.54 16.94
C LEU G 136 29.49 5.54 16.46
N PHE G 137 29.22 6.55 17.28
CA PHE G 137 28.27 7.60 16.97
C PHE G 137 28.92 8.95 17.25
N TYR G 138 28.47 9.97 16.53
CA TYR G 138 28.95 11.32 16.74
C TYR G 138 28.35 11.89 18.03
N ARG G 139 29.04 12.89 18.59
CA ARG G 139 28.63 13.43 19.88
C ARG G 139 27.23 14.03 19.80
N LEU G 140 26.96 14.80 18.76
CA LEU G 140 25.65 15.43 18.63
C LEU G 140 24.56 14.41 18.33
N ASP G 141 24.91 13.24 17.80
CA ASP G 141 23.91 12.22 17.51
C ASP G 141 23.22 11.75 18.78
N ILE G 142 23.98 11.56 19.85
CA ILE G 142 23.48 11.04 21.13
C ILE G 142 23.47 12.18 22.14
N VAL G 143 22.36 12.31 22.86
CA VAL G 143 22.20 13.37 23.85
C VAL G 143 22.34 12.77 25.24
N PRO G 144 22.82 13.52 26.25
CA PRO G 144 22.91 12.96 27.60
C PRO G 144 21.54 12.55 28.12
N LEU G 145 21.52 11.48 28.91
CA LEU G 145 20.29 10.99 29.52
C LEU G 145 20.08 11.54 30.92
N SER G 146 21.15 11.78 31.67
CA SER G 146 21.05 12.32 33.02
C SER G 146 20.88 13.83 32.98
N ASN G 152 25.66 10.85 34.23
CA ASN G 152 27.08 10.83 33.88
C ASN G 152 27.44 9.54 33.15
N SER G 153 28.12 9.69 32.02
CA SER G 153 28.54 8.56 31.20
C SER G 153 27.37 7.74 30.68
N GLU G 154 26.19 8.35 30.59
CA GLU G 154 24.99 7.70 30.07
C GLU G 154 24.41 8.57 28.96
N TYR G 155 24.10 7.94 27.83
CA TYR G 155 23.58 8.66 26.67
C TYR G 155 22.40 7.90 26.09
N ARG G 156 21.75 8.53 25.11
CA ARG G 156 20.57 7.94 24.47
C ARG G 156 20.45 8.51 23.07
N LEU G 157 19.88 7.72 22.16
CA LEU G 157 19.64 8.18 20.80
C LEU G 157 18.74 9.40 20.83
N ILE G 158 19.08 10.40 19.99
CA ILE G 158 18.44 11.71 20.12
C ILE G 158 16.95 11.63 19.77
N ASN G 159 16.62 11.28 18.54
CA ASN G 159 15.24 11.32 18.07
C ASN G 159 14.60 9.94 18.06
N CYS G 160 14.27 9.45 19.25
CA CYS G 160 13.34 8.33 19.34
C CYS G 160 12.38 8.46 20.51
N ASN G 161 12.27 9.66 21.09
CA ASN G 161 11.14 10.02 21.93
C ASN G 161 10.14 10.91 21.19
N THR G 162 10.32 11.10 19.89
CA THR G 162 9.43 11.91 19.07
C THR G 162 8.95 11.18 17.83
N SER G 163 9.81 10.35 17.21
CA SER G 163 9.44 9.65 15.99
C SER G 163 10.35 8.45 15.83
N VAL G 164 9.91 7.51 14.99
CA VAL G 164 10.67 6.29 14.72
C VAL G 164 11.75 6.60 13.69
N ILE G 165 12.95 6.09 13.93
CA ILE G 165 14.07 6.27 13.02
C ILE G 165 14.11 5.09 12.05
N THR G 166 14.27 5.39 10.77
CA THR G 166 14.41 4.38 9.73
C THR G 166 15.68 4.66 8.94
N GLN G 167 16.50 3.64 8.75
CA GLN G 167 17.76 3.82 8.03
C GLN G 167 17.51 3.81 6.53
N ILE G 168 18.22 4.68 5.82
CA ILE G 168 18.08 4.73 4.37
C ILE G 168 18.55 3.40 3.78
N CYS G 169 17.86 2.96 2.74
CA CYS G 169 18.20 1.69 2.11
C CYS G 169 19.61 1.80 1.53
N PRO G 170 20.50 0.83 1.80
CA PRO G 170 21.87 0.96 1.27
C PRO G 170 21.95 1.03 -0.25
N LYS G 171 21.04 0.34 -0.96
CA LYS G 171 21.16 0.24 -2.41
C LYS G 171 21.01 1.60 -3.08
N VAL G 172 20.05 2.40 -2.64
CA VAL G 172 19.77 3.66 -3.34
C VAL G 172 20.93 4.62 -3.18
N THR G 173 20.94 5.64 -4.04
CA THR G 173 21.99 6.66 -4.06
C THR G 173 21.36 8.04 -4.05
N PHE G 174 22.10 9.02 -3.55
CA PHE G 174 21.62 10.38 -3.37
C PHE G 174 22.08 11.33 -4.48
N ASP G 175 22.69 10.82 -5.53
CA ASP G 175 23.22 11.69 -6.58
C ASP G 175 22.08 12.42 -7.27
N PRO G 176 22.06 13.75 -7.26
CA PRO G 176 20.97 14.47 -7.95
C PRO G 176 21.27 14.59 -9.45
N ILE G 177 20.42 13.97 -10.26
CA ILE G 177 20.54 14.03 -11.72
C ILE G 177 19.40 14.88 -12.26
N PRO G 178 19.55 15.53 -13.42
CA PRO G 178 18.49 16.40 -13.91
C PRO G 178 17.20 15.65 -14.17
N ILE G 179 16.08 16.30 -13.87
CA ILE G 179 14.75 15.78 -14.15
C ILE G 179 13.93 16.87 -14.80
N HIS G 180 13.19 16.50 -15.84
CA HIS G 180 12.35 17.43 -16.60
C HIS G 180 10.89 17.16 -16.26
N TYR G 181 10.20 18.19 -15.76
CA TYR G 181 8.75 18.13 -15.60
C TYR G 181 8.12 18.57 -16.92
N CYS G 182 7.54 17.61 -17.63
CA CYS G 182 7.16 17.79 -19.02
C CYS G 182 5.64 17.81 -19.10
N ALA G 183 5.08 18.85 -19.71
CA ALA G 183 3.65 19.06 -19.69
C ALA G 183 2.92 18.01 -20.52
N PRO G 184 1.64 17.74 -20.22
CA PRO G 184 0.89 16.77 -21.01
C PRO G 184 0.49 17.33 -22.37
N ALA G 185 0.01 16.45 -23.22
CA ALA G 185 -0.51 16.87 -24.52
C ALA G 185 -1.72 17.77 -24.33
N GLY G 186 -1.84 18.76 -25.22
CA GLY G 186 -2.89 19.75 -25.12
C GLY G 186 -2.60 20.88 -24.15
N TYR G 187 -1.41 20.92 -23.56
CA TYR G 187 -1.01 21.96 -22.63
C TYR G 187 0.34 22.51 -23.07
N ALA G 188 0.62 23.74 -22.64
CA ALA G 188 1.84 24.44 -23.00
C ALA G 188 2.47 25.06 -21.76
N ILE G 189 3.78 25.27 -21.82
CA ILE G 189 4.54 25.93 -20.77
C ILE G 189 5.17 27.17 -21.38
N LEU G 190 4.92 28.32 -20.79
CA LEU G 190 5.41 29.60 -21.29
C LEU G 190 6.59 30.07 -20.44
N LYS G 191 7.68 30.45 -21.10
CA LYS G 191 8.83 31.01 -20.43
C LYS G 191 9.34 32.20 -21.23
N CYS G 192 10.01 33.13 -20.53
CA CYS G 192 10.60 34.29 -21.17
C CYS G 192 12.00 34.51 -20.61
N ASN G 193 12.92 34.88 -21.49
CA ASN G 193 14.29 35.22 -21.11
C ASN G 193 14.46 36.72 -21.31
N ASN G 194 14.07 37.48 -20.28
CA ASN G 194 14.17 38.94 -20.35
C ASN G 194 15.56 39.45 -20.00
N LYS G 195 16.43 38.60 -19.41
CA LYS G 195 17.83 38.99 -19.26
C LYS G 195 17.95 40.25 -18.41
N THR G 196 17.88 40.09 -17.08
CA THR G 196 17.41 41.10 -16.13
C THR G 196 15.90 40.97 -15.92
N PHE G 197 15.34 39.84 -16.33
CA PHE G 197 13.97 39.47 -15.96
C PHE G 197 13.71 39.77 -14.48
N ASN G 198 12.70 40.58 -14.22
CA ASN G 198 12.26 40.83 -12.86
C ASN G 198 11.49 39.62 -12.33
N GLY G 199 11.48 39.47 -11.00
CA GLY G 199 10.78 38.34 -10.41
C GLY G 199 9.31 38.30 -10.76
N THR G 200 8.66 39.46 -10.74
CA THR G 200 7.25 39.57 -11.10
C THR G 200 7.07 40.76 -12.04
N GLY G 201 6.13 40.60 -12.98
CA GLY G 201 5.84 41.63 -13.96
C GLY G 201 5.80 41.08 -15.37
N PRO G 202 5.37 41.90 -16.32
CA PRO G 202 5.26 41.43 -17.70
C PRO G 202 6.61 41.35 -18.39
N CYS G 203 6.81 40.26 -19.13
CA CYS G 203 7.99 40.08 -19.97
C CYS G 203 7.53 39.94 -21.41
N ASN G 204 8.15 40.70 -22.32
CA ASN G 204 7.67 40.84 -23.68
C ASN G 204 8.32 39.86 -24.66
N ASN G 205 9.20 38.98 -24.20
CA ASN G 205 9.84 37.98 -25.06
C ASN G 205 9.56 36.61 -24.48
N VAL G 206 8.41 36.03 -24.85
CA VAL G 206 7.94 34.76 -24.32
C VAL G 206 8.08 33.71 -25.42
N SER G 207 8.61 32.54 -25.06
CA SER G 207 8.74 31.42 -25.96
C SER G 207 8.05 30.20 -25.36
N THR G 208 7.31 29.47 -26.20
CA THR G 208 6.56 28.30 -25.75
C THR G 208 7.42 27.06 -25.91
N VAL G 209 7.69 26.39 -24.79
CA VAL G 209 8.46 25.15 -24.78
C VAL G 209 7.53 24.04 -24.33
N GLN G 210 7.37 23.03 -25.16
CA GLN G 210 6.50 21.91 -24.82
C GLN G 210 7.01 21.16 -23.60
N CYS G 211 8.33 21.01 -23.48
CA CYS G 211 8.94 20.16 -22.48
C CYS G 211 10.07 20.94 -21.81
N THR G 212 10.03 21.05 -20.48
CA THR G 212 11.00 21.84 -19.76
C THR G 212 12.40 21.24 -19.89
N HIS G 213 13.39 21.97 -19.39
CA HIS G 213 14.78 21.53 -19.40
C HIS G 213 15.16 20.97 -18.03
N GLY G 214 16.39 20.47 -17.95
CA GLY G 214 16.86 19.78 -16.76
C GLY G 214 16.82 20.60 -15.50
N ILE G 215 16.35 20.00 -14.41
CA ILE G 215 16.35 20.60 -13.08
C ILE G 215 16.95 19.59 -12.12
N LYS G 216 17.86 20.05 -11.26
CA LYS G 216 18.57 19.17 -10.34
C LYS G 216 17.94 19.29 -8.96
N PRO G 217 17.30 18.24 -8.43
CA PRO G 217 16.75 18.33 -7.07
C PRO G 217 17.83 18.37 -6.00
N VAL G 218 18.42 19.54 -5.81
CA VAL G 218 19.44 19.74 -4.78
C VAL G 218 18.77 20.26 -3.52
N VAL G 219 19.34 19.91 -2.36
CA VAL G 219 18.84 20.32 -1.07
C VAL G 219 19.93 21.11 -0.36
N SER G 220 19.57 22.30 0.11
CA SER G 220 20.51 23.18 0.79
C SER G 220 19.73 24.09 1.72
N THR G 221 20.45 24.86 2.53
CA THR G 221 19.82 25.72 3.53
C THR G 221 20.27 27.17 3.46
N GLN G 222 21.54 27.43 3.15
CA GLN G 222 22.06 28.80 3.10
C GLN G 222 22.58 29.18 1.73
N LEU G 223 23.52 28.46 1.15
CA LEU G 223 24.12 28.90 -0.14
C LEU G 223 23.66 27.96 -1.25
N LEU G 224 22.81 28.37 -2.19
CA LEU G 224 22.28 27.42 -3.19
C LEU G 224 23.47 26.87 -3.96
N LEU G 225 23.52 25.56 -4.25
CA LEU G 225 24.71 24.96 -4.90
C LEU G 225 24.38 24.19 -6.18
N ASN G 226 25.35 24.05 -7.07
CA ASN G 226 25.14 23.47 -8.41
C ASN G 226 24.15 24.40 -9.02
N GLY G 227 23.31 23.90 -9.91
CA GLY G 227 22.24 24.77 -10.42
C GLY G 227 22.63 25.68 -11.56
N SER G 228 21.65 26.31 -12.18
CA SER G 228 21.91 27.14 -13.37
C SER G 228 22.31 28.54 -12.95
N LEU G 229 22.88 29.29 -13.88
CA LEU G 229 23.35 30.64 -13.56
C LEU G 229 22.58 31.64 -14.40
N ALA G 230 22.93 32.90 -14.30
CA ALA G 230 22.34 33.97 -15.07
C ALA G 230 23.38 34.51 -16.07
N GLU G 231 23.08 35.62 -16.73
CA GLU G 231 23.97 36.21 -17.71
C GLU G 231 24.02 37.71 -17.52
N GLU G 232 25.22 38.25 -17.29
CA GLU G 232 25.46 39.69 -17.19
C GLU G 232 24.48 40.39 -16.25
N GLU G 233 24.13 39.71 -15.17
CA GLU G 233 23.20 40.27 -14.20
C GLU G 233 23.42 39.63 -12.84
N ILE G 234 22.95 40.33 -11.80
CA ILE G 234 22.84 39.77 -10.45
C ILE G 234 21.39 39.97 -10.05
N ILE G 235 20.56 38.96 -10.32
CA ILE G 235 19.12 39.09 -10.15
C ILE G 235 18.77 38.89 -8.68
N ILE G 236 17.97 39.81 -8.13
CA ILE G 236 17.48 39.73 -6.76
C ILE G 236 15.96 39.58 -6.82
N ARG G 237 15.46 38.51 -6.21
CA ARG G 237 14.03 38.19 -6.24
C ARG G 237 13.51 38.00 -4.83
N SER G 238 12.33 38.54 -4.56
CA SER G 238 11.67 38.38 -3.27
C SER G 238 10.21 38.74 -3.42
N GLU G 239 9.39 38.21 -2.51
CA GLU G 239 7.95 38.46 -2.58
C GLU G 239 7.66 39.94 -2.39
N ASN G 240 8.32 40.59 -1.43
CA ASN G 240 8.16 42.02 -1.22
C ASN G 240 9.38 42.52 -0.46
N LEU G 241 10.06 43.52 -1.01
CA LEU G 241 11.29 44.00 -0.40
C LEU G 241 11.04 44.58 0.99
N THR G 242 9.94 45.34 1.14
CA THR G 242 9.68 46.01 2.42
C THR G 242 9.49 45.01 3.55
N ASP G 243 8.75 43.93 3.29
CA ASP G 243 8.46 42.96 4.33
C ASP G 243 9.73 42.27 4.80
N ASN G 244 9.77 41.95 6.10
CA ASN G 244 10.93 41.32 6.71
C ASN G 244 10.85 39.79 6.63
N VAL G 245 9.67 39.22 6.87
CA VAL G 245 9.55 37.77 6.91
C VAL G 245 9.92 37.16 5.56
N LYS G 246 9.54 37.83 4.47
CA LYS G 246 9.83 37.31 3.15
C LYS G 246 11.33 37.26 2.91
N THR G 247 11.81 36.11 2.45
CA THR G 247 13.22 35.91 2.20
C THR G 247 13.63 36.54 0.87
N ILE G 248 14.92 36.78 0.73
CA ILE G 248 15.50 37.35 -0.48
C ILE G 248 16.33 36.28 -1.16
N ILE G 249 16.06 36.04 -2.45
CA ILE G 249 16.77 35.06 -3.25
C ILE G 249 17.68 35.81 -4.20
N VAL G 250 18.98 35.65 -4.02
CA VAL G 250 19.99 36.25 -4.90
C VAL G 250 20.42 35.22 -5.92
N HIS G 251 20.63 35.66 -7.15
CA HIS G 251 21.07 34.78 -8.23
C HIS G 251 22.32 35.38 -8.86
N LEU G 252 23.39 34.60 -8.91
CA LEU G 252 24.70 35.08 -9.34
C LEU G 252 25.00 34.60 -10.76
N ASN G 253 25.56 35.51 -11.56
CA ASN G 253 26.03 35.16 -12.90
C ASN G 253 27.41 34.53 -12.90
N GLU G 254 28.14 34.63 -11.78
CA GLU G 254 29.49 34.08 -11.66
C GLU G 254 29.44 32.86 -10.78
N SER G 255 30.05 31.76 -11.24
CA SER G 255 30.08 30.51 -10.50
C SER G 255 31.31 30.50 -9.59
N VAL G 256 31.09 30.63 -8.29
CA VAL G 256 32.16 30.56 -7.30
C VAL G 256 32.26 29.11 -6.86
N GLU G 257 33.24 28.40 -7.38
CA GLU G 257 33.36 26.97 -7.09
C GLU G 257 33.65 26.74 -5.61
N ILE G 258 32.97 25.76 -5.04
CA ILE G 258 33.21 25.32 -3.67
C ILE G 258 33.42 23.81 -3.71
N THR G 259 34.58 23.36 -3.22
CA THR G 259 34.93 21.95 -3.21
C THR G 259 35.57 21.61 -1.88
N CYS G 260 35.20 20.45 -1.32
CA CYS G 260 35.78 20.03 -0.07
C CYS G 260 35.54 18.54 0.13
N THR G 261 36.31 17.97 1.06
CA THR G 261 36.36 16.54 1.28
C THR G 261 36.27 16.25 2.78
N ARG G 262 36.17 14.97 3.09
CA ARG G 262 36.26 14.48 4.47
C ARG G 262 37.51 13.60 4.58
N PRO G 263 38.64 14.12 5.07
CA PRO G 263 39.89 13.33 5.01
C PRO G 263 39.84 12.03 5.80
N ASN G 264 38.96 11.90 6.78
CA ASN G 264 38.96 10.72 7.62
C ASN G 264 38.54 9.49 6.83
N ASN G 265 38.95 8.31 7.32
CA ASN G 265 38.70 7.04 6.68
C ASN G 265 37.79 6.22 7.59
N MET G 266 36.63 5.81 7.08
CA MET G 266 35.68 5.02 7.85
C MET G 266 35.92 3.54 7.61
N THR G 267 35.05 2.71 8.20
CA THR G 267 35.08 1.27 7.97
C THR G 267 33.66 0.75 8.18
N ARG G 268 33.05 0.22 7.12
CA ARG G 268 31.70 -0.30 7.23
C ARG G 268 31.66 -1.50 8.16
N LYS G 269 30.56 -1.61 8.90
CA LYS G 269 30.34 -2.74 9.80
C LYS G 269 28.84 -2.99 9.91
N SER G 270 28.46 -4.25 9.98
CA SER G 270 27.07 -4.67 10.06
C SER G 270 26.77 -5.19 11.45
N VAL G 271 25.65 -4.75 12.01
CA VAL G 271 25.22 -5.15 13.35
C VAL G 271 23.81 -5.72 13.24
N ARG G 272 23.61 -6.92 13.79
CA ARG G 272 22.30 -7.53 13.79
C ARG G 272 21.38 -6.84 14.80
N ILE G 273 20.11 -6.69 14.43
CA ILE G 273 19.11 -6.08 15.29
C ILE G 273 17.86 -6.95 15.38
N GLY G 274 17.74 -7.91 14.46
CA GLY G 274 16.58 -8.78 14.44
C GLY G 274 16.62 -9.77 13.30
N PRO G 275 15.55 -10.56 13.14
CA PRO G 275 15.52 -11.55 12.06
C PRO G 275 15.40 -10.91 10.69
N GLY G 276 16.45 -11.00 9.89
CA GLY G 276 16.46 -10.39 8.59
C GLY G 276 16.64 -8.89 8.60
N GLN G 277 16.95 -8.30 9.75
CA GLN G 277 17.15 -6.86 9.88
C GLN G 277 18.61 -6.60 10.23
N THR G 278 19.25 -5.70 9.50
CA THR G 278 20.65 -5.36 9.69
C THR G 278 20.79 -3.86 9.90
N PHE G 279 21.71 -3.49 10.79
CA PHE G 279 21.99 -2.09 11.12
C PHE G 279 23.47 -1.84 10.87
N TYR G 280 23.76 -0.99 9.88
CA TYR G 280 25.13 -0.65 9.54
C TYR G 280 25.60 0.52 10.40
N ALA G 281 26.69 0.33 11.13
CA ALA G 281 27.24 1.33 12.03
C ALA G 281 28.53 1.89 11.45
N LEU G 282 29.11 2.86 12.17
CA LEU G 282 30.35 3.48 11.74
C LEU G 282 31.54 2.55 11.81
N GLY G 283 31.43 1.42 12.52
CA GLY G 283 32.53 0.47 12.57
C GLY G 283 33.74 1.05 13.30
N ASP G 284 34.92 0.82 12.73
CA ASP G 284 36.18 1.20 13.34
C ASP G 284 36.82 2.33 12.54
N ILE G 285 37.51 3.22 13.25
CA ILE G 285 38.22 4.33 12.61
C ILE G 285 39.64 3.87 12.29
N ILE G 286 40.03 4.02 11.03
CA ILE G 286 41.36 3.65 10.55
C ILE G 286 42.06 4.92 10.07
N GLY G 287 43.28 5.12 10.52
CA GLY G 287 44.04 6.30 10.17
C GLY G 287 43.88 7.41 11.19
N ASP G 288 44.80 8.37 11.14
CA ASP G 288 44.78 9.49 12.07
C ASP G 288 43.53 10.33 11.86
N ILE G 289 42.99 10.86 12.96
CA ILE G 289 41.80 11.70 12.89
C ILE G 289 42.17 13.04 12.27
N ARG G 290 41.38 13.47 11.28
CA ARG G 290 41.53 14.78 10.66
C ARG G 290 40.17 15.45 10.61
N GLN G 291 40.06 16.61 11.23
CA GLN G 291 38.77 17.27 11.34
C GLN G 291 38.28 17.68 9.96
N PRO G 292 37.01 17.42 9.61
CA PRO G 292 36.55 17.83 8.28
C PRO G 292 36.43 19.34 8.17
N HIS G 293 36.57 19.84 6.94
CA HIS G 293 36.49 21.27 6.68
C HIS G 293 36.18 21.48 5.21
N CYS G 294 35.77 22.69 4.88
CA CYS G 294 35.56 23.09 3.50
C CYS G 294 36.21 24.43 3.24
N ASN G 295 36.85 24.55 2.08
CA ASN G 295 37.64 25.72 1.72
C ASN G 295 37.02 26.42 0.52
N ILE G 296 37.14 27.74 0.50
CA ILE G 296 36.57 28.58 -0.55
C ILE G 296 37.59 29.66 -0.90
N SER G 297 37.69 29.97 -2.19
CA SER G 297 38.63 30.99 -2.63
C SER G 297 38.30 32.33 -1.98
N GLU G 298 39.35 33.05 -1.56
CA GLU G 298 39.15 34.30 -0.82
C GLU G 298 38.85 35.46 -1.77
N ILE G 299 39.78 35.74 -2.68
CA ILE G 299 39.61 36.90 -3.56
C ILE G 299 38.36 36.74 -4.43
N LYS G 300 38.07 35.51 -4.86
CA LYS G 300 36.90 35.29 -5.69
C LYS G 300 35.61 35.59 -4.91
N TRP G 301 35.54 35.15 -3.66
CA TRP G 301 34.33 35.36 -2.87
C TRP G 301 34.23 36.81 -2.37
N GLU G 302 35.36 37.42 -2.03
CA GLU G 302 35.33 38.77 -1.48
C GLU G 302 34.73 39.76 -2.47
N LYS G 303 35.11 39.65 -3.74
CA LYS G 303 34.54 40.52 -4.77
C LYS G 303 33.14 40.09 -5.16
N THR G 304 32.80 38.80 -4.99
CA THR G 304 31.47 38.32 -5.36
C THR G 304 30.40 39.01 -4.52
N LEU G 305 30.63 39.13 -3.21
CA LEU G 305 29.67 39.84 -2.36
C LEU G 305 29.62 41.33 -2.69
N GLN G 306 30.77 41.92 -3.05
CA GLN G 306 30.78 43.33 -3.40
C GLN G 306 29.89 43.61 -4.60
N ARG G 307 29.94 42.75 -5.62
CA ARG G 307 29.05 42.90 -6.77
C ARG G 307 27.59 42.80 -6.34
N VAL G 308 27.29 41.84 -5.46
CA VAL G 308 25.93 41.72 -4.94
C VAL G 308 25.55 42.95 -4.14
N SER G 309 26.50 43.50 -3.38
CA SER G 309 26.21 44.67 -2.56
C SER G 309 25.81 45.87 -3.42
N GLU G 310 26.49 46.05 -4.55
CA GLU G 310 26.15 47.17 -5.44
C GLU G 310 24.72 47.04 -5.94
N LYS G 311 24.30 45.83 -6.30
CA LYS G 311 22.93 45.62 -6.76
C LYS G 311 21.93 45.93 -5.64
N LEU G 312 22.24 45.53 -4.42
CA LEU G 312 21.32 45.79 -3.31
C LEU G 312 21.32 47.24 -2.88
N ARG G 313 22.38 48.00 -3.21
CA ARG G 313 22.44 49.40 -2.81
C ARG G 313 21.34 50.22 -3.48
N GLU G 314 21.13 50.00 -4.78
CA GLU G 314 20.13 50.78 -5.50
C GLU G 314 18.72 50.35 -5.12
N HIS G 315 18.52 49.05 -4.86
CA HIS G 315 17.20 48.58 -4.46
C HIS G 315 16.78 49.10 -3.09
N PHE G 316 17.74 49.53 -2.26
CA PHE G 316 17.44 50.01 -0.91
C PHE G 316 17.93 51.41 -0.63
N ASN G 317 18.88 51.94 -1.42
CA ASN G 317 19.39 53.31 -1.30
C ASN G 317 20.25 53.49 -0.05
N LYS G 318 20.33 52.49 0.86
CA LYS G 318 21.07 52.66 2.15
C LYS G 318 22.37 51.84 2.17
N THR G 319 23.31 52.12 3.08
CA THR G 319 24.63 51.40 3.17
C THR G 319 24.40 49.97 3.65
N ILE G 320 25.13 48.97 3.13
CA ILE G 320 24.75 47.59 3.51
C ILE G 320 25.86 46.85 4.22
N ILE G 321 25.54 46.08 5.26
CA ILE G 321 26.53 45.33 6.06
C ILE G 321 26.05 43.90 6.19
N PHE G 322 26.92 42.91 5.98
CA PHE G 322 26.58 41.50 6.18
C PHE G 322 27.06 41.04 7.54
N ASN G 323 26.16 40.42 8.30
CA ASN G 323 26.48 39.87 9.61
C ASN G 323 25.91 38.46 9.71
N GLN G 324 26.59 37.63 10.49
CA GLN G 324 26.25 36.21 10.55
C GLN G 324 24.82 36.02 11.03
N SER G 325 24.33 34.79 10.88
CA SER G 325 22.97 34.46 11.29
C SER G 325 22.82 34.62 12.80
N SER G 326 21.64 35.06 13.22
CA SER G 326 21.39 35.26 14.65
C SER G 326 21.50 33.96 15.42
N GLY G 327 20.94 32.89 14.89
CA GLY G 327 20.99 31.60 15.53
C GLY G 327 19.75 30.78 15.20
N GLY G 328 19.65 29.64 15.86
CA GLY G 328 18.52 28.75 15.68
C GLY G 328 18.92 27.29 15.67
N ASP G 329 18.11 26.46 15.00
CA ASP G 329 18.44 25.05 14.89
C ASP G 329 19.68 24.85 14.03
N LEU G 330 20.34 23.71 14.23
CA LEU G 330 21.57 23.43 13.51
C LEU G 330 21.35 23.33 12.00
N GLU G 331 20.12 23.06 11.56
CA GLU G 331 19.84 22.88 10.15
C GLU G 331 19.70 24.19 9.38
N ILE G 332 19.56 25.32 10.08
CA ILE G 332 19.35 26.61 9.42
C ILE G 332 20.52 27.55 9.69
N THR G 333 21.17 27.38 10.84
CA THR G 333 22.29 28.24 11.20
C THR G 333 23.61 27.77 10.62
N THR G 334 23.63 26.66 9.89
CA THR G 334 24.84 26.13 9.28
C THR G 334 24.53 25.66 7.87
N HIS G 335 25.42 25.98 6.93
CA HIS G 335 25.24 25.54 5.56
C HIS G 335 25.24 24.02 5.49
N SER G 336 24.28 23.47 4.77
CA SER G 336 24.07 22.03 4.69
C SER G 336 23.91 21.59 3.25
N PHE G 337 24.31 20.36 2.97
CA PHE G 337 24.22 19.79 1.63
C PHE G 337 24.58 18.31 1.72
N ASN G 338 24.43 17.62 0.59
CA ASN G 338 24.74 16.20 0.47
C ASN G 338 26.00 16.02 -0.36
N CYS G 339 26.95 15.25 0.15
CA CYS G 339 28.21 14.96 -0.54
C CYS G 339 28.40 13.45 -0.56
N GLY G 340 27.90 12.79 -1.60
CA GLY G 340 28.08 11.36 -1.74
C GLY G 340 27.51 10.55 -0.60
N GLY G 341 26.31 10.90 -0.15
CA GLY G 341 25.65 10.17 0.92
C GLY G 341 26.01 10.63 2.31
N GLU G 342 26.81 11.67 2.46
CA GLU G 342 27.16 12.25 3.75
C GLU G 342 26.55 13.64 3.86
N PHE G 343 25.84 13.88 4.97
CA PHE G 343 25.14 15.14 5.18
C PHE G 343 26.00 16.05 6.04
N PHE G 344 26.33 17.22 5.50
CA PHE G 344 27.23 18.17 6.15
C PHE G 344 26.45 19.30 6.79
N TYR G 345 27.10 19.96 7.75
CA TYR G 345 26.53 21.13 8.42
C TYR G 345 27.68 22.04 8.81
N CYS G 346 27.86 23.14 8.08
CA CYS G 346 29.05 23.97 8.22
C CYS G 346 28.69 25.41 8.56
N ASN G 347 29.64 26.07 9.23
CA ASN G 347 29.39 27.38 9.82
C ASN G 347 29.02 28.41 8.77
N THR G 348 29.92 28.65 7.83
CA THR G 348 29.82 29.80 6.91
C THR G 348 29.69 31.10 7.69
N SER G 349 30.44 31.21 8.78
CA SER G 349 30.44 32.40 9.62
C SER G 349 31.53 33.39 9.23
N ASP G 350 32.63 32.92 8.64
CA ASP G 350 33.70 33.81 8.21
C ASP G 350 33.38 34.55 6.91
N LEU G 351 32.31 34.15 6.22
CA LEU G 351 31.97 34.79 4.96
C LEU G 351 31.06 36.00 5.14
N PHE G 352 30.24 36.01 6.19
CA PHE G 352 29.24 37.05 6.43
C PHE G 352 29.39 37.65 7.82
N PHE G 353 30.61 38.02 8.20
CA PHE G 353 30.87 38.63 9.50
C PHE G 353 31.63 39.93 9.30
N ASN G 354 31.01 41.04 9.70
CA ASN G 354 31.63 42.36 9.69
C ASN G 354 32.07 42.78 8.29
N LYS G 355 31.44 42.21 7.26
CA LYS G 355 31.84 42.47 5.87
C LYS G 355 31.07 43.67 5.35
N THR G 356 31.56 44.86 5.71
CA THR G 356 31.07 46.11 5.15
C THR G 356 31.87 46.43 3.89
N PHE G 357 31.17 46.78 2.81
CA PHE G 357 31.77 46.91 1.50
C PHE G 357 31.91 48.36 1.04
N ASN G 358 31.78 49.31 1.96
CA ASN G 358 31.97 50.72 1.63
C ASN G 358 31.96 51.58 2.89
N THR G 368 45.56 37.82 -4.32
CA THR G 368 46.34 36.92 -3.48
C THR G 368 45.87 35.48 -3.62
N ASN G 369 46.65 34.56 -3.07
CA ASN G 369 46.33 33.13 -3.11
C ASN G 369 45.69 32.64 -1.80
N SER G 370 45.32 33.56 -0.91
CA SER G 370 44.71 33.15 0.35
C SER G 370 43.38 32.45 0.11
N THR G 371 43.08 31.46 0.94
CA THR G 371 41.85 30.69 0.85
C THR G 371 41.19 30.66 2.22
N ILE G 372 39.86 30.75 2.22
CA ILE G 372 39.08 30.76 3.45
C ILE G 372 38.65 29.34 3.76
N THR G 373 39.11 28.80 4.88
CA THR G 373 38.72 27.48 5.34
C THR G 373 37.54 27.58 6.30
N LEU G 374 36.63 26.62 6.23
CA LEU G 374 35.40 26.62 7.02
C LEU G 374 35.27 25.29 7.73
N PRO G 375 35.95 25.11 8.86
CA PRO G 375 35.86 23.82 9.57
C PRO G 375 34.45 23.52 10.01
N CYS G 376 34.08 22.24 9.95
CA CYS G 376 32.74 21.82 10.31
C CYS G 376 32.71 20.32 10.51
N ARG G 377 31.60 19.84 11.07
CA ARG G 377 31.42 18.46 11.48
C ARG G 377 30.23 17.84 10.75
N ILE G 378 30.00 16.55 11.02
CA ILE G 378 29.02 15.75 10.29
C ILE G 378 27.96 15.26 11.27
N LYS G 379 26.76 15.02 10.74
CA LYS G 379 25.64 14.49 11.51
C LYS G 379 25.11 13.24 10.81
N GLN G 380 24.75 12.23 11.60
CA GLN G 380 24.29 10.96 11.05
C GLN G 380 22.77 10.92 10.91
N ILE G 381 22.05 11.30 11.97
CA ILE G 381 20.59 11.35 11.95
C ILE G 381 20.16 12.76 11.59
N ILE G 382 19.39 12.89 10.51
CA ILE G 382 19.05 14.17 9.92
C ILE G 382 17.54 14.34 9.94
N ASN G 383 17.07 15.49 10.41
CA ASN G 383 15.64 15.79 10.45
C ASN G 383 15.20 16.59 9.22
N MET G 384 15.56 16.13 8.03
CA MET G 384 15.21 16.87 6.82
C MET G 384 13.76 16.59 6.43
N TRP G 385 13.24 17.44 5.54
CA TRP G 385 11.82 17.47 5.23
C TRP G 385 11.01 17.70 6.51
N GLN G 386 11.26 18.86 7.11
CA GLN G 386 10.68 19.22 8.39
C GLN G 386 9.18 19.01 8.40
N GLU G 387 8.72 18.09 9.24
CA GLU G 387 7.30 17.73 9.32
C GLU G 387 7.04 17.10 10.68
N VAL G 388 5.83 16.62 10.87
CA VAL G 388 5.41 16.09 12.17
C VAL G 388 5.89 14.65 12.32
N GLY G 389 6.68 14.40 13.36
CA GLY G 389 7.06 13.05 13.74
C GLY G 389 7.63 12.19 12.63
N ARG G 390 8.82 12.51 12.14
CA ARG G 390 9.44 11.72 11.07
C ARG G 390 10.94 11.95 11.11
N ALA G 391 11.71 10.88 11.27
CA ALA G 391 13.16 10.92 11.32
C ALA G 391 13.73 9.96 10.28
N MET G 392 15.05 9.88 10.21
CA MET G 392 15.72 9.08 9.20
C MET G 392 17.20 9.01 9.52
N TYR G 393 17.79 7.84 9.27
CA TYR G 393 19.19 7.57 9.60
C TYR G 393 19.97 7.28 8.32
N ALA G 394 21.14 7.91 8.18
CA ALA G 394 21.97 7.75 7.00
C ALA G 394 23.10 6.77 7.28
N PRO G 395 23.16 5.62 6.61
CA PRO G 395 24.27 4.70 6.86
C PRO G 395 25.59 5.32 6.44
N PRO G 396 26.68 4.94 7.09
CA PRO G 396 27.99 5.52 6.74
C PRO G 396 28.54 4.92 5.46
N ILE G 397 29.60 5.55 4.95
CA ILE G 397 30.27 5.13 3.73
C ILE G 397 31.76 5.04 4.00
N ALA G 398 32.38 3.96 3.53
CA ALA G 398 33.81 3.74 3.75
C ALA G 398 34.62 4.55 2.75
N GLY G 399 35.71 5.13 3.23
CA GLY G 399 36.63 5.87 2.38
C GLY G 399 36.31 7.36 2.33
N ASN G 400 37.35 8.14 2.08
CA ASN G 400 37.18 9.59 1.97
C ASN G 400 36.36 9.92 0.74
N ILE G 401 35.67 11.07 0.80
CA ILE G 401 34.77 11.51 -0.25
C ILE G 401 35.17 12.92 -0.66
N THR G 402 35.17 13.18 -1.97
CA THR G 402 35.46 14.48 -2.53
C THR G 402 34.31 14.89 -3.44
N CYS G 403 33.91 16.16 -3.34
CA CYS G 403 32.79 16.66 -4.12
C CYS G 403 32.99 18.15 -4.39
N LYS G 404 32.96 18.54 -5.66
CA LYS G 404 32.95 19.94 -6.03
C LYS G 404 31.51 20.45 -6.08
N SER G 405 31.36 21.75 -6.29
CA SER G 405 30.04 22.36 -6.38
C SER G 405 30.20 23.81 -6.78
N ASN G 406 29.09 24.39 -7.26
CA ASN G 406 29.03 25.78 -7.68
C ASN G 406 28.06 26.54 -6.79
N ILE G 407 28.48 27.70 -6.30
CA ILE G 407 27.61 28.58 -5.54
C ILE G 407 26.99 29.57 -6.51
N THR G 408 25.67 29.54 -6.63
CA THR G 408 24.94 30.36 -7.59
C THR G 408 23.73 31.03 -6.96
N GLY G 409 23.84 31.42 -5.70
CA GLY G 409 22.75 32.14 -5.05
C GLY G 409 22.81 32.09 -3.54
N LEU G 410 22.48 33.22 -2.90
CA LEU G 410 22.48 33.34 -1.45
C LEU G 410 21.05 33.60 -0.98
N LEU G 411 20.65 32.89 0.08
CA LEU G 411 19.37 33.09 0.72
C LEU G 411 19.60 33.92 1.98
N LEU G 412 19.03 35.14 1.99
CA LEU G 412 19.26 36.08 3.07
C LEU G 412 17.93 36.54 3.64
N THR G 413 17.95 36.90 4.92
CA THR G 413 16.74 37.44 5.56
C THR G 413 17.13 38.79 6.14
N ARG G 414 16.55 39.88 5.62
CA ARG G 414 16.95 41.26 6.04
C ARG G 414 16.58 41.50 7.51
N ASP G 415 17.53 42.03 8.29
CA ASP G 415 17.24 42.39 9.70
C ASP G 415 17.04 43.91 9.76
N GLY G 416 15.83 44.36 10.14
CA GLY G 416 15.56 45.81 10.14
C GLY G 416 14.51 46.26 11.14
N GLY G 417 14.66 47.47 11.67
CA GLY G 417 13.64 48.05 12.58
C GLY G 417 13.34 49.44 12.06
N GLY G 418 14.00 49.83 10.95
CA GLY G 418 13.82 51.15 10.31
C GLY G 418 14.55 52.25 11.06
N ASN G 419 14.30 53.50 10.70
CA ASN G 419 14.90 54.65 11.42
C ASN G 419 16.41 54.42 11.55
N ASN G 420 17.05 53.92 10.49
CA ASN G 420 18.49 53.58 10.58
C ASN G 420 19.28 54.40 9.59
N SER G 421 20.28 55.12 10.09
CA SER G 421 21.14 55.87 9.15
C SER G 421 21.83 54.82 8.30
N THR G 422 21.29 54.55 7.11
CA THR G 422 21.88 53.48 6.28
C THR G 422 21.97 52.25 7.16
N LYS G 423 23.13 51.61 7.23
CA LYS G 423 23.30 50.49 8.20
C LYS G 423 22.13 49.51 8.09
N GLU G 424 21.72 49.15 6.88
CA GLU G 424 20.67 48.12 6.78
C GLU G 424 21.30 46.73 6.76
N THR G 425 21.40 46.04 7.91
CA THR G 425 22.08 44.74 8.07
C THR G 425 21.35 43.61 7.37
N PHE G 426 22.08 42.73 6.70
CA PHE G 426 21.55 41.55 6.03
C PHE G 426 22.20 40.31 6.62
N ARG G 427 21.39 39.36 7.06
CA ARG G 427 21.87 38.17 7.75
C ARG G 427 21.52 36.93 6.93
N PRO G 428 22.48 36.13 6.48
CA PRO G 428 22.12 34.89 5.79
C PRO G 428 21.29 33.99 6.69
N GLY G 429 20.34 33.29 6.09
CA GLY G 429 19.48 32.36 6.80
C GLY G 429 19.00 31.29 5.85
N GLY G 430 17.82 30.77 6.14
CA GLY G 430 17.21 29.75 5.29
C GLY G 430 15.74 30.01 5.08
N GLY G 431 14.94 28.95 5.13
CA GLY G 431 13.51 29.09 4.97
C GLY G 431 12.89 27.79 4.49
N ASN G 432 11.69 27.92 3.94
CA ASN G 432 10.97 26.74 3.47
C ASN G 432 11.67 26.16 2.24
N MET G 433 11.57 24.84 2.09
CA MET G 433 12.37 24.12 1.09
C MET G 433 12.06 24.62 -0.32
N ARG G 434 10.82 25.02 -0.59
CA ARG G 434 10.43 25.44 -1.93
C ARG G 434 11.24 26.63 -2.40
N ASP G 435 11.77 27.43 -1.48
CA ASP G 435 12.57 28.59 -1.88
C ASP G 435 13.81 28.17 -2.67
N ASN G 436 14.32 26.97 -2.42
CA ASN G 436 15.48 26.49 -3.18
C ASN G 436 15.14 26.33 -4.65
N TRP G 437 13.97 25.78 -4.97
CA TRP G 437 13.62 25.50 -6.34
C TRP G 437 13.01 26.70 -7.07
N ARG G 438 12.47 27.67 -6.33
CA ARG G 438 11.91 28.85 -6.96
C ARG G 438 12.96 29.63 -7.73
N SER G 439 14.25 29.50 -7.38
CA SER G 439 15.30 30.21 -8.08
C SER G 439 15.57 29.62 -9.47
N GLU G 440 15.18 28.36 -9.70
CA GLU G 440 15.37 27.71 -10.99
C GLU G 440 14.08 27.55 -11.79
N LEU G 441 12.92 27.75 -11.17
CA LEU G 441 11.63 27.71 -11.83
C LEU G 441 11.05 29.11 -12.03
N TYR G 442 11.87 30.14 -11.89
CA TYR G 442 11.35 31.50 -11.83
C TYR G 442 10.81 32.01 -13.16
N LYS G 443 11.01 31.28 -14.26
CA LYS G 443 10.41 31.63 -15.56
C LYS G 443 9.69 30.40 -16.11
N TYR G 444 8.45 30.21 -15.69
CA TYR G 444 7.62 29.12 -16.20
C TYR G 444 6.16 29.43 -15.89
N LYS G 445 5.28 28.92 -16.73
CA LYS G 445 3.84 28.99 -16.45
C LYS G 445 3.15 27.93 -17.27
N VAL G 446 2.64 26.89 -16.61
CA VAL G 446 1.85 25.87 -17.28
C VAL G 446 0.47 26.46 -17.57
N VAL G 447 0.03 26.36 -18.82
CA VAL G 447 -1.17 27.05 -19.27
C VAL G 447 -1.97 26.11 -20.17
N GLU G 448 -3.29 26.15 -20.01
CA GLU G 448 -4.20 25.37 -20.85
C GLU G 448 -4.44 26.08 -22.17
N VAL G 449 -4.65 25.30 -23.22
CA VAL G 449 -4.83 25.81 -24.58
C VAL G 449 -6.24 25.48 -25.04
N LYS G 450 -6.94 26.49 -25.56
CA LYS G 450 -8.29 26.33 -26.09
C LYS G 450 -8.25 26.60 -27.59
N PRO G 451 -8.21 25.58 -28.44
CA PRO G 451 -8.05 25.81 -29.88
C PRO G 451 -9.33 26.08 -30.64
N LEU G 452 -10.46 26.30 -29.96
CA LEU G 452 -11.72 26.61 -30.63
C LEU G 452 -11.90 28.13 -30.70
N GLY G 453 -12.22 28.63 -31.89
CA GLY G 453 -12.41 30.05 -32.08
C GLY G 453 -13.61 30.32 -32.96
N ILE G 454 -14.29 31.43 -32.67
CA ILE G 454 -15.46 31.88 -33.41
C ILE G 454 -15.21 33.31 -33.86
N ALA G 455 -15.38 33.57 -35.15
CA ALA G 455 -15.10 34.86 -35.74
C ALA G 455 -16.19 35.20 -36.74
N PRO G 456 -16.37 36.49 -37.06
CA PRO G 456 -17.38 36.85 -38.06
C PRO G 456 -16.85 36.75 -39.47
N THR G 457 -17.69 36.23 -40.36
CA THR G 457 -17.31 36.07 -41.76
C THR G 457 -18.58 36.05 -42.59
N GLU G 458 -18.45 36.43 -43.87
CA GLU G 458 -19.57 36.47 -44.80
C GLU G 458 -19.70 35.18 -45.59
N CYS G 459 -19.29 34.05 -45.03
CA CYS G 459 -19.37 32.78 -45.75
C CYS G 459 -20.80 32.42 -46.09
N ASN G 460 -21.65 32.24 -45.06
CA ASN G 460 -23.02 31.77 -45.23
C ASN G 460 -23.02 30.43 -45.99
N ARG G 461 -22.51 29.43 -45.26
CA ARG G 461 -22.31 28.08 -45.77
C ARG G 461 -23.42 27.65 -46.72
N THR G 462 -23.02 27.15 -47.88
CA THR G 462 -23.95 26.72 -48.92
C THR G 462 -24.80 25.56 -48.43
N GLN H 1 -6.76 29.27 18.40
CA GLN H 1 -6.66 30.66 18.96
C GLN H 1 -7.31 30.70 20.34
N VAL H 2 -7.26 29.57 21.06
CA VAL H 2 -7.94 29.48 22.34
C VAL H 2 -7.34 30.45 23.36
N GLN H 3 -6.02 30.48 23.45
CA GLN H 3 -5.36 31.33 24.43
C GLN H 3 -3.90 31.53 24.04
N LEU H 4 -3.31 32.60 24.55
CA LEU H 4 -1.91 32.93 24.35
C LEU H 4 -1.31 33.43 25.66
N LEU H 5 -1.57 32.71 26.75
CA LEU H 5 -1.17 33.17 28.07
C LEU H 5 0.34 33.36 28.16
N GLN H 6 0.75 34.32 28.97
CA GLN H 6 2.15 34.68 29.16
C GLN H 6 2.54 34.40 30.62
N SER H 7 3.80 34.72 30.94
CA SER H 7 4.32 34.52 32.28
C SER H 7 3.76 35.59 33.21
N GLY H 8 4.27 35.62 34.44
CA GLY H 8 3.86 36.61 35.42
C GLY H 8 4.86 37.75 35.53
N ALA H 9 4.49 38.73 36.34
CA ALA H 9 5.35 39.88 36.58
C ALA H 9 6.62 39.46 37.33
N ALA H 10 7.73 40.12 36.99
CA ALA H 10 9.00 39.85 37.64
C ALA H 10 9.81 41.14 37.71
N VAL H 11 10.69 41.22 38.70
CA VAL H 11 11.55 42.38 38.92
C VAL H 11 12.98 41.90 39.01
N THR H 12 13.87 42.58 38.29
CA THR H 12 15.28 42.22 38.24
C THR H 12 16.15 43.47 38.41
N LYS H 13 17.25 43.31 39.14
CA LYS H 13 18.18 44.42 39.33
C LYS H 13 18.99 44.64 38.05
N PRO H 14 19.61 45.82 37.90
CA PRO H 14 20.41 46.06 36.70
C PRO H 14 21.55 45.06 36.58
N GLY H 15 21.83 44.65 35.33
CA GLY H 15 22.84 43.66 35.05
C GLY H 15 22.39 42.22 35.16
N ALA H 16 21.15 41.98 35.57
CA ALA H 16 20.62 40.63 35.72
C ALA H 16 20.00 40.18 34.39
N SER H 17 19.26 39.07 34.43
CA SER H 17 18.57 38.56 33.26
C SER H 17 17.12 38.25 33.63
N VAL H 18 16.23 38.46 32.67
CA VAL H 18 14.80 38.24 32.87
C VAL H 18 14.29 37.29 31.80
N ARG H 19 13.46 36.34 32.21
CA ARG H 19 12.88 35.34 31.33
C ARG H 19 11.37 35.57 31.24
N VAL H 20 10.86 35.63 30.02
CA VAL H 20 9.43 35.76 29.76
C VAL H 20 9.00 34.62 28.86
N SER H 21 7.93 33.92 29.25
CA SER H 21 7.46 32.75 28.53
C SER H 21 6.08 32.99 27.95
N CYS H 22 5.88 32.54 26.71
CA CYS H 22 4.61 32.63 26.01
C CYS H 22 4.23 31.26 25.50
N GLU H 23 3.00 30.82 25.78
CA GLU H 23 2.52 29.50 25.42
C GLU H 23 1.28 29.62 24.54
N ALA H 24 1.21 28.77 23.52
CA ALA H 24 0.08 28.71 22.60
C ALA H 24 -0.33 27.26 22.41
N SER H 25 -1.63 26.98 22.55
CA SER H 25 -2.14 25.61 22.48
C SER H 25 -3.15 25.42 21.37
N GLY H 26 -4.15 26.30 21.26
CA GLY H 26 -5.26 26.08 20.36
C GLY H 26 -4.88 25.91 18.90
N TYR H 27 -4.40 26.99 18.28
CA TYR H 27 -4.09 26.97 16.86
C TYR H 27 -2.84 26.13 16.59
N ASN H 28 -2.59 25.87 15.32
CA ASN H 28 -1.37 25.18 14.89
C ASN H 28 -0.21 26.16 14.94
N ILE H 29 0.77 25.89 15.81
CA ILE H 29 1.84 26.85 16.02
C ILE H 29 2.89 26.81 14.92
N ARG H 30 2.97 25.71 14.16
CA ARG H 30 4.00 25.55 13.15
C ARG H 30 3.67 26.27 11.85
N ASP H 31 2.56 27.00 11.78
CA ASP H 31 2.12 27.65 10.54
C ASP H 31 2.17 29.17 10.59
N TYR H 32 2.15 29.77 11.78
CA TYR H 32 2.05 31.22 11.92
C TYR H 32 3.19 31.74 12.80
N PHE H 33 3.75 32.87 12.40
CA PHE H 33 4.88 33.45 13.11
C PHE H 33 4.42 34.07 14.43
N ILE H 34 5.40 34.36 15.29
CA ILE H 34 5.15 34.97 16.60
C ILE H 34 6.04 36.20 16.72
N HIS H 35 5.46 37.31 17.16
CA HIS H 35 6.17 38.57 17.31
C HIS H 35 6.13 39.01 18.77
N TRP H 36 7.14 39.77 19.17
CA TRP H 36 7.25 40.30 20.53
C TRP H 36 7.24 41.82 20.46
N TRP H 37 6.44 42.44 21.33
CA TRP H 37 6.27 43.88 21.35
C TRP H 37 6.59 44.42 22.74
N ARG H 38 6.98 45.69 22.78
CA ARG H 38 7.33 46.37 24.02
C ARG H 38 6.65 47.72 24.07
N GLN H 39 6.33 48.17 25.29
CA GLN H 39 5.66 49.46 25.47
C GLN H 39 6.10 50.02 26.82
N ALA H 40 6.96 51.05 26.78
CA ALA H 40 7.34 51.75 27.99
C ALA H 40 6.22 52.67 28.44
N PRO H 41 6.21 53.09 29.70
CA PRO H 41 5.17 53.99 30.18
C PRO H 41 5.16 55.29 29.40
N GLY H 42 3.96 55.79 29.12
CA GLY H 42 3.81 57.05 28.41
C GLY H 42 4.42 57.05 27.02
N GLN H 43 4.27 55.95 26.29
CA GLN H 43 4.82 55.85 24.95
C GLN H 43 4.08 54.77 24.19
N GLY H 44 4.23 54.80 22.86
CA GLY H 44 3.57 53.83 22.01
C GLY H 44 4.27 52.50 21.97
N LEU H 45 3.73 51.60 21.16
CA LEU H 45 4.27 50.25 21.05
C LEU H 45 5.67 50.28 20.44
N GLN H 46 6.43 49.23 20.73
CA GLN H 46 7.77 49.07 20.18
C GLN H 46 7.95 47.63 19.72
N TRP H 47 8.86 47.44 18.77
CA TRP H 47 9.09 46.14 18.15
C TRP H 47 10.35 45.50 18.69
N VAL H 48 10.27 44.21 19.01
CA VAL H 48 11.38 43.46 19.56
C VAL H 48 11.91 42.42 18.58
N GLY H 49 11.02 41.76 17.85
CA GLY H 49 11.45 40.80 16.85
C GLY H 49 10.41 39.72 16.65
N TRP H 50 10.71 38.81 15.73
CA TRP H 50 9.86 37.68 15.42
C TRP H 50 10.69 36.40 15.39
N ILE H 51 10.05 35.29 15.72
CA ILE H 51 10.68 33.97 15.72
C ILE H 51 9.83 33.02 14.91
N ASN H 52 10.45 32.29 13.99
CA ASN H 52 9.72 31.34 13.16
C ASN H 52 9.53 30.03 13.92
N PRO H 53 8.30 29.59 14.19
CA PRO H 53 8.13 28.33 14.95
C PRO H 53 8.73 27.12 14.25
N LYS H 54 8.69 27.06 12.92
CA LYS H 54 9.23 25.90 12.21
C LYS H 54 10.72 25.73 12.53
N THR H 55 11.53 26.71 12.16
CA THR H 55 12.95 26.75 12.50
C THR H 55 13.19 27.99 13.35
N GLY H 56 13.88 27.82 14.47
CA GLY H 56 14.02 28.89 15.43
C GLY H 56 14.92 30.00 14.94
N GLN H 57 14.47 30.73 13.92
CA GLN H 57 15.26 31.81 13.34
C GLN H 57 14.73 33.14 13.87
N PRO H 58 15.46 33.84 14.75
CA PRO H 58 14.99 35.13 15.23
C PRO H 58 15.37 36.27 14.30
N ASN H 59 14.81 37.44 14.59
CA ASN H 59 15.11 38.65 13.81
C ASN H 59 14.73 39.83 14.68
N ASN H 60 15.72 40.63 15.07
CA ASN H 60 15.55 41.69 16.04
C ASN H 60 16.14 43.00 15.50
N PRO H 61 15.69 44.14 16.01
CA PRO H 61 16.25 45.42 15.54
C PRO H 61 17.71 45.55 15.91
N ARG H 62 18.33 46.61 15.36
CA ARG H 62 19.74 46.86 15.63
C ARG H 62 19.98 47.12 17.11
N GLN H 63 19.11 47.92 17.75
CA GLN H 63 19.33 48.30 19.14
C GLN H 63 19.30 47.08 20.05
N PHE H 64 18.35 46.16 19.82
CA PHE H 64 18.24 44.97 20.64
C PHE H 64 19.16 43.84 20.19
N GLN H 65 19.82 43.98 19.04
CA GLN H 65 20.73 42.93 18.60
C GLN H 65 21.87 42.78 19.58
N GLY H 66 22.19 41.52 19.92
CA GLY H 66 23.22 41.23 20.89
C GLY H 66 22.74 41.20 22.32
N ARG H 67 21.50 41.59 22.59
CA ARG H 67 20.93 41.57 23.92
C ARG H 67 19.80 40.55 24.04
N VAL H 68 18.76 40.68 23.22
CA VAL H 68 17.61 39.80 23.29
C VAL H 68 17.91 38.50 22.53
N SER H 69 17.35 37.40 23.03
CA SER H 69 17.50 36.10 22.41
C SER H 69 16.16 35.38 22.49
N LEU H 70 15.58 35.05 21.34
CA LEU H 70 14.29 34.39 21.26
C LEU H 70 14.50 32.90 21.10
N THR H 71 13.80 32.12 21.92
CA THR H 71 13.91 30.66 21.91
C THR H 71 12.52 30.05 21.91
N ARG H 72 12.40 28.90 21.25
CA ARG H 72 11.17 28.14 21.18
C ARG H 72 11.45 26.71 21.59
N HIS H 73 10.65 26.18 22.51
CA HIS H 73 10.81 24.82 23.01
C HIS H 73 9.45 24.12 22.95
N ALA H 74 9.25 23.33 21.91
CA ALA H 74 8.01 22.57 21.79
C ALA H 74 7.92 21.49 22.85
N SER H 75 6.71 21.25 23.31
CA SER H 75 6.46 20.14 24.23
C SER H 75 6.61 18.83 23.47
N TRP H 76 6.44 17.72 24.21
CA TRP H 76 6.53 16.40 23.59
C TRP H 76 5.49 16.24 22.49
N ASP H 77 4.24 16.63 22.75
CA ASP H 77 3.25 16.69 21.69
C ASP H 77 3.39 18.01 20.95
N PHE H 78 2.89 18.03 19.72
CA PHE H 78 2.98 19.23 18.87
C PHE H 78 1.84 20.18 19.21
N ASP H 79 1.88 20.63 20.46
CA ASP H 79 0.90 21.56 21.02
C ASP H 79 1.53 22.21 22.24
N THR H 80 0.91 23.30 22.69
CA THR H 80 1.42 24.05 23.85
C THR H 80 2.87 24.48 23.62
N TYR H 81 3.17 24.93 22.41
CA TYR H 81 4.51 25.43 22.11
C TYR H 81 4.85 26.58 23.05
N SER H 82 6.06 26.53 23.61
CA SER H 82 6.54 27.54 24.55
C SER H 82 7.54 28.45 23.85
N PHE H 83 7.30 29.76 23.93
CA PHE H 83 8.17 30.77 23.34
C PHE H 83 8.78 31.59 24.46
N TYR H 84 10.10 31.71 24.46
CA TYR H 84 10.85 32.41 25.49
C TYR H 84 11.50 33.66 24.93
N MET H 85 11.81 34.59 25.83
CA MET H 85 12.49 35.83 25.45
C MET H 85 13.43 36.21 26.59
N ASP H 86 14.73 36.16 26.33
CA ASP H 86 15.75 36.42 27.33
C ASP H 86 16.62 37.58 26.89
N LEU H 87 16.96 38.46 27.84
CA LEU H 87 17.85 39.58 27.59
C LEU H 87 18.93 39.60 28.67
N LYS H 88 20.13 40.05 28.26
CA LYS H 88 21.29 39.99 29.15
C LYS H 88 21.50 41.32 29.89
N ALA H 89 21.69 42.41 29.15
CA ALA H 89 21.98 43.70 29.76
C ALA H 89 20.70 44.48 29.99
N LEU H 90 20.64 45.21 31.10
CA LEU H 90 19.50 46.03 31.46
C LEU H 90 19.89 47.50 31.43
N ARG H 91 18.89 48.34 31.22
CA ARG H 91 19.06 49.78 31.21
C ARG H 91 17.90 50.42 31.97
N SER H 92 18.11 51.66 32.40
CA SER H 92 17.08 52.37 33.15
C SER H 92 15.82 52.59 32.33
N ASP H 93 15.92 52.59 31.01
CA ASP H 93 14.77 52.80 30.13
C ASP H 93 14.11 51.50 29.68
N ASP H 94 14.56 50.36 30.18
CA ASP H 94 13.95 49.08 29.83
C ASP H 94 12.69 48.78 30.61
N THR H 95 12.29 49.66 31.53
CA THR H 95 11.04 49.47 32.27
C THR H 95 9.86 49.53 31.31
N ALA H 96 9.25 48.38 31.05
CA ALA H 96 8.14 48.31 30.10
C ALA H 96 7.40 46.99 30.31
N VAL H 97 6.32 46.81 29.55
CA VAL H 97 5.52 45.59 29.57
C VAL H 97 5.61 44.95 28.19
N TYR H 98 5.93 43.66 28.16
CA TYR H 98 6.17 42.93 26.91
C TYR H 98 5.01 42.00 26.63
N PHE H 99 4.55 42.00 25.38
CA PHE H 99 3.41 41.21 24.94
C PHE H 99 3.84 40.11 24.00
N CYS H 100 2.92 39.19 23.74
CA CYS H 100 3.11 38.09 22.82
C CYS H 100 2.01 38.15 21.77
N ALA H 101 2.38 38.26 20.51
CA ALA H 101 1.44 38.46 19.41
C ALA H 101 1.51 37.28 18.45
N ARG H 102 0.81 37.39 17.33
CA ARG H 102 0.80 36.36 16.31
C ARG H 102 0.48 36.97 14.96
N GLN H 103 1.30 36.66 13.95
CA GLN H 103 1.07 37.12 12.59
C GLN H 103 0.18 36.11 11.86
N ARG H 104 -0.87 36.61 11.20
CA ARG H 104 -1.85 35.74 10.59
C ARG H 104 -1.52 35.41 9.14
N SER H 105 -1.22 36.41 8.32
CA SER H 105 -0.97 36.19 6.90
C SER H 105 0.03 37.23 6.43
N ASP H 106 0.15 37.39 5.11
CA ASP H 106 1.01 38.42 4.55
C ASP H 106 0.67 39.79 5.12
N TYR H 107 -0.61 40.03 5.39
CA TYR H 107 -1.03 41.26 6.05
C TYR H 107 -0.59 41.21 7.51
N TRP H 108 0.30 42.12 7.90
CA TRP H 108 0.87 42.11 9.24
C TRP H 108 -0.21 42.56 10.23
N ASP H 109 -1.07 41.62 10.59
CA ASP H 109 -2.15 41.85 11.53
C ASP H 109 -2.08 40.82 12.65
N PHE H 110 -2.47 41.26 13.85
CA PHE H 110 -2.41 40.44 15.06
C PHE H 110 -3.78 40.46 15.72
N ASP H 111 -4.34 39.28 15.97
CA ASP H 111 -5.66 39.16 16.57
C ASP H 111 -5.66 38.57 17.97
N VAL H 112 -4.60 37.84 18.35
CA VAL H 112 -4.48 37.24 19.67
C VAL H 112 -3.25 37.82 20.35
N TRP H 113 -3.42 38.34 21.56
CA TRP H 113 -2.35 38.95 22.32
C TRP H 113 -2.36 38.39 23.74
N GLY H 114 -1.18 38.35 24.35
CA GLY H 114 -1.07 37.91 25.73
C GLY H 114 -1.42 39.01 26.72
N SER H 115 -1.52 38.61 27.99
CA SER H 115 -1.90 39.55 29.02
C SER H 115 -0.83 40.63 29.21
N GLY H 116 0.43 40.21 29.34
CA GLY H 116 1.53 41.14 29.58
C GLY H 116 2.40 40.72 30.74
N THR H 117 3.64 41.22 30.78
CA THR H 117 4.57 40.93 31.87
C THR H 117 5.37 42.18 32.14
N GLN H 118 4.97 42.94 33.16
CA GLN H 118 5.70 44.14 33.54
C GLN H 118 7.04 43.75 34.14
N VAL H 119 8.11 44.40 33.68
CA VAL H 119 9.45 44.20 34.20
C VAL H 119 10.05 45.57 34.49
N THR H 120 10.66 45.71 35.66
CA THR H 120 11.27 46.96 36.11
C THR H 120 12.76 46.75 36.29
N VAL H 121 13.43 47.81 36.74
CA VAL H 121 14.87 47.76 36.98
C VAL H 121 15.23 48.64 38.17
N ASP I 1 11.67 51.72 4.63
CA ASP I 1 11.63 53.13 5.09
C ASP I 1 10.21 53.68 5.02
N ILE I 2 9.25 52.85 5.41
CA ILE I 2 7.84 53.25 5.40
C ILE I 2 7.64 54.33 6.46
N GLN I 3 6.88 55.35 6.11
CA GLN I 3 6.70 56.54 6.96
C GLN I 3 5.22 56.74 7.27
N MET I 4 4.97 57.44 8.38
CA MET I 4 3.61 57.74 8.81
C MET I 4 3.65 58.92 9.76
N THR I 5 2.51 59.57 9.93
CA THR I 5 2.39 60.74 10.78
C THR I 5 1.03 60.74 11.46
N GLN I 6 0.96 61.41 12.61
CA GLN I 6 -0.26 61.60 13.36
C GLN I 6 -0.43 63.11 13.59
N SER I 7 -1.19 63.75 12.69
CA SER I 7 -1.30 65.21 12.74
C SER I 7 -1.94 65.73 14.02
N PRO I 8 -3.09 65.21 14.49
CA PRO I 8 -3.80 65.90 15.59
C PRO I 8 -3.05 65.84 16.90
N SER I 9 -2.68 64.63 17.34
CA SER I 9 -2.01 64.36 18.61
C SER I 9 -2.91 64.60 19.82
N SER I 10 -4.15 65.05 19.62
CA SER I 10 -5.07 65.31 20.72
C SER I 10 -6.47 65.39 20.13
N LEU I 11 -7.38 64.53 20.62
CA LEU I 11 -8.72 64.41 20.06
C LEU I 11 -9.75 64.60 21.17
N SER I 12 -10.81 65.33 20.86
CA SER I 12 -11.88 65.59 21.80
C SER I 12 -13.20 65.72 21.04
N ALA I 13 -14.21 65.01 21.50
CA ALA I 13 -15.54 65.06 20.92
C ALA I 13 -16.55 64.53 21.91
N SER I 14 -17.70 65.18 22.00
CA SER I 14 -18.75 64.75 22.92
C SER I 14 -19.40 63.47 22.43
N VAL I 15 -19.99 62.74 23.37
CA VAL I 15 -20.62 61.46 23.03
C VAL I 15 -21.82 61.69 22.12
N GLY I 16 -22.13 60.70 21.30
CA GLY I 16 -23.28 60.75 20.42
C GLY I 16 -23.03 61.40 19.07
N ASP I 17 -21.84 61.95 18.83
CA ASP I 17 -21.51 62.62 17.59
C ASP I 17 -20.67 61.68 16.71
N THR I 18 -20.20 62.21 15.58
CA THR I 18 -19.35 61.47 14.66
C THR I 18 -17.94 62.03 14.77
N VAL I 19 -16.98 61.15 15.03
CA VAL I 19 -15.57 61.52 15.17
C VAL I 19 -14.74 60.55 14.34
N THR I 20 -13.66 61.07 13.75
CA THR I 20 -12.83 60.30 12.85
C THR I 20 -11.36 60.52 13.19
N ILE I 21 -10.54 59.53 12.85
CA ILE I 21 -9.09 59.59 13.02
C ILE I 21 -8.44 59.11 11.73
N THR I 22 -7.33 59.75 11.36
CA THR I 22 -6.65 59.46 10.09
C THR I 22 -5.17 59.25 10.35
N CYS I 23 -4.60 58.25 9.65
CA CYS I 23 -3.17 57.98 9.67
C CYS I 23 -2.67 57.85 8.24
N GLN I 24 -1.94 58.86 7.77
CA GLN I 24 -1.37 58.84 6.43
C GLN I 24 -0.10 57.99 6.46
N ALA I 25 -0.14 56.84 5.79
CA ALA I 25 1.00 55.93 5.80
C ALA I 25 1.00 55.10 4.52
N ASN I 26 2.18 54.62 4.15
CA ASN I 26 2.37 53.74 3.01
C ASN I 26 2.25 52.29 3.44
N GLY I 27 1.89 51.43 2.48
CA GLY I 27 1.75 50.03 2.76
C GLY I 27 0.47 49.69 3.50
N TYR I 28 0.44 48.47 4.04
CA TYR I 28 -0.72 48.00 4.76
C TYR I 28 -0.81 48.67 6.13
N LEU I 29 -2.04 49.01 6.53
CA LEU I 29 -2.31 49.67 7.79
C LEU I 29 -3.35 48.91 8.57
N ASN I 30 -3.13 48.77 9.88
CA ASN I 30 -4.05 48.10 10.78
C ASN I 30 -4.33 49.00 11.97
N TRP I 31 -5.59 48.99 12.42
CA TRP I 31 -6.05 49.84 13.50
C TRP I 31 -6.30 49.01 14.75
N TYR I 32 -5.85 49.52 15.90
CA TYR I 32 -5.99 48.82 17.16
C TYR I 32 -6.47 49.79 18.23
N GLN I 33 -7.10 49.24 19.27
CA GLN I 33 -7.54 50.01 20.43
C GLN I 33 -6.95 49.36 21.68
N GLN I 34 -6.46 50.18 22.60
CA GLN I 34 -5.74 49.71 23.78
C GLN I 34 -6.39 50.28 25.02
N ARG I 35 -6.85 49.39 25.91
CA ARG I 35 -7.32 49.80 27.23
C ARG I 35 -6.13 50.23 28.07
N ARG I 36 -6.38 50.61 29.32
CA ARG I 36 -5.30 51.00 30.23
C ARG I 36 -4.67 49.73 30.81
N GLY I 37 -3.48 49.39 30.32
CA GLY I 37 -2.72 48.27 30.85
C GLY I 37 -2.96 46.93 30.17
N LYS I 38 -3.91 46.85 29.25
CA LYS I 38 -4.22 45.61 28.55
C LYS I 38 -3.70 45.67 27.12
N ALA I 39 -3.69 44.51 26.48
CA ALA I 39 -3.17 44.39 25.13
C ALA I 39 -4.16 44.98 24.12
N PRO I 40 -3.68 45.36 22.94
CA PRO I 40 -4.61 45.89 21.91
C PRO I 40 -5.44 44.78 21.29
N LYS I 41 -6.41 45.21 20.48
CA LYS I 41 -7.25 44.32 19.71
C LYS I 41 -7.38 44.88 18.29
N LEU I 42 -7.61 44.00 17.33
CA LEU I 42 -7.66 44.39 15.92
C LEU I 42 -9.08 44.77 15.53
N LEU I 43 -9.22 45.94 14.87
CA LEU I 43 -10.50 46.33 14.28
C LEU I 43 -10.60 45.88 12.83
N ILE I 44 -9.68 46.36 11.99
CA ILE I 44 -9.72 46.14 10.55
C ILE I 44 -8.32 45.88 10.04
N TYR I 45 -8.24 45.07 9.00
CA TYR I 45 -6.97 44.78 8.32
C TYR I 45 -7.13 45.07 6.84
N ASP I 46 -6.00 45.40 6.20
CA ASP I 46 -5.96 45.81 4.79
C ASP I 46 -6.66 47.15 4.58
N GLY I 47 -7.05 47.83 5.66
CA GLY I 47 -7.65 49.14 5.59
C GLY I 47 -9.16 49.14 5.57
N SER I 48 -9.79 48.07 5.07
CA SER I 48 -11.24 48.04 4.94
C SER I 48 -11.86 46.80 5.58
N LYS I 49 -11.21 45.65 5.43
CA LYS I 49 -11.80 44.41 5.89
C LYS I 49 -11.96 44.42 7.40
N LEU I 50 -13.09 43.89 7.86
CA LEU I 50 -13.46 43.93 9.27
C LEU I 50 -13.10 42.62 9.97
N GLU I 51 -12.54 42.76 11.16
CA GLU I 51 -12.18 41.59 11.97
C GLU I 51 -13.41 41.07 12.70
N ARG I 52 -13.43 39.76 12.97
CA ARG I 52 -14.52 39.19 13.75
C ARG I 52 -14.35 39.53 15.22
N GLY I 53 -15.47 39.90 15.87
CA GLY I 53 -15.46 40.25 17.27
C GLY I 53 -15.50 41.73 17.57
N VAL I 54 -15.15 42.58 16.60
CA VAL I 54 -15.27 44.02 16.75
C VAL I 54 -16.74 44.40 16.53
N PRO I 55 -17.37 45.14 17.44
CA PRO I 55 -18.78 45.45 17.26
C PRO I 55 -18.98 46.35 16.05
N SER I 56 -20.18 46.29 15.47
CA SER I 56 -20.51 47.17 14.35
C SER I 56 -20.40 48.62 14.78
N ARG I 57 -20.56 49.53 13.81
CA ARG I 57 -20.35 50.96 13.99
C ARG I 57 -18.87 51.30 13.94
N PHE I 58 -18.01 50.28 13.79
CA PHE I 58 -16.59 50.49 13.56
C PHE I 58 -16.23 50.00 12.16
N SER I 59 -15.85 50.93 11.30
CA SER I 59 -15.52 50.62 9.91
C SER I 59 -14.44 51.58 9.46
N GLY I 60 -13.79 51.21 8.35
CA GLY I 60 -12.71 52.03 7.81
C GLY I 60 -12.80 52.10 6.31
N ARG I 61 -12.18 53.14 5.77
CA ARG I 61 -12.11 53.38 4.33
C ARG I 61 -10.72 53.89 3.99
N ARG I 62 -10.30 53.64 2.75
CA ARG I 62 -9.00 54.08 2.27
C ARG I 62 -9.22 55.02 1.09
N TRP I 63 -8.47 56.11 1.06
CA TRP I 63 -8.49 57.07 -0.03
C TRP I 63 -7.04 57.45 -0.33
N GLY I 64 -6.49 56.87 -1.40
CA GLY I 64 -5.09 57.13 -1.72
C GLY I 64 -4.19 56.66 -0.60
N GLN I 65 -3.28 57.53 -0.18
CA GLN I 65 -2.33 57.22 0.88
C GLN I 65 -2.89 57.48 2.28
N GLU I 66 -4.12 57.98 2.38
CA GLU I 66 -4.76 58.26 3.66
C GLU I 66 -5.77 57.18 3.99
N TYR I 67 -5.89 56.86 5.27
CA TYR I 67 -6.81 55.83 5.76
C TYR I 67 -7.86 56.47 6.66
N ASN I 68 -9.12 56.13 6.42
CA ASN I 68 -10.25 56.65 7.17
C ASN I 68 -10.73 55.60 8.17
N LEU I 69 -10.99 56.03 9.40
CA LEU I 69 -11.64 55.20 10.42
C LEU I 69 -12.78 56.02 11.01
N THR I 70 -14.02 55.60 10.76
CA THR I 70 -15.20 56.34 11.17
C THR I 70 -15.73 55.78 12.49
N ILE I 71 -15.89 56.65 13.48
CA ILE I 71 -16.44 56.30 14.78
C ILE I 71 -17.67 57.16 15.00
N ASN I 72 -18.79 56.53 15.35
CA ASN I 72 -20.08 57.20 15.42
C ASN I 72 -20.85 56.79 16.68
N ASN I 73 -21.79 57.66 17.07
CA ASN I 73 -22.69 57.47 18.21
C ASN I 73 -21.98 56.83 19.40
N LEU I 74 -21.00 57.52 19.96
CA LEU I 74 -20.18 56.97 21.04
C LEU I 74 -21.04 56.52 22.21
N GLN I 75 -20.69 55.36 22.77
CA GLN I 75 -21.26 54.85 24.00
C GLN I 75 -20.10 54.46 24.91
N PRO I 76 -20.36 54.28 26.21
CA PRO I 76 -19.27 53.95 27.14
C PRO I 76 -18.49 52.71 26.70
N GLU I 77 -17.28 52.60 27.21
CA GLU I 77 -16.29 51.57 26.93
C GLU I 77 -15.60 51.79 25.59
N ASP I 78 -16.04 52.76 24.78
CA ASP I 78 -15.42 53.02 23.50
C ASP I 78 -14.19 53.92 23.60
N ILE I 79 -13.95 54.55 24.75
CA ILE I 79 -12.76 55.39 24.91
C ILE I 79 -11.53 54.52 24.79
N ALA I 80 -10.58 54.93 23.95
CA ALA I 80 -9.40 54.12 23.69
C ALA I 80 -8.33 55.00 23.08
N THR I 81 -7.10 54.46 23.07
CA THR I 81 -5.97 55.09 22.42
C THR I 81 -5.74 54.38 21.09
N TYR I 82 -6.27 54.96 20.01
CA TYR I 82 -6.23 54.35 18.69
C TYR I 82 -4.94 54.72 17.97
N PHE I 83 -4.27 53.72 17.40
CA PHE I 83 -3.04 53.94 16.66
C PHE I 83 -3.03 53.06 15.41
N CYS I 84 -2.28 53.52 14.41
CA CYS I 84 -2.14 52.82 13.14
C CYS I 84 -0.87 51.98 13.18
N GLN I 85 -1.00 50.71 12.76
CA GLN I 85 0.07 49.72 12.90
C GLN I 85 0.60 49.32 11.52
N VAL I 86 1.75 49.88 11.15
CA VAL I 86 2.52 49.45 10.00
C VAL I 86 3.34 48.25 10.45
N TYR I 87 4.01 47.56 9.52
CA TYR I 87 4.71 46.31 9.79
C TYR I 87 5.43 46.31 11.13
N GLU I 88 6.43 47.17 11.28
CA GLU I 88 7.21 47.27 12.51
C GLU I 88 7.31 48.72 12.95
N PHE I 89 6.25 49.49 12.74
CA PHE I 89 6.20 50.89 13.12
C PHE I 89 4.83 51.20 13.68
N VAL I 90 4.80 51.67 14.93
CA VAL I 90 3.57 52.08 15.59
C VAL I 90 3.80 53.46 16.20
N VAL I 91 2.88 54.37 15.95
CA VAL I 91 2.97 55.74 16.46
C VAL I 91 2.02 55.87 17.64
N PRO I 92 2.27 56.76 18.60
CA PRO I 92 1.35 56.90 19.72
C PRO I 92 -0.03 57.32 19.26
N GLY I 93 -1.05 56.79 19.93
CA GLY I 93 -2.44 57.10 19.63
C GLY I 93 -2.94 58.30 20.40
N THR I 94 -4.25 58.33 20.61
CA THR I 94 -4.88 59.44 21.30
C THR I 94 -6.14 58.95 22.01
N ARG I 95 -6.23 59.24 23.30
CA ARG I 95 -7.46 58.93 24.04
C ARG I 95 -8.61 59.72 23.44
N LEU I 96 -9.71 59.02 23.16
CA LEU I 96 -10.77 59.61 22.34
C LEU I 96 -11.42 60.82 23.02
N ASP I 97 -12.18 60.59 24.08
CA ASP I 97 -12.81 61.67 24.85
C ASP I 97 -13.64 61.01 25.96
N LEU I 98 -14.18 61.85 26.84
CA LEU I 98 -15.21 61.43 27.78
C LEU I 98 -15.86 62.66 28.42
N GLY J 4 -4.03 13.20 -29.84
CA GLY J 4 -3.17 12.42 -28.97
C GLY J 4 -1.83 13.11 -28.72
N LEU J 5 -0.99 13.16 -29.75
CA LEU J 5 0.30 13.81 -29.62
C LEU J 5 0.12 15.29 -29.33
N GLY J 6 0.86 15.79 -28.35
CA GLY J 6 0.80 17.19 -27.99
C GLY J 6 1.62 18.11 -28.86
N ALA J 7 2.51 17.58 -29.69
CA ALA J 7 3.35 18.41 -30.53
C ALA J 7 2.51 19.23 -31.50
N VAL J 8 1.47 18.62 -32.08
CA VAL J 8 0.62 19.34 -33.02
C VAL J 8 -0.16 20.44 -32.30
N PHE J 9 -0.55 20.19 -31.04
CA PHE J 9 -1.27 21.21 -30.29
C PHE J 9 -0.44 22.48 -30.12
N LEU J 10 0.85 22.32 -29.79
CA LEU J 10 1.73 23.47 -29.69
C LEU J 10 1.95 24.13 -31.05
N GLY J 11 1.73 23.41 -32.15
CA GLY J 11 1.85 24.02 -33.46
C GLY J 11 0.86 25.13 -33.69
N PHE J 12 -0.34 25.01 -33.12
CA PHE J 12 -1.34 26.07 -33.28
C PHE J 12 -0.87 27.36 -32.63
N LEU J 13 -0.02 27.27 -31.61
CA LEU J 13 0.38 28.45 -30.85
C LEU J 13 1.33 29.36 -31.62
N GLY J 14 1.87 28.92 -32.74
CA GLY J 14 2.77 29.76 -33.51
C GLY J 14 2.07 31.02 -33.99
N ALA J 15 2.84 32.11 -34.06
CA ALA J 15 2.31 33.40 -34.49
C ALA J 15 1.12 33.82 -33.63
N ALA J 16 1.25 33.62 -32.32
CA ALA J 16 0.15 33.97 -31.41
C ALA J 16 -0.12 35.47 -31.44
N GLY J 17 0.93 36.29 -31.48
CA GLY J 17 0.76 37.72 -31.51
C GLY J 17 0.32 38.30 -32.83
N SER J 18 0.33 37.50 -33.89
CA SER J 18 -0.09 37.99 -35.20
C SER J 18 -1.60 38.23 -35.22
N THR J 19 -2.02 39.06 -36.17
CA THR J 19 -3.43 39.37 -36.32
C THR J 19 -4.18 38.15 -36.87
N MET J 20 -5.51 38.22 -36.78
CA MET J 20 -6.34 37.10 -37.23
C MET J 20 -6.12 36.83 -38.72
N GLY J 21 -6.10 37.88 -39.53
CA GLY J 21 -5.86 37.70 -40.96
C GLY J 21 -4.48 37.14 -41.23
N ALA J 22 -3.47 37.64 -40.51
CA ALA J 22 -2.11 37.17 -40.72
C ALA J 22 -1.93 35.73 -40.27
N ALA J 23 -2.63 35.32 -39.20
CA ALA J 23 -2.46 33.97 -38.68
C ALA J 23 -2.83 32.91 -39.72
N SER J 24 -3.95 33.10 -40.40
CA SER J 24 -4.38 32.12 -41.41
C SER J 24 -3.38 32.04 -42.55
N ASN J 25 -2.86 33.19 -42.99
CA ASN J 25 -1.92 33.19 -44.11
C ASN J 25 -0.65 32.40 -43.77
N THR J 26 -0.13 32.57 -42.56
CA THR J 26 1.08 31.86 -42.14
C THR J 26 0.81 30.36 -42.06
N LEU J 58 1.98 1.85 -9.06
CA LEU J 58 2.97 1.29 -8.16
C LEU J 58 3.79 2.39 -7.49
N GLY J 59 3.96 3.51 -8.21
CA GLY J 59 4.70 4.64 -7.68
C GLY J 59 4.17 5.93 -8.26
N VAL J 60 4.69 7.04 -7.73
CA VAL J 60 4.24 8.36 -8.19
C VAL J 60 4.61 8.56 -9.65
N TRP J 61 5.80 8.13 -10.05
CA TRP J 61 6.21 8.16 -11.46
C TRP J 61 5.60 6.93 -12.13
N GLY J 62 4.46 7.13 -12.77
CA GLY J 62 3.70 6.04 -13.35
C GLY J 62 2.22 6.20 -13.06
N PHE J 63 1.91 6.75 -11.88
CA PHE J 63 0.54 7.14 -11.55
C PHE J 63 0.25 8.56 -12.02
N LYS J 64 1.21 9.47 -11.86
CA LYS J 64 1.07 10.81 -12.44
C LYS J 64 1.02 10.72 -13.96
N GLN J 65 1.84 9.85 -14.55
CA GLN J 65 1.81 9.66 -15.99
C GLN J 65 0.45 9.16 -16.45
N LEU J 66 -0.12 8.19 -15.72
CA LEU J 66 -1.43 7.68 -16.09
C LEU J 66 -2.49 8.76 -16.02
N GLN J 67 -2.45 9.58 -14.97
CA GLN J 67 -3.41 10.69 -14.86
C GLN J 67 -3.25 11.65 -16.03
N ALA J 68 -2.02 11.94 -16.43
CA ALA J 68 -1.78 12.82 -17.57
C ALA J 68 -2.35 12.21 -18.85
N ARG J 69 -2.13 10.92 -19.05
CA ARG J 69 -2.65 10.26 -20.25
C ARG J 69 -4.17 10.29 -20.29
N VAL J 70 -4.81 10.00 -19.16
CA VAL J 70 -6.27 10.07 -19.10
C VAL J 70 -6.74 11.51 -19.23
N LEU J 71 -6.03 12.44 -18.58
CA LEU J 71 -6.39 13.85 -18.71
C LEU J 71 -6.17 14.33 -20.15
N ALA J 72 -5.04 13.95 -20.75
CA ALA J 72 -4.73 14.43 -22.10
C ALA J 72 -5.72 13.92 -23.13
N ILE J 73 -6.09 12.64 -23.05
CA ILE J 73 -6.97 12.06 -24.06
C ILE J 73 -8.36 12.68 -23.99
N GLU J 74 -8.83 12.99 -22.77
CA GLU J 74 -10.16 13.59 -22.63
C GLU J 74 -10.23 14.94 -23.33
N ARG J 75 -9.18 15.75 -23.21
CA ARG J 75 -9.20 17.09 -23.82
C ARG J 75 -9.31 16.99 -25.33
N TYR J 76 -8.62 16.03 -25.94
CA TYR J 76 -8.72 15.87 -27.39
C TYR J 76 -10.14 15.52 -27.81
N LEU J 77 -10.80 14.62 -27.07
CA LEU J 77 -12.16 14.23 -27.43
C LEU J 77 -13.16 15.34 -27.12
N GLU J 78 -12.90 16.14 -26.09
CA GLU J 78 -13.81 17.24 -25.77
C GLU J 78 -13.91 18.22 -26.94
N VAL J 79 -12.78 18.54 -27.56
CA VAL J 79 -12.80 19.41 -28.73
C VAL J 79 -13.51 18.71 -29.88
N GLN J 80 -13.21 17.42 -30.10
CA GLN J 80 -13.86 16.68 -31.18
C GLN J 80 -15.36 16.56 -30.94
N GLN J 81 -15.76 16.33 -29.69
CA GLN J 81 -17.18 16.14 -29.40
C GLN J 81 -17.98 17.37 -29.76
N LEU J 82 -17.48 18.56 -29.41
CA LEU J 82 -18.18 19.79 -29.76
C LEU J 82 -18.31 19.95 -31.27
N LEU J 83 -17.22 19.70 -32.00
CA LEU J 83 -17.25 19.84 -33.45
C LEU J 83 -18.17 18.82 -34.10
N GLY J 84 -18.15 17.57 -33.59
CA GLY J 84 -18.96 16.54 -34.21
C GLY J 84 -20.44 16.86 -34.24
N MET J 85 -20.93 17.49 -33.17
CA MET J 85 -22.33 17.88 -33.07
C MET J 85 -22.58 19.30 -33.58
N TRP J 86 -21.56 19.97 -34.13
CA TRP J 86 -21.74 21.22 -34.85
C TRP J 86 -21.81 21.03 -36.36
N GLY J 87 -21.81 19.78 -36.83
CA GLY J 87 -21.80 19.52 -38.26
C GLY J 87 -20.43 19.53 -38.90
N CYS J 88 -19.37 19.74 -38.13
CA CYS J 88 -18.00 19.78 -38.63
C CYS J 88 -17.25 18.56 -38.13
N SER J 89 -16.58 17.86 -39.04
CA SER J 89 -15.97 16.57 -38.73
C SER J 89 -14.45 16.63 -38.80
N GLY J 90 -13.86 17.67 -38.23
CA GLY J 90 -12.43 17.86 -38.26
C GLY J 90 -11.94 18.86 -39.28
N LYS J 91 -12.84 19.50 -40.01
CA LYS J 91 -12.45 20.52 -40.97
C LYS J 91 -11.84 21.72 -40.23
N LEU J 92 -10.63 22.12 -40.63
CA LEU J 92 -9.91 23.15 -39.90
C LEU J 92 -10.67 24.47 -39.91
N ILE J 93 -11.19 24.86 -41.07
CA ILE J 93 -12.02 26.05 -41.22
C ILE J 93 -13.41 25.60 -41.64
N CYS J 94 -14.41 25.93 -40.83
CA CYS J 94 -15.76 25.41 -40.99
C CYS J 94 -16.76 26.53 -40.75
N CYS J 95 -17.66 26.73 -41.71
CA CYS J 95 -18.67 27.78 -41.63
C CYS J 95 -20.03 27.19 -41.29
N THR J 96 -20.95 28.08 -40.89
CA THR J 96 -22.30 27.69 -40.52
C THR J 96 -23.27 28.76 -41.01
N ASN J 97 -24.54 28.59 -40.67
CA ASN J 97 -25.62 29.43 -41.18
C ASN J 97 -26.30 30.26 -40.11
N VAL J 98 -25.86 30.19 -38.85
CA VAL J 98 -26.52 30.96 -37.80
C VAL J 98 -26.19 32.44 -37.98
N PRO J 99 -27.17 33.34 -38.02
CA PRO J 99 -26.84 34.77 -38.12
C PRO J 99 -26.21 35.28 -36.84
N TRP J 100 -25.40 36.34 -36.98
CA TRP J 100 -24.73 36.96 -35.86
C TRP J 100 -25.65 38.02 -35.26
N ASN J 101 -26.02 37.82 -33.99
CA ASN J 101 -26.86 38.79 -33.30
C ASN J 101 -26.05 40.03 -32.94
N SER J 102 -26.57 41.21 -33.29
CA SER J 102 -25.86 42.45 -33.04
C SER J 102 -25.65 42.71 -31.55
N SER J 103 -26.43 42.05 -30.69
CA SER J 103 -26.29 42.29 -29.25
C SER J 103 -24.90 41.88 -28.76
N TRP J 104 -24.40 40.73 -29.23
CA TRP J 104 -23.08 40.29 -28.79
C TRP J 104 -21.99 41.26 -29.22
N SER J 105 -22.05 41.72 -30.47
CA SER J 105 -20.99 42.54 -31.03
C SER J 105 -21.42 43.03 -32.40
N ASN J 106 -20.96 44.23 -32.76
CA ASN J 106 -21.20 44.77 -34.10
C ASN J 106 -20.01 45.66 -34.46
N LYS J 107 -19.01 45.06 -35.11
CA LYS J 107 -17.86 45.77 -35.64
C LYS J 107 -17.62 45.36 -37.09
N THR J 108 -17.05 46.27 -37.86
CA THR J 108 -16.75 46.00 -39.26
C THR J 108 -15.74 44.86 -39.37
N TYR J 109 -15.91 44.04 -40.41
CA TYR J 109 -15.11 42.83 -40.57
C TYR J 109 -13.63 43.16 -40.73
N ASN J 110 -13.31 44.16 -41.55
CA ASN J 110 -11.91 44.46 -41.85
C ASN J 110 -11.14 44.84 -40.59
N GLU J 111 -11.75 45.64 -39.72
CA GLU J 111 -11.05 46.09 -38.52
C GLU J 111 -10.72 44.92 -37.60
N ILE J 112 -11.64 43.96 -37.47
CA ILE J 112 -11.41 42.83 -36.57
C ILE J 112 -10.21 42.01 -37.02
N TRP J 113 -10.10 41.75 -38.32
CA TRP J 113 -9.09 40.87 -38.88
C TRP J 113 -7.82 41.60 -39.31
N ASP J 114 -7.75 42.92 -39.14
CA ASP J 114 -6.59 43.69 -39.56
C ASP J 114 -5.90 44.43 -38.43
N ASN J 115 -6.59 44.71 -37.32
CA ASN J 115 -6.03 45.44 -36.19
C ASN J 115 -6.07 44.65 -34.89
N MET J 116 -6.97 43.69 -34.76
CA MET J 116 -7.16 42.95 -33.52
C MET J 116 -6.37 41.64 -33.56
N THR J 117 -6.28 41.00 -32.40
CA THR J 117 -5.59 39.72 -32.25
C THR J 117 -6.57 38.67 -31.74
N TRP J 118 -6.18 37.40 -31.90
CA TRP J 118 -7.04 36.30 -31.48
C TRP J 118 -7.36 36.37 -29.99
N MET J 119 -6.42 36.86 -29.18
CA MET J 119 -6.63 36.87 -27.74
C MET J 119 -7.72 37.85 -27.33
N GLN J 120 -7.66 39.09 -27.82
CA GLN J 120 -8.64 40.08 -27.41
C GLN J 120 -10.05 39.68 -27.80
N TRP J 121 -10.20 38.81 -28.81
CA TRP J 121 -11.53 38.37 -29.20
C TRP J 121 -12.20 37.56 -28.10
N ASP J 122 -11.44 36.67 -27.45
CA ASP J 122 -12.01 35.81 -26.42
C ASP J 122 -12.47 36.62 -25.22
N ARG J 123 -11.73 37.67 -24.85
CA ARG J 123 -12.03 38.41 -23.63
C ARG J 123 -13.43 39.04 -23.69
N GLU J 124 -13.78 39.64 -24.82
CA GLU J 124 -15.06 40.36 -24.91
C GLU J 124 -16.22 39.41 -25.20
N ILE J 125 -16.00 38.37 -26.01
CA ILE J 125 -17.05 37.40 -26.30
C ILE J 125 -17.11 36.28 -25.27
N GLY J 126 -16.10 36.15 -24.41
CA GLY J 126 -16.04 35.02 -23.50
C GLY J 126 -17.28 34.88 -22.64
N ASN J 127 -17.95 35.99 -22.32
CA ASN J 127 -19.19 35.91 -21.56
C ASN J 127 -20.29 35.25 -22.37
N TYR J 128 -20.35 35.52 -23.67
CA TYR J 128 -21.43 35.06 -24.52
C TYR J 128 -21.09 33.80 -25.31
N THR J 129 -19.96 33.15 -25.02
CA THR J 129 -19.60 31.94 -25.73
C THR J 129 -20.64 30.84 -25.53
N ASP J 130 -21.14 30.71 -24.29
CA ASP J 130 -22.13 29.68 -24.01
C ASP J 130 -23.40 29.88 -24.83
N THR J 131 -23.86 31.13 -24.94
CA THR J 131 -25.05 31.41 -25.75
C THR J 131 -24.80 31.07 -27.22
N ILE J 132 -23.61 31.43 -27.73
CA ILE J 132 -23.29 31.14 -29.13
C ILE J 132 -23.26 29.63 -29.35
N TYR J 133 -22.68 28.89 -28.41
CA TYR J 133 -22.57 27.44 -28.57
C TYR J 133 -23.95 26.80 -28.70
N LYS J 134 -24.89 27.21 -27.86
CA LYS J 134 -26.22 26.60 -27.88
C LYS J 134 -26.92 26.86 -29.22
N LEU J 135 -26.81 28.08 -29.74
CA LEU J 135 -27.49 28.39 -30.99
C LEU J 135 -26.94 27.58 -32.15
N LEU J 136 -25.66 27.22 -32.10
CA LEU J 136 -25.09 26.37 -33.15
C LEU J 136 -25.74 25.00 -33.16
N GLU J 137 -26.01 24.45 -31.97
CA GLU J 137 -26.53 23.08 -31.89
C GLU J 137 -27.88 22.95 -32.59
N VAL J 138 -28.78 23.91 -32.35
CA VAL J 138 -30.10 23.82 -32.96
C VAL J 138 -30.01 23.94 -34.47
N SER J 139 -29.06 24.73 -34.98
CA SER J 139 -28.92 24.91 -36.42
C SER J 139 -28.61 23.60 -37.10
N GLN J 140 -27.65 22.84 -36.57
CA GLN J 140 -27.31 21.56 -37.17
C GLN J 140 -28.47 20.57 -37.08
N PHE J 141 -29.16 20.55 -35.93
CA PHE J 141 -30.30 19.66 -35.78
C PHE J 141 -31.39 20.02 -36.78
N GLN J 142 -31.68 21.31 -36.94
CA GLN J 142 -32.69 21.73 -37.90
C GLN J 142 -32.24 21.44 -39.33
N GLN J 143 -30.97 21.67 -39.64
CA GLN J 143 -30.50 21.50 -41.00
C GLN J 143 -30.62 20.05 -41.45
N GLU J 144 -30.23 19.10 -40.59
CA GLU J 144 -30.30 17.69 -40.97
C GLU J 144 -31.75 17.23 -41.10
N ILE J 145 -32.64 17.72 -40.22
CA ILE J 145 -34.04 17.31 -40.28
C ILE J 145 -34.68 17.80 -41.58
N ASN J 146 -34.29 18.98 -42.04
CA ASN J 146 -34.89 19.53 -43.26
C ASN J 146 -34.62 18.63 -44.46
N GLU J 147 -33.40 18.10 -44.57
CA GLU J 147 -33.07 17.22 -45.69
C GLU J 147 -33.89 15.95 -45.66
N LYS J 148 -34.37 15.54 -44.48
CA LYS J 148 -35.18 14.33 -44.39
C LYS J 148 -36.59 14.58 -44.93
N ASP J 149 -37.29 15.57 -44.36
CA ASP J 149 -38.61 15.91 -44.86
C ASP J 149 -38.56 16.41 -46.30
N ASN J 150 -37.59 17.27 -46.60
CA ASN J 150 -37.47 17.87 -47.93
C ASN J 150 -38.74 18.63 -48.31
N GLY K 1 -40.74 2.61 -49.28
CA GLY K 1 -39.34 2.26 -49.47
C GLY K 1 -38.88 1.20 -48.50
N LEU K 2 -39.05 1.48 -47.20
CA LEU K 2 -38.70 0.55 -46.12
C LEU K 2 -37.21 0.17 -46.20
N TRP K 3 -36.38 1.19 -45.96
CA TRP K 3 -34.93 1.02 -45.88
C TRP K 3 -34.47 1.43 -44.49
N VAL K 4 -33.62 0.59 -43.88
CA VAL K 4 -33.18 0.85 -42.51
C VAL K 4 -32.31 2.10 -42.47
N THR K 5 -32.35 2.79 -41.33
CA THR K 5 -31.54 3.99 -41.12
C THR K 5 -31.17 4.07 -39.64
N VAL K 6 -29.87 3.99 -39.35
CA VAL K 6 -29.42 4.08 -37.97
C VAL K 6 -29.66 5.50 -37.46
N TYR K 7 -30.21 5.61 -36.26
CA TYR K 7 -30.47 6.88 -35.61
C TYR K 7 -29.52 7.07 -34.43
N TYR K 8 -29.10 8.32 -34.22
CA TYR K 8 -28.19 8.67 -33.14
C TYR K 8 -28.91 9.60 -32.17
N GLY K 9 -28.84 9.27 -30.88
CA GLY K 9 -29.47 10.08 -29.86
C GLY K 9 -30.93 9.74 -29.64
N VAL K 10 -31.21 8.48 -29.29
CA VAL K 10 -32.57 8.02 -29.06
C VAL K 10 -32.74 7.72 -27.57
N PRO K 11 -33.96 7.83 -27.02
CA PRO K 11 -34.15 7.55 -25.58
C PRO K 11 -34.31 6.06 -25.28
N VAL K 12 -33.18 5.38 -25.16
CA VAL K 12 -33.13 3.94 -24.91
C VAL K 12 -32.24 3.70 -23.70
N TRP K 13 -32.75 2.93 -22.74
CA TRP K 13 -31.98 2.58 -21.55
C TRP K 13 -32.27 1.14 -21.15
N ARG K 14 -31.29 0.52 -20.51
CA ARG K 14 -31.41 -0.83 -19.99
C ARG K 14 -30.69 -0.93 -18.66
N GLU K 15 -31.19 -1.79 -17.79
CA GLU K 15 -30.60 -1.94 -16.46
C GLU K 15 -29.14 -2.37 -16.56
N ALA K 16 -28.28 -1.69 -15.80
CA ALA K 16 -26.86 -2.01 -15.81
C ALA K 16 -26.24 -1.53 -14.51
N LYS K 17 -25.21 -2.25 -14.07
CA LYS K 17 -24.47 -1.92 -12.87
C LYS K 17 -23.16 -1.21 -13.24
N THR K 18 -22.79 -0.21 -12.46
CA THR K 18 -21.58 0.56 -12.71
C THR K 18 -21.04 1.06 -11.37
N THR K 19 -19.99 1.87 -11.44
CA THR K 19 -19.37 2.47 -10.27
C THR K 19 -19.64 3.97 -10.28
N LEU K 20 -19.88 4.53 -9.10
CA LEU K 20 -20.25 5.93 -8.94
C LEU K 20 -19.19 6.62 -8.09
N PHE K 21 -18.70 7.75 -8.59
CA PHE K 21 -17.68 8.51 -7.86
C PHE K 21 -18.34 9.51 -6.92
N CYS K 22 -17.55 9.99 -5.96
CA CYS K 22 -18.03 10.89 -4.93
C CYS K 22 -18.12 12.32 -5.44
N ALA K 23 -18.98 13.10 -4.79
CA ALA K 23 -19.08 14.53 -5.03
C ALA K 23 -19.66 15.19 -3.78
N SER K 24 -19.30 16.45 -3.58
CA SER K 24 -19.68 17.15 -2.36
C SER K 24 -19.84 18.64 -2.66
N ASP K 25 -20.47 19.33 -1.72
CA ASP K 25 -20.74 20.76 -1.84
C ASP K 25 -19.74 21.54 -1.00
N ALA K 26 -19.13 22.56 -1.59
CA ALA K 26 -18.15 23.40 -0.90
C ALA K 26 -17.01 22.56 -0.35
N GLU K 32 -10.10 22.74 5.66
CA GLU K 32 -9.04 23.20 6.55
C GLU K 32 -8.62 22.10 7.51
N VAL K 33 -9.58 21.27 7.92
CA VAL K 33 -9.35 20.16 8.84
C VAL K 33 -9.67 18.87 8.12
N HIS K 34 -8.77 17.90 8.22
CA HIS K 34 -8.96 16.63 7.54
C HIS K 34 -10.19 15.92 8.08
N ASN K 35 -10.91 15.23 7.19
CA ASN K 35 -12.10 14.48 7.53
C ASN K 35 -11.86 12.99 7.30
N VAL K 36 -12.58 12.17 8.05
CA VAL K 36 -12.41 10.73 7.95
C VAL K 36 -12.74 10.25 6.54
N TRP K 37 -13.76 10.85 5.92
CA TRP K 37 -14.17 10.49 4.57
C TRP K 37 -13.37 11.20 3.49
N ALA K 38 -12.52 12.15 3.85
CA ALA K 38 -11.68 12.87 2.89
C ALA K 38 -12.53 13.49 1.79
N THR K 39 -13.54 14.27 2.20
CA THR K 39 -14.42 14.90 1.23
C THR K 39 -13.69 15.92 0.36
N HIS K 40 -12.49 16.36 0.76
CA HIS K 40 -11.71 17.24 -0.09
C HIS K 40 -11.40 16.60 -1.43
N ALA K 41 -11.22 15.28 -1.45
CA ALA K 41 -10.97 14.58 -2.70
C ALA K 41 -12.18 14.61 -3.62
N CYS K 42 -13.39 14.55 -3.05
CA CYS K 42 -14.60 14.57 -3.85
C CYS K 42 -14.69 15.88 -4.64
N VAL K 43 -15.03 15.76 -5.92
CA VAL K 43 -15.12 16.92 -6.80
C VAL K 43 -16.29 17.79 -6.36
N PRO K 44 -16.24 19.11 -6.57
CA PRO K 44 -17.35 19.97 -6.12
C PRO K 44 -18.63 19.66 -6.89
N THR K 45 -19.75 19.82 -6.19
CA THR K 45 -21.05 19.58 -6.79
C THR K 45 -21.45 20.75 -7.69
N ASP K 46 -22.33 20.46 -8.64
CA ASP K 46 -22.80 21.49 -9.55
C ASP K 46 -23.69 22.48 -8.81
N PRO K 47 -23.68 23.76 -9.22
CA PRO K 47 -24.54 24.74 -8.53
C PRO K 47 -26.01 24.42 -8.62
N ASN K 48 -26.45 23.82 -9.73
CA ASN K 48 -27.87 23.51 -9.93
C ASN K 48 -27.97 22.24 -10.75
N PRO K 49 -28.04 21.07 -10.09
CA PRO K 49 -28.10 19.82 -10.84
C PRO K 49 -29.36 19.73 -11.69
N GLN K 50 -29.22 19.09 -12.85
CA GLN K 50 -30.36 18.95 -13.76
C GLN K 50 -31.43 18.04 -13.16
N GLU K 51 -32.69 18.39 -13.43
CA GLU K 51 -33.83 17.65 -12.92
C GLU K 51 -34.84 17.41 -14.05
N LEU K 52 -34.35 16.94 -15.19
CA LEU K 52 -35.24 16.65 -16.32
C LEU K 52 -36.25 15.59 -15.92
N VAL K 53 -37.50 15.80 -16.32
CA VAL K 53 -38.63 14.98 -15.90
C VAL K 53 -39.22 14.29 -17.11
N LEU K 54 -39.46 12.98 -17.00
CA LEU K 54 -40.09 12.20 -18.05
C LEU K 54 -41.58 12.06 -17.73
N GLU K 55 -42.42 12.19 -18.76
CA GLU K 55 -43.86 12.29 -18.57
C GLU K 55 -44.58 10.96 -18.78
N ASN K 56 -44.44 10.37 -19.96
CA ASN K 56 -45.31 9.27 -20.38
C ASN K 56 -44.74 7.89 -20.05
N VAL K 57 -43.62 7.81 -19.35
CA VAL K 57 -42.94 6.54 -19.09
C VAL K 57 -43.12 6.17 -17.62
N THR K 58 -43.39 4.90 -17.37
CA THR K 58 -43.47 4.34 -16.03
C THR K 58 -42.42 3.24 -15.91
N GLU K 59 -41.59 3.34 -14.87
CA GLU K 59 -40.51 2.40 -14.63
C GLU K 59 -40.69 1.73 -13.28
N ASN K 60 -40.46 0.42 -13.25
CA ASN K 60 -40.58 -0.38 -12.03
C ASN K 60 -39.21 -0.91 -11.65
N PHE K 61 -38.87 -0.76 -10.37
CA PHE K 61 -37.56 -1.20 -9.88
C PHE K 61 -37.70 -1.65 -8.43
N ASN K 62 -36.76 -2.50 -8.02
CA ASN K 62 -36.70 -3.04 -6.67
C ASN K 62 -35.53 -2.40 -5.95
N MET K 63 -35.81 -1.77 -4.80
CA MET K 63 -34.74 -1.18 -4.01
C MET K 63 -33.96 -2.23 -3.23
N TRP K 64 -34.60 -3.35 -2.89
CA TRP K 64 -33.91 -4.38 -2.14
C TRP K 64 -32.80 -5.03 -2.97
N LYS K 65 -33.02 -5.19 -4.27
CA LYS K 65 -32.01 -5.70 -5.18
C LYS K 65 -31.13 -4.59 -5.74
N ASN K 66 -31.29 -3.36 -5.28
CA ASN K 66 -30.51 -2.25 -5.79
C ASN K 66 -29.02 -2.47 -5.50
N ASP K 67 -28.18 -2.02 -6.43
CA ASP K 67 -26.73 -2.15 -6.30
C ASP K 67 -26.07 -0.92 -5.70
N MET K 68 -26.73 0.24 -5.74
CA MET K 68 -26.13 1.46 -5.20
C MET K 68 -25.87 1.33 -3.71
N VAL K 69 -26.82 0.75 -2.97
CA VAL K 69 -26.66 0.60 -1.53
C VAL K 69 -25.50 -0.33 -1.21
N ASP K 70 -25.36 -1.41 -1.99
CA ASP K 70 -24.26 -2.34 -1.77
C ASP K 70 -22.92 -1.65 -1.98
N GLN K 71 -22.81 -0.84 -3.03
CA GLN K 71 -21.57 -0.10 -3.26
C GLN K 71 -21.32 0.91 -2.14
N MET K 72 -22.40 1.51 -1.61
CA MET K 72 -22.25 2.45 -0.50
C MET K 72 -21.66 1.77 0.72
N HIS K 73 -22.19 0.60 1.09
CA HIS K 73 -21.72 -0.05 2.30
C HIS K 73 -20.25 -0.42 2.18
N GLU K 74 -19.84 -0.88 0.99
CA GLU K 74 -18.44 -1.24 0.78
C GLU K 74 -17.53 -0.01 0.87
N ASP K 75 -17.95 1.11 0.27
CA ASP K 75 -17.09 2.30 0.24
C ASP K 75 -16.83 2.82 1.65
N ILE K 76 -17.87 2.85 2.50
CA ILE K 76 -17.70 3.38 3.85
C ILE K 76 -16.69 2.55 4.62
N ILE K 77 -16.76 1.23 4.49
CA ILE K 77 -15.80 0.36 5.17
C ILE K 77 -14.39 0.66 4.70
N SER K 78 -14.21 0.80 3.38
CA SER K 78 -12.88 1.11 2.86
C SER K 78 -12.39 2.47 3.32
N LEU K 79 -13.29 3.46 3.37
CA LEU K 79 -12.89 4.80 3.78
C LEU K 79 -12.40 4.79 5.23
N TRP K 80 -13.11 4.09 6.11
CA TRP K 80 -12.69 4.01 7.50
C TRP K 80 -11.33 3.33 7.62
N ASP K 81 -11.12 2.24 6.89
CA ASP K 81 -9.84 1.53 6.93
C ASP K 81 -8.71 2.42 6.45
N GLN K 82 -8.97 3.24 5.43
CA GLN K 82 -7.94 4.13 4.90
C GLN K 82 -7.48 5.13 5.95
N SER K 83 -8.40 5.64 6.76
CA SER K 83 -8.07 6.69 7.72
C SER K 83 -7.33 6.16 8.94
N LEU K 84 -7.60 4.93 9.36
CA LEU K 84 -7.07 4.41 10.61
C LEU K 84 -5.70 3.76 10.49
N LYS K 85 -5.18 3.56 9.28
CA LYS K 85 -3.89 2.89 9.14
C LYS K 85 -2.73 3.66 9.75
N PRO K 86 -2.59 4.99 9.55
CA PRO K 86 -1.32 5.62 9.90
C PRO K 86 -1.10 5.79 11.39
N CYS K 87 -2.13 6.21 12.14
CA CYS K 87 -1.93 6.58 13.53
C CYS K 87 -1.79 5.35 14.42
N VAL K 88 -1.52 5.60 15.70
CA VAL K 88 -1.04 4.56 16.61
C VAL K 88 -2.06 3.44 16.74
N LYS K 89 -1.56 2.27 17.13
CA LYS K 89 -2.38 1.12 17.51
C LYS K 89 -2.05 0.73 18.94
N LEU K 90 -3.08 0.44 19.74
CA LEU K 90 -2.93 0.19 21.16
C LEU K 90 -2.72 -1.30 21.45
N THR K 91 -1.77 -1.91 20.74
CA THR K 91 -1.42 -3.30 21.03
C THR K 91 -0.83 -3.48 22.43
N PRO K 92 0.20 -2.72 22.85
CA PRO K 92 0.82 -3.02 24.15
C PRO K 92 -0.09 -2.81 25.34
N LEU K 93 -1.17 -2.05 25.20
CA LEU K 93 -2.06 -1.79 26.33
C LEU K 93 -2.79 -3.04 26.80
N CYS K 94 -2.80 -4.12 26.02
CA CYS K 94 -3.47 -5.37 26.41
C CYS K 94 -2.58 -6.10 27.41
N VAL K 95 -2.57 -5.61 28.64
CA VAL K 95 -1.83 -6.20 29.74
C VAL K 95 -2.74 -6.25 30.96
N THR K 96 -2.24 -6.87 32.02
CA THR K 96 -3.00 -6.97 33.26
C THR K 96 -3.22 -5.58 33.84
N LEU K 97 -4.45 -5.30 34.26
CA LEU K 97 -4.81 -4.04 34.91
C LEU K 97 -5.36 -4.35 36.29
N ASN K 98 -4.76 -3.73 37.30
CA ASN K 98 -5.18 -3.90 38.69
C ASN K 98 -6.06 -2.70 39.04
N CYS K 99 -7.37 -2.87 38.91
CA CYS K 99 -8.33 -1.80 39.12
C CYS K 99 -9.31 -2.18 40.22
N SER K 100 -9.57 -1.24 41.13
CA SER K 100 -10.49 -1.44 42.24
C SER K 100 -11.70 -0.53 42.13
N ASP K 101 -11.49 0.78 42.05
CA ASP K 101 -12.59 1.75 41.99
C ASP K 101 -11.99 3.12 41.72
N ALA K 102 -12.88 4.08 41.49
CA ALA K 102 -12.50 5.48 41.28
C ALA K 102 -13.02 6.33 42.43
N LYS K 103 -12.20 7.30 42.86
CA LYS K 103 -12.61 8.16 43.97
C LYS K 103 -13.84 8.99 43.60
N VAL K 104 -13.99 9.33 42.33
CA VAL K 104 -15.13 10.12 41.88
C VAL K 104 -16.42 9.34 42.11
N GLU K 113 -19.12 2.31 40.23
CA GLU K 113 -19.38 1.14 39.43
C GLU K 113 -19.65 1.51 37.96
N GLU K 114 -19.21 2.70 37.58
CA GLU K 114 -19.39 3.21 36.22
C GLU K 114 -18.08 3.62 35.56
N ILE K 115 -17.16 4.20 36.33
CA ILE K 115 -15.84 4.58 35.84
C ILE K 115 -14.81 4.13 36.86
N LYS K 116 -13.77 3.44 36.40
CA LYS K 116 -12.74 2.87 37.26
C LYS K 116 -11.42 3.57 37.00
N ASN K 117 -10.78 4.04 38.07
CA ASN K 117 -9.45 4.63 38.01
C ASN K 117 -8.45 3.63 38.57
N CYS K 118 -7.34 3.44 37.85
CA CYS K 118 -6.39 2.41 38.24
C CYS K 118 -5.09 2.59 37.46
N SER K 119 -4.10 1.78 37.83
CA SER K 119 -2.74 1.93 37.35
C SER K 119 -2.28 0.68 36.60
N PHE K 120 -1.21 0.86 35.84
CA PHE K 120 -0.56 -0.22 35.10
C PHE K 120 0.74 0.37 34.52
N LYS K 121 1.49 -0.46 33.82
CA LYS K 121 2.66 0.01 33.09
C LYS K 121 2.76 -0.71 31.75
N ALA K 122 3.38 -0.04 30.80
CA ALA K 122 3.57 -0.57 29.45
C ALA K 122 4.87 0.01 28.91
N THR K 123 5.04 -0.04 27.59
CA THR K 123 6.25 0.46 26.96
C THR K 123 6.48 1.93 27.32
N THR K 124 7.71 2.37 27.12
CA THR K 124 8.11 3.75 27.36
C THR K 124 9.13 4.14 26.29
N GLU K 125 9.82 5.26 26.50
CA GLU K 125 10.79 5.73 25.53
C GLU K 125 11.88 4.69 25.30
N LEU K 126 12.41 4.13 26.38
CA LEU K 126 13.44 3.11 26.31
C LEU K 126 12.81 1.75 26.60
N ARG K 127 13.14 0.76 25.77
CA ARG K 127 12.51 -0.55 25.90
C ARG K 127 12.80 -1.17 27.26
N ASP K 128 14.04 -1.06 27.73
CA ASP K 128 14.40 -1.70 29.00
C ASP K 128 13.65 -1.09 30.18
N LYS K 129 13.50 0.24 30.19
CA LYS K 129 12.92 0.92 31.34
C LYS K 129 11.41 0.75 31.37
N LYS K 130 10.82 1.08 32.52
CA LYS K 130 9.39 0.96 32.75
C LYS K 130 8.87 2.19 33.45
N ARG K 131 7.56 2.43 33.33
CA ARG K 131 6.90 3.55 33.99
C ARG K 131 5.49 3.14 34.37
N ARG K 132 5.13 3.38 35.64
CA ARG K 132 3.78 3.12 36.11
C ARG K 132 2.88 4.31 35.80
N GLU K 133 1.72 3.99 35.22
CA GLU K 133 0.83 5.08 34.77
C GLU K 133 -0.59 4.74 35.16
N TYR K 134 -1.45 5.73 35.21
CA TYR K 134 -2.83 5.56 35.60
C TYR K 134 -3.76 6.18 34.56
N ALA K 135 -4.93 5.56 34.40
CA ALA K 135 -5.95 6.05 33.48
C ALA K 135 -7.32 5.60 33.97
N LEU K 136 -8.35 6.29 33.51
CA LEU K 136 -9.73 6.01 33.89
C LEU K 136 -10.45 5.34 32.72
N PHE K 137 -11.09 4.20 33.00
CA PHE K 137 -11.81 3.44 32.00
C PHE K 137 -13.24 3.18 32.48
N TYR K 138 -14.17 3.12 31.51
CA TYR K 138 -15.55 2.83 31.84
C TYR K 138 -15.71 1.37 32.26
N ARG K 139 -16.78 1.10 32.99
CA ARG K 139 -16.98 -0.24 33.55
C ARG K 139 -17.12 -1.29 32.45
N LEU K 140 -17.89 -0.98 31.41
CA LEU K 140 -18.10 -1.95 30.34
C LEU K 140 -16.97 -1.98 29.33
N ASP K 141 -16.01 -1.04 29.40
CA ASP K 141 -14.86 -1.07 28.52
C ASP K 141 -13.94 -2.24 28.87
N ILE K 142 -13.83 -2.56 30.16
CA ILE K 142 -12.92 -3.60 30.63
C ILE K 142 -13.75 -4.77 31.18
N VAL K 143 -13.10 -5.92 31.30
CA VAL K 143 -13.73 -7.11 31.83
C VAL K 143 -12.82 -7.72 32.90
N PRO K 144 -13.35 -8.32 33.95
CA PRO K 144 -12.48 -8.88 35.00
C PRO K 144 -11.78 -10.14 34.54
N LEU K 145 -10.60 -10.38 35.13
CA LEU K 145 -9.87 -11.61 34.83
C LEU K 145 -10.52 -12.80 35.54
N SER K 146 -10.96 -12.62 36.78
CA SER K 146 -11.59 -13.70 37.53
C SER K 146 -13.02 -13.91 37.06
N ASN K 152 -10.52 -10.88 41.14
CA ASN K 152 -10.81 -9.85 42.13
C ASN K 152 -9.82 -8.70 42.01
N SER K 153 -10.34 -7.49 41.78
CA SER K 153 -9.53 -6.29 41.63
C SER K 153 -8.55 -6.42 40.47
N GLU K 154 -8.94 -7.17 39.43
CA GLU K 154 -8.12 -7.33 38.23
C GLU K 154 -9.02 -7.18 37.02
N TYR K 155 -8.49 -6.57 35.96
CA TYR K 155 -9.29 -6.27 34.77
C TYR K 155 -8.36 -6.23 33.56
N ARG K 156 -8.98 -6.16 32.38
CA ARG K 156 -8.25 -5.99 31.13
C ARG K 156 -9.20 -5.43 30.10
N LEU K 157 -8.63 -4.86 29.04
CA LEU K 157 -9.44 -4.32 27.95
C LEU K 157 -10.26 -5.44 27.31
N ILE K 158 -11.53 -5.14 27.03
CA ILE K 158 -12.47 -6.18 26.62
C ILE K 158 -12.03 -6.80 25.28
N ASN K 159 -11.65 -5.97 24.33
CA ASN K 159 -11.33 -6.44 22.98
C ASN K 159 -9.81 -6.60 22.83
N CYS K 160 -9.28 -7.58 23.54
CA CYS K 160 -7.88 -7.97 23.44
C CYS K 160 -7.69 -9.41 22.99
N ASN K 161 -8.64 -10.30 23.27
CA ASN K 161 -8.58 -11.68 22.83
C ASN K 161 -9.29 -11.91 21.50
N THR K 162 -9.81 -10.87 20.87
CA THR K 162 -10.54 -11.00 19.61
C THR K 162 -9.88 -10.24 18.48
N SER K 163 -9.54 -8.97 18.69
CA SER K 163 -9.02 -8.13 17.62
C SER K 163 -8.05 -7.12 18.19
N VAL K 164 -7.22 -6.57 17.31
CA VAL K 164 -6.24 -5.56 17.71
C VAL K 164 -6.94 -4.21 17.78
N ILE K 165 -6.75 -3.52 18.90
CA ILE K 165 -7.34 -2.20 19.10
C ILE K 165 -6.44 -1.16 18.45
N THR K 166 -7.02 -0.34 17.57
CA THR K 166 -6.29 0.74 16.91
C THR K 166 -6.96 2.07 17.25
N GLN K 167 -6.18 3.01 17.76
CA GLN K 167 -6.73 4.30 18.12
C GLN K 167 -7.09 5.09 16.87
N ILE K 168 -8.17 5.85 16.96
CA ILE K 168 -8.61 6.69 15.85
C ILE K 168 -7.71 7.92 15.81
N CYS K 169 -7.30 8.31 14.60
CA CYS K 169 -6.42 9.45 14.45
C CYS K 169 -7.09 10.69 15.03
N PRO K 170 -6.44 11.42 15.95
CA PRO K 170 -7.14 12.57 16.56
C PRO K 170 -7.56 13.64 15.58
N LYS K 171 -6.78 13.85 14.51
CA LYS K 171 -7.05 14.99 13.62
C LYS K 171 -8.39 14.82 12.90
N VAL K 172 -8.68 13.62 12.40
CA VAL K 172 -9.91 13.43 11.62
C VAL K 172 -11.13 13.61 12.51
N THR K 173 -12.28 13.78 11.87
CA THR K 173 -13.54 14.01 12.56
C THR K 173 -14.63 13.15 11.94
N PHE K 174 -15.66 12.88 12.74
CA PHE K 174 -16.77 12.02 12.33
C PHE K 174 -18.03 12.81 11.99
N ASP K 175 -17.93 14.12 11.85
CA ASP K 175 -19.11 14.95 11.64
C ASP K 175 -19.80 14.53 10.33
N PRO K 176 -21.08 14.13 10.37
CA PRO K 176 -21.76 13.79 9.11
C PRO K 176 -21.77 14.98 8.16
N ILE K 177 -21.30 14.76 6.94
CA ILE K 177 -21.30 15.78 5.90
C ILE K 177 -21.96 15.16 4.67
N PRO K 178 -22.99 15.77 4.07
CA PRO K 178 -23.69 15.12 2.98
C PRO K 178 -22.77 14.90 1.77
N ILE K 179 -22.98 13.79 1.08
CA ILE K 179 -22.16 13.41 -0.06
C ILE K 179 -23.08 13.01 -1.22
N HIS K 180 -22.57 13.17 -2.44
CA HIS K 180 -23.32 12.93 -3.66
C HIS K 180 -22.72 11.75 -4.41
N TYR K 181 -23.56 10.76 -4.71
CA TYR K 181 -23.18 9.60 -5.51
C TYR K 181 -23.56 9.90 -6.94
N CYS K 182 -22.58 10.27 -7.75
CA CYS K 182 -22.77 11.01 -8.97
C CYS K 182 -22.32 10.15 -10.14
N ALA K 183 -23.26 9.79 -11.03
CA ALA K 183 -22.96 8.78 -12.03
C ALA K 183 -22.00 9.32 -13.09
N PRO K 184 -21.18 8.43 -13.70
CA PRO K 184 -20.30 8.90 -14.78
C PRO K 184 -21.08 9.25 -16.03
N ALA K 185 -20.39 9.77 -17.05
CA ALA K 185 -21.02 10.00 -18.33
C ALA K 185 -21.37 8.66 -18.98
N GLY K 186 -22.40 8.68 -19.82
CA GLY K 186 -22.91 7.47 -20.41
C GLY K 186 -23.87 6.69 -19.55
N TYR K 187 -24.19 7.18 -18.35
CA TYR K 187 -25.15 6.55 -17.46
C TYR K 187 -26.07 7.64 -16.90
N ALA K 188 -27.27 7.22 -16.51
CA ALA K 188 -28.26 8.12 -15.93
C ALA K 188 -28.86 7.48 -14.70
N ILE K 189 -29.32 8.33 -13.78
CA ILE K 189 -29.96 7.88 -12.54
C ILE K 189 -31.42 8.29 -12.60
N LEU K 190 -32.31 7.31 -12.44
CA LEU K 190 -33.75 7.54 -12.50
C LEU K 190 -34.33 7.54 -11.09
N LYS K 191 -35.05 8.60 -10.75
CA LYS K 191 -35.75 8.70 -9.48
C LYS K 191 -37.19 9.14 -9.75
N CYS K 192 -38.13 8.46 -9.11
CA CYS K 192 -39.54 8.83 -9.20
C CYS K 192 -40.02 9.27 -7.82
N ASN K 193 -40.88 10.29 -7.82
CA ASN K 193 -41.26 11.02 -6.61
C ASN K 193 -42.74 10.83 -6.30
N ASN K 194 -43.24 9.61 -6.46
CA ASN K 194 -44.59 9.31 -6.03
C ASN K 194 -44.70 9.45 -4.53
N LYS K 195 -45.71 10.19 -4.07
CA LYS K 195 -45.82 10.49 -2.65
C LYS K 195 -46.05 9.22 -1.84
N THR K 196 -46.90 8.32 -2.33
CA THR K 196 -47.23 7.07 -1.64
C THR K 196 -46.53 5.88 -2.29
N PHE K 197 -45.29 6.05 -2.71
CA PHE K 197 -44.58 5.00 -3.43
C PHE K 197 -44.51 3.73 -2.62
N ASN K 198 -44.84 2.61 -3.26
CA ASN K 198 -44.73 1.31 -2.63
C ASN K 198 -43.27 1.01 -2.28
N GLY K 199 -43.07 -0.06 -1.52
CA GLY K 199 -41.71 -0.52 -1.27
C GLY K 199 -41.02 -0.97 -2.53
N THR K 200 -41.76 -1.65 -3.41
CA THR K 200 -41.22 -2.13 -4.68
C THR K 200 -42.36 -2.28 -5.66
N GLY K 201 -42.32 -1.54 -6.77
CA GLY K 201 -43.34 -1.62 -7.78
C GLY K 201 -43.26 -0.48 -8.77
N PRO K 202 -44.09 -0.52 -9.81
CA PRO K 202 -44.05 0.54 -10.82
C PRO K 202 -44.42 1.89 -10.24
N CYS K 203 -43.73 2.93 -10.71
CA CYS K 203 -44.03 4.32 -10.37
C CYS K 203 -44.11 5.12 -11.65
N ASN K 204 -45.19 5.88 -11.80
CA ASN K 204 -45.54 6.50 -13.08
C ASN K 204 -45.06 7.93 -13.23
N ASN K 205 -44.31 8.46 -12.26
CA ASN K 205 -43.78 9.82 -12.32
C ASN K 205 -42.28 9.75 -12.03
N VAL K 206 -41.50 9.50 -13.08
CA VAL K 206 -40.05 9.32 -12.97
C VAL K 206 -39.35 10.47 -13.68
N SER K 207 -38.26 10.94 -13.08
CA SER K 207 -37.47 12.03 -13.62
C SER K 207 -36.01 11.62 -13.69
N THR K 208 -35.33 12.03 -14.77
CA THR K 208 -33.93 11.70 -14.98
C THR K 208 -33.07 12.76 -14.31
N VAL K 209 -32.17 12.33 -13.43
CA VAL K 209 -31.21 13.21 -12.78
C VAL K 209 -29.82 12.66 -13.03
N GLN K 210 -28.92 13.50 -13.54
CA GLN K 210 -27.57 13.05 -13.81
C GLN K 210 -26.83 12.72 -12.52
N CYS K 211 -27.12 13.44 -11.45
CA CYS K 211 -26.26 13.41 -10.27
C CYS K 211 -27.14 13.60 -9.04
N THR K 212 -27.06 12.66 -8.11
CA THR K 212 -28.02 12.59 -7.01
C THR K 212 -27.87 13.79 -6.07
N HIS K 213 -28.76 13.84 -5.07
CA HIS K 213 -28.75 14.88 -4.06
C HIS K 213 -28.02 14.37 -2.81
N GLY K 214 -27.94 15.23 -1.80
CA GLY K 214 -27.11 14.93 -0.64
C GLY K 214 -27.63 13.72 0.12
N ILE K 215 -26.70 12.91 0.60
CA ILE K 215 -27.00 11.77 1.46
C ILE K 215 -26.06 11.83 2.66
N LYS K 216 -26.62 11.84 3.86
CA LYS K 216 -25.82 11.93 5.07
C LYS K 216 -25.43 10.53 5.53
N PRO K 217 -24.13 10.18 5.59
CA PRO K 217 -23.76 8.83 6.05
C PRO K 217 -23.64 8.71 7.57
N VAL K 218 -24.79 8.68 8.22
CA VAL K 218 -24.87 8.52 9.67
C VAL K 218 -25.08 7.05 9.98
N VAL K 219 -24.63 6.64 11.17
CA VAL K 219 -24.71 5.25 11.62
C VAL K 219 -25.56 5.19 12.87
N SER K 220 -26.52 4.27 12.89
CA SER K 220 -27.41 4.10 14.03
C SER K 220 -27.93 2.67 14.00
N THR K 221 -28.49 2.24 15.13
CA THR K 221 -28.93 0.86 15.31
C THR K 221 -30.43 0.70 15.52
N GLN K 222 -31.09 1.65 16.19
CA GLN K 222 -32.51 1.54 16.49
C GLN K 222 -33.34 2.66 15.89
N LEU K 223 -32.91 3.91 16.06
CA LEU K 223 -33.65 5.07 15.58
C LEU K 223 -32.84 5.77 14.50
N LEU K 224 -33.44 5.96 13.33
CA LEU K 224 -32.79 6.69 12.26
C LEU K 224 -32.84 8.19 12.57
N LEU K 225 -31.70 8.86 12.40
CA LEU K 225 -31.55 10.26 12.78
C LEU K 225 -31.04 11.07 11.61
N ASN K 226 -31.47 12.33 11.55
CA ASN K 226 -31.00 13.31 10.56
C ASN K 226 -31.30 12.87 9.14
N GLY K 227 -32.26 11.98 8.94
CA GLY K 227 -32.62 11.52 7.63
C GLY K 227 -33.61 12.44 6.95
N SER K 228 -33.99 12.07 5.73
CA SER K 228 -34.98 12.81 4.98
C SER K 228 -36.39 12.39 5.39
N LEU K 229 -37.32 13.33 5.27
CA LEU K 229 -38.71 13.09 5.64
C LEU K 229 -39.48 12.50 4.46
N ALA K 230 -40.64 11.94 4.77
CA ALA K 230 -41.52 11.36 3.75
C ALA K 230 -42.31 12.50 3.09
N GLU K 231 -43.25 12.12 2.23
CA GLU K 231 -44.10 13.08 1.50
C GLU K 231 -45.49 13.02 2.12
N GLU K 232 -45.71 13.84 3.16
CA GLU K 232 -46.99 14.01 3.83
C GLU K 232 -47.72 12.69 4.10
N GLU K 233 -46.96 11.61 4.26
CA GLU K 233 -47.56 10.30 4.55
C GLU K 233 -46.53 9.42 5.24
N ILE K 234 -47.02 8.36 5.86
CA ILE K 234 -46.17 7.36 6.50
C ILE K 234 -45.92 6.24 5.51
N ILE K 235 -44.66 5.88 5.32
CA ILE K 235 -44.25 4.85 4.37
C ILE K 235 -43.65 3.69 5.16
N ILE K 236 -44.18 2.50 4.93
CA ILE K 236 -43.67 1.27 5.55
C ILE K 236 -43.02 0.44 4.46
N ARG K 237 -41.75 0.09 4.66
CA ARG K 237 -40.97 -0.64 3.68
C ARG K 237 -40.43 -1.92 4.30
N SER K 238 -40.61 -3.04 3.60
CA SER K 238 -40.06 -4.32 4.01
C SER K 238 -40.06 -5.24 2.81
N GLU K 239 -39.05 -6.11 2.75
CA GLU K 239 -38.88 -6.97 1.58
C GLU K 239 -40.08 -7.90 1.40
N ASN K 240 -40.60 -8.43 2.50
CA ASN K 240 -41.78 -9.28 2.45
C ASN K 240 -42.50 -9.17 3.79
N LEU K 241 -43.74 -8.66 3.76
CA LEU K 241 -44.47 -8.43 5.00
C LEU K 241 -44.69 -9.73 5.77
N THR K 242 -45.07 -10.79 5.06
CA THR K 242 -45.37 -12.05 5.74
C THR K 242 -44.14 -12.61 6.43
N ASP K 243 -42.98 -12.53 5.79
CA ASP K 243 -41.75 -13.04 6.38
C ASP K 243 -41.37 -12.23 7.61
N ASN K 244 -40.67 -12.87 8.53
CA ASN K 244 -40.33 -12.28 9.82
C ASN K 244 -38.92 -11.71 9.88
N VAL K 245 -37.92 -12.47 9.42
CA VAL K 245 -36.53 -12.05 9.61
C VAL K 245 -36.25 -10.74 8.88
N LYS K 246 -37.02 -10.42 7.85
CA LYS K 246 -36.84 -9.17 7.14
C LYS K 246 -37.35 -8.02 8.00
N THR K 247 -36.49 -7.03 8.25
CA THR K 247 -36.86 -5.91 9.10
C THR K 247 -37.83 -4.99 8.39
N ILE K 248 -38.66 -4.32 9.18
CA ILE K 248 -39.62 -3.34 8.67
C ILE K 248 -39.03 -1.95 8.88
N ILE K 249 -38.92 -1.19 7.79
CA ILE K 249 -38.36 0.15 7.82
C ILE K 249 -39.50 1.15 7.74
N VAL K 250 -39.59 2.01 8.76
CA VAL K 250 -40.61 3.05 8.81
C VAL K 250 -40.00 4.36 8.31
N HIS K 251 -40.86 5.27 7.87
CA HIS K 251 -40.42 6.56 7.36
C HIS K 251 -41.48 7.60 7.75
N LEU K 252 -41.21 8.33 8.83
CA LEU K 252 -42.16 9.30 9.35
C LEU K 252 -42.20 10.55 8.47
N ASN K 253 -43.36 11.21 8.48
CA ASN K 253 -43.53 12.49 7.77
C ASN K 253 -43.36 13.69 8.68
N GLU K 254 -43.60 13.53 9.98
CA GLU K 254 -43.42 14.59 10.97
C GLU K 254 -42.24 14.22 11.86
N SER K 255 -41.21 15.07 11.86
CA SER K 255 -40.00 14.78 12.59
C SER K 255 -40.20 14.97 14.08
N VAL K 256 -39.40 14.24 14.87
CA VAL K 256 -39.41 14.31 16.32
C VAL K 256 -38.04 14.79 16.78
N GLU K 257 -38.03 15.82 17.62
CA GLU K 257 -36.77 16.42 18.05
C GLU K 257 -36.03 15.53 19.03
N ILE K 258 -34.71 15.42 18.83
CA ILE K 258 -33.82 14.73 19.75
C ILE K 258 -32.67 15.68 20.09
N THR K 259 -32.40 15.86 21.37
CA THR K 259 -31.30 16.71 21.80
C THR K 259 -30.90 16.29 23.21
N CYS K 260 -29.60 16.11 23.44
CA CYS K 260 -29.13 15.69 24.75
C CYS K 260 -27.61 15.84 24.81
N THR K 261 -27.10 15.79 26.04
CA THR K 261 -25.70 16.07 26.33
C THR K 261 -25.21 15.09 27.38
N ARG K 262 -23.89 15.06 27.56
CA ARG K 262 -23.28 14.44 28.74
C ARG K 262 -22.69 15.54 29.61
N PRO K 263 -23.29 15.87 30.76
CA PRO K 263 -22.81 17.04 31.53
C PRO K 263 -21.43 16.84 32.13
N ASN K 264 -20.95 15.61 32.25
CA ASN K 264 -19.65 15.38 32.87
C ASN K 264 -18.55 16.05 32.06
N ASN K 265 -17.56 16.59 32.78
CA ASN K 265 -16.39 17.21 32.17
C ASN K 265 -15.25 16.21 32.18
N MET K 266 -14.67 15.96 31.01
CA MET K 266 -13.52 15.07 30.87
C MET K 266 -12.25 15.89 30.68
N THR K 267 -11.12 15.26 30.96
CA THR K 267 -9.81 15.89 30.82
C THR K 267 -8.89 14.96 30.05
N ARG K 268 -8.33 15.45 28.95
CA ARG K 268 -7.41 14.65 28.16
C ARG K 268 -6.12 14.41 28.92
N LYS K 269 -5.57 13.18 28.77
CA LYS K 269 -4.25 12.85 29.37
C LYS K 269 -3.40 12.19 28.30
N SER K 270 -2.11 12.52 28.26
CA SER K 270 -1.17 12.02 27.27
C SER K 270 -0.24 10.98 27.91
N VAL K 271 -0.10 9.84 27.25
CA VAL K 271 0.73 8.75 27.75
C VAL K 271 1.67 8.31 26.62
N ARG K 272 2.95 8.13 26.95
CA ARG K 272 3.94 7.63 26.02
C ARG K 272 3.87 6.10 26.03
N ILE K 273 3.79 5.50 24.84
CA ILE K 273 3.79 4.04 24.74
C ILE K 273 4.79 3.58 23.68
N GLY K 274 5.78 4.41 23.38
CA GLY K 274 6.80 4.03 22.42
C GLY K 274 7.39 5.24 21.71
N PRO K 275 8.31 4.99 20.78
CA PRO K 275 8.89 6.10 20.01
C PRO K 275 7.86 6.77 19.11
N GLY K 276 7.50 8.01 19.43
CA GLY K 276 6.56 8.74 18.62
C GLY K 276 5.13 8.29 18.72
N GLN K 277 4.79 7.46 19.71
CA GLN K 277 3.45 6.91 19.87
C GLN K 277 2.74 7.67 20.98
N THR K 278 1.58 8.23 20.66
CA THR K 278 0.80 9.04 21.58
C THR K 278 -0.50 8.31 21.91
N PHE K 279 -0.74 8.08 23.20
CA PHE K 279 -1.94 7.41 23.67
C PHE K 279 -2.72 8.39 24.54
N TYR K 280 -3.97 8.64 24.17
CA TYR K 280 -4.82 9.60 24.86
C TYR K 280 -5.92 8.86 25.62
N ALA K 281 -6.13 9.25 26.88
CA ALA K 281 -7.12 8.60 27.72
C ALA K 281 -7.58 9.57 28.79
N LEU K 282 -8.66 9.19 29.48
CA LEU K 282 -9.18 10.01 30.56
C LEU K 282 -8.13 10.21 31.64
N GLY K 283 -8.00 11.45 32.11
CA GLY K 283 -7.06 11.77 33.17
C GLY K 283 -7.75 12.01 34.51
N ASP K 284 -8.88 12.69 34.48
CA ASP K 284 -9.60 13.03 35.71
C ASP K 284 -10.92 13.68 35.30
N ILE K 285 -11.91 13.57 36.18
CA ILE K 285 -13.21 14.21 36.01
C ILE K 285 -13.29 15.38 36.97
N ILE K 286 -13.45 16.58 36.43
CA ILE K 286 -13.53 17.80 37.22
C ILE K 286 -14.99 18.11 37.52
N GLY K 287 -15.26 18.48 38.77
CA GLY K 287 -16.61 18.79 39.19
C GLY K 287 -17.32 17.59 39.81
N ASP K 288 -18.62 17.48 39.56
CA ASP K 288 -19.43 16.39 40.08
C ASP K 288 -19.90 15.50 38.93
N ILE K 289 -19.81 14.19 39.12
CA ILE K 289 -20.20 13.24 38.11
C ILE K 289 -21.73 13.12 38.08
N ARG K 290 -22.31 13.27 36.90
CA ARG K 290 -23.74 13.05 36.70
C ARG K 290 -23.94 12.15 35.48
N GLN K 291 -24.88 11.22 35.61
CA GLN K 291 -25.10 10.23 34.57
C GLN K 291 -25.61 10.92 33.31
N PRO K 292 -25.08 10.60 32.13
CA PRO K 292 -25.66 11.15 30.90
C PRO K 292 -27.02 10.55 30.60
N HIS K 293 -27.82 11.32 29.86
CA HIS K 293 -29.20 10.96 29.58
C HIS K 293 -29.63 11.66 28.29
N CYS K 294 -30.85 11.37 27.84
CA CYS K 294 -31.44 12.10 26.73
C CYS K 294 -32.93 12.28 26.96
N ASN K 295 -33.47 13.37 26.41
CA ASN K 295 -34.84 13.79 26.65
C ASN K 295 -35.63 13.80 25.34
N ILE K 296 -36.88 13.35 25.43
CA ILE K 296 -37.79 13.31 24.29
C ILE K 296 -39.12 13.89 24.72
N SER K 297 -39.74 14.69 23.85
CA SER K 297 -41.06 15.23 24.14
C SER K 297 -42.06 14.11 24.33
N GLU K 298 -42.89 14.22 25.36
CA GLU K 298 -43.84 13.17 25.68
C GLU K 298 -45.02 13.18 24.71
N ILE K 299 -45.70 14.33 24.60
CA ILE K 299 -46.89 14.40 23.75
C ILE K 299 -46.51 14.20 22.28
N LYS K 300 -45.35 14.71 21.88
CA LYS K 300 -44.93 14.57 20.48
C LYS K 300 -44.69 13.11 20.13
N TRP K 301 -44.01 12.37 21.02
CA TRP K 301 -43.73 10.96 20.75
C TRP K 301 -44.95 10.08 20.96
N GLU K 302 -45.80 10.42 21.94
CA GLU K 302 -46.96 9.58 22.22
C GLU K 302 -47.90 9.51 21.03
N LYS K 303 -48.12 10.65 20.37
CA LYS K 303 -48.96 10.65 19.17
C LYS K 303 -48.24 10.02 17.98
N THR K 304 -46.90 10.09 17.96
CA THR K 304 -46.16 9.52 16.85
C THR K 304 -46.38 8.02 16.74
N LEU K 305 -46.33 7.30 17.87
CA LEU K 305 -46.61 5.88 17.85
C LEU K 305 -48.06 5.60 17.46
N GLN K 306 -48.99 6.42 17.94
CA GLN K 306 -50.39 6.26 17.56
C GLN K 306 -50.58 6.54 16.08
N ARG K 307 -49.91 7.57 15.55
CA ARG K 307 -50.05 7.91 14.15
C ARG K 307 -49.56 6.79 13.25
N VAL K 308 -48.39 6.21 13.58
CA VAL K 308 -47.89 5.07 12.81
C VAL K 308 -48.66 3.81 13.13
N SER K 309 -49.30 3.74 14.30
CA SER K 309 -50.07 2.55 14.65
C SER K 309 -51.23 2.34 13.68
N GLU K 310 -51.92 3.43 13.32
CA GLU K 310 -53.03 3.33 12.38
C GLU K 310 -52.54 2.86 11.01
N LYS K 311 -51.38 3.36 10.58
CA LYS K 311 -50.86 2.97 9.27
C LYS K 311 -50.55 1.48 9.21
N LEU K 312 -49.96 0.94 10.27
CA LEU K 312 -49.59 -0.47 10.28
C LEU K 312 -50.80 -1.40 10.45
N ARG K 313 -51.89 -0.91 11.03
CA ARG K 313 -53.03 -1.78 11.30
C ARG K 313 -53.66 -2.29 10.00
N GLU K 314 -53.81 -1.42 9.00
CA GLU K 314 -54.48 -1.83 7.76
C GLU K 314 -53.70 -2.90 7.02
N HIS K 315 -52.39 -3.01 7.25
CA HIS K 315 -51.61 -4.05 6.58
C HIS K 315 -51.86 -5.43 7.19
N PHE K 316 -52.21 -5.47 8.48
CA PHE K 316 -52.41 -6.73 9.18
C PHE K 316 -53.83 -6.95 9.70
N ASN K 317 -54.64 -5.88 9.80
CA ASN K 317 -56.04 -6.00 10.22
C ASN K 317 -56.16 -6.67 11.59
N LYS K 318 -55.27 -6.30 12.51
CA LYS K 318 -55.38 -6.75 13.89
C LYS K 318 -54.64 -5.77 14.78
N THR K 319 -55.07 -5.68 16.04
CA THR K 319 -54.47 -4.74 16.97
C THR K 319 -52.99 -5.06 17.16
N ILE K 320 -52.16 -4.03 17.11
CA ILE K 320 -50.72 -4.17 17.19
C ILE K 320 -50.22 -3.57 18.50
N ILE K 321 -49.15 -4.15 19.03
CA ILE K 321 -48.56 -3.72 20.29
C ILE K 321 -47.05 -3.69 20.12
N PHE K 322 -46.40 -2.96 21.02
CA PHE K 322 -44.95 -2.81 21.04
C PHE K 322 -44.38 -3.36 22.34
N ASN K 323 -43.10 -3.72 22.30
CA ASN K 323 -42.40 -4.16 23.50
C ASN K 323 -40.91 -3.99 23.28
N GLN K 324 -40.18 -3.96 24.39
CA GLN K 324 -38.75 -3.71 24.34
C GLN K 324 -38.01 -4.84 23.63
N SER K 325 -36.77 -4.57 23.25
CA SER K 325 -35.98 -5.56 22.53
C SER K 325 -35.83 -6.83 23.35
N SER K 326 -35.99 -7.97 22.68
CA SER K 326 -35.94 -9.25 23.38
C SER K 326 -34.57 -9.49 24.01
N GLY K 327 -33.50 -9.20 23.28
CA GLY K 327 -32.17 -9.38 23.81
C GLY K 327 -31.13 -9.28 22.71
N GLY K 328 -29.89 -9.58 23.10
CA GLY K 328 -28.76 -9.57 22.21
C GLY K 328 -27.60 -8.81 22.81
N ASP K 329 -26.63 -8.46 21.95
CA ASP K 329 -25.47 -7.71 22.41
C ASP K 329 -25.86 -6.26 22.68
N LEU K 330 -24.94 -5.55 23.34
CA LEU K 330 -25.22 -4.18 23.76
C LEU K 330 -25.42 -3.25 22.58
N GLU K 331 -24.76 -3.54 21.45
CA GLU K 331 -24.83 -2.62 20.31
C GLU K 331 -26.24 -2.49 19.76
N ILE K 332 -27.01 -3.59 19.73
CA ILE K 332 -28.34 -3.59 19.16
C ILE K 332 -29.41 -3.29 20.20
N THR K 333 -29.26 -3.84 21.42
CA THR K 333 -30.30 -3.67 22.43
C THR K 333 -30.46 -2.22 22.86
N THR K 334 -29.45 -1.38 22.65
CA THR K 334 -29.47 0.01 23.09
C THR K 334 -29.25 0.93 21.89
N HIS K 335 -30.01 2.02 21.84
CA HIS K 335 -29.87 2.98 20.76
C HIS K 335 -28.46 3.57 20.76
N SER K 336 -27.84 3.58 19.59
CA SER K 336 -26.46 4.03 19.44
C SER K 336 -26.38 5.13 18.40
N PHE K 337 -25.61 6.18 18.72
CA PHE K 337 -25.46 7.31 17.83
C PHE K 337 -24.17 8.04 18.20
N ASN K 338 -23.75 8.94 17.31
CA ASN K 338 -22.53 9.72 17.49
C ASN K 338 -22.89 11.17 17.71
N CYS K 339 -22.14 11.83 18.61
CA CYS K 339 -22.37 13.24 18.92
C CYS K 339 -21.01 13.86 19.27
N GLY K 340 -20.42 14.55 18.30
CA GLY K 340 -19.14 15.19 18.54
C GLY K 340 -18.02 14.22 18.84
N GLY K 341 -17.98 13.09 18.13
CA GLY K 341 -16.91 12.14 18.31
C GLY K 341 -17.04 11.22 19.50
N GLU K 342 -18.19 11.22 20.18
CA GLU K 342 -18.43 10.36 21.32
C GLU K 342 -19.54 9.37 20.98
N PHE K 343 -19.37 8.12 21.43
CA PHE K 343 -20.29 7.04 21.11
C PHE K 343 -21.21 6.79 22.29
N PHE K 344 -22.51 6.67 22.00
CA PHE K 344 -23.54 6.48 23.02
C PHE K 344 -24.21 5.12 22.84
N TYR K 345 -24.82 4.65 23.93
CA TYR K 345 -25.58 3.40 23.91
C TYR K 345 -26.66 3.54 24.97
N CYS K 346 -27.89 3.82 24.55
CA CYS K 346 -28.95 4.17 25.49
C CYS K 346 -30.14 3.22 25.39
N ASN K 347 -30.86 3.14 26.51
CA ASN K 347 -31.83 2.08 26.72
C ASN K 347 -32.95 2.11 25.69
N THR K 348 -33.49 3.29 25.40
CA THR K 348 -34.67 3.46 24.55
C THR K 348 -35.71 2.37 24.81
N SER K 349 -35.97 2.13 26.08
CA SER K 349 -36.95 1.13 26.51
C SER K 349 -38.26 1.74 26.97
N ASP K 350 -38.23 2.95 27.54
CA ASP K 350 -39.47 3.61 27.94
C ASP K 350 -40.35 3.90 26.74
N LEU K 351 -39.76 4.08 25.56
CA LEU K 351 -40.53 4.32 24.35
C LEU K 351 -41.20 3.07 23.81
N PHE K 352 -40.69 1.88 24.15
CA PHE K 352 -41.15 0.61 23.60
C PHE K 352 -41.41 -0.39 24.72
N PHE K 353 -42.15 0.03 25.74
CA PHE K 353 -42.54 -0.87 26.82
C PHE K 353 -43.98 -0.60 27.20
N ASN K 354 -44.81 -1.64 27.19
CA ASN K 354 -46.22 -1.54 27.58
C ASN K 354 -46.93 -0.47 26.74
N LYS K 355 -46.57 -0.40 25.46
CA LYS K 355 -47.16 0.57 24.54
C LYS K 355 -48.20 -0.14 23.68
N THR K 356 -49.41 -0.26 24.23
CA THR K 356 -50.55 -0.81 23.53
C THR K 356 -51.54 0.32 23.25
N PHE K 357 -52.02 0.39 22.01
CA PHE K 357 -52.87 1.48 21.56
C PHE K 357 -54.22 0.93 21.12
N ASN K 358 -55.29 1.57 21.59
CA ASN K 358 -56.64 1.18 21.24
C ASN K 358 -57.03 1.82 19.91
N GLU K 359 -58.07 1.26 19.29
CA GLU K 359 -58.47 1.58 17.91
C GLU K 359 -57.28 1.91 17.02
N THR K 368 -49.49 18.77 27.95
CA THR K 368 -48.52 18.81 29.05
C THR K 368 -47.14 19.22 28.54
N ASN K 369 -46.20 19.40 29.46
CA ASN K 369 -44.83 19.78 29.15
C ASN K 369 -43.81 18.76 29.64
N SER K 370 -44.25 17.52 29.87
CA SER K 370 -43.36 16.49 30.36
C SER K 370 -42.46 15.98 29.24
N THR K 371 -41.38 15.31 29.63
CA THR K 371 -40.43 14.73 28.69
C THR K 371 -40.06 13.32 29.16
N ILE K 372 -39.63 12.50 28.21
CA ILE K 372 -39.23 11.13 28.47
C ILE K 372 -37.70 11.09 28.55
N THR K 373 -37.19 10.72 29.72
CA THR K 373 -35.75 10.64 29.94
C THR K 373 -35.27 9.22 29.65
N LEU K 374 -34.07 9.12 29.07
CA LEU K 374 -33.47 7.85 28.68
C LEU K 374 -32.07 7.78 29.27
N PRO K 375 -31.95 7.51 30.57
CA PRO K 375 -30.61 7.46 31.18
C PRO K 375 -29.76 6.37 30.53
N CYS K 376 -28.48 6.65 30.38
CA CYS K 376 -27.60 5.73 29.66
C CYS K 376 -26.15 6.11 29.96
N ARG K 377 -25.22 5.45 29.26
CA ARG K 377 -23.80 5.54 29.53
C ARG K 377 -23.05 5.69 28.22
N ILE K 378 -21.72 5.71 28.30
CA ILE K 378 -20.84 5.97 27.17
C ILE K 378 -19.81 4.86 27.07
N LYS K 379 -19.47 4.49 25.83
CA LYS K 379 -18.48 3.45 25.55
C LYS K 379 -17.35 4.04 24.72
N GLN K 380 -16.15 3.48 24.89
CA GLN K 380 -14.97 3.92 24.16
C GLN K 380 -14.50 2.90 23.14
N ILE K 381 -14.30 1.65 23.54
CA ILE K 381 -13.98 0.58 22.60
C ILE K 381 -15.25 0.18 21.89
N ILE K 382 -15.25 0.26 20.56
CA ILE K 382 -16.46 0.11 19.76
C ILE K 382 -16.24 -1.02 18.76
N ASN K 383 -17.19 -1.95 18.72
CA ASN K 383 -17.24 -2.99 17.70
C ASN K 383 -18.15 -2.60 16.55
N MET K 384 -17.94 -1.40 16.00
CA MET K 384 -18.72 -0.93 14.86
C MET K 384 -18.16 -1.55 13.58
N TRP K 385 -19.02 -1.67 12.57
CA TRP K 385 -18.66 -2.38 11.34
C TRP K 385 -18.25 -3.82 11.68
N GLN K 386 -19.24 -4.60 12.11
CA GLN K 386 -18.97 -5.87 12.77
C GLN K 386 -18.39 -6.89 11.80
N GLU K 387 -17.16 -6.66 11.36
CA GLU K 387 -16.36 -7.67 10.69
C GLU K 387 -15.45 -8.32 11.74
N VAL K 388 -14.51 -9.15 11.30
CA VAL K 388 -13.66 -9.94 12.18
C VAL K 388 -12.22 -9.47 12.04
N GLY K 389 -11.56 -9.25 13.18
CA GLY K 389 -10.13 -9.00 13.19
C GLY K 389 -9.71 -7.58 13.47
N ARG K 390 -10.64 -6.67 13.77
CA ARG K 390 -10.28 -5.28 14.02
C ARG K 390 -11.35 -4.60 14.83
N ALA K 391 -10.96 -3.52 15.50
CA ALA K 391 -11.86 -2.70 16.31
C ALA K 391 -11.32 -1.28 16.31
N MET K 392 -11.92 -0.41 17.13
CA MET K 392 -11.50 0.97 17.24
C MET K 392 -11.58 1.42 18.69
N TYR K 393 -10.85 2.50 18.99
CA TYR K 393 -10.84 3.12 20.31
C TYR K 393 -11.00 4.62 20.14
N ALA K 394 -12.16 5.14 20.50
CA ALA K 394 -12.45 6.56 20.32
C ALA K 394 -11.63 7.38 21.32
N PRO K 395 -10.80 8.32 20.87
CA PRO K 395 -10.10 9.17 21.84
C PRO K 395 -11.07 10.03 22.61
N PRO K 396 -10.76 10.38 23.86
CA PRO K 396 -11.66 11.23 24.63
C PRO K 396 -11.41 12.71 24.36
N ILE K 397 -12.46 13.50 24.55
CA ILE K 397 -12.42 14.93 24.34
C ILE K 397 -13.05 15.63 25.53
N ALA K 398 -12.40 16.70 25.98
CA ALA K 398 -12.89 17.47 27.12
C ALA K 398 -14.05 18.37 26.69
N GLY K 399 -14.85 18.76 27.68
CA GLY K 399 -15.95 19.68 27.45
C GLY K 399 -17.27 18.99 27.17
N ASN K 400 -18.32 19.43 27.84
CA ASN K 400 -19.65 18.88 27.60
C ASN K 400 -20.03 19.05 26.13
N ILE K 401 -20.58 17.99 25.55
CA ILE K 401 -20.96 17.96 24.14
C ILE K 401 -22.47 18.03 24.04
N THR K 402 -22.97 18.88 23.15
CA THR K 402 -24.39 19.02 22.89
C THR K 402 -24.66 18.75 21.42
N CYS K 403 -25.63 17.90 21.14
CA CYS K 403 -26.01 17.58 19.77
C CYS K 403 -27.52 17.57 19.65
N LYS K 404 -28.02 18.22 18.60
CA LYS K 404 -29.45 18.27 18.30
C LYS K 404 -29.69 17.50 17.02
N SER K 405 -30.59 16.52 17.07
CA SER K 405 -30.86 15.65 15.94
C SER K 405 -32.35 15.37 15.85
N ASN K 406 -32.77 14.94 14.67
CA ASN K 406 -34.16 14.60 14.39
C ASN K 406 -34.32 13.08 14.38
N ILE K 407 -35.58 12.65 14.28
CA ILE K 407 -35.93 11.25 14.09
C ILE K 407 -36.73 11.14 12.80
N THR K 408 -36.27 10.27 11.90
CA THR K 408 -36.93 10.06 10.62
C THR K 408 -36.92 8.56 10.35
N GLY K 409 -38.02 7.89 10.70
CA GLY K 409 -38.15 6.47 10.48
C GLY K 409 -37.67 5.65 11.67
N LEU K 410 -38.02 4.36 11.62
CA LEU K 410 -37.69 3.43 12.68
C LEU K 410 -37.40 2.07 12.06
N LEU K 411 -36.64 1.25 12.78
CA LEU K 411 -36.33 -0.11 12.38
C LEU K 411 -37.05 -1.06 13.34
N LEU K 412 -37.91 -1.91 12.80
CA LEU K 412 -38.74 -2.79 13.61
C LEU K 412 -38.71 -4.20 13.01
N THR K 413 -38.96 -5.19 13.87
CA THR K 413 -39.02 -6.59 13.45
C THR K 413 -40.27 -7.23 14.04
N ARG K 414 -40.98 -7.98 13.21
CA ARG K 414 -42.17 -8.70 13.66
C ARG K 414 -41.77 -9.94 14.46
N ASP K 415 -42.70 -10.39 15.30
CA ASP K 415 -42.44 -11.54 16.17
C ASP K 415 -42.91 -12.86 15.59
N GLY K 416 -43.84 -12.84 14.63
CA GLY K 416 -44.28 -14.07 13.99
C GLY K 416 -44.91 -15.06 14.95
N GLY K 417 -45.82 -14.60 15.81
CA GLY K 417 -46.49 -15.47 16.73
C GLY K 417 -47.31 -16.53 16.03
N GLY K 418 -48.29 -16.11 15.24
CA GLY K 418 -49.11 -17.04 14.49
C GLY K 418 -50.21 -17.68 15.31
N ASN K 419 -51.39 -17.83 14.72
CA ASN K 419 -52.53 -18.47 15.37
C ASN K 419 -52.88 -17.76 16.68
N ASN K 420 -53.15 -16.45 16.55
CA ASN K 420 -53.56 -15.63 17.68
C ASN K 420 -54.67 -14.70 17.22
N SER K 421 -55.55 -14.34 18.16
CA SER K 421 -56.71 -13.53 17.84
C SER K 421 -56.29 -12.17 17.29
N THR K 422 -55.66 -11.34 18.14
CA THR K 422 -55.17 -10.03 17.72
C THR K 422 -53.94 -9.70 18.57
N LYS K 423 -52.76 -10.04 18.04
CA LYS K 423 -51.52 -9.77 18.74
C LYS K 423 -50.40 -9.61 17.70
N GLU K 424 -49.67 -8.50 17.80
CA GLU K 424 -48.55 -8.23 16.90
C GLU K 424 -47.51 -7.43 17.69
N THR K 425 -46.55 -8.14 18.27
CA THR K 425 -45.55 -7.53 19.14
C THR K 425 -44.34 -7.12 18.30
N PHE K 426 -44.37 -5.89 17.81
CA PHE K 426 -43.22 -5.34 17.11
C PHE K 426 -42.09 -5.06 18.11
N ARG K 427 -40.86 -5.27 17.67
CA ARG K 427 -39.69 -5.07 18.50
C ARG K 427 -38.68 -4.20 17.75
N PRO K 428 -37.89 -3.40 18.47
CA PRO K 428 -36.83 -2.64 17.81
C PRO K 428 -35.52 -3.42 17.73
N GLY K 429 -34.82 -3.23 16.61
CA GLY K 429 -33.54 -3.89 16.41
C GLY K 429 -32.97 -3.65 15.03
N GLY K 430 -31.67 -3.38 14.96
CA GLY K 430 -31.02 -3.13 13.69
C GLY K 430 -30.54 -4.41 13.03
N GLY K 431 -31.31 -4.91 12.07
CA GLY K 431 -30.93 -6.15 11.40
C GLY K 431 -29.62 -6.03 10.66
N ASN K 432 -29.35 -4.87 10.07
CA ASN K 432 -28.13 -4.66 9.30
C ASN K 432 -27.86 -3.17 9.20
N MET K 433 -26.58 -2.81 9.16
CA MET K 433 -26.21 -1.42 8.91
C MET K 433 -26.58 -0.98 7.50
N ARG K 434 -26.73 -1.93 6.57
CA ARG K 434 -27.12 -1.57 5.21
C ARG K 434 -28.53 -1.00 5.18
N ASP K 435 -29.42 -1.50 6.02
CA ASP K 435 -30.81 -1.04 6.02
C ASP K 435 -30.92 0.43 6.39
N ASN K 436 -29.94 0.99 7.11
CA ASN K 436 -30.01 2.40 7.47
C ASN K 436 -29.99 3.27 6.22
N TRP K 437 -29.16 2.93 5.25
CA TRP K 437 -29.05 3.73 4.03
C TRP K 437 -30.11 3.37 2.99
N ARG K 438 -30.79 2.24 3.14
CA ARG K 438 -31.84 1.88 2.20
C ARG K 438 -33.05 2.79 2.34
N SER K 439 -33.24 3.44 3.49
CA SER K 439 -34.39 4.32 3.68
C SER K 439 -34.27 5.58 2.84
N GLU K 440 -33.05 6.00 2.50
CA GLU K 440 -32.83 7.22 1.73
C GLU K 440 -32.62 6.94 0.24
N LEU K 441 -32.27 5.72 -0.14
CA LEU K 441 -32.07 5.35 -1.53
C LEU K 441 -33.26 4.59 -2.11
N TYR K 442 -34.41 4.63 -1.43
CA TYR K 442 -35.56 3.83 -1.86
C TYR K 442 -36.08 4.26 -3.22
N LYS K 443 -35.72 5.45 -3.71
CA LYS K 443 -36.14 5.94 -5.03
C LYS K 443 -34.88 6.35 -5.79
N TYR K 444 -34.26 5.37 -6.44
CA TYR K 444 -33.07 5.59 -7.25
C TYR K 444 -32.80 4.33 -8.07
N LYS K 445 -32.16 4.53 -9.23
CA LYS K 445 -31.74 3.40 -10.06
C LYS K 445 -30.74 3.93 -11.08
N VAL K 446 -29.55 3.33 -11.11
CA VAL K 446 -28.54 3.66 -12.12
C VAL K 446 -28.79 2.79 -13.34
N VAL K 447 -28.89 3.42 -14.50
CA VAL K 447 -29.26 2.73 -15.73
C VAL K 447 -28.40 3.24 -16.87
N GLU K 448 -27.92 2.32 -17.70
CA GLU K 448 -27.16 2.68 -18.89
C GLU K 448 -28.10 3.21 -19.97
N VAL K 449 -27.56 4.08 -20.82
CA VAL K 449 -28.29 4.67 -21.93
C VAL K 449 -27.61 4.31 -23.23
N LYS K 450 -28.38 3.79 -24.18
CA LYS K 450 -27.84 3.39 -25.49
C LYS K 450 -28.36 4.36 -26.55
N PRO K 451 -27.53 5.25 -27.09
CA PRO K 451 -28.03 6.25 -28.04
C PRO K 451 -28.12 5.79 -29.49
N LEU K 452 -27.99 4.50 -29.77
CA LEU K 452 -28.05 3.98 -31.14
C LEU K 452 -29.37 3.24 -31.35
N GLY K 453 -30.04 3.56 -32.46
CA GLY K 453 -31.30 2.91 -32.79
C GLY K 453 -31.44 2.79 -34.29
N ILE K 454 -32.40 1.96 -34.70
CA ILE K 454 -32.66 1.68 -36.11
C ILE K 454 -34.16 1.74 -36.36
N ALA K 455 -34.51 1.95 -37.62
CA ALA K 455 -35.90 2.02 -38.04
C ALA K 455 -35.94 2.11 -39.57
N PRO K 456 -37.06 1.78 -40.19
CA PRO K 456 -37.16 1.88 -41.64
C PRO K 456 -37.47 3.30 -42.10
N THR K 457 -36.93 3.65 -43.26
CA THR K 457 -37.09 4.99 -43.81
C THR K 457 -36.88 4.90 -45.32
N GLU K 458 -37.23 6.00 -46.01
CA GLU K 458 -37.20 6.05 -47.46
C GLU K 458 -35.81 6.36 -48.04
N CYS K 459 -34.74 6.15 -47.27
CA CYS K 459 -33.41 6.41 -47.78
C CYS K 459 -33.06 5.50 -48.96
N ASN K 460 -32.38 6.08 -49.94
CA ASN K 460 -31.61 5.32 -50.93
C ASN K 460 -30.45 6.21 -51.35
N ARG K 461 -29.38 6.18 -50.53
CA ARG K 461 -28.20 7.04 -50.77
C ARG K 461 -27.37 6.47 -51.91
N GLN L 1 -19.89 -31.46 4.75
CA GLN L 1 -18.96 -30.90 5.77
C GLN L 1 -19.74 -30.25 6.91
N VAL L 2 -20.86 -29.62 6.56
CA VAL L 2 -21.69 -28.96 7.56
C VAL L 2 -22.31 -30.01 8.49
N GLN L 3 -22.19 -29.77 9.79
CA GLN L 3 -22.75 -30.67 10.79
C GLN L 3 -23.25 -29.87 11.97
N LEU L 4 -24.49 -30.14 12.39
CA LEU L 4 -25.11 -29.44 13.52
C LEU L 4 -25.10 -30.38 14.72
N LEU L 5 -23.99 -30.38 15.44
CA LEU L 5 -23.86 -31.23 16.61
C LEU L 5 -24.76 -30.73 17.73
N GLN L 6 -25.34 -31.68 18.47
CA GLN L 6 -26.22 -31.37 19.58
C GLN L 6 -25.75 -32.13 20.82
N SER L 7 -26.13 -31.61 21.99
CA SER L 7 -25.73 -32.22 23.25
C SER L 7 -26.53 -33.50 23.48
N GLY L 8 -26.32 -34.11 24.65
CA GLY L 8 -27.04 -35.31 25.03
C GLY L 8 -28.36 -35.00 25.70
N ALA L 9 -29.10 -36.06 26.00
CA ALA L 9 -30.39 -35.93 26.66
C ALA L 9 -30.19 -35.49 28.11
N ALA L 10 -31.20 -34.82 28.66
CA ALA L 10 -31.16 -34.35 30.03
C ALA L 10 -32.56 -34.39 30.62
N VAL L 11 -32.63 -34.59 31.93
CA VAL L 11 -33.88 -34.63 32.68
C VAL L 11 -33.76 -33.71 33.87
N THR L 12 -34.78 -32.89 34.10
CA THR L 12 -34.82 -31.98 35.23
C THR L 12 -36.23 -31.95 35.80
N LYS L 13 -36.32 -31.69 37.10
CA LYS L 13 -37.61 -31.67 37.76
C LYS L 13 -38.38 -30.41 37.36
N PRO L 14 -39.70 -30.42 37.52
CA PRO L 14 -40.49 -29.23 37.16
C PRO L 14 -40.07 -28.02 37.97
N GLY L 15 -40.13 -26.85 37.32
CA GLY L 15 -39.79 -25.60 37.95
C GLY L 15 -38.34 -25.20 37.81
N ALA L 16 -37.48 -26.08 37.32
CA ALA L 16 -36.07 -25.79 37.13
C ALA L 16 -35.84 -25.27 35.72
N SER L 17 -34.58 -25.18 35.30
CA SER L 17 -34.21 -24.77 33.96
C SER L 17 -33.22 -25.77 33.39
N VAL L 18 -33.23 -25.91 32.06
CA VAL L 18 -32.37 -26.85 31.36
C VAL L 18 -31.66 -26.12 30.24
N ARG L 19 -30.47 -26.61 29.89
CA ARG L 19 -29.63 -26.01 28.87
C ARG L 19 -29.46 -27.01 27.72
N VAL L 20 -29.62 -26.52 26.50
CA VAL L 20 -29.45 -27.32 25.29
C VAL L 20 -28.47 -26.60 24.37
N SER L 21 -27.50 -27.33 23.85
CA SER L 21 -26.42 -26.77 23.04
C SER L 21 -26.53 -27.24 21.59
N CYS L 22 -26.12 -26.37 20.68
CA CYS L 22 -26.09 -26.68 19.26
C CYS L 22 -24.86 -26.03 18.65
N GLU L 23 -24.05 -26.82 17.95
CA GLU L 23 -22.78 -26.36 17.42
C GLU L 23 -22.74 -26.59 15.91
N ALA L 24 -22.30 -25.57 15.18
CA ALA L 24 -22.12 -25.64 13.73
C ALA L 24 -20.71 -25.16 13.38
N SER L 25 -19.98 -25.95 12.61
CA SER L 25 -18.58 -25.66 12.35
C SER L 25 -18.15 -25.87 10.90
N GLY L 26 -19.04 -26.30 10.01
CA GLY L 26 -18.64 -26.64 8.65
C GLY L 26 -18.91 -25.58 7.61
N TYR L 27 -19.11 -24.34 8.02
CA TYR L 27 -19.43 -23.26 7.08
C TYR L 27 -19.31 -21.93 7.82
N ASN L 28 -19.45 -20.85 7.06
CA ASN L 28 -19.47 -19.50 7.63
C ASN L 28 -20.81 -19.28 8.31
N ILE L 29 -20.83 -19.45 9.64
CA ILE L 29 -22.08 -19.39 10.38
C ILE L 29 -22.67 -17.98 10.35
N ARG L 30 -21.82 -16.95 10.28
CA ARG L 30 -22.31 -15.58 10.37
C ARG L 30 -23.25 -15.24 9.21
N ASP L 31 -23.10 -15.90 8.07
CA ASP L 31 -23.86 -15.56 6.88
C ASP L 31 -25.23 -16.23 6.82
N TYR L 32 -25.57 -17.10 7.77
CA TYR L 32 -26.83 -17.81 7.76
C TYR L 32 -27.46 -17.77 9.15
N PHE L 33 -28.79 -17.84 9.19
CA PHE L 33 -29.54 -17.83 10.43
C PHE L 33 -29.67 -19.23 11.00
N ILE L 34 -30.02 -19.31 12.28
CA ILE L 34 -30.22 -20.56 12.99
C ILE L 34 -31.59 -20.52 13.65
N HIS L 35 -32.38 -21.56 13.45
CA HIS L 35 -33.71 -21.69 14.01
C HIS L 35 -33.75 -22.85 15.00
N TRP L 36 -34.82 -22.89 15.80
CA TRP L 36 -35.04 -23.95 16.76
C TRP L 36 -36.47 -24.46 16.64
N TRP L 37 -36.64 -25.76 16.88
CA TRP L 37 -37.93 -26.41 16.74
C TRP L 37 -38.13 -27.38 17.90
N ARG L 38 -39.40 -27.66 18.20
CA ARG L 38 -39.79 -28.57 19.26
C ARG L 38 -40.82 -29.55 18.72
N GLN L 39 -40.68 -30.81 19.11
CA GLN L 39 -41.57 -31.89 18.65
C GLN L 39 -42.16 -32.59 19.86
N ALA L 40 -43.37 -32.19 20.25
CA ALA L 40 -44.06 -32.88 21.33
C ALA L 40 -44.46 -34.28 20.88
N PRO L 41 -44.59 -35.22 21.82
CA PRO L 41 -44.98 -36.58 21.44
C PRO L 41 -46.33 -36.60 20.76
N GLY L 42 -46.45 -37.41 19.72
CA GLY L 42 -47.69 -37.50 18.97
C GLY L 42 -48.12 -36.17 18.37
N GLN L 43 -47.17 -35.38 17.87
CA GLN L 43 -47.48 -34.08 17.30
C GLN L 43 -46.36 -33.68 16.35
N GLY L 44 -46.67 -32.74 15.47
CA GLY L 44 -45.71 -32.25 14.51
C GLY L 44 -44.76 -31.23 15.10
N LEU L 45 -43.85 -30.75 14.25
CA LEU L 45 -42.88 -29.76 14.68
C LEU L 45 -43.56 -28.47 15.10
N GLN L 46 -42.99 -27.82 16.10
CA GLN L 46 -43.47 -26.53 16.59
C GLN L 46 -42.33 -25.52 16.54
N TRP L 47 -42.61 -24.36 15.96
CA TRP L 47 -41.60 -23.32 15.85
C TRP L 47 -41.28 -22.74 17.23
N VAL L 48 -39.99 -22.49 17.47
CA VAL L 48 -39.51 -21.92 18.73
C VAL L 48 -38.93 -20.52 18.53
N GLY L 49 -38.04 -20.36 17.57
CA GLY L 49 -37.47 -19.06 17.31
C GLY L 49 -36.19 -19.17 16.50
N TRP L 50 -35.64 -18.00 16.18
CA TRP L 50 -34.38 -17.90 15.48
C TRP L 50 -33.51 -16.84 16.14
N ILE L 51 -32.20 -16.99 15.96
CA ILE L 51 -31.22 -16.03 16.46
C ILE L 51 -30.22 -15.72 15.35
N ASN L 52 -29.95 -14.44 15.14
CA ASN L 52 -28.98 -14.03 14.13
C ASN L 52 -27.57 -14.17 14.69
N PRO L 53 -26.70 -14.98 14.07
CA PRO L 53 -25.34 -15.11 14.62
C PRO L 53 -24.57 -13.79 14.69
N LYS L 54 -24.77 -12.90 13.72
CA LYS L 54 -24.03 -11.63 13.73
C LYS L 54 -24.32 -10.84 15.00
N THR L 55 -25.59 -10.71 15.34
CA THR L 55 -26.02 -10.06 16.58
C THR L 55 -27.10 -10.92 17.21
N GLY L 56 -26.92 -11.29 18.47
CA GLY L 56 -27.78 -12.29 19.08
C GLY L 56 -29.20 -11.82 19.32
N GLN L 57 -29.88 -11.40 18.26
CA GLN L 57 -31.25 -10.93 18.39
C GLN L 57 -32.21 -12.11 18.36
N PRO L 58 -32.94 -12.39 19.44
CA PRO L 58 -33.88 -13.51 19.42
C PRO L 58 -35.25 -13.09 18.91
N ASN L 59 -36.07 -14.09 18.59
CA ASN L 59 -37.42 -13.86 18.11
C ASN L 59 -38.23 -15.12 18.39
N ASN L 60 -39.23 -14.99 19.25
CA ASN L 60 -39.99 -16.11 19.77
C ASN L 60 -41.48 -15.79 19.71
N PRO L 61 -42.34 -16.80 19.63
CA PRO L 61 -43.78 -16.53 19.65
C PRO L 61 -44.21 -15.93 20.98
N ARG L 62 -45.45 -15.43 20.99
CA ARG L 62 -45.98 -14.83 22.21
C ARG L 62 -46.08 -15.85 23.34
N GLN L 63 -46.50 -17.08 23.01
CA GLN L 63 -46.66 -18.09 24.05
C GLN L 63 -45.34 -18.41 24.74
N PHE L 64 -44.26 -18.50 23.97
CA PHE L 64 -42.94 -18.77 24.54
C PHE L 64 -42.28 -17.53 25.11
N GLN L 65 -42.86 -16.35 24.91
CA GLN L 65 -42.24 -15.12 25.42
C GLN L 65 -42.20 -15.14 26.93
N GLY L 66 -41.07 -14.70 27.49
CA GLY L 66 -40.88 -14.64 28.92
C GLY L 66 -40.34 -15.90 29.55
N ARG L 67 -40.22 -16.99 28.80
CA ARG L 67 -39.68 -18.24 29.31
C ARG L 67 -38.36 -18.61 28.65
N VAL L 68 -38.34 -18.74 27.32
CA VAL L 68 -37.13 -19.15 26.61
C VAL L 68 -36.28 -17.93 26.31
N SER L 69 -34.96 -18.13 26.25
CA SER L 69 -34.03 -17.04 25.96
C SER L 69 -32.86 -17.64 25.19
N LEU L 70 -32.92 -17.54 23.86
CA LEU L 70 -31.83 -18.06 23.04
C LEU L 70 -30.58 -17.21 23.22
N THR L 71 -29.44 -17.90 23.33
CA THR L 71 -28.15 -17.25 23.53
C THR L 71 -27.11 -17.91 22.65
N ARG L 72 -26.13 -17.13 22.22
CA ARG L 72 -25.01 -17.61 21.42
C ARG L 72 -23.71 -17.20 22.08
N HIS L 73 -22.68 -18.01 21.89
CA HIS L 73 -21.35 -17.73 22.41
C HIS L 73 -20.32 -18.13 21.37
N ALA L 74 -19.73 -17.14 20.72
CA ALA L 74 -18.72 -17.40 19.70
C ALA L 74 -17.43 -17.89 20.34
N SER L 75 -16.70 -18.70 19.59
CA SER L 75 -15.38 -19.11 20.00
C SER L 75 -14.37 -18.00 19.72
N TRP L 76 -13.15 -18.18 20.24
CA TRP L 76 -12.07 -17.25 19.95
C TRP L 76 -11.92 -17.08 18.44
N ASP L 77 -11.54 -18.16 17.76
CA ASP L 77 -11.65 -18.20 16.31
C ASP L 77 -13.13 -18.19 15.93
N PHE L 78 -13.48 -17.43 14.90
CA PHE L 78 -14.88 -17.23 14.54
C PHE L 78 -15.39 -18.39 13.67
N ASP L 79 -15.21 -19.59 14.21
CA ASP L 79 -15.71 -20.82 13.61
C ASP L 79 -16.17 -21.73 14.74
N THR L 80 -17.05 -22.66 14.42
CA THR L 80 -17.59 -23.59 15.41
C THR L 80 -18.34 -22.85 16.51
N TYR L 81 -19.30 -22.02 16.10
CA TYR L 81 -20.13 -21.31 17.06
C TYR L 81 -20.99 -22.28 17.84
N SER L 82 -21.28 -21.92 19.09
CA SER L 82 -22.14 -22.70 19.97
C SER L 82 -23.40 -21.91 20.25
N PHE L 83 -24.56 -22.53 20.00
CA PHE L 83 -25.86 -21.90 20.20
C PHE L 83 -26.55 -22.60 21.37
N TYR L 84 -26.95 -21.81 22.36
CA TYR L 84 -27.60 -22.31 23.56
C TYR L 84 -29.10 -22.03 23.52
N MET L 85 -29.81 -22.63 24.48
CA MET L 85 -31.25 -22.45 24.58
C MET L 85 -31.67 -22.75 26.02
N ASP L 86 -32.04 -21.71 26.76
CA ASP L 86 -32.44 -21.83 28.15
C ASP L 86 -33.89 -21.36 28.29
N LEU L 87 -34.70 -22.15 29.00
CA LEU L 87 -36.06 -21.77 29.32
C LEU L 87 -36.26 -21.85 30.82
N LYS L 88 -36.82 -20.79 31.39
CA LYS L 88 -36.87 -20.65 32.85
C LYS L 88 -37.92 -21.55 33.46
N ALA L 89 -39.18 -21.33 33.12
CA ALA L 89 -40.29 -22.08 33.71
C ALA L 89 -40.58 -23.32 32.88
N LEU L 90 -40.59 -24.48 33.55
CA LEU L 90 -40.87 -25.76 32.93
C LEU L 90 -42.21 -26.28 33.42
N ARG L 91 -43.10 -26.59 32.48
CA ARG L 91 -44.42 -27.12 32.80
C ARG L 91 -44.47 -28.62 32.48
N SER L 92 -45.60 -29.22 32.83
CA SER L 92 -45.76 -30.66 32.62
C SER L 92 -45.72 -31.01 31.13
N ASP L 93 -46.34 -30.20 30.29
CA ASP L 93 -46.47 -30.49 28.87
C ASP L 93 -45.29 -29.95 28.06
N ASP L 94 -44.16 -29.69 28.69
CA ASP L 94 -42.98 -29.19 28.00
C ASP L 94 -42.04 -30.30 27.54
N THR L 95 -42.35 -31.56 27.82
CA THR L 95 -41.50 -32.66 27.39
C THR L 95 -41.56 -32.80 25.87
N ALA L 96 -40.40 -32.84 25.24
CA ALA L 96 -40.30 -32.94 23.79
C ALA L 96 -38.82 -33.07 23.42
N VAL L 97 -38.57 -33.25 22.13
CA VAL L 97 -37.20 -33.28 21.59
C VAL L 97 -37.00 -32.01 20.77
N TYR L 98 -35.90 -31.31 21.04
CA TYR L 98 -35.63 -30.02 20.45
C TYR L 98 -34.58 -30.14 19.37
N PHE L 99 -34.86 -29.57 18.20
CA PHE L 99 -34.00 -29.65 17.04
C PHE L 99 -33.29 -28.33 16.80
N CYS L 100 -32.23 -28.39 16.00
CA CYS L 100 -31.45 -27.22 15.61
C CYS L 100 -31.38 -27.20 14.09
N ALA L 101 -31.80 -26.09 13.49
CA ALA L 101 -31.91 -25.98 12.04
C ALA L 101 -31.16 -24.76 11.56
N ARG L 102 -30.79 -24.77 10.27
CA ARG L 102 -30.06 -23.69 9.63
C ARG L 102 -30.81 -23.27 8.37
N GLN L 103 -31.29 -22.02 8.36
CA GLN L 103 -31.90 -21.48 7.15
C GLN L 103 -30.84 -21.24 6.10
N ARG L 104 -31.21 -21.45 4.83
CA ARG L 104 -30.27 -21.36 3.72
C ARG L 104 -30.37 -20.04 2.96
N SER L 105 -31.57 -19.63 2.59
CA SER L 105 -31.75 -18.43 1.78
C SER L 105 -33.09 -17.80 2.15
N ASP L 106 -33.58 -16.90 1.29
CA ASP L 106 -34.87 -16.27 1.52
C ASP L 106 -35.96 -17.31 1.74
N TYR L 107 -35.92 -18.39 0.95
CA TYR L 107 -36.80 -19.53 1.22
C TYR L 107 -36.45 -20.09 2.60
N TRP L 108 -37.48 -20.37 3.40
CA TRP L 108 -37.28 -20.94 4.73
C TRP L 108 -37.12 -22.46 4.59
N ASP L 109 -35.99 -22.84 4.00
CA ASP L 109 -35.63 -24.24 3.79
C ASP L 109 -34.43 -24.57 4.67
N PHE L 110 -34.55 -25.65 5.44
CA PHE L 110 -33.54 -26.06 6.41
C PHE L 110 -32.82 -27.27 5.84
N ASP L 111 -31.58 -27.06 5.38
CA ASP L 111 -30.82 -28.13 4.75
C ASP L 111 -30.24 -29.11 5.76
N VAL L 112 -29.84 -28.62 6.93
CA VAL L 112 -29.16 -29.43 7.94
C VAL L 112 -29.94 -29.34 9.24
N TRP L 113 -30.11 -30.48 9.91
CA TRP L 113 -30.82 -30.56 11.18
C TRP L 113 -29.95 -31.30 12.19
N GLY L 114 -30.22 -31.03 13.47
CA GLY L 114 -29.54 -31.72 14.55
C GLY L 114 -30.24 -33.00 14.96
N SER L 115 -29.50 -33.84 15.67
CA SER L 115 -30.04 -35.12 16.11
C SER L 115 -31.23 -34.93 17.05
N GLY L 116 -31.12 -33.99 17.97
CA GLY L 116 -32.15 -33.70 18.94
C GLY L 116 -31.74 -34.13 20.35
N THR L 117 -32.46 -33.61 21.33
CA THR L 117 -32.19 -33.89 22.74
C THR L 117 -33.53 -34.07 23.45
N GLN L 118 -33.86 -35.33 23.76
CA GLN L 118 -35.09 -35.61 24.48
C GLN L 118 -35.02 -35.01 25.88
N VAL L 119 -36.11 -34.37 26.30
CA VAL L 119 -36.22 -33.74 27.60
C VAL L 119 -37.47 -34.26 28.28
N THR L 120 -37.34 -34.66 29.54
CA THR L 120 -38.43 -35.19 30.33
C THR L 120 -38.65 -34.32 31.56
N VAL L 121 -39.91 -34.07 31.88
CA VAL L 121 -40.27 -33.24 33.03
C VAL L 121 -41.17 -34.03 33.98
N ASP M 1 -50.34 -13.83 7.94
CA ASP M 1 -51.59 -14.47 7.47
C ASP M 1 -51.29 -15.71 6.62
N ILE M 2 -51.22 -16.86 7.28
CA ILE M 2 -50.95 -18.14 6.63
C ILE M 2 -52.12 -19.07 6.89
N GLN M 3 -52.71 -19.59 5.82
CA GLN M 3 -53.71 -20.65 5.89
C GLN M 3 -53.11 -21.91 5.30
N MET M 4 -53.30 -23.03 5.99
CA MET M 4 -52.55 -24.23 5.68
C MET M 4 -53.36 -25.46 6.07
N THR M 5 -53.29 -26.50 5.26
CA THR M 5 -54.06 -27.71 5.52
C THR M 5 -53.42 -28.88 4.78
N GLN M 6 -53.57 -30.08 5.36
CA GLN M 6 -53.10 -31.33 4.79
C GLN M 6 -54.32 -32.18 4.43
N SER M 7 -54.38 -32.63 3.17
CA SER M 7 -55.59 -33.25 2.67
C SER M 7 -55.79 -34.67 3.21
N PRO M 8 -54.86 -35.61 2.97
CA PRO M 8 -55.14 -37.00 3.33
C PRO M 8 -55.23 -37.24 4.84
N SER M 9 -54.21 -36.78 5.57
CA SER M 9 -54.01 -36.96 7.00
C SER M 9 -53.58 -38.38 7.34
N SER M 10 -53.53 -39.30 6.38
CA SER M 10 -53.08 -40.66 6.59
C SER M 10 -53.10 -41.36 5.23
N LEU M 11 -52.15 -42.26 5.01
CA LEU M 11 -52.02 -42.90 3.70
C LEU M 11 -51.29 -44.23 3.87
N SER M 12 -52.02 -45.32 3.74
CA SER M 12 -51.45 -46.67 3.75
C SER M 12 -51.77 -47.33 2.42
N ALA M 13 -50.74 -47.84 1.75
CA ALA M 13 -50.90 -48.44 0.43
C ALA M 13 -49.91 -49.58 0.27
N SER M 14 -49.98 -50.25 -0.88
CA SER M 14 -49.10 -51.37 -1.17
C SER M 14 -47.74 -50.85 -1.64
N VAL M 15 -46.91 -51.75 -2.17
CA VAL M 15 -45.56 -51.42 -2.63
C VAL M 15 -45.58 -51.45 -4.16
N GLY M 16 -44.98 -50.42 -4.77
CA GLY M 16 -44.89 -50.33 -6.21
C GLY M 16 -46.04 -49.62 -6.88
N ASP M 17 -47.08 -49.24 -6.15
CA ASP M 17 -48.22 -48.56 -6.71
C ASP M 17 -48.00 -47.04 -6.69
N THR M 18 -48.97 -46.30 -7.19
CA THR M 18 -48.90 -44.84 -7.24
C THR M 18 -49.45 -44.26 -5.94
N VAL M 19 -48.64 -43.46 -5.26
CA VAL M 19 -49.00 -42.83 -4.00
C VAL M 19 -48.59 -41.37 -4.06
N THR M 20 -49.47 -40.48 -3.57
CA THR M 20 -49.20 -39.06 -3.59
C THR M 20 -49.90 -38.39 -2.42
N ILE M 21 -49.38 -37.23 -2.03
CA ILE M 21 -49.93 -36.43 -0.95
C ILE M 21 -50.07 -34.99 -1.41
N THR M 22 -51.07 -34.30 -0.88
CA THR M 22 -51.40 -32.94 -1.30
C THR M 22 -51.51 -32.05 -0.06
N CYS M 23 -50.78 -30.94 -0.09
CA CYS M 23 -50.82 -29.94 0.98
C CYS M 23 -51.45 -28.66 0.44
N GLN M 24 -52.38 -28.11 1.20
CA GLN M 24 -53.14 -26.91 0.80
C GLN M 24 -52.59 -25.72 1.56
N ALA M 25 -51.94 -24.80 0.86
CA ALA M 25 -51.31 -23.65 1.50
C ALA M 25 -50.95 -22.62 0.45
N ASN M 26 -50.58 -21.43 0.92
CA ASN M 26 -50.14 -20.33 0.08
C ASN M 26 -48.80 -19.81 0.56
N GLY M 27 -47.95 -19.40 -0.38
CA GLY M 27 -46.61 -18.96 -0.07
C GLY M 27 -45.58 -20.05 -0.32
N TYR M 28 -44.33 -19.74 0.04
CA TYR M 28 -43.26 -20.70 -0.12
C TYR M 28 -43.53 -21.94 0.71
N LEU M 29 -43.30 -23.11 0.12
CA LEU M 29 -43.59 -24.39 0.76
C LEU M 29 -42.46 -25.37 0.48
N ASN M 30 -42.08 -26.13 1.51
CA ASN M 30 -41.03 -27.12 1.42
C ASN M 30 -41.54 -28.44 1.99
N TRP M 31 -40.97 -29.55 1.50
CA TRP M 31 -41.38 -30.89 1.89
C TRP M 31 -40.26 -31.59 2.62
N TYR M 32 -40.62 -32.35 3.65
CA TYR M 32 -39.67 -33.07 4.49
C TYR M 32 -40.18 -34.50 4.71
N GLN M 33 -39.24 -35.39 5.02
CA GLN M 33 -39.55 -36.75 5.44
C GLN M 33 -38.97 -36.97 6.83
N GLN M 34 -39.79 -37.50 7.73
CA GLN M 34 -39.42 -37.68 9.13
C GLN M 34 -39.57 -39.16 9.51
N ARG M 35 -38.50 -39.74 10.04
CA ARG M 35 -38.53 -41.12 10.51
C ARG M 35 -38.96 -41.13 11.97
N ARG M 36 -38.83 -42.29 12.63
CA ARG M 36 -39.18 -42.43 14.04
C ARG M 36 -37.95 -42.08 14.87
N GLY M 37 -37.99 -40.93 15.53
CA GLY M 37 -36.92 -40.48 16.40
C GLY M 37 -35.78 -39.75 15.71
N LYS M 38 -35.83 -39.61 14.39
CA LYS M 38 -34.80 -38.91 13.63
C LYS M 38 -35.32 -37.56 13.16
N ALA M 39 -34.38 -36.68 12.83
CA ALA M 39 -34.73 -35.34 12.37
C ALA M 39 -35.21 -35.39 10.93
N PRO M 40 -35.97 -34.39 10.49
CA PRO M 40 -36.43 -34.38 9.09
C PRO M 40 -35.29 -34.12 8.11
N LYS M 41 -35.53 -34.52 6.87
CA LYS M 41 -34.59 -34.30 5.78
C LYS M 41 -35.32 -33.55 4.65
N LEU M 42 -34.63 -32.57 4.09
CA LEU M 42 -35.21 -31.75 3.02
C LEU M 42 -35.25 -32.55 1.72
N LEU M 43 -36.43 -32.59 1.08
CA LEU M 43 -36.61 -33.24 -0.20
C LEU M 43 -36.63 -32.23 -1.34
N ILE M 44 -37.56 -31.26 -1.27
CA ILE M 44 -37.69 -30.23 -2.29
C ILE M 44 -38.08 -28.92 -1.61
N TYR M 45 -37.82 -27.81 -2.29
CA TYR M 45 -38.13 -26.49 -1.78
C TYR M 45 -38.75 -25.65 -2.89
N ASP M 46 -39.51 -24.63 -2.48
CA ASP M 46 -40.19 -23.74 -3.41
C ASP M 46 -41.18 -24.49 -4.29
N GLY M 47 -41.66 -25.63 -3.81
CA GLY M 47 -42.66 -26.42 -4.52
C GLY M 47 -42.12 -27.46 -5.48
N SER M 48 -41.11 -27.11 -6.28
CA SER M 48 -40.61 -28.01 -7.32
C SER M 48 -39.10 -28.12 -7.39
N LYS M 49 -38.34 -27.22 -6.76
CA LYS M 49 -36.89 -27.29 -6.85
C LYS M 49 -36.38 -28.56 -6.17
N LEU M 50 -35.35 -29.15 -6.75
CA LEU M 50 -34.73 -30.36 -6.23
C LEU M 50 -33.41 -30.01 -5.57
N GLU M 51 -33.26 -30.40 -4.31
CA GLU M 51 -32.04 -30.14 -3.56
C GLU M 51 -31.09 -31.32 -3.71
N ARG M 52 -29.79 -31.03 -3.80
CA ARG M 52 -28.80 -32.07 -4.03
C ARG M 52 -28.83 -33.10 -2.91
N GLY M 53 -28.88 -34.38 -3.29
CA GLY M 53 -28.85 -35.47 -2.33
C GLY M 53 -30.05 -36.39 -2.44
N VAL M 54 -31.23 -35.83 -2.66
CA VAL M 54 -32.46 -36.61 -2.74
C VAL M 54 -32.40 -37.45 -4.02
N PRO M 55 -32.98 -38.66 -4.04
CA PRO M 55 -33.08 -39.38 -5.32
C PRO M 55 -33.88 -38.58 -6.33
N SER M 56 -33.47 -38.70 -7.60
CA SER M 56 -34.07 -37.89 -8.65
C SER M 56 -35.56 -38.18 -8.85
N ARG M 57 -36.06 -39.30 -8.33
CA ARG M 57 -37.47 -39.64 -8.55
C ARG M 57 -38.39 -38.59 -7.94
N PHE M 58 -38.10 -38.15 -6.73
CA PHE M 58 -38.98 -37.21 -6.05
C PHE M 58 -39.10 -35.92 -6.85
N SER M 59 -40.34 -35.47 -7.05
CA SER M 59 -40.58 -34.26 -7.84
C SER M 59 -41.98 -33.75 -7.54
N GLY M 60 -42.20 -32.48 -7.88
CA GLY M 60 -43.49 -31.84 -7.71
C GLY M 60 -43.57 -30.63 -8.61
N ARG M 61 -44.75 -30.00 -8.62
CA ARG M 61 -44.96 -28.82 -9.45
C ARG M 61 -45.97 -27.91 -8.78
N ARG M 62 -45.93 -26.64 -9.18
CA ARG M 62 -46.73 -25.59 -8.56
C ARG M 62 -47.92 -25.26 -9.46
N TRP M 63 -49.11 -25.18 -8.85
CA TRP M 63 -50.31 -24.78 -9.59
C TRP M 63 -51.27 -24.15 -8.58
N GLY M 64 -51.53 -22.86 -8.75
CA GLY M 64 -52.44 -22.18 -7.85
C GLY M 64 -51.92 -22.22 -6.43
N GLN M 65 -52.78 -22.69 -5.52
CA GLN M 65 -52.45 -22.79 -4.10
C GLN M 65 -52.46 -24.23 -3.60
N GLU M 66 -52.40 -25.21 -4.49
CA GLU M 66 -52.41 -26.62 -4.14
C GLU M 66 -51.18 -27.29 -4.75
N TYR M 67 -50.41 -27.97 -3.91
CA TYR M 67 -49.18 -28.63 -4.31
C TYR M 67 -49.27 -30.12 -4.01
N ASN M 68 -48.81 -30.94 -4.96
CA ASN M 68 -48.73 -32.37 -4.79
C ASN M 68 -47.28 -32.83 -4.86
N LEU M 69 -46.99 -33.93 -4.16
CA LEU M 69 -45.70 -34.60 -4.23
C LEU M 69 -45.93 -35.98 -4.83
N THR M 70 -45.19 -36.30 -5.89
CA THR M 70 -45.39 -37.53 -6.63
C THR M 70 -44.42 -38.60 -6.14
N ILE M 71 -44.97 -39.76 -5.76
CA ILE M 71 -44.19 -40.91 -5.32
C ILE M 71 -44.70 -42.13 -6.06
N ASN M 72 -43.77 -42.98 -6.51
CA ASN M 72 -44.13 -44.22 -7.18
C ASN M 72 -42.95 -45.18 -7.08
N ASN M 73 -43.23 -46.45 -7.37
CA ASN M 73 -42.22 -47.51 -7.30
C ASN M 73 -41.59 -47.55 -5.90
N LEU M 74 -42.45 -47.73 -4.90
CA LEU M 74 -42.01 -47.70 -3.52
C LEU M 74 -41.07 -48.86 -3.23
N GLN M 75 -40.06 -48.59 -2.39
CA GLN M 75 -39.11 -49.60 -1.95
C GLN M 75 -38.91 -49.44 -0.44
N PRO M 76 -38.18 -50.35 0.23
CA PRO M 76 -37.97 -50.20 1.67
C PRO M 76 -37.27 -48.90 2.04
N GLU M 77 -37.08 -48.68 3.34
CA GLU M 77 -36.50 -47.46 3.90
C GLU M 77 -37.05 -46.20 3.24
N ASP M 78 -38.35 -46.23 2.89
CA ASP M 78 -39.05 -45.06 2.40
C ASP M 78 -40.35 -44.78 3.13
N ILE M 79 -40.92 -45.75 3.83
CA ILE M 79 -42.14 -45.53 4.60
C ILE M 79 -41.79 -44.68 5.81
N ALA M 80 -42.20 -43.41 5.79
CA ALA M 80 -41.88 -42.47 6.84
C ALA M 80 -43.04 -41.48 6.96
N THR M 81 -42.79 -40.38 7.67
CA THR M 81 -43.77 -39.32 7.87
C THR M 81 -43.39 -38.12 7.01
N TYR M 82 -44.36 -37.62 6.25
CA TYR M 82 -44.14 -36.53 5.31
C TYR M 82 -45.05 -35.36 5.67
N PHE M 83 -44.52 -34.14 5.58
CA PHE M 83 -45.30 -32.95 5.87
C PHE M 83 -44.78 -31.78 5.05
N CYS M 84 -45.64 -30.79 4.86
CA CYS M 84 -45.30 -29.56 4.16
C CYS M 84 -44.96 -28.47 5.17
N GLN M 85 -43.98 -27.64 4.83
CA GLN M 85 -43.40 -26.67 5.76
C GLN M 85 -43.50 -25.26 5.17
N VAL M 86 -44.51 -24.52 5.61
CA VAL M 86 -44.61 -23.09 5.35
C VAL M 86 -43.68 -22.40 6.34
N TYR M 87 -43.49 -21.08 6.18
CA TYR M 87 -42.52 -20.32 6.98
C TYR M 87 -42.40 -20.79 8.42
N GLU M 88 -43.53 -20.86 9.14
CA GLU M 88 -43.49 -21.20 10.55
C GLU M 88 -44.66 -22.10 10.97
N PHE M 89 -45.33 -22.74 10.02
CA PHE M 89 -46.46 -23.62 10.32
C PHE M 89 -46.21 -24.97 9.66
N VAL M 90 -46.48 -26.04 10.41
CA VAL M 90 -46.27 -27.40 9.94
C VAL M 90 -47.45 -28.26 10.41
N VAL M 91 -47.95 -29.09 9.52
CA VAL M 91 -49.05 -30.01 9.83
C VAL M 91 -48.47 -31.26 10.49
N PRO M 92 -49.28 -32.05 11.22
CA PRO M 92 -48.84 -33.39 11.59
C PRO M 92 -48.72 -34.26 10.34
N GLY M 93 -47.51 -34.73 10.07
CA GLY M 93 -47.23 -35.38 8.80
C GLY M 93 -48.04 -36.64 8.62
N THR M 94 -48.13 -37.06 7.35
CA THR M 94 -48.87 -38.25 6.97
C THR M 94 -47.92 -39.44 6.84
N ARG M 95 -48.21 -40.51 7.56
CA ARG M 95 -47.37 -41.70 7.51
C ARG M 95 -47.75 -42.56 6.32
N LEU M 96 -46.74 -43.04 5.61
CA LEU M 96 -46.96 -43.89 4.44
C LEU M 96 -47.36 -45.30 4.86
N GLY N 6 -21.37 14.89 -21.04
CA GLY N 6 -22.27 14.09 -20.24
C GLY N 6 -23.71 14.55 -20.32
N ALA N 7 -23.90 15.88 -20.32
CA ALA N 7 -25.25 16.43 -20.42
C ALA N 7 -25.91 16.06 -21.73
N VAL N 8 -25.11 15.85 -22.79
CA VAL N 8 -25.67 15.49 -24.08
C VAL N 8 -26.38 14.14 -23.99
N PHE N 9 -25.81 13.20 -23.23
CA PHE N 9 -26.45 11.90 -23.06
C PHE N 9 -27.78 12.04 -22.34
N LEU N 10 -27.84 12.90 -21.31
CA LEU N 10 -29.10 13.15 -20.63
C LEU N 10 -30.12 13.79 -21.56
N GLY N 11 -29.66 14.55 -22.55
CA GLY N 11 -30.58 15.17 -23.49
C GLY N 11 -31.37 14.17 -24.30
N PHE N 12 -30.76 13.03 -24.62
CA PHE N 12 -31.48 12.01 -25.38
C PHE N 12 -32.69 11.49 -24.60
N LEU N 13 -32.54 11.34 -23.29
CA LEU N 13 -33.65 10.82 -22.48
C LEU N 13 -34.86 11.73 -22.50
N GLY N 14 -34.70 12.98 -22.91
CA GLY N 14 -35.84 13.87 -22.97
C GLY N 14 -36.91 13.34 -23.92
N ALA N 15 -38.16 13.48 -23.50
CA ALA N 15 -39.30 12.99 -24.27
C ALA N 15 -39.17 11.50 -24.57
N ALA N 16 -38.72 10.74 -23.56
CA ALA N 16 -38.55 9.30 -23.75
C ALA N 16 -39.89 8.63 -24.05
N GLY N 17 -40.94 9.00 -23.32
CA GLY N 17 -42.24 8.40 -23.54
C GLY N 17 -42.97 8.87 -24.77
N SER N 18 -42.51 9.96 -25.38
CA SER N 18 -43.17 10.47 -26.57
C SER N 18 -42.96 9.52 -27.75
N THR N 19 -43.90 9.55 -28.69
CA THR N 19 -43.81 8.68 -29.86
C THR N 19 -42.59 9.04 -30.69
N MET N 20 -42.16 8.08 -31.53
CA MET N 20 -40.95 8.26 -32.31
C MET N 20 -41.08 9.46 -33.25
N GLY N 21 -42.23 9.60 -33.90
CA GLY N 21 -42.42 10.74 -34.79
C GLY N 21 -42.40 12.06 -34.04
N ALA N 22 -43.06 12.13 -32.88
CA ALA N 22 -43.11 13.36 -32.13
C ALA N 22 -41.76 13.69 -31.51
N ALA N 23 -41.01 12.67 -31.08
CA ALA N 23 -39.73 12.92 -30.45
C ALA N 23 -38.76 13.60 -31.40
N SER N 24 -38.71 13.15 -32.66
CA SER N 24 -37.83 13.78 -33.63
C SER N 24 -38.23 15.22 -33.90
N ASN N 25 -39.54 15.49 -34.00
CA ASN N 25 -40.01 16.84 -34.26
C ASN N 25 -39.61 17.79 -33.14
N THR N 26 -39.77 17.35 -31.90
CA THR N 26 -39.43 18.18 -30.75
C THR N 26 -37.92 18.38 -30.63
N LEU N 58 -4.10 6.25 -5.31
CA LEU N 58 -3.52 6.48 -4.00
C LEU N 58 -4.54 6.19 -2.90
N GLY N 59 -5.82 6.37 -3.21
CA GLY N 59 -6.88 6.13 -2.25
C GLY N 59 -8.19 5.77 -2.91
N VAL N 60 -9.26 5.67 -2.10
CA VAL N 60 -10.57 5.35 -2.65
C VAL N 60 -11.02 6.43 -3.62
N TRP N 61 -10.86 7.69 -3.23
CA TRP N 61 -11.17 8.82 -4.11
C TRP N 61 -9.90 9.17 -4.88
N GLY N 62 -9.90 8.88 -6.18
CA GLY N 62 -8.73 9.05 -7.01
C GLY N 62 -8.53 7.86 -7.92
N PHE N 63 -8.91 6.68 -7.44
CA PHE N 63 -8.91 5.47 -8.24
C PHE N 63 -10.29 5.12 -8.76
N LYS N 64 -11.32 5.22 -7.92
CA LYS N 64 -12.70 5.03 -8.40
C LYS N 64 -13.06 6.07 -9.43
N GLN N 65 -12.69 7.33 -9.18
CA GLN N 65 -12.91 8.38 -10.17
C GLN N 65 -12.09 8.11 -11.43
N LEU N 66 -10.85 7.65 -11.26
CA LEU N 66 -10.02 7.32 -12.42
C LEU N 66 -10.65 6.20 -13.24
N GLN N 67 -11.19 5.18 -12.58
CA GLN N 67 -11.84 4.10 -13.30
C GLN N 67 -13.07 4.60 -14.06
N ALA N 68 -13.84 5.50 -13.45
CA ALA N 68 -15.02 6.04 -14.12
C ALA N 68 -14.63 6.82 -15.37
N ARG N 69 -13.57 7.62 -15.29
CA ARG N 69 -13.16 8.40 -16.45
C ARG N 69 -12.76 7.51 -17.60
N VAL N 70 -12.01 6.44 -17.33
CA VAL N 70 -11.62 5.53 -18.39
C VAL N 70 -12.81 4.68 -18.85
N LEU N 71 -13.78 4.44 -17.97
CA LEU N 71 -14.97 3.71 -18.38
C LEU N 71 -15.89 4.58 -19.23
N ALA N 72 -16.09 5.83 -18.82
CA ALA N 72 -16.97 6.72 -19.57
C ALA N 72 -16.39 7.03 -20.94
N ILE N 73 -15.09 7.29 -21.02
CA ILE N 73 -14.46 7.63 -22.30
C ILE N 73 -14.56 6.45 -23.27
N GLU N 74 -14.38 5.24 -22.76
CA GLU N 74 -14.49 4.06 -23.63
C GLU N 74 -15.89 3.93 -24.19
N ARG N 75 -16.92 4.15 -23.36
CA ARG N 75 -18.29 4.00 -23.83
C ARG N 75 -18.59 4.98 -24.94
N TYR N 76 -18.02 6.19 -24.87
CA TYR N 76 -18.24 7.17 -25.94
C TYR N 76 -17.68 6.67 -27.26
N LEU N 77 -16.51 6.03 -27.23
CA LEU N 77 -15.88 5.56 -28.47
C LEU N 77 -16.56 4.32 -29.02
N GLU N 78 -17.18 3.49 -28.16
CA GLU N 78 -17.89 2.32 -28.67
C GLU N 78 -19.02 2.72 -29.59
N VAL N 79 -19.78 3.76 -29.22
CA VAL N 79 -20.81 4.27 -30.11
C VAL N 79 -20.19 4.90 -31.35
N GLN N 80 -19.13 5.68 -31.16
CA GLN N 80 -18.48 6.34 -32.29
C GLN N 80 -17.76 5.34 -33.19
N GLN N 81 -17.22 4.27 -32.61
CA GLN N 81 -16.57 3.25 -33.43
C GLN N 81 -17.53 2.66 -34.45
N LEU N 82 -18.72 2.26 -34.00
CA LEU N 82 -19.68 1.65 -34.92
C LEU N 82 -20.14 2.64 -35.97
N LEU N 83 -20.35 3.91 -35.58
CA LEU N 83 -20.85 4.90 -36.53
C LEU N 83 -19.87 5.11 -37.67
N GLY N 84 -18.58 5.20 -37.37
CA GLY N 84 -17.61 5.49 -38.40
C GLY N 84 -17.54 4.39 -39.46
N MET N 85 -17.54 3.13 -39.01
CA MET N 85 -17.42 2.03 -39.96
C MET N 85 -18.64 1.90 -40.86
N TRP N 86 -19.76 2.51 -40.50
CA TRP N 86 -20.99 2.43 -41.28
C TRP N 86 -21.14 3.55 -42.29
N GLY N 87 -20.19 4.49 -42.35
CA GLY N 87 -20.24 5.59 -43.29
C GLY N 87 -20.83 6.87 -42.75
N CYS N 88 -21.62 6.79 -41.68
CA CYS N 88 -22.19 7.97 -41.03
C CYS N 88 -21.36 8.22 -39.77
N SER N 89 -20.50 9.24 -39.82
CA SER N 89 -19.50 9.47 -38.79
C SER N 89 -19.73 10.78 -38.05
N GLY N 90 -20.98 11.07 -37.70
CA GLY N 90 -21.29 12.27 -36.95
C GLY N 90 -22.61 12.91 -37.30
N LYS N 91 -23.25 12.44 -38.36
CA LYS N 91 -24.57 12.98 -38.72
C LYS N 91 -25.59 12.62 -37.66
N LEU N 92 -26.46 13.57 -37.33
CA LEU N 92 -27.49 13.33 -36.33
C LEU N 92 -28.42 12.20 -36.75
N ILE N 93 -28.82 12.18 -38.01
CA ILE N 93 -29.65 11.12 -38.58
C ILE N 93 -28.94 10.59 -39.81
N CYS N 94 -28.65 9.29 -39.80
CA CYS N 94 -27.94 8.66 -40.91
C CYS N 94 -28.91 8.27 -42.01
N CYS N 95 -28.35 7.69 -43.08
CA CYS N 95 -29.12 7.34 -44.27
C CYS N 95 -28.40 6.21 -44.98
N THR N 96 -29.04 5.05 -45.04
CA THR N 96 -28.37 3.79 -45.38
C THR N 96 -29.08 3.12 -46.55
N ASN N 97 -28.43 2.12 -47.15
CA ASN N 97 -28.90 1.42 -48.35
C ASN N 97 -29.03 -0.08 -48.09
N VAL N 98 -29.65 -0.46 -46.97
CA VAL N 98 -29.88 -1.85 -46.63
C VAL N 98 -31.38 -2.10 -46.64
N PRO N 99 -31.89 -3.05 -47.42
CA PRO N 99 -33.35 -3.24 -47.48
C PRO N 99 -33.91 -3.80 -46.18
N TRP N 100 -35.18 -3.49 -45.93
CA TRP N 100 -35.89 -3.93 -44.73
C TRP N 100 -36.64 -5.21 -45.08
N ASN N 101 -36.03 -6.35 -44.79
CA ASN N 101 -36.68 -7.64 -45.00
C ASN N 101 -37.88 -7.77 -44.06
N SER N 102 -38.89 -8.51 -44.53
CA SER N 102 -40.08 -8.76 -43.72
C SER N 102 -39.79 -9.66 -42.53
N SER N 103 -38.62 -10.31 -42.49
CA SER N 103 -38.36 -11.29 -41.43
C SER N 103 -38.36 -10.63 -40.05
N TRP N 104 -37.60 -9.55 -39.88
CA TRP N 104 -37.49 -8.94 -38.56
C TRP N 104 -38.82 -8.35 -38.10
N SER N 105 -39.54 -7.68 -38.99
CA SER N 105 -40.77 -6.99 -38.61
C SER N 105 -41.70 -6.90 -39.80
N ASN N 106 -42.98 -6.68 -39.51
CA ASN N 106 -44.00 -6.53 -40.55
C ASN N 106 -45.12 -5.65 -39.98
N LYS N 107 -45.10 -4.37 -40.35
CA LYS N 107 -46.14 -3.45 -39.92
C LYS N 107 -46.04 -2.17 -40.75
N THR N 108 -47.15 -1.45 -40.83
CA THR N 108 -47.24 -0.27 -41.68
C THR N 108 -46.37 0.86 -41.13
N TYR N 109 -45.93 1.73 -42.04
CA TYR N 109 -45.11 2.85 -41.64
C TYR N 109 -45.86 3.81 -40.72
N ASN N 110 -47.15 4.02 -40.99
CA ASN N 110 -47.93 4.96 -40.19
C ASN N 110 -48.01 4.53 -38.74
N GLU N 111 -48.18 3.22 -38.50
CA GLU N 111 -48.33 2.70 -37.15
C GLU N 111 -47.00 2.42 -36.46
N ILE N 112 -45.91 3.04 -36.91
CA ILE N 112 -44.61 2.94 -36.26
C ILE N 112 -44.24 4.24 -35.56
N TRP N 113 -44.43 5.38 -36.23
CA TRP N 113 -44.01 6.68 -35.72
C TRP N 113 -45.18 7.48 -35.15
N ASP N 114 -46.27 6.81 -34.78
CA ASP N 114 -47.47 7.50 -34.31
C ASP N 114 -48.07 6.92 -33.04
N ASN N 115 -47.79 5.66 -32.70
CA ASN N 115 -48.41 5.00 -31.56
C ASN N 115 -47.43 4.54 -30.49
N MET N 116 -46.22 4.14 -30.87
CA MET N 116 -45.24 3.61 -29.94
C MET N 116 -44.00 4.49 -29.92
N THR N 117 -43.29 4.45 -28.80
CA THR N 117 -42.05 5.21 -28.64
C THR N 117 -40.85 4.29 -28.85
N TRP N 118 -39.65 4.87 -28.72
CA TRP N 118 -38.44 4.12 -29.03
C TRP N 118 -38.24 2.93 -28.11
N MET N 119 -38.80 2.98 -26.90
CA MET N 119 -38.56 1.91 -25.93
C MET N 119 -39.11 0.57 -26.44
N GLN N 120 -40.33 0.58 -27.00
CA GLN N 120 -40.91 -0.67 -27.47
C GLN N 120 -40.22 -1.19 -28.71
N TRP N 121 -39.57 -0.31 -29.48
CA TRP N 121 -38.90 -0.75 -30.71
C TRP N 121 -37.79 -1.75 -30.41
N ASP N 122 -37.05 -1.52 -29.32
CA ASP N 122 -35.89 -2.36 -29.02
C ASP N 122 -36.29 -3.81 -28.80
N ARG N 123 -37.37 -4.04 -28.05
CA ARG N 123 -37.75 -5.42 -27.72
C ARG N 123 -38.09 -6.22 -28.96
N GLU N 124 -38.67 -5.58 -29.98
CA GLU N 124 -39.07 -6.31 -31.18
C GLU N 124 -37.88 -6.68 -32.05
N ILE N 125 -36.79 -5.93 -31.98
CA ILE N 125 -35.59 -6.21 -32.76
C ILE N 125 -34.37 -6.47 -31.89
N GLY N 126 -34.45 -6.25 -30.58
CA GLY N 126 -33.29 -6.38 -29.72
C GLY N 126 -32.59 -7.72 -29.83
N ASN N 127 -33.35 -8.78 -30.11
CA ASN N 127 -32.75 -10.11 -30.24
C ASN N 127 -31.84 -10.19 -31.46
N TYR N 128 -32.22 -9.53 -32.56
CA TYR N 128 -31.55 -9.67 -33.84
C TYR N 128 -30.60 -8.52 -34.16
N THR N 129 -30.29 -7.66 -33.19
CA THR N 129 -29.46 -6.49 -33.49
C THR N 129 -28.10 -6.89 -34.05
N ASP N 130 -27.60 -8.07 -33.68
CA ASP N 130 -26.31 -8.51 -34.21
C ASP N 130 -26.38 -8.68 -35.71
N THR N 131 -27.48 -9.25 -36.22
CA THR N 131 -27.57 -9.52 -37.65
C THR N 131 -27.58 -8.22 -38.47
N ILE N 132 -28.34 -7.22 -38.02
CA ILE N 132 -28.39 -5.96 -38.76
C ILE N 132 -27.02 -5.30 -38.78
N TYR N 133 -26.32 -5.33 -37.64
CA TYR N 133 -25.02 -4.67 -37.57
C TYR N 133 -24.03 -5.28 -38.57
N LYS N 134 -24.00 -6.60 -38.67
CA LYS N 134 -23.10 -7.25 -39.60
C LYS N 134 -23.51 -6.97 -41.05
N LEU N 135 -24.80 -7.12 -41.36
CA LEU N 135 -25.26 -6.88 -42.73
C LEU N 135 -25.02 -5.43 -43.13
N LEU N 136 -25.31 -4.48 -42.23
CA LEU N 136 -25.10 -3.08 -42.55
C LEU N 136 -23.62 -2.77 -42.72
N GLU N 137 -22.75 -3.45 -41.97
CA GLU N 137 -21.32 -3.20 -42.06
C GLU N 137 -20.80 -3.52 -43.45
N VAL N 138 -21.16 -4.70 -43.98
CA VAL N 138 -20.62 -5.11 -45.27
C VAL N 138 -21.11 -4.19 -46.38
N SER N 139 -22.26 -3.55 -46.20
CA SER N 139 -22.76 -2.63 -47.22
C SER N 139 -21.80 -1.47 -47.44
N GLN N 140 -21.23 -0.93 -46.36
CA GLN N 140 -20.30 0.19 -46.50
C GLN N 140 -19.07 -0.22 -47.27
N PHE N 141 -18.53 -1.41 -47.01
CA PHE N 141 -17.37 -1.88 -47.74
C PHE N 141 -17.68 -2.05 -49.22
N GLN N 142 -18.83 -2.66 -49.53
CA GLN N 142 -19.21 -2.85 -50.93
C GLN N 142 -19.38 -1.52 -51.64
N GLN N 143 -20.00 -0.54 -50.98
CA GLN N 143 -20.17 0.77 -51.58
C GLN N 143 -18.82 1.44 -51.82
N GLU N 144 -17.89 1.29 -50.89
CA GLU N 144 -16.58 1.92 -51.04
C GLU N 144 -15.84 1.37 -52.25
N ILE N 145 -15.86 0.05 -52.44
CA ILE N 145 -15.17 -0.53 -53.58
C ILE N 145 -15.81 -0.06 -54.88
N ASN N 146 -17.14 0.02 -54.93
CA ASN N 146 -17.81 0.50 -56.12
C ASN N 146 -17.44 1.95 -56.42
N GLU N 147 -17.12 2.73 -55.39
CA GLU N 147 -16.67 4.10 -55.61
C GLU N 147 -15.23 4.17 -56.09
N LYS N 148 -14.38 3.25 -55.65
CA LYS N 148 -12.97 3.30 -56.02
C LYS N 148 -12.78 3.06 -57.51
N ASP N 149 -13.38 1.99 -58.04
CA ASP N 149 -13.20 1.65 -59.45
C ASP N 149 -13.95 2.59 -60.39
N ASN N 150 -14.82 3.45 -59.87
CA ASN N 150 -15.56 4.39 -60.69
C ASN N 150 -14.61 5.32 -61.45
C1 NAG O . 5.82 -40.45 -30.16
C2 NAG O . 4.99 -41.49 -30.91
C3 NAG O . 5.77 -42.81 -30.99
C4 NAG O . 7.16 -42.57 -31.59
C5 NAG O . 7.88 -41.45 -30.86
C6 NAG O . 9.19 -41.07 -31.51
C7 NAG O . 2.60 -41.05 -30.61
C8 NAG O . 1.37 -41.38 -29.83
N2 NAG O . 3.71 -41.70 -30.26
O3 NAG O . 5.05 -43.73 -31.79
O4 NAG O . 7.93 -43.76 -31.47
O5 NAG O . 7.06 -40.26 -30.84
O6 NAG O . 8.99 -40.62 -32.85
O7 NAG O . 2.59 -40.22 -31.52
C1 NAG O . 7.80 -44.55 -32.68
C2 NAG O . 9.07 -45.39 -32.83
C3 NAG O . 8.95 -46.29 -34.06
C4 NAG O . 7.66 -47.12 -33.99
C5 NAG O . 6.46 -46.20 -33.78
C6 NAG O . 5.17 -46.97 -33.57
C7 NAG O . 10.39 -43.59 -33.85
C8 NAG O . 11.67 -42.82 -33.81
N2 NAG O . 10.25 -44.55 -32.93
O3 NAG O . 10.07 -47.15 -34.14
O4 NAG O . 7.49 -47.85 -35.19
O5 NAG O . 6.65 -45.41 -32.60
O6 NAG O . 4.96 -47.91 -34.62
O7 NAG O . 9.52 -43.36 -34.70
C1 NAG P . 2.08 -48.50 -4.84
C2 NAG P . 0.74 -48.79 -4.19
C3 NAG P . 0.93 -49.67 -2.95
C4 NAG P . 1.74 -50.92 -3.29
C5 NAG P . 3.02 -50.54 -4.02
C6 NAG P . 3.79 -51.75 -4.53
C7 NAG P . -0.77 -46.92 -4.67
C8 NAG P . -1.39 -45.66 -4.14
N2 NAG P . 0.05 -47.57 -3.83
O3 NAG P . -0.34 -50.05 -2.43
O4 NAG P . 2.08 -51.61 -2.10
O5 NAG P . 2.73 -49.73 -5.17
O6 NAG P . 5.19 -51.52 -4.49
O7 NAG P . -0.99 -47.33 -5.81
C1 NAG P . 1.34 -52.85 -2.04
C2 NAG P . 2.14 -53.84 -1.18
C3 NAG P . 1.37 -55.14 -1.04
C4 NAG P . -0.03 -54.88 -0.51
C5 NAG P . -0.74 -53.85 -1.38
C6 NAG P . -2.10 -53.46 -0.85
C7 NAG P . 4.53 -53.33 -1.46
C8 NAG P . 5.81 -53.71 -2.14
N2 NAG P . 3.45 -54.08 -1.75
O3 NAG P . 2.07 -56.01 -0.15
O4 NAG P . -0.79 -56.09 -0.50
O5 NAG P . 0.05 -52.65 -1.46
O6 NAG P . -2.90 -54.59 -0.56
O7 NAG P . 4.47 -52.37 -0.69
C1 NAG Q . 25.06 -22.08 -30.56
C2 NAG Q . 24.32 -21.39 -31.69
C3 NAG Q . 25.19 -21.39 -32.95
C4 NAG Q . 26.57 -20.82 -32.65
C5 NAG Q . 27.18 -21.53 -31.46
C6 NAG Q . 28.51 -20.97 -31.03
C7 NAG Q . 21.87 -21.49 -31.56
C8 NAG Q . 20.65 -22.30 -31.90
N2 NAG Q . 23.04 -22.03 -31.95
O3 NAG Q . 24.54 -20.63 -33.96
O4 NAG Q . 27.42 -20.99 -33.78
O5 NAG Q . 26.31 -21.44 -30.33
O6 NAG Q . 29.38 -21.98 -30.55
O7 NAG Q . 21.81 -20.43 -30.97
C1 NAG Q . 27.20 -19.94 -34.75
C2 NAG Q . 28.55 -19.45 -35.26
C3 NAG Q . 28.35 -18.36 -36.32
C4 NAG Q . 27.42 -18.87 -37.42
C5 NAG Q . 26.12 -19.39 -36.82
C6 NAG Q . 25.20 -19.99 -37.86
C7 NAG Q . 30.71 -18.96 -34.21
C8 NAG Q . 31.40 -18.39 -33.00
N2 NAG Q . 29.38 -18.94 -34.17
O3 NAG Q . 29.61 -18.01 -36.87
O4 NAG Q . 27.13 -17.81 -38.32
O5 NAG Q . 26.40 -20.41 -35.86
O6 NAG Q . 24.23 -20.85 -37.27
O7 NAG Q . 31.33 -19.41 -35.16
C1 BMA Q . 27.44 -18.24 -39.67
C2 BMA Q . 26.36 -17.67 -40.62
C3 BMA Q . 26.75 -17.94 -42.08
C4 BMA Q . 28.20 -17.56 -42.37
C5 BMA Q . 29.14 -18.22 -41.35
C6 BMA Q . 30.58 -17.81 -41.53
O2 BMA Q . 26.28 -16.25 -40.49
O3 BMA Q . 25.88 -17.27 -42.97
O4 BMA Q . 28.56 -17.97 -43.68
O5 BMA Q . 28.74 -17.81 -40.04
O6 BMA Q . 30.68 -16.44 -41.16
C1 MAN Q . 32.02 -15.96 -41.37
C2 MAN Q . 32.06 -14.52 -40.83
C3 MAN Q . 31.20 -13.61 -41.72
C4 MAN Q . 31.62 -13.75 -43.19
C5 MAN Q . 31.52 -15.22 -43.61
C6 MAN Q . 31.98 -15.47 -45.04
O2 MAN Q . 33.38 -13.97 -40.88
O3 MAN Q . 31.25 -12.26 -41.30
O4 MAN Q . 30.79 -12.97 -44.02
O5 MAN Q . 32.36 -16.02 -42.74
O6 MAN Q . 33.18 -16.24 -45.00
C1 MAN Q . 29.96 -11.62 -41.52
C2 MAN Q . 30.17 -10.09 -41.38
C3 MAN Q . 30.40 -9.70 -39.92
C4 MAN Q . 29.31 -10.31 -39.03
C5 MAN Q . 29.28 -11.83 -39.21
C6 MAN Q . 28.20 -12.50 -38.39
O2 MAN Q . 29.01 -9.37 -41.80
O3 MAN Q . 30.45 -8.29 -39.75
O4 MAN Q . 29.60 -10.01 -37.66
O5 MAN Q . 29.01 -12.10 -40.60
O6 MAN Q . 28.29 -13.91 -38.61
C1 MAN Q . 32.87 -17.62 -45.32
C2 MAN Q . 33.92 -18.52 -44.62
C3 MAN Q . 35.28 -18.37 -45.30
C4 MAN Q . 35.15 -18.59 -46.82
C5 MAN Q . 34.13 -17.60 -47.38
C6 MAN Q . 33.91 -17.77 -48.87
O2 MAN Q . 33.58 -19.90 -44.73
O3 MAN Q . 36.24 -19.28 -44.76
O4 MAN Q . 36.41 -18.38 -47.45
O5 MAN Q . 32.86 -17.80 -46.72
O6 MAN Q . 33.07 -16.70 -49.32
C1 MAN Q . 24.80 -18.16 -43.33
C2 MAN Q . 25.16 -18.75 -44.71
C3 MAN Q . 25.05 -17.68 -45.80
C4 MAN Q . 23.69 -16.96 -45.72
C5 MAN Q . 23.50 -16.38 -44.31
C6 MAN Q . 22.16 -15.69 -44.12
O2 MAN Q . 24.23 -19.78 -45.10
O3 MAN Q . 25.24 -18.22 -47.10
O4 MAN Q . 23.64 -15.91 -46.67
O5 MAN Q . 23.57 -17.46 -43.35
O6 MAN Q . 21.99 -14.77 -45.19
C1 NAG R . -2.97 -32.02 -12.26
C2 NAG R . -2.62 -31.70 -10.80
C3 NAG R . -3.39 -32.63 -9.86
C4 NAG R . -4.88 -32.56 -10.15
C5 NAG R . -5.13 -32.85 -11.62
C6 NAG R . -6.59 -32.70 -12.01
C7 NAG R . -0.48 -30.94 -9.87
C8 NAG R . 0.98 -31.22 -9.75
N2 NAG R . -1.19 -31.82 -10.58
O3 NAG R . -3.14 -32.24 -8.51
O4 NAG R . -5.58 -33.51 -9.35
O5 NAG R . -4.39 -31.93 -12.43
O6 NAG R . -7.15 -31.50 -11.49
O7 NAG R . -1.00 -29.95 -9.35
C1 NAG R . -6.73 -32.89 -8.77
C2 NAG R . -7.66 -33.98 -8.24
C3 NAG R . -8.88 -33.36 -7.58
C4 NAG R . -8.44 -32.36 -6.49
C5 NAG R . -7.47 -31.34 -7.08
C6 NAG R . -6.90 -30.41 -6.04
C7 NAG R . -8.00 -36.20 -9.24
C8 NAG R . -8.47 -36.95 -10.45
N2 NAG R . -8.08 -34.87 -9.32
O3 NAG R . -9.68 -34.38 -6.99
O4 NAG R . -9.58 -31.69 -5.98
O5 NAG R . -6.36 -32.02 -7.69
O6 NAG R . -6.09 -29.41 -6.64
O7 NAG R . -7.57 -36.77 -8.25
C1 BMA R . -9.77 -32.09 -4.60
C2 BMA R . -10.38 -30.89 -3.83
C3 BMA R . -10.78 -31.32 -2.42
C4 BMA R . -11.58 -32.62 -2.43
C5 BMA R . -10.82 -33.71 -3.20
C6 BMA R . -11.58 -35.02 -3.28
O2 BMA R . -11.57 -30.45 -4.47
O3 BMA R . -11.51 -30.30 -1.74
O4 BMA R . -11.81 -33.06 -1.09
O5 BMA R . -10.61 -33.23 -4.53
O6 BMA R . -12.70 -34.84 -4.12
C1 MAN R . -10.60 -29.27 -1.32
C2 MAN R . -10.75 -29.11 0.22
C3 MAN R . -12.08 -28.44 0.56
C4 MAN R . -12.28 -27.16 -0.26
C5 MAN R . -12.17 -27.49 -1.76
C6 MAN R . -12.32 -26.28 -2.65
O2 MAN R . -9.75 -28.24 0.76
O3 MAN R . -12.20 -28.16 1.94
O4 MAN R . -13.57 -26.61 0.00
O5 MAN R . -10.88 -28.06 -2.01
O6 MAN R . -11.13 -25.50 -2.55
C1 NAG S . 27.89 39.69 -13.54
C2 NAG S . 29.12 39.90 -14.42
C3 NAG S . 29.96 41.05 -13.88
C4 NAG S . 29.11 42.30 -13.71
C5 NAG S . 27.87 41.99 -12.89
C6 NAG S . 26.90 43.16 -12.82
C7 NAG S . 29.84 37.83 -15.53
C8 NAG S . 30.73 36.63 -15.45
N2 NAG S . 29.91 38.68 -14.50
O3 NAG S . 31.04 41.31 -14.77
O4 NAG S . 29.86 43.31 -13.05
O5 NAG S . 27.14 40.90 -13.47
O6 NAG S . 25.76 42.86 -12.04
O7 NAG S . 29.08 38.02 -16.48
C1 NAG S . 30.22 44.35 -14.00
C2 NAG S . 31.13 45.35 -13.28
C3 NAG S . 31.57 46.44 -14.25
C4 NAG S . 32.20 45.81 -15.50
C5 NAG S . 31.26 44.79 -16.11
C6 NAG S . 31.86 44.05 -17.28
C7 NAG S . 29.31 46.58 -12.20
C8 NAG S . 28.77 47.12 -10.89
N2 NAG S . 30.47 45.93 -12.12
O3 NAG S . 32.51 47.29 -13.60
O4 NAG S . 32.49 46.83 -16.45
O5 NAG S . 30.90 43.80 -15.13
O6 NAG S . 32.29 44.95 -18.29
O7 NAG S . 28.71 46.74 -13.26
C1 NAG T . 41.35 23.49 1.37
C2 NAG T . 42.30 22.30 1.26
C3 NAG T . 43.30 22.34 2.39
C4 NAG T . 44.02 23.68 2.44
C5 NAG T . 43.02 24.83 2.45
C6 NAG T . 43.68 26.18 2.31
C7 NAG T . 41.16 20.44 0.13
C8 NAG T . 40.42 19.15 0.32
N2 NAG T . 41.56 21.04 1.25
O3 NAG T . 44.26 21.29 2.21
O4 NAG T . 44.80 23.76 3.63
O5 NAG T . 42.10 24.70 1.34
O6 NAG T . 43.59 26.93 3.52
O7 NAG T . 41.37 20.91 -0.97
C1 NAG T . 46.20 23.62 3.29
C2 NAG T . 47.01 23.83 4.57
C3 NAG T . 48.50 23.64 4.28
C4 NAG T . 48.74 22.29 3.62
C5 NAG T . 47.86 22.15 2.38
C6 NAG T . 47.97 20.78 1.74
C7 NAG T . 45.81 25.38 6.05
C8 NAG T . 45.70 26.79 6.53
N2 NAG T . 46.77 25.14 5.15
O3 NAG T . 49.23 23.72 5.51
O4 NAG T . 50.11 22.18 3.23
O5 NAG T . 46.48 22.33 2.74
O6 NAG T . 49.31 20.33 1.69
O7 NAG T . 45.07 24.48 6.46
C1 NAG U . 4.73 45.12 -1.82
C2 NAG U . 4.20 45.19 -3.25
C3 NAG U . 3.73 46.61 -3.56
C4 NAG U . 2.73 47.08 -2.52
C5 NAG U . 3.29 46.88 -1.11
C6 NAG U . 2.28 47.18 -0.03
C7 NAG U . 5.24 43.55 -4.77
C8 NAG U . 6.35 43.29 -5.72
N2 NAG U . 5.22 44.77 -4.21
O3 NAG U . 3.14 46.64 -4.86
O4 NAG U . 2.44 48.46 -2.70
O5 NAG U . 3.71 45.53 -0.92
O6 NAG U . 1.00 46.68 -0.36
O7 NAG U . 4.39 42.70 -4.50
C1 NAG U . 1.37 48.63 -3.64
C2 NAG U . 0.27 49.46 -2.98
C3 NAG U . -0.87 49.72 -3.95
C4 NAG U . -0.34 50.32 -5.25
C5 NAG U . 0.79 49.46 -5.81
C6 NAG U . 1.45 50.08 -7.02
C7 NAG U . -0.88 49.45 -0.81
C8 NAG U . -1.32 48.61 0.36
N2 NAG U . -0.22 48.80 -1.77
O3 NAG U . -1.82 50.59 -3.36
O4 NAG U . -1.39 50.41 -6.20
O5 NAG U . 1.81 49.28 -4.82
O6 NAG U . 2.21 51.23 -6.66
O7 NAG U . -1.12 50.65 -0.88
C1 BMA U . -1.51 51.78 -6.66
C2 BMA U . -1.92 51.75 -8.15
C3 BMA U . -2.22 53.17 -8.64
C4 BMA U . -3.17 53.90 -7.67
C5 BMA U . -2.62 53.85 -6.25
C6 BMA U . -3.53 54.54 -5.24
O2 BMA U . -3.10 50.99 -8.33
O3 BMA U . -2.78 53.16 -9.95
O4 BMA U . -3.32 55.26 -8.08
O5 BMA U . -2.48 52.48 -5.87
O6 BMA U . -4.85 54.04 -5.42
C1 MAN U . -5.66 54.47 -4.31
C2 MAN U . -6.83 53.45 -4.17
C3 MAN U . -7.82 53.63 -5.32
C4 MAN U . -8.25 55.09 -5.43
C5 MAN U . -7.01 55.98 -5.62
C6 MAN U . -7.36 57.47 -5.68
O2 MAN U . -7.58 53.68 -2.97
O3 MAN U . -8.97 52.80 -5.15
O4 MAN U . -9.12 55.25 -6.55
O5 MAN U . -6.12 55.79 -4.50
O6 MAN U . -6.34 58.13 -6.43
C1 MAN U . -9.12 51.97 -6.32
C2 MAN U . -10.58 51.49 -6.36
C3 MAN U . -10.83 50.47 -5.24
C4 MAN U . -9.77 49.36 -5.26
C5 MAN U . -8.37 49.98 -5.17
C6 MAN U . -7.26 48.96 -5.26
O2 MAN U . -10.87 50.79 -7.58
O3 MAN U . -12.13 49.91 -5.31
O4 MAN U . -9.96 48.48 -4.16
O5 MAN U . -8.20 50.89 -6.29
O6 MAN U . -6.02 49.63 -5.05
C1 MAN U . -5.25 58.48 -5.55
C2 MAN U . -5.52 59.92 -5.00
C3 MAN U . -5.31 60.97 -6.09
C4 MAN U . -3.95 60.77 -6.78
C5 MAN U . -3.87 59.34 -7.34
C6 MAN U . -2.55 59.04 -8.02
O2 MAN U . -4.59 60.24 -3.96
O3 MAN U . -5.42 62.29 -5.57
O4 MAN U . -3.81 61.70 -7.83
O5 MAN U . -4.02 58.41 -6.24
O6 MAN U . -1.54 58.98 -7.01
C1 MAN U . -1.72 52.99 -10.91
C2 MAN U . -1.76 54.20 -11.87
C3 MAN U . -2.99 54.12 -12.79
C4 MAN U . -3.08 52.74 -13.46
C5 MAN U . -3.10 51.65 -12.37
C6 MAN U . -3.15 50.25 -12.94
O2 MAN U . -0.63 54.20 -12.76
O3 MAN U . -2.98 55.14 -13.78
O4 MAN U . -4.27 52.65 -14.22
O5 MAN U . -1.89 51.76 -11.59
O6 MAN U . -4.23 50.18 -13.87
C1 NAG V . 27.64 19.80 -8.25
C2 NAG V . 26.98 18.73 -7.37
C3 NAG V . 28.03 17.73 -6.88
C4 NAG V . 28.85 17.19 -8.03
C5 NAG V . 29.43 18.33 -8.86
C6 NAG V . 30.16 17.85 -10.10
C7 NAG V . 25.50 18.63 -5.41
C8 NAG V . 24.86 19.39 -4.31
N2 NAG V . 26.29 19.33 -6.24
O3 NAG V . 27.39 16.66 -6.20
O4 NAG V . 29.92 16.39 -7.53
O5 NAG V . 28.37 19.18 -9.31
O6 NAG V . 29.42 16.84 -10.77
O7 NAG V . 25.32 17.42 -5.56
C1 NAG V . 29.67 15.00 -7.82
C2 NAG V . 31.01 14.35 -8.14
C3 NAG V . 30.81 12.86 -8.39
C4 NAG V . 30.09 12.21 -7.22
C5 NAG V . 28.79 12.95 -6.93
C6 NAG V . 28.09 12.44 -5.69
C7 NAG V . 32.94 15.25 -9.41
C8 NAG V . 33.82 14.86 -8.27
N2 NAG V . 31.63 14.99 -9.29
O3 NAG V . 32.07 12.23 -8.60
O4 NAG V . 29.80 10.85 -7.52
O5 NAG V . 29.07 14.34 -6.69
O6 NAG V . 27.89 11.03 -5.76
O7 NAG V . 33.39 15.80 -10.42
C1 BMA V . 30.81 10.03 -6.90
C2 BMA V . 30.13 8.74 -6.38
C3 BMA V . 31.19 7.77 -5.85
C4 BMA V . 32.32 7.57 -6.87
C5 BMA V . 32.91 8.93 -7.27
C6 BMA V . 34.01 8.82 -8.30
O2 BMA V . 29.45 8.07 -7.44
O3 BMA V . 30.61 6.51 -5.51
O4 BMA V . 33.34 6.77 -6.29
O5 BMA V . 31.85 9.72 -7.83
O6 BMA V . 33.43 8.38 -9.52
C1 NAG W . -27.57 15.86 13.05
C2 NAG W . -26.38 15.39 13.90
C3 NAG W . -25.98 16.48 14.90
C4 NAG W . -25.74 17.80 14.17
C5 NAG W . -26.95 18.17 13.33
C6 NAG W . -26.74 19.41 12.49
C7 NAG W . -26.39 12.94 14.11
C8 NAG W . -26.79 11.78 14.96
N2 NAG W . -26.70 14.15 14.59
O3 NAG W . -24.81 16.07 15.59
O4 NAG W . -25.48 18.83 15.12
O5 NAG W . -27.24 17.10 12.41
O6 NAG W . -27.97 19.99 12.10
O7 NAG W . -25.83 12.80 13.02
C1 NAG W . -24.15 19.34 14.89
C2 NAG W . -24.04 20.75 15.49
C3 NAG W . -22.63 21.28 15.30
C4 NAG W . -21.62 20.30 15.88
C5 NAG W . -21.82 18.92 15.27
C6 NAG W . -20.92 17.87 15.88
C7 NAG W . -26.22 21.96 15.39
C8 NAG W . -26.58 21.32 16.69
N2 NAG W . -25.01 21.64 14.87
O3 NAG W . -22.51 22.54 15.95
O4 NAG W . -20.30 20.75 15.57
O5 NAG W . -23.17 18.49 15.49
O6 NAG W . -19.58 18.34 15.98
O7 NAG W . -26.98 22.72 14.81
C1 NAG X . -48.43 12.41 8.47
C2 NAG X . -49.30 13.66 8.50
C3 NAG X . -50.49 13.44 9.43
C4 NAG X . -51.25 12.18 9.05
C5 NAG X . -50.29 10.99 8.96
C6 NAG X . -50.96 9.74 8.45
C7 NAG X . -47.89 15.63 8.09
C8 NAG X . -47.14 16.77 8.70
N2 NAG X . -48.51 14.82 8.94
O3 NAG X . -51.35 14.57 9.35
O4 NAG X . -52.24 11.90 10.02
O5 NAG X . -49.21 11.29 8.06
O6 NAG X . -50.22 9.16 7.38
O7 NAG X . -47.92 15.45 6.88
C1 NAG X . -53.52 12.40 9.57
C2 NAG X . -54.61 11.62 10.30
C3 NAG X . -55.99 12.15 9.92
C4 NAG X . -56.06 13.65 10.13
C5 NAG X . -54.91 14.34 9.40
C6 NAG X . -54.86 15.83 9.67
C7 NAG X . -54.55 9.67 8.82
C8 NAG X . -54.44 8.18 8.73
N2 NAG X . -54.51 10.19 10.04
O3 NAG X . -56.99 11.49 10.70
O4 NAG X . -57.30 14.15 9.64
O5 NAG X . -53.66 13.80 9.83
O6 NAG X . -56.09 16.32 10.15
O7 NAG X . -54.68 10.37 7.81
C1 NAG Y . -34.24 16.40 30.80
C2 NAG Y . -33.44 17.64 31.19
C3 NAG Y . -33.18 17.64 32.69
C4 NAG Y . -34.48 17.47 33.46
C5 NAG Y . -35.24 16.24 32.97
C6 NAG Y . -36.60 16.08 33.60
C7 NAG Y . -32.11 18.23 29.22
C8 NAG Y . -30.73 18.22 28.61
N2 NAG Y . -32.20 17.71 30.45
O3 NAG Y . -32.55 18.86 33.06
O4 NAG Y . -34.19 17.30 34.85
O5 NAG Y . -35.45 16.35 31.54
O6 NAG Y . -36.99 14.72 33.68
O7 NAG Y . -33.08 18.68 28.63
C1 NAG Y . -34.59 18.48 35.56
C2 NAG Y . -34.89 18.09 37.02
C3 NAG Y . -35.27 19.32 37.82
C4 NAG Y . -34.19 20.39 37.70
C5 NAG Y . -33.92 20.69 36.22
C6 NAG Y . -32.77 21.65 36.02
C7 NAG Y . -35.71 15.78 37.11
C8 NAG Y . -36.92 14.90 37.17
N2 NAG Y . -35.94 17.09 37.08
O3 NAG Y . -35.42 18.96 39.20
O4 NAG Y . -34.60 21.59 38.34
O5 NAG Y . -33.56 19.47 35.54
O6 NAG Y . -33.10 22.96 36.47
O7 NAG Y . -34.58 15.32 37.07
C1 NAG Z . -44.29 -12.10 0.09
C2 NAG Z . -44.39 -11.24 -1.16
C3 NAG Z . -45.45 -11.82 -2.09
C4 NAG Z . -45.19 -13.30 -2.35
C5 NAG Z . -44.96 -14.06 -1.04
C6 NAG Z . -44.53 -15.49 -1.25
C7 NAG Z . -43.78 -8.89 -0.85
C8 NAG Z . -44.27 -7.52 -0.48
N2 NAG Z . -44.69 -9.86 -0.84
O3 NAG Z . -45.43 -11.10 -3.33
O4 NAG Z . -46.34 -13.87 -2.98
O5 NAG Z . -43.95 -13.42 -0.26
O6 NAG Z . -44.04 -15.71 -2.57
O7 NAG Z . -42.62 -9.10 -1.15
C1 NAG Z . -46.19 -13.96 -4.40
C2 NAG Z . -46.59 -15.38 -4.82
C3 NAG Z . -46.55 -15.53 -6.34
C4 NAG Z . -47.42 -14.45 -6.99
C5 NAG Z . -46.96 -13.08 -6.51
C6 NAG Z . -47.84 -11.96 -7.04
C7 NAG Z . -46.13 -17.60 -3.85
C8 NAG Z . -45.09 -18.48 -3.23
N2 NAG Z . -45.72 -16.37 -4.20
O3 NAG Z . -47.02 -16.82 -6.71
O4 NAG Z . -47.33 -14.53 -8.40
O5 NAG Z . -47.04 -13.02 -5.08
O6 NAG Z . -47.45 -11.57 -8.34
O7 NAG Z . -47.28 -17.97 -4.04
C1 BMA Z . -48.66 -14.80 -8.91
C2 BMA Z . -48.83 -14.03 -10.26
C3 BMA Z . -50.17 -14.40 -10.89
C4 BMA Z . -50.37 -15.91 -10.94
C5 BMA Z . -50.19 -16.52 -9.55
C6 BMA Z . -50.35 -18.03 -9.52
O2 BMA Z . -47.82 -14.41 -11.18
O3 BMA Z . -50.30 -13.84 -12.19
O4 BMA Z . -51.68 -16.21 -11.42
O5 BMA Z . -48.86 -16.19 -9.10
O6 BMA Z . -49.55 -18.59 -10.55
C1 MAN Z . -49.67 -20.03 -10.49
C2 MAN Z . -48.48 -20.62 -11.29
C3 MAN Z . -48.69 -20.42 -12.79
C4 MAN Z . -50.08 -20.90 -13.22
C5 MAN Z . -51.15 -20.17 -12.39
C6 MAN Z . -52.56 -20.62 -12.72
O2 MAN Z . -48.39 -22.04 -11.11
O3 MAN Z . -47.69 -21.09 -13.55
O4 MAN Z . -50.28 -20.63 -14.60
O5 MAN Z . -50.92 -20.45 -11.00
O6 MAN Z . -53.47 -19.63 -12.27
C1 MAN Z . -46.68 -20.12 -13.94
C2 MAN Z . -45.93 -20.71 -15.18
C3 MAN Z . -45.06 -21.88 -14.74
C4 MAN Z . -44.17 -21.48 -13.55
C5 MAN Z . -45.06 -20.98 -12.40
C6 MAN Z . -44.25 -20.52 -11.20
O2 MAN Z . -45.05 -19.74 -15.74
O3 MAN Z . -44.25 -22.36 -15.81
O4 MAN Z . -43.41 -22.60 -13.12
O5 MAN Z . -45.82 -19.85 -12.87
O6 MAN Z . -45.16 -20.17 -10.16
C1 MAN Z . -54.01 -20.03 -10.99
C2 MAN Z . -55.30 -20.86 -11.26
C3 MAN Z . -56.43 -19.94 -11.73
C4 MAN Z . -56.60 -18.74 -10.79
C5 MAN Z . -55.27 -17.99 -10.69
C6 MAN Z . -55.32 -16.79 -9.76
O2 MAN Z . -55.78 -21.47 -10.06
O3 MAN Z . -57.66 -20.65 -11.85
O4 MAN Z . -57.59 -17.87 -11.28
O5 MAN Z . -54.26 -18.89 -10.18
O6 MAN Z . -55.48 -17.27 -8.44
C1 MAN Z . -50.72 -12.46 -12.07
C2 MAN Z . -52.09 -12.32 -12.79
C3 MAN Z . -51.92 -12.42 -14.30
C4 MAN Z . -50.82 -11.47 -14.79
C5 MAN Z . -49.51 -11.77 -14.05
C6 MAN Z . -48.36 -10.86 -14.45
O2 MAN Z . -52.67 -11.04 -12.55
O3 MAN Z . -53.13 -12.14 -14.99
O4 MAN Z . -50.61 -11.62 -16.19
O5 MAN Z . -49.73 -11.61 -12.63
O6 MAN Z . -48.26 -10.86 -15.86
C1 NAG AA . 7.54 -28.37 -39.74
C2 NAG AA . 6.71 -28.39 -41.01
C3 NAG AA . 7.50 -29.03 -42.14
C4 NAG AA . 8.85 -28.33 -42.31
C5 NAG AA . 9.60 -28.30 -40.98
C6 NAG AA . 10.88 -27.53 -41.04
C7 NAG AA . 4.35 -28.84 -41.52
C8 NAG AA . 3.15 -29.65 -41.18
N2 NAG AA . 5.46 -29.09 -40.81
O3 NAG AA . 6.76 -28.93 -43.36
O4 NAG AA . 9.63 -29.02 -43.28
O5 NAG AA . 8.78 -27.68 -39.98
O6 NAG AA . 11.64 -27.66 -39.85
O7 NAG AA . 4.33 -27.99 -42.41
C1 NAG BA . -2.00 -25.16 -40.63
C2 NAG BA . -2.24 -26.21 -41.71
C3 NAG BA . -3.74 -26.44 -41.89
C4 NAG BA . -4.38 -26.78 -40.55
C5 NAG BA . -4.05 -25.73 -39.51
C6 NAG BA . -4.55 -26.06 -38.13
C7 NAG BA . -0.44 -26.22 -43.38
C8 NAG BA . 0.03 -25.70 -44.71
N2 NAG BA . -1.64 -25.80 -42.98
O3 NAG BA . -3.94 -27.50 -42.81
O4 NAG BA . -5.79 -26.86 -40.70
O5 NAG BA . -2.63 -25.57 -39.41
O6 NAG BA . -5.92 -26.44 -38.17
O7 NAG BA . 0.24 -26.99 -42.71
C1 NAG CA . -8.85 -40.01 7.97
C2 NAG CA . -9.67 -39.28 9.04
C3 NAG CA . -11.08 -38.98 8.52
C4 NAG CA . -11.00 -38.25 7.18
C5 NAG CA . -10.12 -39.02 6.20
C6 NAG CA . -9.92 -38.29 4.89
C7 NAG CA . -10.19 -41.30 10.33
C8 NAG CA . -10.18 -41.93 11.69
N2 NAG CA . -9.73 -40.04 10.27
O3 NAG CA . -11.78 -38.21 9.47
O4 NAG CA . -12.31 -38.11 6.64
O5 NAG CA . -8.83 -39.23 6.77
O6 NAG CA . -11.00 -38.49 4.00
O7 NAG CA . -10.59 -41.89 9.34
C1 NAG DA . 27.70 -39.75 -37.11
C2 NAG DA . 28.84 -39.26 -38.00
C3 NAG DA . 28.97 -40.15 -39.22
C4 NAG DA . 29.11 -41.61 -38.81
C5 NAG DA . 27.97 -42.00 -37.88
C6 NAG DA . 28.11 -43.40 -37.33
C7 NAG DA . 29.24 -36.83 -37.81
C8 NAG DA . 28.89 -35.48 -38.35
N2 NAG DA . 28.63 -37.87 -38.40
O3 NAG DA . 30.11 -39.75 -39.99
O4 NAG DA . 29.08 -42.44 -39.96
O5 NAG DA . 27.93 -41.12 -36.75
O6 NAG DA . 27.36 -43.56 -36.13
O7 NAG DA . 30.03 -36.99 -36.89
C1 NAG EA . 26.28 -43.04 -12.43
C2 NAG EA . 27.54 -43.65 -13.02
C3 NAG EA . 28.18 -44.62 -12.03
C4 NAG EA . 28.41 -43.93 -10.70
C5 NAG EA . 27.12 -43.30 -10.19
C6 NAG EA . 27.30 -42.50 -8.93
C7 NAG EA . 27.48 -43.78 -15.48
C8 NAG EA . 27.12 -44.63 -16.66
N2 NAG EA . 27.25 -44.33 -14.28
O3 NAG EA . 29.41 -45.10 -12.56
O4 NAG EA . 28.87 -44.87 -9.74
O5 NAG EA . 26.59 -42.41 -11.18
O6 NAG EA . 28.20 -43.12 -8.04
O7 NAG EA . 27.94 -42.65 -15.60
C1 NAG FA . 17.53 -41.76 -3.18
C2 NAG FA . 18.20 -40.99 -2.03
C3 NAG FA . 19.67 -41.39 -1.92
C4 NAG FA . 19.80 -42.91 -1.80
C5 NAG FA . 19.05 -43.59 -2.95
C6 NAG FA . 19.03 -45.10 -2.82
C7 NAG FA . 18.18 -38.68 -1.22
C8 NAG FA . 18.04 -37.23 -1.60
N2 NAG FA . 18.08 -39.55 -2.22
O3 NAG FA . 20.24 -40.78 -0.78
O4 NAG FA . 21.16 -43.28 -1.85
O5 NAG FA . 17.69 -43.16 -2.97
O6 NAG FA . 17.71 -45.59 -2.81
O7 NAG FA . 18.38 -39.03 -0.06
C1 NAG GA . -8.17 -41.73 2.75
C2 NAG GA . -8.59 -42.68 3.88
C3 NAG GA . -9.86 -43.41 3.49
C4 NAG GA . -10.95 -42.42 3.10
C5 NAG GA . -10.43 -41.48 2.01
C6 NAG GA . -11.41 -40.39 1.66
C7 NAG GA . -6.66 -43.46 5.19
C8 NAG GA . -5.63 -44.53 5.35
N2 NAG GA . -7.52 -43.62 4.18
O3 NAG GA . -10.30 -44.20 4.60
O4 NAG GA . -12.09 -43.11 2.61
O5 NAG GA . -9.24 -40.82 2.47
O6 NAG GA . -12.25 -40.79 0.58
O7 NAG GA . -6.71 -42.48 5.93
C1 NAG HA . -3.10 -36.29 -18.83
C2 NAG HA . -4.53 -36.43 -18.27
C3 NAG HA . -5.25 -37.58 -18.95
C4 NAG HA . -5.20 -37.42 -20.46
C5 NAG HA . -3.76 -37.25 -20.93
C6 NAG HA . -3.65 -36.96 -22.41
C7 NAG HA . -5.40 -36.07 -16.00
C8 NAG HA . -5.22 -36.38 -14.55
N2 NAG HA . -4.50 -36.62 -16.83
O3 NAG HA . -6.60 -37.61 -18.51
O4 NAG HA . -5.77 -38.57 -21.09
O5 NAG HA . -3.16 -36.13 -20.25
O6 NAG HA . -4.69 -37.59 -23.14
O7 NAG HA . -6.31 -35.36 -16.41
C1 NAG IA . -7.18 15.17 -61.10
C2 NAG IA . -6.11 16.26 -61.22
C3 NAG IA . -6.66 17.48 -61.94
C4 NAG IA . -7.25 17.08 -63.28
C5 NAG IA . -8.29 15.98 -63.09
C6 NAG IA . -8.85 15.45 -64.39
C7 NAG IA . -4.38 17.12 -59.70
C8 NAG IA . -4.03 17.46 -58.28
N2 NAG IA . -5.60 16.64 -59.91
O3 NAG IA . -5.62 18.43 -62.14
O4 NAG IA . -7.87 18.20 -63.90
O5 NAG IA . -7.70 14.87 -62.41
O6 NAG IA . -7.82 14.95 -65.23
O7 NAG IA . -3.58 17.29 -60.62
C1 NAG JA . 24.58 -49.98 -12.87
C2 NAG JA . 25.81 -50.70 -12.32
C3 NAG JA . 26.29 -51.77 -13.31
C4 NAG JA . 25.14 -52.70 -13.66
C5 NAG JA . 23.92 -51.91 -14.13
C6 NAG JA . 22.72 -52.78 -14.38
C7 NAG JA . 27.10 -49.26 -10.82
C8 NAG JA . 28.25 -48.30 -10.71
N2 NAG JA . 26.88 -49.76 -12.04
O3 NAG JA . 27.36 -52.50 -12.74
O4 NAG JA . 25.55 -53.60 -14.69
O5 NAG JA . 23.55 -50.95 -13.13
O6 NAG JA . 22.44 -53.62 -13.27
O7 NAG JA . 26.42 -49.55 -9.85
C1 NAG KA . 21.12 -19.83 10.92
C2 NAG KA . 22.35 -19.90 10.02
C3 NAG KA . 22.60 -21.34 9.57
C4 NAG KA . 22.69 -22.26 10.78
C5 NAG KA . 21.45 -22.10 11.66
C6 NAG KA . 21.53 -22.89 12.94
C7 NAG KA . 22.56 -17.75 8.86
C8 NAG KA . 22.32 -17.01 7.58
N2 NAG KA . 22.20 -19.04 8.86
O3 NAG KA . 23.80 -21.41 8.82
O4 NAG KA . 22.78 -23.62 10.35
O5 NAG KA . 21.29 -20.73 12.04
O6 NAG KA . 22.76 -22.65 13.63
O7 NAG KA . 23.04 -17.21 9.84
C1 NAG LA . 13.01 -30.64 27.48
C2 NAG LA . 14.10 -30.45 28.54
C3 NAG LA . 14.28 -31.73 29.35
C4 NAG LA . 12.94 -32.19 29.92
C5 NAG LA . 11.91 -32.30 28.80
C6 NAG LA . 10.53 -32.65 29.31
C7 NAG LA . 16.02 -28.93 28.26
C8 NAG LA . 17.30 -28.68 27.53
N2 NAG LA . 15.36 -30.05 27.93
O3 NAG LA . 15.20 -31.49 30.41
O4 NAG LA . 13.09 -33.45 30.55
O5 NAG LA . 11.80 -31.05 28.11
O6 NAG LA . 9.94 -33.70 28.56
O7 NAG LA . 15.58 -28.14 29.10
C1 NAG MA . 3.93 -34.35 22.40
C2 NAG MA . 2.66 -35.19 22.36
C3 NAG MA . 1.66 -34.65 23.39
C4 NAG MA . 2.30 -34.55 24.76
C5 NAG MA . 3.60 -33.76 24.69
C6 NAG MA . 4.36 -33.73 25.99
C7 NAG MA . 1.48 -36.28 20.51
C8 NAG MA . 0.93 -36.12 19.12
N2 NAG MA . 2.08 -35.20 21.04
O3 NAG MA . 0.53 -35.51 23.44
O4 NAG MA . 1.42 -33.91 25.67
O5 NAG MA . 4.48 -34.34 23.71
O6 NAG MA . 3.48 -33.57 27.10
O7 NAG MA . 1.38 -37.33 21.13
C1 NAG NA . 15.68 -26.26 -34.78
C2 NAG NA . 17.17 -26.36 -34.43
C3 NAG NA . 18.01 -25.75 -35.55
C4 NAG NA . 17.65 -26.37 -36.88
C5 NAG NA . 16.14 -26.28 -37.13
C6 NAG NA . 15.71 -26.99 -38.39
C7 NAG NA . 17.36 -26.35 -31.99
C8 NAG NA . 17.70 -25.53 -30.78
N2 NAG NA . 17.46 -25.72 -33.16
O3 NAG NA . 19.39 -25.94 -35.26
O4 NAG NA . 18.34 -25.70 -37.94
O5 NAG NA . 15.43 -26.88 -36.04
O6 NAG NA . 16.76 -27.07 -39.34
O7 NAG NA . 17.01 -27.52 -31.91
C1 NAG OA . 0.74 -18.83 -51.53
C2 NAG OA . 1.15 -18.64 -53.00
C3 NAG OA . -0.09 -18.48 -53.87
C4 NAG OA . -1.05 -19.65 -53.64
C5 NAG OA . -1.37 -19.79 -52.16
C6 NAG OA . -2.22 -21.00 -51.85
C7 NAG OA . 3.35 -17.59 -53.23
C8 NAG OA . 4.10 -16.30 -53.39
N2 NAG OA . 2.03 -17.48 -53.15
O3 NAG OA . 0.29 -18.42 -55.24
O4 NAG OA . -2.26 -19.43 -54.36
O5 NAG OA . -0.14 -19.94 -51.42
O6 NAG OA . -2.38 -21.18 -50.45
O7 NAG OA . 3.93 -18.67 -53.17
C1 NAG PA . 44.95 -13.25 -40.21
C2 NAG PA . 45.52 -14.65 -40.42
C3 NAG PA . 45.75 -14.91 -41.91
C4 NAG PA . 44.49 -14.62 -42.71
C5 NAG PA . 43.96 -13.22 -42.39
C6 NAG PA . 42.64 -12.91 -43.06
C7 NAG PA . 47.37 -16.00 -39.53
C8 NAG PA . 48.63 -15.99 -38.73
N2 NAG PA . 46.76 -14.81 -39.68
O3 NAG PA . 46.15 -16.26 -42.11
O4 NAG PA . 44.76 -14.71 -44.10
O5 NAG PA . 43.75 -13.09 -40.98
O6 NAG PA . 42.82 -12.48 -44.40
O7 NAG PA . 46.91 -17.03 -40.02
C1 NAG QA . 13.30 13.99 -53.90
C2 NAG QA . 13.18 15.48 -53.59
C3 NAG QA . 14.54 16.16 -53.74
C4 NAG QA . 15.58 15.45 -52.89
C5 NAG QA . 15.60 13.96 -53.22
C6 NAG QA . 16.53 13.17 -52.33
C7 NAG QA . 10.90 16.24 -54.14
C8 NAG QA . 10.04 16.92 -55.16
N2 NAG QA . 12.20 16.11 -54.46
O3 NAG QA . 14.43 17.52 -53.35
O4 NAG QA . 16.86 16.00 -53.13
O5 NAG QA . 14.29 13.40 -53.04
O6 NAG QA . 16.05 11.84 -52.12
O7 NAG QA . 10.46 15.82 -53.07
C1 NAG RA . 16.87 2.82 -44.76
C2 NAG RA . 17.36 1.72 -45.71
C3 NAG RA . 18.42 0.88 -45.01
C4 NAG RA . 19.53 1.76 -44.46
C5 NAG RA . 18.95 2.86 -43.58
C6 NAG RA . 19.99 3.85 -43.10
C7 NAG RA . 16.28 0.24 -47.32
C8 NAG RA . 15.05 -0.58 -47.64
N2 NAG RA . 16.26 0.89 -46.16
O3 NAG RA . 18.96 -0.07 -45.94
O4 NAG RA . 20.45 0.98 -43.69
O5 NAG RA . 17.97 3.61 -44.32
O6 NAG RA . 21.09 3.19 -42.50
O7 NAG RA . 17.23 0.30 -48.10
C1 NAG SA . 29.63 1.48 31.74
C2 NAG SA . 29.16 1.12 33.15
C3 NAG SA . 30.32 1.29 34.14
C4 NAG SA . 31.53 0.50 33.69
C5 NAG SA . 31.90 0.89 32.25
C6 NAG SA . 33.03 0.05 31.69
C7 NAG SA . 26.74 1.56 33.51
C8 NAG SA . 26.46 0.17 33.02
N2 NAG SA . 28.02 1.94 33.55
O3 NAG SA . 29.90 0.85 35.42
O4 NAG SA . 32.63 0.78 34.54
O5 NAG SA . 30.76 0.69 31.39
O6 NAG SA . 34.29 0.65 31.95
O7 NAG SA . 25.83 2.31 33.86
C1 NAG TA . 35.44 1.02 21.57
C2 NAG TA . 36.88 0.58 21.36
C3 NAG TA . 36.99 -0.93 21.52
C4 NAG TA . 36.40 -1.39 22.85
C5 NAG TA . 34.98 -0.85 23.01
C6 NAG TA . 34.39 -1.14 24.38
C7 NAG TA . 36.75 0.72 18.91
C8 NAG TA . 37.40 1.25 17.67
N2 NAG TA . 37.37 1.00 20.07
O3 NAG TA . 38.36 -1.32 21.43
O4 NAG TA . 36.37 -2.80 22.91
O5 NAG TA . 34.99 0.59 22.87
O6 NAG TA . 34.40 -2.54 24.64
O7 NAG TA . 35.71 0.07 18.88
C1 NAG UA . 12.85 43.33 -19.66
C2 NAG UA . 13.16 44.05 -20.97
C3 NAG UA . 13.36 45.54 -20.71
C4 NAG UA . 12.18 46.13 -19.96
C5 NAG UA . 11.92 45.32 -18.69
C6 NAG UA . 10.68 45.77 -17.94
C7 NAG UA . 14.47 43.45 -22.94
C8 NAG UA . 15.73 42.81 -23.45
N2 NAG UA . 14.32 43.48 -21.62
O3 NAG UA . 13.52 46.22 -21.96
O4 NAG UA . 12.44 47.48 -19.60
O5 NAG UA . 11.72 43.94 -19.03
O6 NAG UA . 10.77 47.15 -17.59
O7 NAG UA . 13.62 43.91 -23.72
C1 NAG VA . 14.00 36.53 -27.22
C2 NAG VA . 14.94 37.47 -27.98
C3 NAG VA . 15.67 36.70 -29.08
C4 NAG VA . 16.36 35.49 -28.51
C5 NAG VA . 15.38 34.63 -27.72
C6 NAG VA . 16.03 33.47 -27.01
C7 NAG VA . 14.74 39.82 -28.67
C8 NAG VA . 13.84 40.87 -29.26
N2 NAG VA . 14.21 38.60 -28.53
O3 NAG VA . 16.61 37.57 -29.70
O4 NAG VA . 16.93 34.71 -29.55
O5 NAG VA . 14.74 35.42 -26.71
O6 NAG VA . 17.13 32.96 -27.76
O7 NAG VA . 15.90 40.06 -28.35
C1 NAG WA . 41.38 4.67 3.27
C2 NAG WA . 41.28 3.15 3.44
C3 NAG WA . 41.54 2.46 2.10
C4 NAG WA . 40.60 3.02 1.04
C5 NAG WA . 40.71 4.54 0.98
C6 NAG WA . 39.72 5.16 0.02
C7 NAG WA . 43.55 2.90 4.37
C8 NAG WA . 44.37 2.34 5.50
N2 NAG WA . 42.23 2.68 4.44
O3 NAG WA . 41.33 1.06 2.24
O4 NAG WA . 40.94 2.47 -0.23
O5 NAG WA . 40.44 5.10 2.27
O6 NAG WA . 39.93 4.70 -1.31
O7 NAG WA . 44.05 3.53 3.45
C1 NAG XA . 27.69 42.18 13.74
C2 NAG XA . 27.82 43.66 14.10
C3 NAG XA . 28.77 43.82 15.28
C4 NAG XA . 28.30 42.97 16.46
C5 NAG XA . 28.12 41.52 16.01
C6 NAG XA . 27.53 40.64 17.10
C7 NAG XA . 27.90 45.64 12.60
C8 NAG XA . 26.85 46.28 13.48
N2 NAG XA . 28.31 44.42 12.95
O3 NAG XA . 28.84 45.19 15.67
O4 NAG XA . 29.26 43.03 17.52
O5 NAG XA . 27.23 41.45 14.90
O6 NAG XA . 26.29 40.09 16.69
O7 NAG XA . 28.35 46.22 11.62
C1 NAG YA . 41.08 10.22 -0.91
C2 NAG YA . 42.40 9.68 -0.37
C3 NAG YA . 43.31 9.26 -1.52
C4 NAG YA . 42.59 8.30 -2.45
C5 NAG YA . 41.25 8.90 -2.91
C6 NAG YA . 40.43 7.94 -3.74
C7 NAG YA . 42.92 10.70 1.80
C8 NAG YA . 43.67 11.78 2.52
N2 NAG YA . 43.06 10.66 0.48
O3 NAG YA . 44.48 8.65 -1.00
O4 NAG YA . 43.40 8.03 -3.59
O5 NAG YA . 40.46 9.24 -1.76
O6 NAG YA . 41.18 6.80 -4.12
O7 NAG YA . 42.20 9.90 2.41
C1 NAG ZA . 30.11 24.66 -12.37
C2 NAG ZA . 29.36 23.77 -13.36
C3 NAG ZA . 30.31 23.25 -14.42
C4 NAG ZA . 31.05 24.40 -15.09
C5 NAG ZA . 31.73 25.27 -14.04
C6 NAG ZA . 32.37 26.50 -14.62
C7 NAG ZA . 27.73 21.94 -13.23
C8 NAG ZA . 27.15 20.85 -12.38
N2 NAG ZA . 28.70 22.68 -12.67
O3 NAG ZA . 29.58 22.51 -15.40
O4 NAG ZA . 32.03 23.89 -15.99
O5 NAG ZA . 30.76 25.73 -13.09
O6 NAG ZA . 32.32 26.49 -16.04
O7 NAG ZA . 27.32 22.17 -14.37
C1 NAG AB . 33.19 45.85 12.05
C2 NAG AB . 34.43 45.83 12.93
C3 NAG AB . 34.92 47.25 13.21
C4 NAG AB . 35.12 48.00 11.90
C5 NAG AB . 33.84 47.95 11.06
C6 NAG AB . 34.01 48.57 9.70
C7 NAG AB . 34.38 43.82 14.35
C8 NAG AB . 34.07 43.27 15.70
N2 NAG AB . 34.17 45.13 14.19
O3 NAG AB . 36.15 47.19 13.93
O4 NAG AB . 35.46 49.36 12.16
O5 NAG AB . 33.46 46.59 10.85
O6 NAG AB . 35.12 49.46 9.66
O7 NAG AB . 34.82 43.11 13.44
C1 NAG BB . 13.41 13.98 23.89
C2 NAG BB . 12.50 15.21 23.95
C3 NAG BB . 13.33 16.49 23.93
C4 NAG BB . 14.40 16.46 25.01
C5 NAG BB . 15.24 15.19 24.87
C6 NAG BB . 16.26 15.04 25.98
C7 NAG BB . 10.48 16.01 22.83
C8 NAG BB . 9.60 15.88 21.61
N2 NAG BB . 11.54 15.21 22.86
O3 NAG BB . 12.48 17.61 24.14
O4 NAG BB . 15.25 17.59 24.89
O5 NAG BB . 14.38 14.04 24.94
O6 NAG BB . 15.65 14.63 27.20
O7 NAG BB . 10.22 16.80 23.73
C1 NAG CB . 5.13 41.70 -35.40
C2 NAG CB . 4.95 40.81 -36.63
C3 NAG CB . 5.92 41.21 -37.74
C4 NAG CB . 5.80 42.69 -38.04
C5 NAG CB . 5.94 43.51 -36.75
C6 NAG CB . 5.72 44.99 -36.96
C7 NAG CB . 4.42 38.42 -36.85
C8 NAG CB . 4.73 37.04 -36.37
N2 NAG CB . 5.11 39.41 -36.28
O3 NAG CB . 5.65 40.45 -38.91
O4 NAG CB . 6.81 43.09 -38.95
O5 NAG CB . 4.98 43.07 -35.79
O6 NAG CB . 4.45 45.24 -37.53
O7 NAG CB . 3.58 38.63 -37.72
C1 NAG DB . 9.50 43.86 -10.03
C2 NAG DB . 10.51 44.54 -9.13
C3 NAG DB . 9.85 45.06 -7.85
C4 NAG DB . 8.65 45.93 -8.20
C5 NAG DB . 7.70 45.17 -9.12
C6 NAG DB . 6.53 46.02 -9.59
C7 NAG DB . 12.80 44.06 -8.35
C8 NAG DB . 13.80 42.98 -8.04
N2 NAG DB . 11.61 43.64 -8.78
O3 NAG DB . 10.79 45.81 -7.08
O4 NAG DB . 7.96 46.30 -7.01
O5 NAG DB . 8.41 44.75 -10.30
O6 NAG DB . 6.98 47.17 -10.29
O7 NAG DB . 13.06 45.25 -8.20
C1 NAG EB . -23.32 33.70 -49.47
C2 NAG EB . -24.59 34.38 -50.01
C3 NAG EB . -24.57 34.43 -51.53
C4 NAG EB . -23.28 35.06 -52.04
C5 NAG EB . -22.07 34.35 -51.44
C6 NAG EB . -20.76 34.98 -51.81
C7 NAG EB . -26.73 34.31 -48.79
C8 NAG EB . -27.89 33.45 -48.40
N2 NAG EB . -25.79 33.71 -49.54
O3 NAG EB . -25.69 35.17 -51.99
O4 NAG EB . -23.22 34.99 -53.45
O5 NAG EB . -22.16 34.37 -50.01
O6 NAG EB . -19.73 34.62 -50.89
O7 NAG EB . -26.64 35.48 -48.45
C1 NAG FB . 14.57 58.57 13.59
C2 NAG FB . 15.80 59.12 12.86
C3 NAG FB . 16.03 60.58 13.24
C4 NAG FB . 14.77 61.40 13.00
C5 NAG FB . 13.57 60.76 13.71
C6 NAG FB . 12.26 61.45 13.42
C7 NAG FB . 18.00 58.19 12.31
C8 NAG FB . 19.14 57.33 12.78
N2 NAG FB . 16.98 58.32 13.16
O3 NAG FB . 17.10 61.11 12.48
O4 NAG FB . 14.94 62.73 13.48
O5 NAG FB . 13.43 59.39 13.29
O6 NAG FB . 12.04 61.54 12.02
O7 NAG FB . 18.00 58.72 11.20
C1 NAG GB . 20.15 57.52 -1.85
C2 NAG GB . 21.50 57.69 -2.56
C3 NAG GB . 22.02 59.11 -2.35
C4 NAG GB . 20.96 60.12 -2.79
C5 NAG GB . 19.63 59.85 -2.09
C6 NAG GB . 18.51 60.74 -2.56
C7 NAG GB . 22.89 55.64 -2.74
C8 NAG GB . 22.32 55.42 -4.11
N2 NAG GB . 22.46 56.72 -2.06
O3 NAG GB . 23.21 59.29 -3.12
O4 NAG GB . 21.39 61.45 -2.46
O5 NAG GB . 19.22 58.50 -2.34
O6 NAG GB . 18.35 60.66 -3.97
O7 NAG GB . 23.71 54.87 -2.26
C1 NAG HB . 30.95 28.84 14.22
C2 NAG HB . 31.75 30.02 14.78
C3 NAG HB . 31.61 30.07 16.30
C4 NAG HB . 30.14 30.08 16.70
C5 NAG HB . 29.42 28.89 16.06
C6 NAG HB . 27.93 28.91 16.31
C7 NAG HB . 33.98 30.97 14.43
C8 NAG HB . 35.39 30.71 14.00
N2 NAG HB . 33.15 29.93 14.40
O3 NAG HB . 32.25 31.24 16.79
O4 NAG HB . 30.02 29.99 18.12
O5 NAG HB . 29.58 28.94 14.64
O6 NAG HB . 27.21 28.41 15.20
O7 NAG HB . 33.62 32.09 14.81
C1 NAG IB . -10.75 60.67 5.57
C2 NAG IB . -11.50 61.80 6.28
C3 NAG IB . -11.29 63.12 5.57
C4 NAG IB . -9.80 63.39 5.38
C5 NAG IB . -9.13 62.21 4.68
C6 NAG IB . -7.64 62.36 4.55
C7 NAG IB . -13.44 60.74 7.36
C8 NAG IB . -14.93 60.52 7.30
N2 NAG IB . -12.92 61.49 6.38
O3 NAG IB . -11.88 64.17 6.33
O4 NAG IB . -9.62 64.56 4.59
O5 NAG IB . -9.37 61.01 5.45
O6 NAG IB . -7.00 62.42 5.83
O7 NAG IB . -12.75 60.24 8.25
C1 NAG JB . -18.35 39.52 -18.33
C2 NAG JB . -18.32 41.03 -18.53
C3 NAG JB . -17.44 41.68 -17.47
C4 NAG JB . -17.88 41.26 -16.08
C5 NAG JB . -17.94 39.74 -15.98
C6 NAG JB . -18.49 39.25 -14.66
C7 NAG JB . -18.67 41.51 -20.91
C8 NAG JB . -18.01 41.86 -22.22
N2 NAG JB . -17.85 41.37 -19.86
O3 NAG JB . -17.51 43.10 -17.60
O4 NAG JB . -16.96 41.76 -15.11
O5 NAG JB . -18.80 39.21 -17.01
O6 NAG JB . -17.76 39.78 -13.56
O7 NAG JB . -19.88 41.35 -20.82
C1 NAG KB . -30.29 39.48 -29.91
C2 NAG KB . -30.47 39.29 -28.41
C3 NAG KB . -31.79 39.89 -27.96
C4 NAG KB . -31.90 41.33 -28.40
C5 NAG KB . -31.66 41.45 -29.91
C6 NAG KB . -31.63 42.87 -30.40
C7 NAG KB . -29.25 37.28 -27.67
C8 NAG KB . -29.36 35.83 -27.34
N2 NAG KB . -30.39 37.88 -28.05
O3 NAG KB . -31.89 39.80 -26.54
O4 NAG KB . -33.20 41.84 -28.10
O5 NAG KB . -30.39 40.87 -30.24
O6 NAG KB . -30.31 43.38 -30.44
O7 NAG KB . -28.19 37.89 -27.61
C1 NAG LB . -3.58 -2.93 43.21
C2 NAG LB . -2.92 -3.95 44.13
C3 NAG LB . -3.15 -3.59 45.59
C4 NAG LB . -2.72 -2.15 45.86
C5 NAG LB . -3.40 -1.21 44.87
C6 NAG LB . -2.95 0.22 45.00
C7 NAG LB . -2.90 -6.39 44.40
C8 NAG LB . -3.54 -7.69 43.99
N2 NAG LB . -3.42 -5.30 43.85
O3 NAG LB . -2.40 -4.46 46.44
O4 NAG LB . -3.08 -1.78 47.18
O5 NAG LB . -3.10 -1.61 43.53
O6 NAG LB . -2.94 0.65 46.36
O7 NAG LB . -1.97 -6.35 45.19
C1 NAG MB . -6.35 7.24 40.63
C2 NAG MB . -6.38 8.21 41.81
C3 NAG MB . -4.97 8.70 42.11
C4 NAG MB . -4.02 7.52 42.32
C5 NAG MB . -4.11 6.56 41.13
C6 NAG MB . -3.30 5.31 41.33
C7 NAG MB . -7.16 10.12 40.49
C8 NAG MB . -8.17 11.23 40.38
N2 NAG MB . -7.27 9.33 41.56
O3 NAG MB . -4.99 9.52 43.28
O4 NAG MB . -2.69 7.99 42.45
O5 NAG MB . -5.47 6.15 40.92
O6 NAG MB . -2.18 5.26 40.46
O7 NAG MB . -6.29 9.97 39.65
C1 NAG NB . -48.57 6.89 -7.12
C2 NAG NB . -49.46 8.04 -7.59
C3 NAG NB . -50.93 7.67 -7.41
C4 NAG NB . -51.23 6.35 -8.08
C5 NAG NB . -50.27 5.27 -7.60
C6 NAG NB . -50.45 3.95 -8.32
C7 NAG NB . -49.47 10.48 -7.34
C8 NAG NB . -49.07 11.64 -6.49
N2 NAG NB . -49.15 9.27 -6.88
O3 NAG NB . -51.75 8.69 -7.97
O4 NAG NB . -52.58 5.94 -7.78
O5 NAG NB . -48.92 5.69 -7.81
O6 NAG NB . -49.69 2.92 -7.68
O7 NAG NB . -50.06 10.63 -8.42
C1 NAG OB . -46.56 -3.23 -2.70
C2 NAG OB . -46.22 -3.45 -1.23
C3 NAG OB . -46.91 -4.71 -0.71
C4 NAG OB . -48.41 -4.66 -1.00
C5 NAG OB . -48.65 -4.37 -2.49
C6 NAG OB . -50.11 -4.18 -2.82
C7 NAG OB . -43.99 -4.38 -1.67
C8 NAG OB . -42.54 -4.32 -1.32
N2 NAG OB . -44.79 -3.53 -1.01
O3 NAG OB . -46.69 -4.84 0.69
O4 NAG OB . -49.01 -5.90 -0.67
O5 NAG OB . -47.97 -3.17 -2.87
O6 NAG OB . -50.29 -3.20 -3.84
O7 NAG OB . -44.43 -5.16 -2.51
C1 NAG PB . -43.98 14.45 -10.87
C2 NAG PB . -45.30 15.23 -10.73
C3 NAG PB . -45.06 16.72 -10.97
C4 NAG PB . -43.96 17.23 -10.04
C5 NAG PB . -42.71 16.38 -10.20
C6 NAG PB . -41.61 16.75 -9.22
C7 NAG PB . -47.17 13.76 -11.37
C8 NAG PB . -48.12 13.36 -12.46
N2 NAG PB . -46.29 14.72 -11.68
O3 NAG PB . -46.28 17.42 -10.72
O4 NAG PB . -43.66 18.57 -10.35
O5 NAG PB . -43.02 15.00 -9.95
O6 NAG PB . -41.45 18.16 -9.15
O7 NAG PB . -47.20 13.24 -10.26
C1 NAG QB . -16.43 22.18 32.28
C2 NAG QB . -15.56 23.28 32.90
C3 NAG QB . -15.96 24.64 32.35
C4 NAG QB . -15.91 24.63 30.82
C5 NAG QB . -16.75 23.48 30.28
C6 NAG QB . -16.64 23.32 28.78
C7 NAG QB . -16.82 23.37 35.01
C8 NAG QB . -16.72 23.33 36.51
N2 NAG QB . -15.66 23.26 34.35
O3 NAG QB . -15.06 25.63 32.85
O4 NAG QB . -16.41 25.86 30.31
O5 NAG QB . -16.32 22.23 30.85
O6 NAG QB . -16.12 24.50 28.18
O7 NAG QB . -17.89 23.48 34.43
C1 NAG RB . -44.26 -6.78 27.08
C2 NAG RB . -45.72 -7.20 27.29
C3 NAG RB . -45.96 -7.49 28.77
C4 NAG RB . -44.95 -8.49 29.30
C5 NAG RB . -43.54 -8.02 29.01
C6 NAG RB . -42.48 -9.02 29.41
C7 NAG RB . -47.87 -6.46 26.37
C8 NAG RB . -48.67 -5.29 25.90
N2 NAG RB . -46.63 -6.19 26.80
O3 NAG RB . -47.29 -7.99 28.93
O4 NAG RB . -45.11 -8.64 30.71
O5 NAG RB . -43.39 -7.79 27.59
O6 NAG RB . -42.66 -9.45 30.74
O7 NAG RB . -48.31 -7.61 26.35
C1 NAG SB . -33.40 -0.44 30.66
C2 NAG SB . -32.24 -1.10 31.41
C3 NAG SB . -32.72 -2.39 32.08
C4 NAG SB . -33.94 -2.10 32.95
C5 NAG SB . -35.02 -1.40 32.14
C6 NAG SB . -36.20 -0.98 32.98
C7 NAG SB . -31.22 -2.12 29.43
C8 NAG SB . -29.96 -2.29 28.64
N2 NAG SB . -31.12 -1.36 30.53
O3 NAG SB . -31.67 -2.92 32.87
O4 NAG SB . -34.46 -3.33 33.46
O5 NAG SB . -34.48 -0.20 31.56
O6 NAG SB . -35.80 -0.20 34.10
O7 NAG SB . -32.27 -2.66 29.10
C1 NAG TB . -20.75 23.03 30.03
C2 NAG TB . -21.75 23.94 29.33
C3 NAG TB . -21.45 25.41 29.67
C4 NAG TB . -21.40 25.60 31.18
C5 NAG TB . -20.42 24.62 31.80
C6 NAG TB . -20.40 24.67 33.31
C7 NAG TB . -22.60 22.98 27.20
C8 NAG TB . -23.66 22.27 28.00
N2 NAG TB . -21.74 23.74 27.89
O3 NAG TB . -22.46 26.23 29.11
O4 NAG TB . -20.99 26.92 31.48
O5 NAG TB . -20.76 23.27 31.44
O6 NAG TB . -19.35 25.50 33.79
O7 NAG TB . -22.53 22.86 25.99
C1 NAG UB . -35.20 18.69 11.83
C2 NAG UB . -34.20 19.24 10.82
C3 NAG UB . -34.33 20.77 10.72
C4 NAG UB . -35.77 21.16 10.43
C5 NAG UB . -36.71 20.52 11.45
C6 NAG UB . -38.17 20.76 11.15
C7 NAG UB . -31.87 18.74 10.26
C8 NAG UB . -30.52 18.34 10.80
N2 NAG UB . -32.84 18.87 11.17
O3 NAG UB . -33.48 21.26 9.69
O4 NAG UB . -35.92 22.57 10.49
O5 NAG UB . -36.53 19.09 11.47
O6 NAG UB . -38.39 22.09 10.71
O7 NAG UB . -32.06 18.93 9.07
C1 NAG VB . -49.62 -2.67 30.22
C2 NAG VB . -49.66 -2.56 31.73
C3 NAG VB . -51.08 -2.74 32.25
C4 NAG VB . -52.03 -1.76 31.54
C5 NAG VB . -51.90 -1.90 30.03
C6 NAG VB . -52.71 -0.88 29.27
C7 NAG VB . -47.52 -3.24 32.70
C8 NAG VB . -46.74 -4.36 33.33
N2 NAG VB . -48.77 -3.53 32.36
O3 NAG VB . -51.12 -2.52 33.65
O4 NAG VB . -53.37 -2.02 31.93
O5 NAG VB . -50.53 -1.72 29.63
O6 NAG VB . -52.52 0.42 29.80
O7 NAG VB . -47.02 -2.13 32.53
C1 NAG WB . -12.67 -12.78 25.37
C2 NAG WB . -13.71 -13.75 24.81
C3 NAG WB . -15.10 -13.40 25.35
C4 NAG WB . -15.08 -13.31 26.87
C5 NAG WB . -13.98 -12.36 27.33
C6 NAG WB . -13.84 -12.33 28.83
C7 NAG WB . -14.31 -14.68 22.63
C8 NAG WB . -14.21 -14.52 21.14
N2 NAG WB . -13.70 -13.74 23.36
O3 NAG WB . -16.04 -14.37 24.92
O4 NAG WB . -16.34 -12.84 27.34
O5 NAG WB . -12.72 -12.79 26.80
O6 NAG WB . -12.71 -13.09 29.26
O7 NAG WB . -14.90 -15.62 23.13
C1 NAG XB . -33.05 3.42 -54.60
C2 NAG XB . -34.16 4.43 -54.86
C3 NAG XB . -34.13 4.89 -56.31
C4 NAG XB . -32.74 5.40 -56.69
C5 NAG XB . -31.69 4.34 -56.35
C6 NAG XB . -30.27 4.81 -56.59
C7 NAG XB . -36.57 4.61 -54.39
C8 NAG XB . -37.82 3.86 -54.05
N2 NAG XB . -35.46 3.87 -54.53
O3 NAG XB . -35.09 5.94 -56.50
O4 NAG XB . -32.69 5.69 -58.08
O5 NAG XB . -31.78 3.98 -54.97
O6 NAG XB . -29.35 4.10 -55.79
O7 NAG XB . -36.56 5.82 -54.54
C1 NAG YB . -47.78 12.44 -21.80
C2 NAG YB . -47.51 13.19 -23.09
C3 NAG YB . -48.58 14.23 -23.34
C4 NAG YB . -49.97 13.60 -23.29
C5 NAG YB . -50.14 12.82 -21.98
C6 NAG YB . -51.44 12.05 -21.92
C7 NAG YB . -45.14 13.34 -23.77
C8 NAG YB . -43.86 14.10 -23.63
N2 NAG YB . -46.19 13.80 -23.08
O3 NAG YB . -48.39 14.84 -24.61
O4 NAG YB . -50.97 14.60 -23.37
O5 NAG YB . -49.08 11.85 -21.85
O6 NAG YB . -51.44 11.10 -20.87
O7 NAG YB . -45.23 12.34 -24.48
C1 NAG ZB . -53.09 -32.89 -7.12
C2 NAG ZB . -53.23 -31.91 -8.27
C3 NAG ZB . -54.68 -31.55 -8.50
C4 NAG ZB . -55.51 -32.82 -8.70
C5 NAG ZB . -55.29 -33.78 -7.54
C6 NAG ZB . -55.98 -35.11 -7.74
C7 NAG ZB . -51.20 -30.53 -8.47
C8 NAG ZB . -50.54 -29.24 -8.09
N2 NAG ZB . -52.44 -30.71 -8.01
O3 NAG ZB . -54.80 -30.72 -9.65
O4 NAG ZB . -56.89 -32.49 -8.79
O5 NAG ZB . -53.89 -34.06 -7.39
O6 NAG ZB . -57.17 -34.97 -8.49
O7 NAG ZB . -50.62 -31.39 -9.14
C1 NAG AC . -35.62 -12.44 -45.72
C2 NAG AC . -34.44 -12.96 -46.54
C3 NAG AC . -34.71 -14.38 -47.02
C4 NAG AC . -35.08 -15.28 -45.84
C5 NAG AC . -36.24 -14.67 -45.06
C6 NAG AC . -36.58 -15.44 -43.81
C7 NAG AC . -33.33 -11.04 -47.60
C8 NAG AC . -33.15 -10.26 -48.86
N2 NAG AC . -34.16 -12.08 -47.67
O3 NAG AC . -33.56 -14.89 -47.68
O4 NAG AC . -35.45 -16.56 -46.30
O5 NAG AC . -35.90 -13.33 -44.65
O6 NAG AC . -35.78 -16.60 -43.68
O7 NAG AC . -32.74 -10.75 -46.57
C1 NAG BC . -35.18 -13.46 -27.61
C2 NAG BC . -36.58 -14.05 -27.68
C3 NAG BC . -36.98 -14.63 -26.32
C4 NAG BC . -35.92 -15.62 -25.84
C5 NAG BC . -34.54 -14.96 -25.85
C6 NAG BC . -33.42 -15.91 -25.50
C7 NAG BC . -38.05 -12.98 -29.34
C8 NAG BC . -39.04 -11.88 -29.59
N2 NAG BC . -37.56 -13.05 -28.09
O3 NAG BC . -38.24 -15.29 -26.43
O4 NAG BC . -36.22 -16.06 -24.52
O5 NAG BC . -34.26 -14.46 -27.17
O6 NAG BC . -33.23 -16.88 -26.51
O7 NAG BC . -37.72 -13.78 -30.22
#